data_9O3B
#
_entry.id   9O3B
#
_cell.length_a   80.807
_cell.length_b   93.855
_cell.length_c   153.660
_cell.angle_alpha   89.73
_cell.angle_beta   89.68
_cell.angle_gamma   75.79
#
_symmetry.space_group_name_H-M   'P 1'
#
loop_
_entity.id
_entity.type
_entity.pdbx_description
1 polymer 'Pyruvate kinase PKM'
2 non-polymer 1,6-di-O-phosphono-beta-D-fructofuranose
3 non-polymer 'OXALATE ION'
4 non-polymer 1,2-ETHANEDIOL
5 non-polymer 'MAGNESIUM ION'
6 non-polymer 7-[(dimethylamino)methyl]-8-fluoro-5-methyl-3-[(6-methylpyridin-2-yl)methyl]-3,5-dihydro-4H-pyridazino[4,5-b]indol-4-one
7 non-polymer 'PHOSPHATE ION'
8 water water
#
_entity_poly.entity_id   1
_entity_poly.type   'polypeptide(L)'
_entity_poly.pdbx_seq_one_letter_code
;MGSSHHHHHHSSGLVPRGSMSKPHSEAGTAFIQTQQLHAAMADTFLEHMCRLDIDSPPITARNTGIICTIGPASRSVETL
KEMIKSGMNVARLNFSHGTHEYHAETIKNVRTATESFASDPILYRPVAVALDTKGPEIRTGLIKGSGTAEVELKKGATLK
ITLDNAYMEKCDENILWLDYKNICKVVEVGSKIYVDDGLISLQVKQKGADFLVTEVENGGSLGSKKGVNLPGAAVDLPAV
SEKDIQDLKFGVEQDVDMVFASFIRKASDVHEVRKVLGEKGKNIKIISKIENHEGVRRFDEILEASDGIMVARGDLGIEI
PAEKVFLAQKMMIGRCNRAGKPVICATQMLESMIKKPRPTRAEGSDVANAVLDGADCIMLSGETAKGDYPLEAVRMQHLI
AREAEAAIYHLQLFEELRRLAPITSDPTEATAVGAVEASFKCCSGAIIVLTKSGRSAHQVARYRPRAPIIAVTRNPQTAR
QAHLYRGIFPVLCKDPVQEAWAEDVDLRVNFAMNVGKARGFFKKGDVVIVLTGWRPGSGFTNTMRVVPVP
;
_entity_poly.pdbx_strand_id   A,B,C,D,E,F,G,H
#
# COMPACT_ATOMS: atom_id res chain seq x y z
N ILE A 32 29.87 3.38 -11.09
CA ILE A 32 29.02 3.53 -12.28
C ILE A 32 29.74 4.28 -13.39
N GLN A 33 29.31 4.05 -14.64
CA GLN A 33 29.88 4.63 -15.84
C GLN A 33 29.54 6.11 -16.09
N THR A 34 28.98 6.85 -15.10
CA THR A 34 28.67 8.28 -15.28
C THR A 34 29.38 9.18 -14.24
N GLN A 35 29.45 10.50 -14.50
CA GLN A 35 30.03 11.55 -13.66
C GLN A 35 31.43 11.22 -13.07
N GLN A 36 32.21 10.35 -13.73
CA GLN A 36 33.52 9.88 -13.25
C GLN A 36 33.37 9.27 -11.86
N LEU A 37 32.29 8.52 -11.62
CA LEU A 37 32.08 7.89 -10.33
C LEU A 37 33.01 6.70 -10.11
N HIS A 38 33.56 6.10 -11.18
CA HIS A 38 34.54 5.03 -11.01
C HIS A 38 35.84 5.69 -10.47
N ALA A 39 36.27 6.80 -11.11
CA ALA A 39 37.43 7.57 -10.67
C ALA A 39 37.20 8.11 -9.24
N ALA A 40 35.96 8.51 -8.93
CA ALA A 40 35.58 9.03 -7.62
C ALA A 40 35.89 8.06 -6.52
N MET A 41 35.74 6.74 -6.78
CA MET A 41 35.95 5.65 -5.80
C MET A 41 37.38 5.29 -5.50
N ALA A 42 38.35 5.85 -6.22
CA ALA A 42 39.75 5.48 -6.02
C ALA A 42 40.27 5.77 -4.62
N ASP A 43 41.17 4.93 -4.14
CA ASP A 43 41.77 5.10 -2.82
C ASP A 43 42.98 6.04 -2.85
N THR A 44 43.55 6.29 -4.05
CA THR A 44 44.69 7.17 -4.23
C THR A 44 44.43 8.15 -5.38
N PHE A 45 45.17 9.27 -5.40
CA PHE A 45 45.08 10.23 -6.47
C PHE A 45 45.61 9.65 -7.78
N LEU A 46 46.65 8.81 -7.73
CA LEU A 46 47.21 8.19 -8.93
C LEU A 46 46.20 7.30 -9.61
N GLU A 47 45.50 6.46 -8.85
CA GLU A 47 44.46 5.58 -9.38
C GLU A 47 43.24 6.37 -9.87
N HIS A 48 42.96 7.52 -9.25
CA HIS A 48 41.87 8.39 -9.66
C HIS A 48 42.16 8.91 -11.08
N MET A 49 43.42 9.30 -11.33
CA MET A 49 43.85 9.78 -12.64
C MET A 49 43.75 8.65 -13.65
N CYS A 50 44.20 7.41 -13.27
CA CYS A 50 44.15 6.23 -14.15
C CYS A 50 42.71 5.88 -14.58
N ARG A 51 41.72 6.15 -13.73
CA ARG A 51 40.32 5.85 -14.00
C ARG A 51 39.53 6.93 -14.73
N LEU A 52 40.10 8.13 -14.99
CA LEU A 52 39.37 9.17 -15.73
C LEU A 52 38.97 8.63 -17.11
N ASP A 53 37.67 8.74 -17.43
CA ASP A 53 37.12 8.10 -18.59
C ASP A 53 36.46 9.07 -19.52
N ILE A 54 36.91 9.11 -20.78
CA ILE A 54 36.30 9.98 -21.78
C ILE A 54 34.87 9.54 -22.12
N ASP A 55 34.49 8.29 -21.84
CA ASP A 55 33.13 7.82 -22.09
C ASP A 55 32.23 7.88 -20.87
N SER A 56 32.61 8.64 -19.84
CA SER A 56 31.80 8.76 -18.63
C SER A 56 31.16 10.14 -18.64
N PRO A 57 29.91 10.23 -19.10
CA PRO A 57 29.26 11.55 -19.21
C PRO A 57 28.92 12.26 -17.90
N PRO A 58 29.05 13.58 -17.89
CA PRO A 58 28.71 14.33 -16.66
C PRO A 58 27.22 14.66 -16.53
N ILE A 59 26.79 15.06 -15.31
CA ILE A 59 25.43 15.53 -15.02
C ILE A 59 25.17 16.83 -15.77
N THR A 60 23.89 17.17 -16.00
CA THR A 60 23.52 18.41 -16.66
C THR A 60 24.12 19.65 -15.98
N ALA A 61 24.03 19.76 -14.64
CA ALA A 61 24.48 20.96 -13.93
C ALA A 61 25.97 21.29 -14.09
N ARG A 62 26.27 22.58 -14.24
CA ARG A 62 27.62 23.06 -14.36
C ARG A 62 27.77 24.09 -13.24
N ASN A 63 28.65 23.78 -12.29
CA ASN A 63 28.91 24.48 -11.05
C ASN A 63 29.76 25.76 -11.15
N THR A 64 30.79 25.76 -12.00
CA THR A 64 31.69 26.89 -12.09
C THR A 64 31.05 28.06 -12.82
N GLY A 65 31.02 29.24 -12.20
CA GLY A 65 30.44 30.42 -12.80
C GLY A 65 31.22 30.95 -13.99
N ILE A 66 30.53 31.49 -14.98
CA ILE A 66 31.17 32.07 -16.17
C ILE A 66 30.97 33.57 -16.22
N ILE A 67 32.06 34.31 -16.14
CA ILE A 67 32.02 35.76 -16.21
C ILE A 67 32.42 36.17 -17.62
N CYS A 68 31.57 36.91 -18.32
CA CYS A 68 31.85 37.36 -19.69
C CYS A 68 32.00 38.86 -19.75
N THR A 69 33.11 39.32 -20.30
CA THR A 69 33.34 40.73 -20.47
C THR A 69 32.46 41.20 -21.62
N ILE A 70 31.56 42.15 -21.36
CA ILE A 70 30.65 42.63 -22.40
C ILE A 70 31.34 43.74 -23.18
N GLY A 71 31.14 43.76 -24.49
CA GLY A 71 31.79 44.75 -25.35
C GLY A 71 31.13 44.86 -26.70
N PRO A 72 31.77 45.50 -27.70
CA PRO A 72 31.10 45.67 -29.00
C PRO A 72 30.59 44.37 -29.60
N ALA A 73 31.33 43.25 -29.40
CA ALA A 73 30.92 41.98 -29.97
C ALA A 73 29.74 41.33 -29.28
N SER A 74 29.38 41.76 -28.06
CA SER A 74 28.33 41.07 -27.33
C SER A 74 27.35 41.93 -26.58
N ARG A 75 27.30 43.25 -26.83
CA ARG A 75 26.42 44.13 -26.05
C ARG A 75 25.00 44.33 -26.62
N SER A 76 24.68 43.75 -27.77
CA SER A 76 23.32 43.83 -28.29
C SER A 76 22.44 42.88 -27.43
N VAL A 77 21.14 43.18 -27.33
CA VAL A 77 20.20 42.36 -26.58
C VAL A 77 20.13 40.96 -27.18
N GLU A 78 20.15 40.88 -28.52
CA GLU A 78 20.14 39.64 -29.30
C GLU A 78 21.26 38.72 -28.88
N THR A 79 22.49 39.25 -28.80
CA THR A 79 23.64 38.46 -28.43
C THR A 79 23.62 38.13 -26.95
N LEU A 80 23.25 39.10 -26.09
CA LEU A 80 23.19 38.87 -24.65
C LEU A 80 22.16 37.82 -24.27
N LYS A 81 21.07 37.63 -25.06
CA LYS A 81 20.11 36.58 -24.76
C LYS A 81 20.80 35.22 -25.01
N GLU A 82 21.48 35.10 -26.16
CA GLU A 82 22.21 33.87 -26.49
C GLU A 82 23.39 33.60 -25.53
N MET A 83 23.96 34.66 -24.92
CA MET A 83 25.05 34.52 -23.96
C MET A 83 24.51 33.83 -22.70
N ILE A 84 23.29 34.22 -22.26
CA ILE A 84 22.64 33.67 -21.08
C ILE A 84 22.23 32.23 -21.34
N LYS A 85 21.73 31.94 -22.56
CA LYS A 85 21.38 30.57 -22.91
C LYS A 85 22.63 29.66 -23.03
N SER A 86 23.78 30.23 -23.39
CA SER A 86 25.04 29.51 -23.53
C SER A 86 25.77 29.28 -22.19
N GLY A 87 25.50 30.13 -21.19
CA GLY A 87 26.09 29.93 -19.88
C GLY A 87 26.49 31.14 -19.06
N MET A 88 26.51 32.33 -19.65
CA MET A 88 26.91 33.54 -18.93
C MET A 88 26.17 33.76 -17.60
N ASN A 89 26.94 33.88 -16.50
CA ASN A 89 26.40 34.10 -15.17
C ASN A 89 26.62 35.53 -14.66
N VAL A 90 27.74 36.14 -15.08
CA VAL A 90 28.11 37.47 -14.69
C VAL A 90 28.54 38.26 -15.94
N ALA A 91 28.06 39.52 -16.08
CA ALA A 91 28.45 40.41 -17.16
C ALA A 91 29.49 41.35 -16.57
N ARG A 92 30.71 41.33 -17.10
CA ARG A 92 31.77 42.21 -16.63
C ARG A 92 31.94 43.42 -17.57
N LEU A 93 31.98 44.62 -16.98
CA LEU A 93 32.15 45.88 -17.69
C LEU A 93 33.50 46.40 -17.30
N ASN A 94 34.41 46.43 -18.24
CA ASN A 94 35.80 46.85 -18.01
C ASN A 94 35.85 48.35 -18.16
N PHE A 95 36.23 49.05 -17.09
CA PHE A 95 36.26 50.52 -17.16
C PHE A 95 37.61 51.07 -17.63
N SER A 96 38.51 50.21 -18.15
CA SER A 96 39.74 50.69 -18.78
C SER A 96 39.40 51.48 -20.05
N HIS A 97 38.23 51.22 -20.67
CA HIS A 97 37.75 51.86 -21.89
C HIS A 97 36.25 52.18 -21.80
N GLY A 98 35.79 53.13 -22.61
CA GLY A 98 34.38 53.48 -22.70
C GLY A 98 33.93 54.55 -21.74
N THR A 99 32.86 55.25 -22.10
CA THR A 99 32.28 56.31 -21.27
C THR A 99 31.13 55.75 -20.38
N HIS A 100 30.64 56.55 -19.44
CA HIS A 100 29.51 56.13 -18.60
C HIS A 100 28.25 55.89 -19.43
N GLU A 101 28.09 56.60 -20.55
CA GLU A 101 26.93 56.43 -21.41
C GLU A 101 26.98 55.05 -22.06
N TYR A 102 28.14 54.68 -22.61
CA TYR A 102 28.36 53.39 -23.27
C TYR A 102 28.08 52.24 -22.28
N HIS A 103 28.66 52.29 -21.08
CA HIS A 103 28.50 51.26 -20.09
C HIS A 103 27.08 51.19 -19.58
N ALA A 104 26.42 52.35 -19.42
CA ALA A 104 25.03 52.45 -18.96
C ALA A 104 24.09 51.76 -19.92
N GLU A 105 24.36 51.86 -21.23
CA GLU A 105 23.57 51.22 -22.28
C GLU A 105 23.80 49.71 -22.29
N THR A 106 25.05 49.28 -22.04
CA THR A 106 25.40 47.87 -21.96
C THR A 106 24.65 47.23 -20.79
N ILE A 107 24.63 47.88 -19.62
CA ILE A 107 23.95 47.38 -18.41
C ILE A 107 22.43 47.33 -18.64
N LYS A 108 21.88 48.32 -19.35
CA LYS A 108 20.46 48.35 -19.69
C LYS A 108 20.14 47.17 -20.61
N ASN A 109 21.01 46.89 -21.58
CA ASN A 109 20.86 45.77 -22.49
C ASN A 109 21.03 44.44 -21.79
N VAL A 110 21.86 44.37 -20.74
CA VAL A 110 22.06 43.13 -19.99
C VAL A 110 20.77 42.82 -19.24
N ARG A 111 20.20 43.82 -18.55
CA ARG A 111 18.94 43.71 -17.82
C ARG A 111 17.78 43.43 -18.76
N THR A 112 17.81 43.96 -19.99
CA THR A 112 16.75 43.69 -20.97
C THR A 112 16.83 42.21 -21.35
N ALA A 113 18.03 41.71 -21.66
CA ALA A 113 18.23 40.33 -22.03
C ALA A 113 17.83 39.41 -20.88
N THR A 114 18.25 39.73 -19.65
CA THR A 114 17.95 38.94 -18.46
C THR A 114 16.45 38.84 -18.15
N GLU A 115 15.76 39.98 -18.12
CA GLU A 115 14.33 40.00 -17.82
C GLU A 115 13.47 39.46 -18.93
N SER A 116 14.01 39.25 -20.15
CA SER A 116 13.19 38.66 -21.22
C SER A 116 12.78 37.20 -20.88
N PHE A 117 13.42 36.58 -19.87
CA PHE A 117 13.15 35.22 -19.38
C PHE A 117 12.40 35.21 -18.02
N ALA A 118 12.05 36.39 -17.47
CA ALA A 118 11.39 36.53 -16.18
C ALA A 118 9.92 36.09 -16.16
N SER A 119 9.27 35.95 -17.32
CA SER A 119 7.89 35.49 -17.36
C SER A 119 7.72 34.07 -16.77
N ASP A 120 8.83 33.29 -16.67
CA ASP A 120 8.83 31.96 -16.09
C ASP A 120 9.88 31.92 -14.98
N PRO A 121 9.44 31.99 -13.71
CA PRO A 121 10.41 31.95 -12.61
C PRO A 121 11.13 30.61 -12.47
N ILE A 122 10.52 29.53 -12.95
CA ILE A 122 11.14 28.21 -12.92
C ILE A 122 12.34 28.12 -13.89
N LEU A 123 12.36 28.96 -14.96
CA LEU A 123 13.48 28.94 -15.91
C LEU A 123 14.30 30.25 -15.94
N TYR A 124 14.03 31.20 -15.04
CA TYR A 124 14.77 32.46 -15.01
C TYR A 124 16.14 32.27 -14.38
N ARG A 125 17.17 32.67 -15.09
CA ARG A 125 18.53 32.58 -14.60
C ARG A 125 19.00 33.97 -14.20
N PRO A 126 19.26 34.22 -12.90
CA PRO A 126 19.78 35.53 -12.49
C PRO A 126 21.13 35.83 -13.13
N VAL A 127 21.37 37.09 -13.51
CA VAL A 127 22.64 37.49 -14.12
C VAL A 127 23.26 38.65 -13.32
N ALA A 128 24.49 38.49 -12.79
CA ALA A 128 25.15 39.57 -12.05
C ALA A 128 25.84 40.60 -12.96
N VAL A 129 26.03 41.85 -12.47
CA VAL A 129 26.74 42.90 -13.19
C VAL A 129 28.01 43.27 -12.38
N ALA A 130 29.18 43.10 -12.99
CA ALA A 130 30.44 43.40 -12.35
C ALA A 130 31.11 44.62 -12.99
N LEU A 131 31.59 45.54 -12.16
CA LEU A 131 32.28 46.72 -12.63
C LEU A 131 33.74 46.45 -12.37
N ASP A 132 34.56 46.42 -13.40
CA ASP A 132 35.98 46.20 -13.24
C ASP A 132 36.62 47.57 -13.38
N THR A 133 37.38 48.01 -12.38
CA THR A 133 38.01 49.33 -12.42
C THR A 133 39.24 49.39 -13.33
N LYS A 134 39.57 50.59 -13.81
CA LYS A 134 40.74 50.83 -14.63
C LYS A 134 41.99 50.68 -13.73
N GLY A 135 41.93 51.27 -12.55
CA GLY A 135 43.01 51.21 -11.58
C GLY A 135 44.19 52.06 -11.99
N PRO A 136 45.33 51.84 -11.33
CA PRO A 136 46.52 52.61 -11.67
C PRO A 136 47.21 52.14 -12.95
N GLU A 137 46.61 52.44 -14.10
CA GLU A 137 47.19 52.06 -15.40
C GLU A 137 48.03 53.17 -15.96
N ILE A 138 49.03 52.80 -16.75
CA ILE A 138 49.87 53.69 -17.52
C ILE A 138 49.56 53.30 -18.97
N ARG A 139 49.10 54.25 -19.80
CA ARG A 139 48.74 53.94 -21.18
C ARG A 139 49.41 54.82 -22.21
N THR A 140 49.46 54.36 -23.47
CA THR A 140 50.05 55.14 -24.55
C THR A 140 48.95 55.93 -25.34
N GLY A 141 49.38 56.81 -26.25
CA GLY A 141 48.44 57.61 -27.04
C GLY A 141 47.93 56.94 -28.30
N LEU A 142 47.54 57.74 -29.29
CA LEU A 142 47.03 57.23 -30.56
C LEU A 142 48.11 57.29 -31.62
N ILE A 143 48.21 56.25 -32.47
CA ILE A 143 49.17 56.24 -33.55
C ILE A 143 48.66 57.04 -34.74
N LYS A 144 49.37 58.10 -35.11
CA LYS A 144 49.06 58.95 -36.26
C LYS A 144 47.60 59.43 -36.35
N GLY A 145 46.99 59.72 -35.20
CA GLY A 145 45.63 60.26 -35.14
C GLY A 145 44.50 59.26 -35.10
N SER A 146 44.78 57.99 -35.42
CA SER A 146 43.76 56.96 -35.43
C SER A 146 43.98 55.93 -34.33
N GLY A 147 42.89 55.34 -33.85
CA GLY A 147 42.97 54.31 -32.82
C GLY A 147 43.28 52.91 -33.36
N THR A 148 43.39 52.77 -34.69
CA THR A 148 43.67 51.50 -35.35
C THR A 148 45.01 51.46 -36.10
N ALA A 149 45.70 52.60 -36.25
CA ALA A 149 46.99 52.63 -36.95
C ALA A 149 48.08 51.98 -36.10
N GLU A 150 49.02 51.27 -36.75
CA GLU A 150 50.08 50.58 -36.04
C GLU A 150 51.46 50.84 -36.67
N VAL A 151 52.47 51.14 -35.83
CA VAL A 151 53.83 51.36 -36.29
C VAL A 151 54.71 50.17 -35.86
N GLU A 152 55.17 49.36 -36.82
CA GLU A 152 55.98 48.19 -36.51
C GLU A 152 57.40 48.56 -36.06
N LEU A 153 57.67 48.42 -34.75
CA LEU A 153 58.96 48.68 -34.13
C LEU A 153 59.93 47.53 -34.41
N LYS A 154 61.24 47.80 -34.43
CA LYS A 154 62.23 46.75 -34.69
C LYS A 154 63.20 46.56 -33.53
N LYS A 155 63.78 45.35 -33.41
CA LYS A 155 64.72 45.05 -32.35
C LYS A 155 66.04 45.82 -32.50
N GLY A 156 66.45 46.50 -31.44
CA GLY A 156 67.66 47.29 -31.42
C GLY A 156 67.43 48.77 -31.63
N ALA A 157 66.31 49.13 -32.29
CA ALA A 157 65.96 50.52 -32.59
C ALA A 157 65.77 51.37 -31.35
N THR A 158 66.16 52.64 -31.43
CA THR A 158 66.00 53.57 -30.32
C THR A 158 64.60 54.18 -30.32
N LEU A 159 64.03 54.40 -29.13
CA LEU A 159 62.69 54.96 -29.00
C LEU A 159 62.69 56.13 -28.03
N LYS A 160 61.89 57.16 -28.32
CA LYS A 160 61.79 58.33 -27.46
C LYS A 160 60.45 58.36 -26.74
N ILE A 161 60.46 58.05 -25.44
CA ILE A 161 59.25 58.09 -24.64
C ILE A 161 59.07 59.53 -24.20
N THR A 162 57.95 60.17 -24.57
CA THR A 162 57.72 61.56 -24.23
C THR A 162 56.55 61.79 -23.30
N LEU A 163 56.66 62.81 -22.45
CA LEU A 163 55.56 63.21 -21.56
C LEU A 163 54.99 64.55 -22.04
N ASP A 164 54.95 64.78 -23.36
CA ASP A 164 54.47 66.03 -23.95
C ASP A 164 53.12 65.82 -24.60
N ASN A 165 52.09 66.51 -24.11
CA ASN A 165 50.71 66.43 -24.60
C ASN A 165 50.52 66.79 -26.08
N ALA A 166 51.57 67.31 -26.74
CA ALA A 166 51.50 67.61 -28.17
C ALA A 166 51.58 66.29 -28.95
N TYR A 167 52.48 65.39 -28.52
CA TYR A 167 52.66 64.09 -29.15
C TYR A 167 51.70 63.01 -28.63
N MET A 168 50.63 63.40 -27.90
CA MET A 168 49.68 62.43 -27.36
C MET A 168 48.76 61.79 -28.42
N GLU A 169 48.65 62.41 -29.59
CA GLU A 169 47.84 61.87 -30.68
C GLU A 169 48.66 61.65 -31.98
N LYS A 170 49.95 62.08 -32.01
CA LYS A 170 50.79 61.93 -33.18
C LYS A 170 51.91 60.92 -32.91
N CYS A 171 51.60 59.83 -32.21
CA CYS A 171 52.56 58.77 -31.86
C CYS A 171 53.07 58.03 -33.09
N ASP A 172 54.38 57.84 -33.18
CA ASP A 172 54.98 57.14 -34.32
C ASP A 172 56.07 56.12 -33.88
N GLU A 173 56.77 55.48 -34.83
CA GLU A 173 57.82 54.49 -34.58
C GLU A 173 59.08 55.06 -33.93
N ASN A 174 59.18 56.38 -33.78
CA ASN A 174 60.35 57.03 -33.21
C ASN A 174 60.03 57.70 -31.88
N ILE A 175 58.83 58.30 -31.77
CA ILE A 175 58.40 58.96 -30.55
C ILE A 175 57.08 58.35 -30.03
N LEU A 176 56.99 58.11 -28.72
CA LEU A 176 55.81 57.50 -28.11
C LEU A 176 55.43 58.20 -26.81
N TRP A 177 54.17 58.61 -26.68
CA TRP A 177 53.72 59.30 -25.47
C TRP A 177 52.97 58.37 -24.52
N LEU A 178 53.17 58.57 -23.21
CA LEU A 178 52.43 57.85 -22.18
C LEU A 178 51.91 58.84 -21.11
N ASP A 179 50.97 58.41 -20.25
CA ASP A 179 50.37 59.32 -19.27
C ASP A 179 50.90 59.21 -17.83
N TYR A 180 52.01 58.50 -17.56
CA TYR A 180 52.56 58.45 -16.20
C TYR A 180 53.57 59.58 -16.11
N LYS A 181 53.27 60.61 -15.31
CA LYS A 181 54.15 61.77 -15.20
C LYS A 181 55.34 61.54 -14.27
N ASN A 182 55.15 60.72 -13.23
CA ASN A 182 56.22 60.45 -12.26
C ASN A 182 57.10 59.29 -12.69
N ILE A 183 57.23 59.04 -14.00
CA ILE A 183 57.97 57.91 -14.57
C ILE A 183 59.49 57.98 -14.38
N CYS A 184 60.09 59.16 -14.52
CA CYS A 184 61.53 59.32 -14.42
C CYS A 184 62.06 59.17 -12.99
N LYS A 185 61.23 59.48 -11.99
CA LYS A 185 61.64 59.37 -10.59
C LYS A 185 61.57 57.94 -10.08
N VAL A 186 60.62 57.15 -10.57
CA VAL A 186 60.47 55.76 -10.14
C VAL A 186 61.32 54.79 -10.95
N VAL A 187 61.58 55.11 -12.23
CA VAL A 187 62.38 54.25 -13.09
C VAL A 187 63.81 54.75 -13.20
N GLU A 188 64.76 53.82 -13.38
CA GLU A 188 66.18 54.14 -13.51
C GLU A 188 66.80 53.49 -14.77
N VAL A 189 68.07 53.81 -15.08
CA VAL A 189 68.77 53.26 -16.22
C VAL A 189 69.02 51.75 -16.02
N GLY A 190 68.66 50.95 -17.02
CA GLY A 190 68.82 49.50 -16.97
C GLY A 190 67.54 48.75 -16.73
N SER A 191 66.52 49.43 -16.19
CA SER A 191 65.22 48.85 -15.91
C SER A 191 64.45 48.51 -17.19
N LYS A 192 63.56 47.51 -17.11
CA LYS A 192 62.76 47.13 -18.26
C LYS A 192 61.38 47.80 -18.26
N ILE A 193 60.99 48.37 -19.40
CA ILE A 193 59.69 49.00 -19.60
C ILE A 193 58.92 48.11 -20.57
N TYR A 194 57.77 47.57 -20.15
CA TYR A 194 57.00 46.69 -21.02
C TYR A 194 55.81 47.42 -21.63
N VAL A 195 55.54 47.20 -22.90
CA VAL A 195 54.45 47.87 -23.61
C VAL A 195 53.59 46.84 -24.34
N ASP A 196 52.24 47.01 -24.29
CA ASP A 196 51.24 46.16 -24.94
C ASP A 196 51.27 44.71 -24.45
N ASP A 197 50.71 44.47 -23.25
CA ASP A 197 50.67 43.15 -22.64
C ASP A 197 52.06 42.52 -22.53
N GLY A 198 53.06 43.35 -22.26
CA GLY A 198 54.45 42.93 -22.10
C GLY A 198 55.14 42.45 -23.35
N LEU A 199 54.44 42.42 -24.50
CA LEU A 199 54.97 41.93 -25.76
C LEU A 199 56.07 42.80 -26.39
N ILE A 200 56.28 44.01 -25.88
CA ILE A 200 57.34 44.90 -26.35
C ILE A 200 58.20 45.29 -25.15
N SER A 201 59.52 45.11 -25.24
CA SER A 201 60.42 45.44 -24.14
C SER A 201 61.29 46.62 -24.54
N LEU A 202 61.46 47.59 -23.63
CA LEU A 202 62.28 48.79 -23.84
C LEU A 202 63.20 48.97 -22.63
N GLN A 203 64.52 48.81 -22.81
CA GLN A 203 65.48 48.99 -21.72
C GLN A 203 65.81 50.48 -21.57
N VAL A 204 65.82 51.00 -20.34
CA VAL A 204 66.12 52.41 -20.11
C VAL A 204 67.61 52.72 -20.33
N LYS A 205 67.89 53.72 -21.15
CA LYS A 205 69.26 54.14 -21.41
C LYS A 205 69.46 55.55 -20.85
N GLN A 206 68.52 56.47 -21.12
CA GLN A 206 68.62 57.84 -20.62
C GLN A 206 67.30 58.35 -20.05
N LYS A 207 67.36 59.34 -19.14
CA LYS A 207 66.17 59.92 -18.49
C LYS A 207 66.14 61.47 -18.60
N GLY A 208 64.98 62.05 -18.33
CA GLY A 208 64.81 63.50 -18.36
C GLY A 208 63.57 63.99 -17.62
N ALA A 209 63.27 65.30 -17.70
CA ALA A 209 62.09 65.86 -17.04
C ALA A 209 60.80 65.41 -17.75
N ASP A 210 60.78 65.50 -19.09
CA ASP A 210 59.61 65.08 -19.86
C ASP A 210 60.02 64.09 -20.95
N PHE A 211 60.99 63.20 -20.67
CA PHE A 211 61.46 62.23 -21.67
C PHE A 211 62.22 61.02 -21.11
N LEU A 212 62.34 59.96 -21.93
CA LEU A 212 63.06 58.72 -21.68
C LEU A 212 63.64 58.21 -23.00
N VAL A 213 64.90 57.76 -22.98
CA VAL A 213 65.55 57.23 -24.18
C VAL A 213 65.71 55.74 -23.97
N THR A 214 65.03 54.93 -24.79
CA THR A 214 65.06 53.47 -24.62
C THR A 214 65.54 52.70 -25.84
N GLU A 215 65.94 51.43 -25.64
CA GLU A 215 66.37 50.54 -26.71
C GLU A 215 65.31 49.44 -26.83
N VAL A 216 64.80 49.21 -28.05
CA VAL A 216 63.77 48.22 -28.29
C VAL A 216 64.29 46.78 -28.23
N GLU A 217 64.33 46.17 -27.03
CA GLU A 217 64.78 44.79 -26.87
C GLU A 217 63.88 43.81 -27.63
N ASN A 218 62.56 43.97 -27.50
CA ASN A 218 61.60 43.12 -28.22
C ASN A 218 60.72 44.03 -29.08
N GLY A 219 60.93 43.98 -30.40
CA GLY A 219 60.17 44.78 -31.34
C GLY A 219 58.84 44.18 -31.72
N GLY A 220 57.97 45.00 -32.31
CA GLY A 220 56.64 44.56 -32.73
C GLY A 220 55.72 45.69 -33.11
N SER A 221 54.52 45.38 -33.64
CA SER A 221 53.57 46.41 -34.04
C SER A 221 52.93 47.14 -32.87
N LEU A 222 53.39 48.36 -32.64
CA LEU A 222 52.92 49.25 -31.58
C LEU A 222 51.65 49.94 -32.05
N GLY A 223 50.53 49.64 -31.40
CA GLY A 223 49.23 50.22 -31.71
C GLY A 223 48.86 51.40 -30.82
N SER A 224 47.56 51.71 -30.72
CA SER A 224 47.09 52.85 -29.91
C SER A 224 46.52 52.40 -28.55
N LYS A 225 46.57 53.31 -27.56
CA LYS A 225 46.05 53.11 -26.20
C LYS A 225 46.45 51.77 -25.59
N LYS A 226 47.76 51.49 -25.59
CA LYS A 226 48.33 50.24 -25.08
C LYS A 226 48.86 50.41 -23.65
N GLY A 227 48.79 49.33 -22.87
CA GLY A 227 49.24 49.37 -21.48
C GLY A 227 50.73 49.27 -21.28
N VAL A 228 51.27 49.97 -20.28
CA VAL A 228 52.69 49.98 -19.95
C VAL A 228 52.92 49.45 -18.54
N ASN A 229 53.94 48.61 -18.35
CA ASN A 229 54.26 48.02 -17.05
C ASN A 229 55.70 48.30 -16.65
N LEU A 230 55.93 48.47 -15.34
CA LEU A 230 57.26 48.70 -14.77
C LEU A 230 57.37 47.78 -13.55
N PRO A 231 57.79 46.53 -13.74
CA PRO A 231 57.82 45.57 -12.62
C PRO A 231 58.79 45.91 -11.48
N GLY A 232 60.01 46.33 -11.82
CA GLY A 232 60.99 46.68 -10.80
C GLY A 232 60.94 48.16 -10.47
N ALA A 233 59.74 48.66 -10.11
CA ALA A 233 59.58 50.08 -9.82
C ALA A 233 58.64 50.37 -8.63
N ALA A 234 58.96 51.44 -7.90
CA ALA A 234 58.19 51.88 -6.74
C ALA A 234 57.11 52.88 -7.19
N VAL A 235 56.12 52.38 -7.96
CA VAL A 235 55.02 53.17 -8.49
C VAL A 235 54.19 53.78 -7.35
N ASP A 236 54.26 55.11 -7.21
CA ASP A 236 53.55 55.83 -6.15
C ASP A 236 52.21 56.37 -6.63
N LEU A 237 51.42 55.52 -7.29
CA LEU A 237 50.10 55.90 -7.77
C LEU A 237 49.05 55.67 -6.67
N PRO A 238 47.91 56.40 -6.70
CA PRO A 238 46.91 56.22 -5.63
C PRO A 238 46.15 54.90 -5.71
N ALA A 239 45.66 54.45 -4.55
CA ALA A 239 44.88 53.22 -4.42
C ALA A 239 43.58 53.37 -5.26
N VAL A 240 42.88 54.51 -5.10
CA VAL A 240 41.68 54.75 -5.86
C VAL A 240 41.90 56.10 -6.55
N SER A 241 42.05 56.09 -7.88
CA SER A 241 42.32 57.31 -8.63
C SER A 241 41.05 58.14 -8.86
N GLU A 242 41.20 59.38 -9.36
CA GLU A 242 40.01 60.23 -9.60
C GLU A 242 39.01 59.58 -10.55
N LYS A 243 39.49 58.78 -11.52
CA LYS A 243 38.59 58.09 -12.43
C LYS A 243 37.91 56.91 -11.74
N ASP A 244 38.65 56.19 -10.88
CA ASP A 244 38.06 55.07 -10.16
C ASP A 244 36.97 55.53 -9.23
N ILE A 245 37.12 56.72 -8.59
CA ILE A 245 36.12 57.33 -7.70
C ILE A 245 34.83 57.58 -8.49
N GLN A 246 34.95 58.13 -9.71
CA GLN A 246 33.82 58.42 -10.57
C GLN A 246 33.14 57.14 -11.01
N ASP A 247 33.92 56.13 -11.38
CA ASP A 247 33.38 54.86 -11.85
C ASP A 247 32.71 54.08 -10.74
N LEU A 248 33.27 54.09 -9.52
CA LEU A 248 32.66 53.43 -8.37
C LEU A 248 31.32 54.06 -8.05
N LYS A 249 31.22 55.41 -8.13
CA LYS A 249 29.99 56.15 -7.90
C LYS A 249 28.94 55.75 -8.96
N PHE A 250 29.35 55.74 -10.23
CA PHE A 250 28.46 55.33 -11.31
C PHE A 250 27.97 53.85 -11.09
N GLY A 251 28.82 52.99 -10.54
CA GLY A 251 28.46 51.61 -10.24
C GLY A 251 27.42 51.51 -9.15
N VAL A 252 27.45 52.43 -8.18
CA VAL A 252 26.48 52.45 -7.10
C VAL A 252 25.12 52.95 -7.60
N GLU A 253 25.13 53.96 -8.47
CA GLU A 253 23.89 54.47 -9.08
C GLU A 253 23.32 53.41 -10.02
N GLN A 254 24.17 52.63 -10.70
CA GLN A 254 23.68 51.61 -11.62
C GLN A 254 23.33 50.29 -10.95
N ASP A 255 23.52 50.16 -9.62
CA ASP A 255 23.16 48.96 -8.87
C ASP A 255 23.98 47.71 -9.29
N VAL A 256 25.30 47.89 -9.51
CA VAL A 256 26.14 46.76 -9.84
C VAL A 256 26.26 45.82 -8.62
N ASP A 257 26.47 44.54 -8.89
CA ASP A 257 26.54 43.53 -7.85
C ASP A 257 27.91 43.38 -7.20
N MET A 258 28.95 43.74 -7.96
CA MET A 258 30.28 43.54 -7.51
C MET A 258 31.25 44.42 -8.26
N VAL A 259 32.33 44.74 -7.59
CA VAL A 259 33.42 45.53 -8.08
C VAL A 259 34.65 44.62 -8.12
N PHE A 260 35.39 44.66 -9.24
CA PHE A 260 36.64 43.93 -9.40
C PHE A 260 37.69 45.03 -9.30
N ALA A 261 38.26 45.20 -8.09
CA ALA A 261 39.21 46.25 -7.78
C ALA A 261 40.63 45.97 -8.29
N SER A 262 41.03 46.66 -9.34
CA SER A 262 42.32 46.51 -9.99
C SER A 262 43.54 46.83 -9.10
N PHE A 263 44.61 46.04 -9.28
CA PHE A 263 45.93 46.21 -8.67
C PHE A 263 45.94 46.39 -7.13
N ILE A 264 45.12 45.64 -6.38
CA ILE A 264 45.15 45.72 -4.92
C ILE A 264 46.51 45.25 -4.40
N ARG A 265 47.23 46.12 -3.67
CA ARG A 265 48.58 45.82 -3.16
C ARG A 265 48.63 45.48 -1.68
N LYS A 266 47.62 45.90 -0.91
CA LYS A 266 47.58 45.68 0.53
C LYS A 266 46.13 45.81 1.05
N ALA A 267 45.89 45.46 2.32
CA ALA A 267 44.55 45.48 2.89
C ALA A 267 43.98 46.90 2.96
N SER A 268 44.83 47.92 3.18
CA SER A 268 44.33 49.30 3.24
C SER A 268 43.79 49.79 1.89
N ASP A 269 44.17 49.16 0.77
CA ASP A 269 43.58 49.49 -0.54
C ASP A 269 42.12 48.96 -0.59
N VAL A 270 41.88 47.79 0.02
CA VAL A 270 40.55 47.19 0.06
C VAL A 270 39.64 48.03 0.93
N HIS A 271 40.14 48.45 2.09
CA HIS A 271 39.39 49.29 3.03
C HIS A 271 39.03 50.61 2.36
N GLU A 272 39.92 51.17 1.54
CA GLU A 272 39.67 52.39 0.82
C GLU A 272 38.51 52.25 -0.13
N VAL A 273 38.49 51.19 -0.95
CA VAL A 273 37.36 50.92 -1.84
C VAL A 273 36.07 50.68 -1.04
N ARG A 274 36.15 50.02 0.10
CA ARG A 274 34.99 49.77 0.97
C ARG A 274 34.43 51.10 1.53
N LYS A 275 35.34 52.03 1.88
CA LYS A 275 34.94 53.33 2.40
C LYS A 275 34.41 54.22 1.29
N VAL A 276 34.95 54.10 0.06
CA VAL A 276 34.49 54.87 -1.09
C VAL A 276 33.04 54.49 -1.42
N LEU A 277 32.75 53.18 -1.51
CA LEU A 277 31.40 52.67 -1.76
C LEU A 277 30.38 53.12 -0.66
N GLY A 278 30.88 53.32 0.54
CA GLY A 278 30.11 53.83 1.67
C GLY A 278 28.86 53.05 2.02
N GLU A 279 27.88 53.78 2.54
CA GLU A 279 26.62 53.20 2.94
C GLU A 279 25.86 52.64 1.71
N LYS A 280 25.61 53.49 0.69
CA LYS A 280 24.90 53.10 -0.53
C LYS A 280 25.50 51.87 -1.27
N GLY A 281 26.81 51.61 -1.12
CA GLY A 281 27.43 50.45 -1.72
C GLY A 281 27.82 49.36 -0.74
N LYS A 282 27.25 49.38 0.48
CA LYS A 282 27.62 48.41 1.53
C LYS A 282 27.39 46.95 1.15
N ASN A 283 26.41 46.69 0.29
CA ASN A 283 26.10 45.33 -0.14
C ASN A 283 26.82 44.92 -1.41
N ILE A 284 27.60 45.82 -2.03
CA ILE A 284 28.35 45.47 -3.25
C ILE A 284 29.57 44.65 -2.85
N LYS A 285 29.77 43.49 -3.51
CA LYS A 285 30.88 42.61 -3.18
C LYS A 285 32.18 43.15 -3.80
N ILE A 286 33.25 43.25 -3.00
CA ILE A 286 34.53 43.70 -3.47
C ILE A 286 35.47 42.53 -3.70
N ILE A 287 35.87 42.36 -4.96
CA ILE A 287 36.78 41.32 -5.40
C ILE A 287 38.08 41.97 -5.73
N SER A 288 39.11 41.71 -4.94
CA SER A 288 40.44 42.26 -5.16
C SER A 288 41.19 41.56 -6.27
N LYS A 289 41.67 42.32 -7.24
CA LYS A 289 42.49 41.78 -8.32
C LYS A 289 43.96 41.77 -7.92
N ILE A 290 44.61 40.59 -7.92
CA ILE A 290 46.03 40.45 -7.56
C ILE A 290 46.83 40.43 -8.84
N GLU A 291 47.54 41.50 -9.12
CA GLU A 291 48.23 41.65 -10.41
C GLU A 291 49.71 42.00 -10.27
N ASN A 292 50.29 41.94 -9.07
CA ASN A 292 51.69 42.29 -8.90
C ASN A 292 52.31 41.60 -7.68
N HIS A 293 53.61 41.74 -7.50
CA HIS A 293 54.36 41.05 -6.43
C HIS A 293 53.86 41.42 -5.04
N GLU A 294 53.61 42.71 -4.83
CA GLU A 294 53.18 43.13 -3.50
C GLU A 294 51.84 42.50 -3.14
N GLY A 295 50.95 42.38 -4.11
CA GLY A 295 49.65 41.75 -3.92
C GLY A 295 49.79 40.30 -3.53
N VAL A 296 50.70 39.57 -4.20
CA VAL A 296 50.95 38.16 -3.87
C VAL A 296 51.57 38.07 -2.46
N ARG A 297 52.56 38.94 -2.18
CA ARG A 297 53.23 38.95 -0.88
C ARG A 297 52.29 39.25 0.29
N ARG A 298 51.46 40.29 0.16
CA ARG A 298 50.50 40.70 1.19
C ARG A 298 49.11 40.07 1.01
N PHE A 299 49.05 38.93 0.30
CA PHE A 299 47.82 38.23 -0.04
C PHE A 299 46.91 37.95 1.13
N ASP A 300 47.47 37.45 2.23
CA ASP A 300 46.66 37.05 3.38
C ASP A 300 45.83 38.18 3.94
N GLU A 301 46.41 39.37 4.09
CA GLU A 301 45.67 40.52 4.62
C GLU A 301 44.65 41.05 3.60
N ILE A 302 44.97 40.99 2.29
CA ILE A 302 44.05 41.40 1.24
C ILE A 302 42.83 40.47 1.27
N LEU A 303 43.06 39.16 1.41
CA LEU A 303 42.00 38.17 1.45
C LEU A 303 41.08 38.40 2.65
N GLU A 304 41.66 38.68 3.81
CA GLU A 304 40.88 38.93 5.02
C GLU A 304 39.94 40.11 4.84
N ALA A 305 40.37 41.14 4.12
CA ALA A 305 39.57 42.34 3.93
C ALA A 305 38.58 42.25 2.77
N SER A 306 38.84 41.38 1.78
CA SER A 306 38.00 41.31 0.58
C SER A 306 36.86 40.32 0.68
N ASP A 307 35.89 40.44 -0.23
CA ASP A 307 34.82 39.45 -0.33
C ASP A 307 35.24 38.27 -1.24
N GLY A 308 36.30 38.47 -2.04
CA GLY A 308 36.79 37.47 -2.98
C GLY A 308 38.04 37.95 -3.68
N ILE A 309 38.61 37.10 -4.52
CA ILE A 309 39.86 37.39 -5.20
C ILE A 309 39.76 37.10 -6.69
N MET A 310 40.54 37.84 -7.51
CA MET A 310 40.69 37.50 -8.89
C MET A 310 42.19 37.28 -9.13
N VAL A 311 42.55 36.12 -9.68
CA VAL A 311 43.94 35.86 -10.06
C VAL A 311 44.03 36.56 -11.42
N ALA A 312 44.48 37.83 -11.44
CA ALA A 312 44.50 38.61 -12.68
C ALA A 312 45.80 38.35 -13.41
N ARG A 313 45.86 37.20 -14.06
CA ARG A 313 47.03 36.63 -14.69
C ARG A 313 47.66 37.47 -15.77
N GLY A 314 46.88 38.34 -16.39
CA GLY A 314 47.37 39.19 -17.46
C GLY A 314 48.48 40.10 -17.01
N ASP A 315 48.18 40.99 -16.07
CA ASP A 315 49.19 41.88 -15.52
C ASP A 315 50.15 41.10 -14.64
N LEU A 316 49.66 40.14 -13.85
CA LEU A 316 50.51 39.33 -12.97
C LEU A 316 51.65 38.67 -13.73
N GLY A 317 51.37 38.21 -14.96
CA GLY A 317 52.36 37.60 -15.84
C GLY A 317 53.42 38.54 -16.41
N ILE A 318 53.19 39.86 -16.33
CA ILE A 318 54.17 40.85 -16.75
C ILE A 318 54.90 41.36 -15.49
N GLU A 319 54.16 41.58 -14.39
CA GLU A 319 54.71 42.06 -13.12
C GLU A 319 55.68 41.10 -12.47
N ILE A 320 55.42 39.78 -12.61
CA ILE A 320 56.32 38.73 -12.09
C ILE A 320 56.73 37.81 -13.30
N PRO A 321 57.81 37.00 -13.20
CA PRO A 321 58.17 36.12 -14.33
C PRO A 321 57.00 35.24 -14.75
N ALA A 322 56.71 35.15 -16.05
CA ALA A 322 55.59 34.40 -16.56
C ALA A 322 55.58 32.93 -16.13
N GLU A 323 56.77 32.32 -15.97
CA GLU A 323 56.84 30.92 -15.53
C GLU A 323 56.37 30.72 -14.09
N LYS A 324 56.22 31.78 -13.30
CA LYS A 324 55.78 31.67 -11.91
C LYS A 324 54.29 31.94 -11.69
N VAL A 325 53.54 32.30 -12.74
CA VAL A 325 52.12 32.62 -12.59
C VAL A 325 51.29 31.46 -12.05
N PHE A 326 51.62 30.22 -12.44
CA PHE A 326 50.85 29.07 -12.00
C PHE A 326 50.99 28.86 -10.48
N LEU A 327 52.17 29.19 -9.92
CA LEU A 327 52.41 29.07 -8.49
C LEU A 327 51.50 30.05 -7.76
N ALA A 328 51.43 31.30 -8.24
CA ALA A 328 50.57 32.32 -7.66
C ALA A 328 49.12 31.92 -7.79
N GLN A 329 48.74 31.34 -8.93
CA GLN A 329 47.37 30.91 -9.17
C GLN A 329 46.94 29.83 -8.19
N LYS A 330 47.73 28.76 -8.08
CA LYS A 330 47.42 27.66 -7.19
C LYS A 330 47.46 28.06 -5.73
N MET A 331 48.43 28.91 -5.34
CA MET A 331 48.50 29.44 -3.97
C MET A 331 47.23 30.26 -3.65
N MET A 332 46.79 31.14 -4.57
CA MET A 332 45.57 31.96 -4.31
C MET A 332 44.29 31.12 -4.31
N ILE A 333 44.12 30.20 -5.26
CA ILE A 333 42.96 29.30 -5.27
C ILE A 333 42.92 28.44 -3.99
N GLY A 334 44.05 27.85 -3.59
CA GLY A 334 44.14 27.09 -2.36
C GLY A 334 43.77 27.89 -1.13
N ARG A 335 44.35 29.09 -0.98
CA ARG A 335 44.06 29.93 0.19
C ARG A 335 42.64 30.46 0.23
N CYS A 336 42.02 30.70 -0.95
CA CYS A 336 40.62 31.16 -0.97
C CYS A 336 39.71 30.01 -0.64
N ASN A 337 39.98 28.82 -1.18
CA ASN A 337 39.24 27.61 -0.85
C ASN A 337 39.34 27.33 0.68
N ARG A 338 40.54 27.45 1.27
CA ARG A 338 40.75 27.26 2.69
C ARG A 338 39.95 28.29 3.53
N ALA A 339 39.90 29.56 3.08
CA ALA A 339 39.17 30.62 3.78
C ALA A 339 37.67 30.71 3.46
N GLY A 340 37.19 29.94 2.50
CA GLY A 340 35.80 29.96 2.12
C GLY A 340 35.41 31.20 1.34
N LYS A 341 36.38 31.79 0.60
CA LYS A 341 36.11 33.01 -0.15
C LYS A 341 36.22 32.79 -1.65
N PRO A 342 35.31 33.39 -2.43
CA PRO A 342 35.35 33.19 -3.90
C PRO A 342 36.66 33.58 -4.57
N VAL A 343 37.06 32.78 -5.56
CA VAL A 343 38.25 33.06 -6.33
C VAL A 343 37.92 32.87 -7.82
N ILE A 344 38.31 33.86 -8.63
CA ILE A 344 38.09 33.88 -10.07
C ILE A 344 39.41 33.71 -10.79
N CYS A 345 39.46 32.78 -11.74
CA CYS A 345 40.63 32.65 -12.59
C CYS A 345 40.31 33.49 -13.83
N ALA A 346 41.27 34.31 -14.26
CA ALA A 346 41.01 35.20 -15.36
C ALA A 346 42.18 35.35 -16.30
N THR A 347 41.87 35.78 -17.55
CA THR A 347 42.76 36.26 -18.60
C THR A 347 43.41 35.20 -19.45
N GLN A 348 43.08 35.29 -20.74
CA GLN A 348 43.59 34.50 -21.84
C GLN A 348 43.30 33.03 -21.75
N MET A 349 42.19 32.65 -21.08
CA MET A 349 41.81 31.26 -20.92
C MET A 349 41.54 30.55 -22.25
N LEU A 350 40.84 31.22 -23.16
CA LEU A 350 40.53 30.72 -24.50
C LEU A 350 40.91 31.81 -25.54
N GLU A 351 42.03 32.52 -25.33
CA GLU A 351 42.46 33.67 -26.15
C GLU A 351 42.35 33.48 -27.68
N SER A 352 42.76 32.34 -28.22
CA SER A 352 42.73 32.11 -29.67
C SER A 352 41.29 32.18 -30.26
N MET A 353 40.27 31.96 -29.42
CA MET A 353 38.88 32.04 -29.84
C MET A 353 38.41 33.46 -30.21
N ILE A 354 39.26 34.48 -30.02
CA ILE A 354 38.98 35.83 -30.50
C ILE A 354 38.90 35.79 -32.06
N LYS A 355 39.71 34.93 -32.71
CA LYS A 355 39.75 34.81 -34.16
C LYS A 355 39.29 33.42 -34.67
N LYS A 356 39.47 32.36 -33.87
CA LYS A 356 39.12 31.01 -34.31
C LYS A 356 37.88 30.46 -33.59
N PRO A 357 37.05 29.61 -34.24
CA PRO A 357 35.86 29.07 -33.55
C PRO A 357 36.17 27.92 -32.57
N ARG A 358 37.41 27.43 -32.54
CA ARG A 358 37.79 26.36 -31.65
C ARG A 358 39.05 26.79 -30.87
N PRO A 359 39.13 26.44 -29.58
CA PRO A 359 40.31 26.83 -28.80
C PRO A 359 41.49 25.88 -29.03
N THR A 360 42.70 26.27 -28.60
CA THR A 360 43.87 25.39 -28.68
C THR A 360 43.81 24.33 -27.55
N ARG A 361 44.63 23.28 -27.65
CA ARG A 361 44.70 22.27 -26.62
C ARG A 361 45.16 22.84 -25.28
N ALA A 362 46.04 23.84 -25.31
CA ALA A 362 46.48 24.49 -24.07
C ALA A 362 45.31 25.23 -23.40
N GLU A 363 44.44 25.83 -24.19
CA GLU A 363 43.29 26.54 -23.69
C GLU A 363 42.24 25.61 -23.03
N GLY A 364 41.97 24.45 -23.63
CA GLY A 364 41.08 23.47 -23.02
C GLY A 364 41.66 22.97 -21.70
N SER A 365 42.94 22.71 -21.69
CA SER A 365 43.67 22.29 -20.51
C SER A 365 43.63 23.35 -19.38
N ASP A 366 43.89 24.65 -19.70
CA ASP A 366 43.89 25.74 -18.72
C ASP A 366 42.57 25.88 -18.01
N VAL A 367 41.46 25.84 -18.76
CA VAL A 367 40.12 25.97 -18.19
C VAL A 367 39.84 24.82 -17.26
N ALA A 368 40.12 23.58 -17.71
CA ALA A 368 39.89 22.38 -16.92
C ALA A 368 40.74 22.40 -15.64
N ASN A 369 42.03 22.75 -15.77
CA ASN A 369 42.94 22.82 -14.66
C ASN A 369 42.58 23.93 -13.68
N ALA A 370 41.99 25.06 -14.13
CA ALA A 370 41.52 26.08 -13.18
C ALA A 370 40.37 25.51 -12.36
N VAL A 371 39.45 24.80 -13.01
CA VAL A 371 38.33 24.19 -12.31
C VAL A 371 38.81 23.14 -11.34
N LEU A 372 39.75 22.28 -11.77
CA LEU A 372 40.33 21.28 -10.91
C LEU A 372 41.06 21.92 -9.71
N ASP A 373 41.81 23.03 -9.93
CA ASP A 373 42.51 23.72 -8.84
C ASP A 373 41.49 24.18 -7.76
N GLY A 374 40.29 24.58 -8.19
CA GLY A 374 39.24 24.99 -7.27
C GLY A 374 38.68 26.37 -7.52
N ALA A 375 38.90 26.93 -8.70
CA ALA A 375 38.37 28.27 -9.00
C ALA A 375 36.81 28.30 -8.96
N ASP A 376 36.21 29.28 -8.28
CA ASP A 376 34.75 29.38 -8.21
C ASP A 376 34.17 29.84 -9.55
N CYS A 377 34.88 30.75 -10.22
CA CYS A 377 34.50 31.35 -11.48
C CYS A 377 35.64 31.33 -12.46
N ILE A 378 35.30 31.31 -13.73
CA ILE A 378 36.23 31.43 -14.84
C ILE A 378 35.78 32.63 -15.65
N MET A 379 36.74 33.32 -16.27
CA MET A 379 36.44 34.55 -16.96
C MET A 379 36.84 34.53 -18.42
N LEU A 380 36.06 35.27 -19.25
CA LEU A 380 36.30 35.52 -20.67
C LEU A 380 36.46 37.04 -20.82
N SER A 381 37.52 37.47 -21.49
CA SER A 381 37.78 38.89 -21.69
C SER A 381 37.57 39.30 -23.16
N GLY A 382 38.63 39.33 -23.97
CA GLY A 382 38.55 39.68 -25.37
C GLY A 382 37.71 38.71 -26.17
N GLU A 383 37.67 37.43 -25.74
CA GLU A 383 36.90 36.34 -26.36
C GLU A 383 35.42 36.70 -26.49
N THR A 384 34.87 37.44 -25.52
CA THR A 384 33.47 37.80 -25.55
C THR A 384 33.29 39.30 -25.79
N ALA A 385 34.23 40.15 -25.35
CA ALA A 385 34.07 41.60 -25.57
C ALA A 385 34.31 42.07 -27.02
N LYS A 386 35.26 41.48 -27.74
CA LYS A 386 35.61 41.97 -29.07
C LYS A 386 35.86 40.88 -30.13
N GLY A 387 35.78 39.62 -29.75
CA GLY A 387 36.09 38.54 -30.67
C GLY A 387 35.03 38.21 -31.69
N ASP A 388 35.37 37.31 -32.61
CA ASP A 388 34.47 36.87 -33.67
C ASP A 388 33.53 35.76 -33.24
N TYR A 389 33.81 35.06 -32.13
CA TYR A 389 33.01 33.93 -31.67
C TYR A 389 32.64 34.02 -30.18
N PRO A 390 31.88 35.05 -29.75
CA PRO A 390 31.57 35.15 -28.31
C PRO A 390 30.76 33.99 -27.75
N LEU A 391 29.74 33.52 -28.47
CA LEU A 391 28.90 32.41 -28.00
C LEU A 391 29.64 31.07 -27.99
N GLU A 392 30.52 30.85 -28.97
CA GLU A 392 31.33 29.63 -29.01
C GLU A 392 32.25 29.55 -27.78
N ALA A 393 32.81 30.69 -27.34
CA ALA A 393 33.70 30.75 -26.20
C ALA A 393 32.93 30.44 -24.91
N VAL A 394 31.72 31.00 -24.76
CA VAL A 394 30.89 30.73 -23.59
C VAL A 394 30.53 29.24 -23.54
N ARG A 395 30.07 28.69 -24.66
CA ARG A 395 29.70 27.28 -24.74
C ARG A 395 30.89 26.38 -24.47
N MET A 396 32.07 26.74 -24.98
CA MET A 396 33.26 25.93 -24.74
C MET A 396 33.64 25.91 -23.26
N GLN A 397 33.61 27.06 -22.59
CA GLN A 397 33.89 27.18 -21.17
C GLN A 397 32.89 26.37 -20.35
N HIS A 398 31.62 26.31 -20.78
CA HIS A 398 30.60 25.51 -20.12
C HIS A 398 30.92 24.01 -20.30
N LEU A 399 31.25 23.60 -21.53
CA LEU A 399 31.55 22.19 -21.83
C LEU A 399 32.75 21.71 -21.03
N ILE A 400 33.84 22.49 -20.96
CA ILE A 400 35.04 22.08 -20.22
C ILE A 400 34.81 22.07 -18.70
N ALA A 401 34.21 23.14 -18.12
CA ALA A 401 33.93 23.21 -16.69
C ALA A 401 33.13 22.02 -16.14
N ARG A 402 32.09 21.63 -16.84
CA ARG A 402 31.24 20.52 -16.44
C ARG A 402 32.02 19.21 -16.50
N GLU A 403 32.85 18.99 -17.52
CA GLU A 403 33.69 17.79 -17.58
C GLU A 403 34.70 17.77 -16.44
N ALA A 404 35.29 18.94 -16.13
CA ALA A 404 36.28 19.05 -15.08
C ALA A 404 35.73 18.91 -13.68
N GLU A 405 34.46 19.26 -13.49
CA GLU A 405 33.81 19.17 -12.20
C GLU A 405 33.62 17.72 -11.81
N ALA A 406 33.26 16.86 -12.78
CA ALA A 406 33.12 15.43 -12.52
C ALA A 406 34.46 14.83 -12.18
N ALA A 407 35.54 15.28 -12.83
CA ALA A 407 36.91 14.78 -12.63
C ALA A 407 37.54 15.15 -11.28
N ILE A 408 36.87 15.95 -10.43
CA ILE A 408 37.43 16.35 -9.15
C ILE A 408 37.53 15.16 -8.19
N TYR A 409 38.66 15.01 -7.52
CA TYR A 409 38.84 13.95 -6.53
C TYR A 409 38.17 14.41 -5.22
N HIS A 410 36.81 14.43 -5.19
CA HIS A 410 36.02 14.90 -4.04
C HIS A 410 36.35 14.16 -2.75
N LEU A 411 36.74 12.88 -2.85
CA LEU A 411 37.10 12.06 -1.69
C LEU A 411 38.16 12.71 -0.80
N GLN A 412 39.32 13.08 -1.38
CA GLN A 412 40.38 13.74 -0.61
C GLN A 412 40.08 15.21 -0.35
N LEU A 413 39.42 15.90 -1.29
CA LEU A 413 39.07 17.31 -1.14
C LEU A 413 38.15 17.56 0.09
N PHE A 414 37.03 16.82 0.18
CA PHE A 414 36.10 16.94 1.32
C PHE A 414 36.79 16.53 2.64
N GLU A 415 37.60 15.49 2.59
CA GLU A 415 38.37 15.04 3.74
C GLU A 415 39.30 16.14 4.25
N GLU A 416 39.88 16.92 3.34
CA GLU A 416 40.80 17.98 3.72
C GLU A 416 40.09 19.23 4.23
N LEU A 417 38.99 19.61 3.60
CA LEU A 417 38.21 20.78 4.02
C LEU A 417 37.58 20.58 5.41
N ARG A 418 37.13 19.37 5.71
CA ARG A 418 36.54 19.06 7.00
C ARG A 418 37.53 19.19 8.16
N ARG A 419 38.81 18.96 7.89
CA ARG A 419 39.83 19.01 8.93
C ARG A 419 40.36 20.41 9.22
N LEU A 420 39.97 21.44 8.42
CA LEU A 420 40.45 22.82 8.65
C LEU A 420 39.99 23.39 9.99
N ALA A 421 38.68 23.41 10.24
CA ALA A 421 38.15 23.87 11.52
C ALA A 421 37.33 22.68 11.99
N PRO A 422 37.99 21.68 12.59
CA PRO A 422 37.26 20.45 12.97
C PRO A 422 36.22 20.63 14.08
N ILE A 423 36.32 21.69 14.88
CA ILE A 423 35.37 21.97 15.95
C ILE A 423 34.96 23.44 15.95
N THR A 424 33.70 23.71 15.62
CA THR A 424 33.10 25.06 15.64
C THR A 424 31.88 25.03 16.54
N SER A 425 31.60 26.16 17.20
CA SER A 425 30.41 26.27 18.05
C SER A 425 29.18 26.79 17.26
N ASP A 426 29.29 26.92 15.93
CA ASP A 426 28.24 27.40 15.06
C ASP A 426 27.33 26.26 14.58
N PRO A 427 26.06 26.26 15.02
CA PRO A 427 25.13 25.22 14.59
C PRO A 427 24.79 25.22 13.09
N THR A 428 24.91 26.38 12.43
CA THR A 428 24.65 26.46 10.98
C THR A 428 25.81 25.81 10.19
N GLU A 429 27.04 25.92 10.70
CA GLU A 429 28.21 25.33 10.08
C GLU A 429 28.12 23.79 10.17
N ALA A 430 27.67 23.25 11.34
CA ALA A 430 27.45 21.83 11.60
C ALA A 430 26.35 21.27 10.68
N THR A 431 25.30 22.06 10.46
CA THR A 431 24.19 21.75 9.58
C THR A 431 24.71 21.66 8.13
N ALA A 432 25.51 22.65 7.71
CA ALA A 432 26.07 22.70 6.36
C ALA A 432 26.95 21.51 6.04
N VAL A 433 27.88 21.14 6.94
CA VAL A 433 28.76 20.01 6.68
C VAL A 433 27.98 18.66 6.70
N GLY A 434 26.96 18.56 7.54
CA GLY A 434 26.11 17.37 7.58
C GLY A 434 25.33 17.20 6.29
N ALA A 435 24.86 18.30 5.72
CA ALA A 435 24.14 18.27 4.46
C ALA A 435 25.07 17.86 3.29
N VAL A 436 26.35 18.30 3.32
CA VAL A 436 27.30 17.92 2.26
C VAL A 436 27.68 16.46 2.40
N GLU A 437 27.88 16.00 3.64
CA GLU A 437 28.12 14.59 3.92
C GLU A 437 26.94 13.72 3.42
N ALA A 438 25.69 14.12 3.70
CA ALA A 438 24.52 13.38 3.25
C ALA A 438 24.40 13.38 1.71
N SER A 439 24.75 14.53 1.08
CA SER A 439 24.67 14.64 -0.38
C SER A 439 25.60 13.69 -1.08
N PHE A 440 26.79 13.41 -0.49
CA PHE A 440 27.76 12.46 -1.03
C PHE A 440 27.25 11.04 -0.83
N LYS A 441 26.72 10.76 0.36
CA LYS A 441 26.21 9.46 0.71
C LYS A 441 25.13 8.97 -0.26
N CYS A 442 24.16 9.85 -0.58
CA CYS A 442 23.09 9.45 -1.49
C CYS A 442 23.30 9.93 -2.92
N CYS A 443 24.51 10.45 -3.27
CA CYS A 443 24.86 10.96 -4.62
C CYS A 443 23.74 11.85 -5.14
N SER A 444 23.33 12.77 -4.27
CA SER A 444 22.20 13.68 -4.36
C SER A 444 22.15 14.46 -5.64
N GLY A 445 20.93 14.68 -6.15
CA GLY A 445 20.71 15.45 -7.36
C GLY A 445 20.86 16.94 -7.15
N ALA A 446 20.69 17.41 -5.90
CA ALA A 446 20.81 18.83 -5.54
C ALA A 446 20.78 19.04 -4.01
N ILE A 447 21.25 20.21 -3.55
CA ILE A 447 21.11 20.59 -2.15
C ILE A 447 20.30 21.87 -2.20
N ILE A 448 19.06 21.81 -1.77
CA ILE A 448 18.16 22.95 -1.79
C ILE A 448 18.31 23.74 -0.52
N VAL A 449 18.65 25.03 -0.63
CA VAL A 449 18.89 25.85 0.55
C VAL A 449 18.06 27.12 0.52
N LEU A 450 17.29 27.39 1.59
CA LEU A 450 16.53 28.63 1.66
C LEU A 450 17.45 29.65 2.27
N THR A 451 17.66 30.78 1.59
CA THR A 451 18.58 31.80 2.09
C THR A 451 18.11 33.22 1.85
N LYS A 452 18.29 34.09 2.83
CA LYS A 452 17.93 35.49 2.71
C LYS A 452 19.10 36.27 2.11
N SER A 453 20.27 36.20 2.78
CA SER A 453 21.48 36.92 2.41
C SER A 453 22.46 36.16 1.51
N GLY A 454 22.26 34.86 1.36
CA GLY A 454 23.16 33.99 0.61
C GLY A 454 24.06 33.17 1.51
N ARG A 455 24.28 33.61 2.76
CA ARG A 455 25.17 32.96 3.71
C ARG A 455 24.99 31.46 3.84
N SER A 456 23.76 30.95 4.03
CA SER A 456 23.50 29.51 4.17
C SER A 456 23.92 28.74 2.93
N ALA A 457 23.75 29.31 1.74
CA ALA A 457 24.19 28.64 0.50
C ALA A 457 25.72 28.72 0.41
N HIS A 458 26.31 29.87 0.75
CA HIS A 458 27.77 30.05 0.74
C HIS A 458 28.45 29.06 1.68
N GLN A 459 27.85 28.81 2.87
CA GLN A 459 28.38 27.88 3.87
C GLN A 459 28.42 26.44 3.32
N VAL A 460 27.44 26.05 2.49
CA VAL A 460 27.44 24.73 1.87
C VAL A 460 28.51 24.67 0.76
N ALA A 461 28.58 25.74 -0.09
CA ALA A 461 29.52 25.82 -1.21
C ALA A 461 30.98 25.71 -0.77
N ARG A 462 31.29 26.18 0.43
CA ARG A 462 32.66 26.09 0.95
C ARG A 462 33.14 24.62 1.13
N TYR A 463 32.21 23.66 1.25
CA TYR A 463 32.56 22.25 1.37
C TYR A 463 32.65 21.51 0.06
N ARG A 464 32.49 22.21 -1.06
CA ARG A 464 32.64 21.67 -2.40
C ARG A 464 31.88 20.35 -2.66
N PRO A 465 30.56 20.32 -2.47
CA PRO A 465 29.82 19.09 -2.80
C PRO A 465 29.77 18.86 -4.32
N ARG A 466 29.65 17.61 -4.71
CA ARG A 466 29.50 17.25 -6.10
C ARG A 466 28.14 17.77 -6.61
N ALA A 467 27.09 17.67 -5.77
CA ALA A 467 25.72 18.08 -6.06
C ALA A 467 25.54 19.61 -6.21
N PRO A 468 24.78 20.05 -7.23
CA PRO A 468 24.52 21.50 -7.36
C PRO A 468 23.69 22.02 -6.19
N ILE A 469 23.91 23.27 -5.79
CA ILE A 469 23.16 23.88 -4.70
C ILE A 469 22.08 24.79 -5.27
N ILE A 470 20.81 24.49 -5.06
CA ILE A 470 19.73 25.35 -5.52
C ILE A 470 19.37 26.31 -4.35
N ALA A 471 19.81 27.56 -4.44
CA ALA A 471 19.55 28.53 -3.39
C ALA A 471 18.31 29.33 -3.70
N VAL A 472 17.24 29.12 -2.93
CA VAL A 472 15.98 29.83 -3.15
C VAL A 472 16.01 31.09 -2.33
N THR A 473 15.88 32.23 -2.99
CA THR A 473 15.86 33.51 -2.31
C THR A 473 14.77 34.43 -2.90
N ARG A 474 14.34 35.42 -2.10
CA ARG A 474 13.43 36.47 -2.56
C ARG A 474 14.19 37.81 -2.80
N ASN A 475 15.48 37.86 -2.43
CA ASN A 475 16.35 39.01 -2.57
C ASN A 475 17.08 38.85 -3.90
N PRO A 476 16.74 39.67 -4.90
CA PRO A 476 17.40 39.53 -6.22
C PRO A 476 18.89 39.84 -6.24
N GLN A 477 19.39 40.69 -5.34
CA GLN A 477 20.83 40.96 -5.26
C GLN A 477 21.56 39.70 -4.78
N THR A 478 21.00 39.00 -3.79
CA THR A 478 21.52 37.74 -3.27
C THR A 478 21.58 36.70 -4.39
N ALA A 479 20.54 36.63 -5.22
CA ALA A 479 20.46 35.69 -6.35
C ALA A 479 21.59 36.01 -7.35
N ARG A 480 21.83 37.30 -7.61
CA ARG A 480 22.88 37.71 -8.53
C ARG A 480 24.28 37.42 -8.01
N GLN A 481 24.52 37.74 -6.73
CA GLN A 481 25.82 37.54 -6.10
C GLN A 481 26.20 36.09 -5.84
N ALA A 482 25.20 35.19 -5.80
CA ALA A 482 25.42 33.76 -5.55
C ALA A 482 26.33 33.12 -6.58
N HIS A 483 26.36 33.64 -7.81
CA HIS A 483 27.20 33.15 -8.88
C HIS A 483 28.69 33.22 -8.56
N LEU A 484 29.11 34.03 -7.57
CA LEU A 484 30.51 34.10 -7.17
C LEU A 484 30.98 32.83 -6.44
N TYR A 485 30.06 31.96 -6.00
CA TYR A 485 30.41 30.78 -5.25
C TYR A 485 30.09 29.55 -6.04
N ARG A 486 31.09 28.71 -6.23
CA ARG A 486 31.01 27.47 -6.97
C ARG A 486 29.83 26.58 -6.54
N GLY A 487 29.04 26.17 -7.52
CA GLY A 487 27.94 25.24 -7.26
C GLY A 487 26.59 25.83 -6.95
N ILE A 488 26.49 27.17 -6.74
CA ILE A 488 25.19 27.76 -6.41
C ILE A 488 24.40 28.18 -7.64
N PHE A 489 23.20 27.64 -7.75
CA PHE A 489 22.23 27.96 -8.77
C PHE A 489 21.19 28.77 -8.06
N PRO A 490 21.29 30.10 -8.16
CA PRO A 490 20.31 30.94 -7.48
C PRO A 490 19.01 30.92 -8.24
N VAL A 491 17.91 30.78 -7.51
CA VAL A 491 16.55 30.86 -8.05
C VAL A 491 15.81 31.94 -7.29
N LEU A 492 15.13 32.81 -8.04
CA LEU A 492 14.44 33.95 -7.45
C LEU A 492 12.95 33.68 -7.35
N CYS A 493 12.50 33.39 -6.12
CA CYS A 493 11.08 33.16 -5.82
C CYS A 493 10.39 34.51 -5.88
N LYS A 494 9.26 34.57 -6.61
CA LYS A 494 8.52 35.83 -6.78
C LYS A 494 7.18 35.87 -6.01
N ASP A 495 6.71 34.72 -5.52
CA ASP A 495 5.47 34.58 -4.75
C ASP A 495 5.52 35.38 -3.45
N PRO A 496 4.38 35.95 -3.02
CA PRO A 496 4.39 36.72 -1.77
C PRO A 496 4.60 35.86 -0.53
N VAL A 497 5.03 36.49 0.56
CA VAL A 497 5.26 35.76 1.80
C VAL A 497 3.96 35.23 2.39
N GLN A 498 3.87 33.91 2.56
CA GLN A 498 2.69 33.26 3.13
C GLN A 498 2.63 33.54 4.62
N GLU A 499 1.41 33.72 5.18
CA GLU A 499 1.21 34.01 6.61
C GLU A 499 1.77 32.89 7.48
N ALA A 500 1.37 31.63 7.24
CA ALA A 500 1.93 30.51 8.00
C ALA A 500 3.34 30.29 7.44
N TRP A 501 4.35 30.43 8.31
CA TRP A 501 5.73 30.30 7.88
C TRP A 501 6.10 28.92 7.37
N ALA A 502 5.47 27.86 7.91
CA ALA A 502 5.72 26.50 7.44
C ALA A 502 5.25 26.34 5.98
N GLU A 503 4.16 27.02 5.61
CA GLU A 503 3.65 27.01 4.24
C GLU A 503 4.58 27.82 3.31
N ASP A 504 5.19 28.89 3.83
CA ASP A 504 6.13 29.71 3.07
C ASP A 504 7.39 28.88 2.77
N VAL A 505 7.85 28.06 3.75
CA VAL A 505 9.00 27.19 3.59
C VAL A 505 8.68 26.14 2.54
N ASP A 506 7.54 25.45 2.68
CA ASP A 506 7.14 24.42 1.73
C ASP A 506 6.83 24.97 0.33
N LEU A 507 6.48 26.26 0.23
CA LEU A 507 6.24 26.90 -1.08
C LEU A 507 7.59 27.09 -1.78
N ARG A 508 8.62 27.52 -1.02
CA ARG A 508 9.95 27.76 -1.55
C ARG A 508 10.66 26.47 -1.91
N VAL A 509 10.49 25.44 -1.08
CA VAL A 509 11.08 24.12 -1.36
C VAL A 509 10.44 23.50 -2.61
N ASN A 510 9.11 23.64 -2.76
CA ASN A 510 8.44 23.10 -3.95
C ASN A 510 8.87 23.84 -5.23
N PHE A 511 9.16 25.14 -5.13
CA PHE A 511 9.63 25.91 -6.27
C PHE A 511 10.99 25.37 -6.73
N ALA A 512 11.90 25.03 -5.79
CA ALA A 512 13.20 24.48 -6.11
C ALA A 512 13.11 23.10 -6.75
N MET A 513 12.17 22.27 -6.28
CA MET A 513 11.90 20.94 -6.86
C MET A 513 11.46 21.11 -8.33
N ASN A 514 10.63 22.12 -8.61
CA ASN A 514 10.16 22.42 -9.95
C ASN A 514 11.31 22.87 -10.86
N VAL A 515 12.26 23.64 -10.30
CA VAL A 515 13.44 24.14 -11.01
C VAL A 515 14.37 22.99 -11.39
N GLY A 516 14.67 22.11 -10.45
CA GLY A 516 15.52 20.97 -10.72
C GLY A 516 14.95 20.04 -11.77
N LYS A 517 13.63 19.81 -11.71
CA LYS A 517 12.95 18.96 -12.69
C LYS A 517 12.99 19.58 -14.10
N ALA A 518 12.57 20.86 -14.22
CA ALA A 518 12.54 21.54 -15.51
C ALA A 518 13.91 21.73 -16.12
N ARG A 519 14.96 21.86 -15.29
CA ARG A 519 16.31 22.05 -15.80
C ARG A 519 17.12 20.76 -15.95
N GLY A 520 16.52 19.61 -15.70
CA GLY A 520 17.18 18.33 -15.89
C GLY A 520 18.18 17.93 -14.84
N PHE A 521 18.14 18.56 -13.67
CA PHE A 521 19.06 18.22 -12.58
C PHE A 521 18.61 16.91 -11.92
N PHE A 522 17.30 16.76 -11.73
CA PHE A 522 16.74 15.56 -11.11
C PHE A 522 15.32 15.28 -11.59
N LYS A 523 14.83 14.08 -11.34
CA LYS A 523 13.46 13.67 -11.71
C LYS A 523 12.76 13.15 -10.44
N LYS A 524 11.45 12.94 -10.51
CA LYS A 524 10.62 12.45 -9.41
C LYS A 524 11.16 11.12 -8.87
N GLY A 525 11.24 11.01 -7.55
CA GLY A 525 11.78 9.83 -6.91
C GLY A 525 13.21 10.02 -6.44
N ASP A 526 13.98 10.85 -7.15
CA ASP A 526 15.38 11.14 -6.79
C ASP A 526 15.50 11.69 -5.37
N VAL A 527 16.66 11.51 -4.75
CA VAL A 527 16.86 11.97 -3.38
C VAL A 527 17.59 13.31 -3.34
N VAL A 528 17.03 14.31 -2.63
CA VAL A 528 17.65 15.63 -2.51
C VAL A 528 17.82 16.06 -1.05
N ILE A 529 18.75 16.98 -0.79
CA ILE A 529 18.97 17.48 0.57
C ILE A 529 18.31 18.86 0.69
N VAL A 530 17.55 19.11 1.78
CA VAL A 530 16.88 20.40 1.96
C VAL A 530 17.37 21.07 3.23
N LEU A 531 17.83 22.31 3.12
CA LEU A 531 18.30 23.08 4.25
C LEU A 531 17.36 24.22 4.53
N THR A 532 16.74 24.23 5.71
CA THR A 532 15.82 25.26 6.14
C THR A 532 16.14 25.70 7.60
N GLY A 533 15.50 26.76 8.07
CA GLY A 533 15.65 27.29 9.41
C GLY A 533 14.47 26.98 10.31
N TRP A 534 14.56 27.36 11.59
CA TRP A 534 13.49 27.10 12.55
C TRP A 534 12.56 28.33 12.77
N ARG A 535 12.94 29.51 12.25
CA ARG A 535 12.19 30.77 12.31
C ARG A 535 12.64 31.71 11.17
N PRO A 536 11.85 32.75 10.81
CA PRO A 536 12.28 33.66 9.72
C PRO A 536 13.51 34.50 10.07
N GLY A 537 14.18 35.04 9.06
CA GLY A 537 15.37 35.85 9.25
C GLY A 537 16.65 35.06 9.08
N SER A 538 17.78 35.76 8.87
CA SER A 538 19.10 35.16 8.65
C SER A 538 19.73 34.54 9.91
N GLY A 539 20.61 33.56 9.71
CA GLY A 539 21.38 32.92 10.77
C GLY A 539 20.68 31.83 11.56
N PHE A 540 19.47 31.42 11.12
CA PHE A 540 18.71 30.39 11.82
C PHE A 540 18.63 29.04 11.10
N THR A 541 19.47 28.81 10.06
CA THR A 541 19.48 27.55 9.30
C THR A 541 20.02 26.40 10.13
N ASN A 542 19.15 25.53 10.62
CA ASN A 542 19.58 24.40 11.44
C ASN A 542 18.93 23.07 11.07
N THR A 543 18.15 23.02 10.00
CA THR A 543 17.40 21.82 9.66
C THR A 543 17.81 21.26 8.32
N MET A 544 18.17 19.99 8.31
CA MET A 544 18.58 19.28 7.11
C MET A 544 17.61 18.14 6.90
N ARG A 545 17.10 17.98 5.69
CA ARG A 545 16.17 16.91 5.38
C ARG A 545 16.55 16.17 4.13
N VAL A 546 16.54 14.84 4.19
CA VAL A 546 16.80 14.04 3.01
C VAL A 546 15.42 13.68 2.47
N VAL A 547 14.94 14.40 1.44
CA VAL A 547 13.59 14.17 0.92
C VAL A 547 13.55 13.68 -0.53
N PRO A 548 12.59 12.80 -0.88
CA PRO A 548 12.46 12.39 -2.28
C PRO A 548 11.75 13.48 -3.10
N VAL A 549 12.10 13.56 -4.38
CA VAL A 549 11.50 14.54 -5.28
C VAL A 549 10.06 14.14 -5.59
N PRO A 550 9.09 15.02 -5.28
CA PRO A 550 7.70 14.69 -5.54
C PRO A 550 7.32 14.84 -7.03
N GLN B 33 63.05 27.30 2.37
CA GLN B 33 62.84 28.47 1.50
C GLN B 33 63.06 28.21 0.00
N THR B 34 63.96 27.30 -0.40
CA THR B 34 64.21 27.04 -1.82
C THR B 34 63.52 25.77 -2.33
N GLN B 35 63.37 25.64 -3.64
CA GLN B 35 62.76 24.48 -4.30
C GLN B 35 61.38 24.08 -3.75
N GLN B 36 60.57 25.07 -3.33
CA GLN B 36 59.26 24.83 -2.74
C GLN B 36 59.29 23.82 -1.58
N LEU B 37 60.35 23.87 -0.75
CA LEU B 37 60.53 22.93 0.36
C LEU B 37 59.55 23.15 1.51
N HIS B 38 59.03 24.37 1.68
CA HIS B 38 58.02 24.61 2.70
C HIS B 38 56.73 23.89 2.26
N ALA B 39 56.36 24.00 0.97
CA ALA B 39 55.14 23.33 0.46
C ALA B 39 55.30 21.80 0.38
N ALA B 40 56.55 21.32 0.27
CA ALA B 40 56.93 19.91 0.24
C ALA B 40 56.57 19.21 1.56
N MET B 41 56.67 19.92 2.69
CA MET B 41 56.43 19.39 4.02
C MET B 41 54.97 19.25 4.41
N ALA B 42 54.07 19.92 3.70
CA ALA B 42 52.64 19.94 4.02
C ALA B 42 51.99 18.56 4.15
N ASP B 43 51.21 18.38 5.23
CA ASP B 43 50.48 17.16 5.54
C ASP B 43 49.32 16.92 4.55
N THR B 44 48.77 17.96 3.94
CA THR B 44 47.67 17.84 3.01
C THR B 44 47.98 18.48 1.64
N PHE B 45 47.25 18.10 0.57
CA PHE B 45 47.39 18.70 -0.75
C PHE B 45 46.89 20.19 -0.72
N LEU B 46 45.86 20.50 0.09
CA LEU B 46 45.36 21.87 0.21
C LEU B 46 46.46 22.77 0.78
N GLU B 47 47.09 22.35 1.90
CA GLU B 47 48.17 23.11 2.51
C GLU B 47 49.36 23.16 1.57
N HIS B 48 49.63 22.10 0.79
CA HIS B 48 50.71 22.11 -0.20
C HIS B 48 50.50 23.28 -1.20
N MET B 49 49.27 23.42 -1.71
CA MET B 49 48.88 24.46 -2.64
C MET B 49 49.01 25.82 -2.00
N CYS B 50 48.56 25.97 -0.74
CA CYS B 50 48.60 27.27 -0.05
C CYS B 50 50.01 27.78 0.12
N ARG B 51 51.01 26.87 0.25
CA ARG B 51 52.40 27.26 0.49
C ARG B 51 53.22 27.49 -0.76
N LEU B 52 52.66 27.30 -1.97
CA LEU B 52 53.43 27.54 -3.19
C LEU B 52 53.92 29.00 -3.22
N ASP B 53 55.23 29.17 -3.29
CA ASP B 53 55.85 30.48 -3.15
C ASP B 53 56.57 30.95 -4.42
N ILE B 54 56.14 32.08 -5.01
CA ILE B 54 56.84 32.66 -6.17
C ILE B 54 58.23 33.16 -5.81
N ASP B 55 58.53 33.35 -4.52
CA ASP B 55 59.87 33.79 -4.11
C ASP B 55 60.76 32.65 -3.63
N SER B 56 60.38 31.39 -3.90
CA SER B 56 61.13 30.20 -3.52
C SER B 56 61.83 29.75 -4.78
N PRO B 57 63.11 30.09 -4.95
CA PRO B 57 63.79 29.74 -6.21
C PRO B 57 63.99 28.25 -6.43
N PRO B 58 63.79 27.78 -7.68
CA PRO B 58 64.05 26.36 -7.96
C PRO B 58 65.54 26.04 -7.93
N ILE B 59 65.87 24.73 -7.93
CA ILE B 59 67.28 24.31 -8.04
C ILE B 59 67.69 24.47 -9.54
N THR B 60 68.97 24.26 -9.85
CA THR B 60 69.46 24.42 -11.22
C THR B 60 68.86 23.44 -12.25
N ALA B 61 68.78 22.14 -11.86
CA ALA B 61 68.33 21.04 -12.72
C ALA B 61 66.88 21.08 -13.19
N ARG B 62 66.67 20.86 -14.47
CA ARG B 62 65.34 20.76 -15.05
C ARG B 62 65.17 19.32 -15.56
N ASN B 63 64.38 18.54 -14.85
CA ASN B 63 64.12 17.12 -15.08
C ASN B 63 63.34 16.74 -16.34
N THR B 64 62.39 17.56 -16.78
CA THR B 64 61.50 17.27 -17.92
C THR B 64 62.16 17.48 -19.29
N GLY B 65 62.22 16.43 -20.08
CA GLY B 65 62.80 16.50 -21.42
C GLY B 65 62.01 17.40 -22.33
N ILE B 66 62.71 18.15 -23.18
CA ILE B 66 62.11 19.06 -24.12
C ILE B 66 62.38 18.52 -25.51
N ILE B 67 61.31 18.26 -26.25
CA ILE B 67 61.43 17.73 -27.59
C ILE B 67 61.04 18.84 -28.50
N CYS B 68 61.90 19.18 -29.47
CA CYS B 68 61.60 20.28 -30.42
C CYS B 68 61.51 19.74 -31.82
N THR B 69 60.43 20.06 -32.52
CA THR B 69 60.23 19.69 -33.92
C THR B 69 61.10 20.58 -34.74
N ILE B 70 61.96 19.98 -35.57
CA ILE B 70 62.89 20.77 -36.37
C ILE B 70 62.29 21.07 -37.74
N GLY B 71 62.37 22.33 -38.15
CA GLY B 71 61.84 22.79 -39.43
C GLY B 71 62.57 23.99 -39.97
N PRO B 72 61.91 24.76 -40.85
CA PRO B 72 62.56 25.94 -41.46
C PRO B 72 63.19 26.95 -40.50
N ALA B 73 62.52 27.21 -39.39
CA ALA B 73 62.98 28.21 -38.41
C ALA B 73 64.10 27.72 -37.49
N SER B 74 64.54 26.46 -37.62
CA SER B 74 65.54 25.95 -36.70
C SER B 74 66.50 24.92 -37.25
N ARG B 75 66.44 24.58 -38.56
CA ARG B 75 67.29 23.48 -39.02
C ARG B 75 68.71 23.87 -39.42
N SER B 76 69.14 25.10 -39.16
CA SER B 76 70.54 25.46 -39.42
C SER B 76 71.42 25.01 -38.24
N VAL B 77 72.72 24.87 -38.44
CA VAL B 77 73.64 24.44 -37.37
C VAL B 77 73.75 25.53 -36.31
N GLU B 78 73.80 26.80 -36.74
CA GLU B 78 73.88 27.90 -35.81
C GLU B 78 72.65 27.96 -34.89
N THR B 79 71.43 27.75 -35.45
CA THR B 79 70.23 27.79 -34.62
C THR B 79 70.22 26.60 -33.70
N LEU B 80 70.55 25.40 -34.22
CA LEU B 80 70.59 24.20 -33.43
C LEU B 80 71.56 24.29 -32.23
N LYS B 81 72.76 24.87 -32.40
CA LYS B 81 73.68 25.08 -31.27
C LYS B 81 73.00 25.91 -30.16
N GLU B 82 72.21 26.93 -30.57
CA GLU B 82 71.48 27.74 -29.61
C GLU B 82 70.30 26.99 -28.98
N MET B 83 69.65 26.10 -29.73
CA MET B 83 68.56 25.29 -29.22
C MET B 83 69.06 24.38 -28.09
N ILE B 84 70.26 23.78 -28.28
CA ILE B 84 70.89 22.89 -27.31
C ILE B 84 71.25 23.69 -26.05
N LYS B 85 71.82 24.89 -26.23
CA LYS B 85 72.15 25.77 -25.10
C LYS B 85 70.89 26.27 -24.37
N SER B 86 69.76 26.40 -25.10
CA SER B 86 68.48 26.80 -24.52
C SER B 86 67.77 25.65 -23.76
N GLY B 87 68.07 24.41 -24.11
CA GLY B 87 67.48 23.26 -23.44
C GLY B 87 66.94 22.12 -24.26
N MET B 88 67.13 22.11 -25.59
CA MET B 88 66.62 21.00 -26.41
C MET B 88 67.29 19.69 -26.06
N ASN B 89 66.48 18.66 -25.84
CA ASN B 89 67.01 17.35 -25.52
C ASN B 89 66.80 16.37 -26.68
N VAL B 90 65.73 16.56 -27.47
CA VAL B 90 65.41 15.69 -28.59
C VAL B 90 65.02 16.54 -29.79
N ALA B 91 65.57 16.21 -30.96
CA ALA B 91 65.19 16.84 -32.21
C ALA B 91 64.14 15.90 -32.85
N ARG B 92 62.93 16.41 -33.11
CA ARG B 92 61.83 15.63 -33.68
C ARG B 92 61.71 15.94 -35.16
N LEU B 93 61.66 14.90 -35.99
CA LEU B 93 61.57 15.08 -37.44
C LEU B 93 60.19 14.70 -37.83
N ASN B 94 59.40 15.66 -38.28
CA ASN B 94 58.03 15.40 -38.68
C ASN B 94 58.01 14.86 -40.13
N PHE B 95 57.82 13.54 -40.28
CA PHE B 95 57.79 12.92 -41.61
C PHE B 95 56.43 13.03 -42.32
N SER B 96 55.58 13.98 -41.91
CA SER B 96 54.32 14.23 -42.62
C SER B 96 54.64 14.93 -43.96
N HIS B 97 55.69 15.75 -43.99
CA HIS B 97 56.20 16.47 -45.15
C HIS B 97 57.73 16.28 -45.22
N GLY B 98 58.33 16.68 -46.34
CA GLY B 98 59.77 16.61 -46.51
C GLY B 98 60.26 15.30 -47.09
N THR B 99 61.31 15.38 -47.91
CA THR B 99 61.95 14.23 -48.54
C THR B 99 63.00 13.58 -47.61
N HIS B 100 63.49 12.38 -47.95
CA HIS B 100 64.53 11.72 -47.18
C HIS B 100 65.82 12.53 -47.21
N GLU B 101 66.19 13.12 -48.37
CA GLU B 101 67.38 13.96 -48.49
C GLU B 101 67.27 15.19 -47.57
N TYR B 102 66.06 15.76 -47.45
CA TYR B 102 65.79 16.91 -46.57
C TYR B 102 65.99 16.50 -45.11
N HIS B 103 65.40 15.37 -44.69
CA HIS B 103 65.50 14.90 -43.32
C HIS B 103 66.91 14.45 -42.94
N ALA B 104 67.65 13.88 -43.89
CA ALA B 104 69.04 13.46 -43.66
C ALA B 104 69.90 14.67 -43.35
N GLU B 105 69.66 15.78 -44.06
CA GLU B 105 70.41 17.02 -43.85
C GLU B 105 70.07 17.65 -42.50
N THR B 106 68.81 17.54 -42.06
CA THR B 106 68.38 18.01 -40.76
C THR B 106 69.12 17.23 -39.67
N ILE B 107 69.17 15.89 -39.81
CA ILE B 107 69.84 15.00 -38.87
C ILE B 107 71.34 15.28 -38.82
N LYS B 108 71.95 15.51 -39.97
CA LYS B 108 73.36 15.83 -40.10
C LYS B 108 73.66 17.14 -39.35
N ASN B 109 72.80 18.16 -39.52
CA ASN B 109 72.94 19.44 -38.84
C ASN B 109 72.73 19.28 -37.32
N VAL B 110 71.83 18.39 -36.90
CA VAL B 110 71.59 18.14 -35.48
C VAL B 110 72.86 17.57 -34.84
N ARG B 111 73.49 16.61 -35.53
CA ARG B 111 74.70 15.97 -35.06
C ARG B 111 75.91 16.90 -35.07
N THR B 112 76.02 17.80 -36.06
CA THR B 112 77.14 18.74 -36.10
C THR B 112 77.00 19.72 -34.92
N ALA B 113 75.77 20.21 -34.68
CA ALA B 113 75.52 21.12 -33.58
C ALA B 113 75.80 20.42 -32.25
N THR B 114 75.34 19.17 -32.11
CA THR B 114 75.53 18.39 -30.89
C THR B 114 77.00 18.14 -30.61
N GLU B 115 77.75 17.70 -31.62
CA GLU B 115 79.16 17.39 -31.44
C GLU B 115 80.05 18.62 -31.35
N SER B 116 79.52 19.84 -31.56
CA SER B 116 80.33 21.04 -31.35
C SER B 116 80.66 21.25 -29.86
N PHE B 117 79.94 20.58 -28.96
CA PHE B 117 80.15 20.64 -27.51
C PHE B 117 80.86 19.39 -26.96
N ALA B 118 81.23 18.42 -27.83
CA ALA B 118 81.83 17.15 -27.44
C ALA B 118 83.23 17.23 -26.89
N SER B 119 83.89 18.38 -27.02
CA SER B 119 85.25 18.54 -26.50
C SER B 119 85.29 18.47 -24.96
N ASP B 120 84.18 18.87 -24.29
CA ASP B 120 84.11 18.83 -22.83
C ASP B 120 83.06 17.85 -22.35
N PRO B 121 83.43 16.59 -22.06
CA PRO B 121 82.43 15.61 -21.60
C PRO B 121 81.70 15.98 -20.31
N ILE B 122 82.31 16.82 -19.48
CA ILE B 122 81.72 17.29 -18.24
C ILE B 122 80.49 18.17 -18.52
N LEU B 123 80.54 18.96 -19.60
CA LEU B 123 79.41 19.82 -19.97
C LEU B 123 78.58 19.30 -21.16
N TYR B 124 79.10 18.31 -21.89
CA TYR B 124 78.44 17.75 -23.06
C TYR B 124 77.01 17.27 -22.76
N ARG B 125 76.08 17.66 -23.63
CA ARG B 125 74.68 17.29 -23.50
C ARG B 125 74.24 16.43 -24.67
N PRO B 126 73.94 15.15 -24.39
CA PRO B 126 73.49 14.27 -25.48
C PRO B 126 72.15 14.74 -26.04
N VAL B 127 71.99 14.74 -27.36
CA VAL B 127 70.74 15.16 -27.99
C VAL B 127 70.24 13.98 -28.80
N ALA B 128 68.99 13.56 -28.57
CA ALA B 128 68.41 12.42 -29.28
C ALA B 128 67.75 12.82 -30.58
N VAL B 129 67.60 11.86 -31.51
CA VAL B 129 66.93 12.11 -32.77
C VAL B 129 65.66 11.26 -32.81
N ALA B 130 64.51 11.87 -33.08
CA ALA B 130 63.22 11.19 -33.12
C ALA B 130 62.58 11.26 -34.50
N LEU B 131 61.99 10.15 -34.96
CA LEU B 131 61.33 10.11 -36.25
C LEU B 131 59.83 10.05 -36.01
N ASP B 132 59.06 11.05 -36.44
CA ASP B 132 57.60 11.01 -36.25
C ASP B 132 56.97 10.64 -37.55
N THR B 133 56.38 9.44 -37.65
CA THR B 133 55.79 8.98 -38.89
C THR B 133 54.57 9.76 -39.34
N LYS B 134 54.27 9.72 -40.63
CA LYS B 134 53.08 10.37 -41.18
C LYS B 134 51.85 9.53 -40.79
N GLY B 135 51.94 8.23 -41.00
CA GLY B 135 50.84 7.33 -40.71
C GLY B 135 49.81 7.21 -41.81
N PRO B 136 48.83 6.31 -41.62
CA PRO B 136 47.78 6.16 -42.62
C PRO B 136 46.79 7.32 -42.55
N GLU B 137 46.23 7.69 -43.70
CA GLU B 137 45.28 8.79 -43.80
C GLU B 137 44.00 8.39 -44.54
N ILE B 138 42.97 9.25 -44.48
CA ILE B 138 41.74 9.13 -45.26
C ILE B 138 41.59 10.49 -45.90
N ARG B 139 41.66 10.58 -47.22
CA ARG B 139 41.61 11.85 -47.94
C ARG B 139 40.41 11.96 -48.86
N THR B 140 39.92 13.19 -49.03
CA THR B 140 38.85 13.45 -49.96
C THR B 140 39.44 13.59 -51.38
N GLY B 141 38.56 13.50 -52.38
CA GLY B 141 38.98 13.64 -53.76
C GLY B 141 39.01 15.08 -54.21
N GLU B 150 36.54 25.18 -54.65
CA GLU B 150 35.95 24.90 -53.35
C GLU B 150 34.45 25.15 -53.32
N VAL B 151 33.65 24.27 -52.70
CA VAL B 151 32.20 24.45 -52.60
C VAL B 151 31.82 25.19 -51.26
N GLU B 152 30.55 25.15 -50.76
CA GLU B 152 30.22 25.83 -49.51
C GLU B 152 29.64 24.92 -48.41
N LEU B 153 28.65 24.05 -48.73
CA LEU B 153 28.04 23.15 -47.72
C LEU B 153 27.34 23.90 -46.58
N LYS B 154 26.00 23.81 -46.52
CA LYS B 154 25.24 24.53 -45.49
C LYS B 154 24.65 23.60 -44.44
N LYS B 155 24.44 24.12 -43.20
CA LYS B 155 23.83 23.38 -42.10
C LYS B 155 22.43 22.92 -42.50
N GLY B 156 22.30 21.63 -42.76
CA GLY B 156 21.03 21.05 -43.18
C GLY B 156 21.05 20.50 -44.61
N ALA B 157 22.13 20.74 -45.37
CA ALA B 157 22.21 20.25 -46.75
C ALA B 157 22.46 18.75 -46.79
N THR B 158 22.05 18.10 -47.87
CA THR B 158 22.24 16.66 -48.04
C THR B 158 23.56 16.44 -48.76
N LEU B 159 24.39 15.54 -48.25
CA LEU B 159 25.68 15.23 -48.89
C LEU B 159 25.86 13.73 -48.98
N LYS B 160 26.01 13.23 -50.21
CA LYS B 160 26.23 11.81 -50.40
C LYS B 160 27.72 11.48 -50.46
N ILE B 161 28.15 10.45 -49.70
CA ILE B 161 29.55 10.05 -49.70
C ILE B 161 29.66 8.84 -50.64
N THR B 162 30.39 9.00 -51.74
CA THR B 162 30.54 7.93 -52.71
C THR B 162 31.91 7.30 -52.68
N LEU B 163 31.99 6.04 -53.11
CA LEU B 163 33.25 5.33 -53.20
C LEU B 163 33.68 5.04 -54.65
N ASP B 164 32.73 5.14 -55.62
CA ASP B 164 32.97 4.94 -57.05
C ASP B 164 34.03 5.94 -57.51
N ASN B 165 35.15 5.42 -58.04
CA ASN B 165 36.30 6.23 -58.45
C ASN B 165 36.07 7.13 -59.68
N ALA B 166 34.86 7.15 -60.26
CA ALA B 166 34.58 8.03 -61.40
C ALA B 166 34.55 9.49 -60.94
N TYR B 167 33.96 9.73 -59.76
CA TYR B 167 33.92 11.08 -59.19
C TYR B 167 35.10 11.33 -58.24
N MET B 168 36.27 10.76 -58.57
CA MET B 168 37.52 10.91 -57.84
C MET B 168 38.03 12.35 -57.97
N GLU B 169 37.89 12.94 -59.15
CA GLU B 169 38.29 14.32 -59.42
C GLU B 169 37.10 15.25 -59.75
N LYS B 170 35.86 14.77 -59.52
CA LYS B 170 34.63 15.52 -59.77
C LYS B 170 33.83 15.71 -58.48
N CYS B 171 34.50 16.16 -57.42
CA CYS B 171 33.84 16.39 -56.13
C CYS B 171 33.07 17.71 -56.12
N ASP B 172 31.86 17.72 -55.54
CA ASP B 172 31.04 18.92 -55.46
C ASP B 172 30.20 18.99 -54.14
N GLU B 173 29.25 19.93 -54.02
CA GLU B 173 28.43 20.07 -52.81
C GLU B 173 27.36 18.97 -52.63
N ASN B 174 27.20 18.07 -53.61
CA ASN B 174 26.23 16.99 -53.52
C ASN B 174 26.93 15.64 -53.42
N ILE B 175 28.05 15.47 -54.13
CA ILE B 175 28.82 14.21 -54.06
C ILE B 175 30.24 14.45 -53.53
N LEU B 176 30.69 13.58 -52.63
CA LEU B 176 32.05 13.67 -52.09
C LEU B 176 32.71 12.30 -52.11
N TRP B 177 33.93 12.20 -52.63
CA TRP B 177 34.63 10.93 -52.73
C TRP B 177 35.76 10.84 -51.69
N LEU B 178 36.00 9.62 -51.15
CA LEU B 178 37.08 9.35 -50.18
C LEU B 178 37.92 8.15 -50.65
N ASP B 179 39.19 8.09 -50.24
CA ASP B 179 40.07 6.99 -50.65
C ASP B 179 39.99 5.76 -49.73
N TYR B 180 39.21 5.83 -48.65
CA TYR B 180 39.08 4.71 -47.73
C TYR B 180 37.85 3.90 -48.15
N LYS B 181 38.09 2.75 -48.83
CA LYS B 181 37.06 1.89 -49.38
C LYS B 181 36.30 1.04 -48.37
N ASN B 182 36.75 0.98 -47.11
CA ASN B 182 36.04 0.17 -46.11
C ASN B 182 35.14 0.99 -45.18
N ILE B 183 34.89 2.29 -45.50
CA ILE B 183 34.13 3.24 -44.70
C ILE B 183 32.71 2.79 -44.27
N CYS B 184 31.89 2.23 -45.19
CA CYS B 184 30.54 1.81 -44.84
C CYS B 184 30.49 0.66 -43.82
N LYS B 185 31.57 -0.13 -43.74
CA LYS B 185 31.65 -1.21 -42.76
C LYS B 185 31.96 -0.65 -41.36
N VAL B 186 32.76 0.43 -41.29
CA VAL B 186 33.15 1.07 -40.03
C VAL B 186 32.15 2.13 -39.54
N VAL B 187 31.27 2.63 -40.43
CA VAL B 187 30.25 3.64 -40.13
C VAL B 187 28.88 3.01 -39.81
N GLU B 188 28.00 3.78 -39.16
CA GLU B 188 26.65 3.34 -38.78
C GLU B 188 25.64 4.52 -38.84
N VAL B 189 24.32 4.22 -38.76
CA VAL B 189 23.30 5.27 -38.81
C VAL B 189 23.39 6.14 -37.54
N GLY B 190 23.81 7.38 -37.71
CA GLY B 190 24.00 8.29 -36.59
C GLY B 190 25.45 8.71 -36.41
N SER B 191 26.40 7.91 -36.94
CA SER B 191 27.84 8.17 -36.86
C SER B 191 28.24 9.50 -37.52
N LYS B 192 29.29 10.15 -36.98
CA LYS B 192 29.75 11.42 -37.53
C LYS B 192 31.01 11.27 -38.40
N ILE B 193 31.12 12.09 -39.45
CA ILE B 193 32.28 12.13 -40.34
C ILE B 193 32.82 13.56 -40.31
N TYR B 194 34.11 13.74 -39.99
CA TYR B 194 34.71 15.07 -39.94
C TYR B 194 35.64 15.24 -41.13
N VAL B 195 35.55 16.39 -41.80
CA VAL B 195 36.40 16.73 -42.94
C VAL B 195 37.19 18.02 -42.64
N ASP B 196 38.44 18.09 -43.15
CA ASP B 196 39.37 19.21 -43.03
C ASP B 196 39.68 19.55 -41.58
N ASP B 197 40.24 18.59 -40.86
CA ASP B 197 40.64 18.70 -39.47
C ASP B 197 39.49 19.13 -38.56
N GLY B 198 38.33 18.49 -38.74
CA GLY B 198 37.16 18.75 -37.92
C GLY B 198 36.43 20.05 -38.19
N LEU B 199 36.80 20.76 -39.27
CA LEU B 199 36.15 22.00 -39.66
C LEU B 199 34.73 21.78 -40.16
N ILE B 200 34.47 20.61 -40.78
CA ILE B 200 33.15 20.25 -41.33
C ILE B 200 32.61 19.01 -40.62
N SER B 201 31.32 19.00 -40.27
CA SER B 201 30.71 17.87 -39.59
C SER B 201 29.50 17.29 -40.38
N LEU B 202 29.40 15.96 -40.45
CA LEU B 202 28.33 15.24 -41.15
C LEU B 202 27.68 14.18 -40.20
N GLN B 203 26.51 13.66 -40.57
CA GLN B 203 25.83 12.63 -39.76
C GLN B 203 25.15 11.63 -40.70
N VAL B 204 25.57 10.35 -40.67
CA VAL B 204 25.01 9.30 -41.52
C VAL B 204 23.55 8.97 -41.20
N ASP B 210 28.04 0.68 -50.55
CA ASP B 210 28.79 1.43 -51.57
C ASP B 210 28.72 2.95 -51.37
N PHE B 211 27.72 3.45 -50.63
CA PHE B 211 27.57 4.89 -50.43
C PHE B 211 26.95 5.25 -49.06
N LEU B 212 27.08 6.52 -48.66
CA LEU B 212 26.52 7.01 -47.40
C LEU B 212 25.60 8.20 -47.69
N VAL B 213 24.49 8.33 -46.95
CA VAL B 213 23.61 9.49 -47.09
C VAL B 213 23.68 10.32 -45.80
N THR B 214 24.37 11.47 -45.83
CA THR B 214 24.59 12.31 -44.64
C THR B 214 23.96 13.69 -44.69
N GLU B 215 23.73 14.29 -43.51
CA GLU B 215 23.22 15.66 -43.40
C GLU B 215 24.34 16.54 -42.81
N VAL B 216 24.58 17.73 -43.40
CA VAL B 216 25.62 18.63 -42.92
C VAL B 216 25.22 19.24 -41.58
N GLU B 217 26.04 19.02 -40.54
CA GLU B 217 25.77 19.56 -39.21
C GLU B 217 26.51 20.89 -39.06
N ASN B 218 27.81 20.90 -39.38
CA ASN B 218 28.64 22.09 -39.31
C ASN B 218 29.25 22.29 -40.70
N GLY B 219 29.02 23.46 -41.29
CA GLY B 219 29.50 23.75 -42.63
C GLY B 219 30.83 24.46 -42.72
N GLY B 220 31.11 24.97 -43.91
CA GLY B 220 32.36 25.66 -44.21
C GLY B 220 32.81 25.46 -45.64
N SER B 221 33.91 26.10 -46.04
CA SER B 221 34.42 26.00 -47.41
C SER B 221 35.17 24.68 -47.59
N LEU B 222 34.61 23.77 -48.39
CA LEU B 222 35.23 22.48 -48.64
C LEU B 222 36.20 22.54 -49.82
N GLY B 223 37.46 22.21 -49.57
CA GLY B 223 38.48 22.19 -50.62
C GLY B 223 38.79 20.79 -51.11
N SER B 224 39.97 20.60 -51.73
CA SER B 224 40.37 19.29 -52.25
C SER B 224 41.44 18.59 -51.40
N LYS B 225 41.56 17.25 -51.55
CA LYS B 225 42.52 16.39 -50.86
C LYS B 225 42.61 16.67 -49.35
N LYS B 226 41.43 16.78 -48.71
CA LYS B 226 41.31 17.08 -47.29
C LYS B 226 41.28 15.83 -46.41
N GLY B 227 41.87 15.94 -45.23
CA GLY B 227 41.88 14.84 -44.27
C GLY B 227 40.50 14.57 -43.72
N VAL B 228 40.20 13.28 -43.47
CA VAL B 228 38.93 12.82 -42.92
C VAL B 228 39.18 12.08 -41.60
N ASN B 229 38.28 12.27 -40.63
CA ASN B 229 38.34 11.59 -39.34
C ASN B 229 36.98 10.93 -39.07
N LEU B 230 37.00 9.72 -38.48
CA LEU B 230 35.77 9.00 -38.19
C LEU B 230 35.68 8.77 -36.69
N PRO B 231 35.13 9.73 -35.94
CA PRO B 231 35.05 9.57 -34.48
C PRO B 231 34.31 8.31 -34.01
N GLY B 232 34.96 7.57 -33.11
CA GLY B 232 34.41 6.34 -32.55
C GLY B 232 34.48 5.10 -33.42
N ALA B 233 34.91 5.25 -34.69
CA ALA B 233 34.99 4.10 -35.59
C ALA B 233 36.27 3.27 -35.42
N ALA B 234 36.16 1.93 -35.56
CA ALA B 234 37.33 1.05 -35.47
C ALA B 234 37.77 0.87 -36.90
N VAL B 235 38.71 1.70 -37.33
CA VAL B 235 39.18 1.76 -38.70
C VAL B 235 40.22 0.68 -39.03
N ASP B 236 40.13 0.06 -40.21
CA ASP B 236 41.04 -1.03 -40.56
C ASP B 236 42.21 -0.61 -41.46
N LEU B 237 42.61 0.67 -41.39
CA LEU B 237 43.80 1.18 -42.11
C LEU B 237 45.04 0.40 -41.61
N PRO B 238 46.07 0.21 -42.45
CA PRO B 238 47.25 -0.54 -42.00
C PRO B 238 47.97 0.17 -40.86
N ALA B 239 48.68 -0.58 -40.03
CA ALA B 239 49.45 -0.02 -38.93
C ALA B 239 50.53 0.92 -39.48
N VAL B 240 51.19 0.49 -40.57
CA VAL B 240 52.20 1.28 -41.26
C VAL B 240 51.89 1.30 -42.74
N SER B 241 51.76 2.50 -43.31
CA SER B 241 51.53 2.67 -44.74
C SER B 241 52.83 2.31 -45.52
N GLU B 242 52.78 2.26 -46.86
CA GLU B 242 53.98 1.95 -47.65
C GLU B 242 55.06 3.04 -47.42
N LYS B 243 54.64 4.31 -47.29
CA LYS B 243 55.55 5.43 -47.02
C LYS B 243 56.16 5.28 -45.62
N ASP B 244 55.36 4.86 -44.63
CA ASP B 244 55.83 4.62 -43.27
C ASP B 244 56.91 3.55 -43.26
N ILE B 245 56.73 2.47 -44.04
CA ILE B 245 57.71 1.39 -44.15
C ILE B 245 59.06 1.95 -44.65
N GLN B 246 59.04 2.76 -45.72
CA GLN B 246 60.25 3.40 -46.26
C GLN B 246 60.88 4.33 -45.23
N ASP B 247 60.07 5.17 -44.57
CA ASP B 247 60.55 6.11 -43.56
C ASP B 247 61.15 5.43 -42.32
N LEU B 248 60.60 4.27 -41.89
CA LEU B 248 61.12 3.53 -40.74
C LEU B 248 62.46 2.89 -41.08
N LYS B 249 62.59 2.34 -42.30
CA LYS B 249 63.84 1.74 -42.78
C LYS B 249 64.92 2.84 -42.90
N PHE B 250 64.52 4.05 -43.31
CA PHE B 250 65.43 5.19 -43.40
C PHE B 250 65.92 5.58 -42.00
N GLY B 251 65.03 5.57 -41.01
CA GLY B 251 65.36 5.87 -39.61
C GLY B 251 66.38 4.90 -39.02
N VAL B 252 66.33 3.64 -39.45
CA VAL B 252 67.30 2.63 -39.04
C VAL B 252 68.67 2.96 -39.66
N GLU B 253 68.70 3.31 -40.97
CA GLU B 253 69.93 3.68 -41.67
C GLU B 253 70.54 4.96 -41.07
N GLN B 254 69.70 5.90 -40.69
CA GLN B 254 70.13 7.16 -40.10
C GLN B 254 70.41 7.07 -38.61
N ASP B 255 70.36 5.86 -38.00
CA ASP B 255 70.65 5.66 -36.59
C ASP B 255 69.81 6.53 -35.64
N VAL B 256 68.47 6.55 -35.83
CA VAL B 256 67.60 7.32 -34.93
C VAL B 256 67.47 6.62 -33.57
N ASP B 257 67.12 7.38 -32.54
CA ASP B 257 67.00 6.85 -31.19
C ASP B 257 65.58 6.37 -30.90
N MET B 258 64.58 7.09 -31.43
CA MET B 258 63.21 6.74 -31.16
C MET B 258 62.29 7.00 -32.35
N VAL B 259 61.14 6.34 -32.35
CA VAL B 259 60.14 6.51 -33.39
C VAL B 259 58.84 6.93 -32.70
N PHE B 260 58.20 8.01 -33.17
CA PHE B 260 56.90 8.41 -32.66
C PHE B 260 55.93 7.85 -33.72
N ALA B 261 55.35 6.68 -33.45
CA ALA B 261 54.48 5.95 -34.38
C ALA B 261 53.07 6.49 -34.44
N SER B 262 52.68 7.03 -35.60
CA SER B 262 51.36 7.58 -35.78
C SER B 262 50.21 6.57 -35.73
N PHE B 263 49.05 7.05 -35.29
CA PHE B 263 47.76 6.40 -35.28
C PHE B 263 47.80 4.98 -34.73
N ILE B 264 48.31 4.80 -33.51
CA ILE B 264 48.37 3.48 -32.90
C ILE B 264 47.03 3.19 -32.24
N ARG B 265 46.35 2.11 -32.68
CA ARG B 265 45.02 1.76 -32.15
C ARG B 265 44.97 0.44 -31.39
N LYS B 266 45.98 -0.41 -31.54
CA LYS B 266 46.01 -1.69 -30.85
C LYS B 266 47.44 -2.19 -30.68
N ALA B 267 47.64 -3.22 -29.84
CA ALA B 267 48.96 -3.79 -29.59
C ALA B 267 49.58 -4.30 -30.88
N SER B 268 48.77 -4.89 -31.76
CA SER B 268 49.30 -5.44 -33.02
C SER B 268 49.84 -4.35 -33.96
N ASP B 269 49.38 -3.10 -33.80
CA ASP B 269 49.90 -1.97 -34.56
C ASP B 269 51.35 -1.74 -34.17
N VAL B 270 51.64 -1.76 -32.85
CA VAL B 270 52.99 -1.61 -32.30
C VAL B 270 53.85 -2.74 -32.80
N HIS B 271 53.33 -3.96 -32.78
CA HIS B 271 54.04 -5.14 -33.24
C HIS B 271 54.44 -5.03 -34.71
N GLU B 272 53.59 -4.41 -35.53
CA GLU B 272 53.92 -4.19 -36.92
C GLU B 272 55.11 -3.25 -37.05
N VAL B 273 55.08 -2.11 -36.32
CA VAL B 273 56.18 -1.15 -36.30
C VAL B 273 57.49 -1.82 -35.89
N ARG B 274 57.46 -2.61 -34.81
CA ARG B 274 58.61 -3.32 -34.27
C ARG B 274 59.20 -4.32 -35.28
N LYS B 275 58.36 -4.91 -36.14
CA LYS B 275 58.81 -5.85 -37.17
C LYS B 275 59.48 -5.09 -38.31
N VAL B 276 58.91 -3.95 -38.71
CA VAL B 276 59.52 -3.13 -39.76
C VAL B 276 60.90 -2.61 -39.29
N LEU B 277 61.06 -2.31 -38.00
CA LEU B 277 62.35 -1.85 -37.49
C LEU B 277 63.43 -2.95 -37.52
N GLY B 278 63.01 -4.22 -37.42
CA GLY B 278 63.87 -5.39 -37.49
C GLY B 278 64.99 -5.52 -36.48
N GLU B 279 65.98 -6.41 -36.79
CA GLU B 279 67.14 -6.65 -35.94
C GLU B 279 67.99 -5.39 -35.82
N LYS B 280 68.27 -4.73 -36.97
CA LYS B 280 69.08 -3.53 -37.00
C LYS B 280 68.49 -2.37 -36.17
N GLY B 281 67.17 -2.35 -36.02
CA GLY B 281 66.49 -1.32 -35.22
C GLY B 281 65.87 -1.86 -33.95
N LYS B 282 66.43 -2.95 -33.39
CA LYS B 282 65.87 -3.56 -32.18
C LYS B 282 65.96 -2.67 -30.95
N ASN B 283 66.92 -1.74 -30.92
CA ASN B 283 67.12 -0.84 -29.78
C ASN B 283 66.43 0.51 -29.91
N ILE B 284 65.81 0.78 -31.04
CA ILE B 284 65.09 2.02 -31.25
C ILE B 284 63.80 1.96 -30.44
N LYS B 285 63.54 2.98 -29.62
CA LYS B 285 62.35 3.00 -28.78
C LYS B 285 61.12 3.34 -29.60
N ILE B 286 60.01 2.63 -29.39
CA ILE B 286 58.77 2.95 -30.07
C ILE B 286 57.84 3.66 -29.12
N ILE B 287 57.51 4.89 -29.45
CA ILE B 287 56.56 5.69 -28.70
C ILE B 287 55.27 5.69 -29.50
N SER B 288 54.20 5.12 -28.94
CA SER B 288 52.92 5.05 -29.65
C SER B 288 52.14 6.31 -29.45
N LYS B 289 51.67 6.89 -30.54
CA LYS B 289 50.84 8.09 -30.49
C LYS B 289 49.36 7.69 -30.38
N ILE B 290 48.66 8.23 -29.37
CA ILE B 290 47.24 7.93 -29.14
C ILE B 290 46.46 9.09 -29.70
N GLU B 291 45.77 8.86 -30.81
CA GLU B 291 45.11 9.91 -31.55
C GLU B 291 43.62 9.74 -31.74
N ASN B 292 43.00 8.66 -31.24
CA ASN B 292 41.54 8.49 -31.44
C ASN B 292 40.88 7.72 -30.29
N HIS B 293 39.54 7.55 -30.32
CA HIS B 293 38.80 6.83 -29.30
C HIS B 293 39.33 5.42 -29.11
N GLU B 294 39.60 4.68 -30.23
CA GLU B 294 40.10 3.32 -30.16
C GLU B 294 41.39 3.22 -29.38
N GLY B 295 42.33 4.10 -29.68
CA GLY B 295 43.61 4.12 -28.96
C GLY B 295 43.44 4.39 -27.48
N VAL B 296 42.47 5.26 -27.11
CA VAL B 296 42.19 5.57 -25.71
C VAL B 296 41.55 4.34 -25.02
N ARG B 297 40.50 3.78 -25.63
CA ARG B 297 39.80 2.62 -25.08
C ARG B 297 40.66 1.38 -24.94
N ARG B 298 41.57 1.17 -25.91
CA ARG B 298 42.48 0.02 -25.87
C ARG B 298 43.88 0.40 -25.39
N PHE B 299 43.96 1.42 -24.54
CA PHE B 299 45.23 1.96 -24.09
C PHE B 299 46.16 0.96 -23.43
N ASP B 300 45.64 0.13 -22.51
CA ASP B 300 46.44 -0.82 -21.73
C ASP B 300 47.22 -1.83 -22.55
N GLU B 301 46.70 -2.33 -23.67
CA GLU B 301 47.46 -3.26 -24.52
C GLU B 301 48.52 -2.51 -25.32
N ILE B 302 48.23 -1.30 -25.76
CA ILE B 302 49.20 -0.48 -26.49
C ILE B 302 50.37 -0.12 -25.57
N LEU B 303 50.08 0.29 -24.32
CA LEU B 303 51.11 0.62 -23.35
C LEU B 303 52.03 -0.57 -23.08
N GLU B 304 51.47 -1.77 -22.87
CA GLU B 304 52.27 -2.98 -22.63
C GLU B 304 53.17 -3.33 -23.82
N ALA B 305 52.69 -3.12 -25.03
CA ALA B 305 53.45 -3.42 -26.23
C ALA B 305 54.49 -2.35 -26.56
N SER B 306 54.24 -1.10 -26.12
CA SER B 306 55.10 0.05 -26.43
C SER B 306 56.17 0.35 -25.41
N ASP B 307 57.23 1.05 -25.84
CA ASP B 307 58.27 1.54 -24.93
C ASP B 307 57.83 2.82 -24.21
N GLY B 308 56.86 3.55 -24.78
CA GLY B 308 56.32 4.79 -24.26
C GLY B 308 55.11 5.26 -25.06
N ILE B 309 54.49 6.37 -24.60
CA ILE B 309 53.27 6.93 -25.20
C ILE B 309 53.36 8.44 -25.50
N MET B 310 52.73 8.88 -26.59
CA MET B 310 52.60 10.29 -26.88
C MET B 310 51.12 10.61 -26.84
N VAL B 311 50.74 11.57 -26.00
CA VAL B 311 49.37 12.05 -25.95
C VAL B 311 49.34 13.05 -27.10
N ALA B 312 48.93 12.62 -28.30
CA ALA B 312 48.90 13.52 -29.48
C ALA B 312 47.62 14.34 -29.41
N ARG B 313 47.59 15.35 -28.55
CA ARG B 313 46.40 16.16 -28.30
C ARG B 313 45.76 16.80 -29.53
N GLY B 314 46.55 17.15 -30.54
CA GLY B 314 46.06 17.76 -31.76
C GLY B 314 45.09 16.86 -32.49
N ASP B 315 45.56 15.67 -32.88
CA ASP B 315 44.72 14.72 -33.58
C ASP B 315 43.65 14.14 -32.65
N LEU B 316 44.01 13.90 -31.39
CA LEU B 316 43.05 13.39 -30.41
C LEU B 316 41.86 14.38 -30.23
N GLY B 317 42.12 15.69 -30.26
CA GLY B 317 41.11 16.73 -30.14
C GLY B 317 40.24 16.95 -31.37
N ILE B 318 40.61 16.33 -32.49
CA ILE B 318 39.80 16.35 -33.68
C ILE B 318 38.80 15.19 -33.55
N GLU B 319 39.30 13.99 -33.17
CA GLU B 319 38.50 12.79 -33.05
C GLU B 319 37.54 12.78 -31.87
N ILE B 320 38.00 13.29 -30.72
CA ILE B 320 37.19 13.30 -29.52
C ILE B 320 36.76 14.74 -29.17
N PRO B 321 35.65 14.95 -28.43
CA PRO B 321 35.27 16.33 -28.07
C PRO B 321 36.42 17.01 -27.30
N ALA B 322 36.79 18.22 -27.72
CA ALA B 322 37.90 18.96 -27.15
C ALA B 322 37.80 19.12 -25.65
N GLU B 323 36.58 19.25 -25.10
CA GLU B 323 36.39 19.36 -23.66
C GLU B 323 36.77 18.10 -22.90
N LYS B 324 37.12 17.01 -23.60
CA LYS B 324 37.46 15.74 -22.97
C LYS B 324 38.94 15.37 -23.08
N VAL B 325 39.72 16.10 -23.89
CA VAL B 325 41.14 15.81 -24.09
C VAL B 325 41.92 15.76 -22.79
N PHE B 326 41.63 16.67 -21.85
CA PHE B 326 42.30 16.66 -20.55
C PHE B 326 42.07 15.36 -19.78
N LEU B 327 40.88 14.72 -19.93
CA LEU B 327 40.61 13.44 -19.28
C LEU B 327 41.54 12.35 -19.86
N ALA B 328 41.68 12.33 -21.20
CA ALA B 328 42.55 11.38 -21.87
C ALA B 328 44.02 11.64 -21.53
N GLN B 329 44.41 12.91 -21.38
CA GLN B 329 45.77 13.26 -21.04
C GLN B 329 46.10 12.79 -19.61
N LYS B 330 45.26 13.14 -18.62
CA LYS B 330 45.46 12.76 -17.23
C LYS B 330 45.40 11.25 -17.02
N MET B 331 44.51 10.57 -17.78
CA MET B 331 44.42 9.11 -17.69
C MET B 331 45.71 8.44 -18.20
N MET B 332 46.22 8.86 -19.36
CA MET B 332 47.41 8.26 -19.95
C MET B 332 48.68 8.57 -19.17
N ILE B 333 48.83 9.80 -18.67
CA ILE B 333 50.00 10.17 -17.87
C ILE B 333 50.00 9.32 -16.59
N GLY B 334 48.84 9.23 -15.92
CA GLY B 334 48.64 8.42 -14.74
C GLY B 334 48.99 6.96 -14.96
N ARG B 335 48.51 6.36 -16.07
CA ARG B 335 48.84 4.95 -16.35
C ARG B 335 50.29 4.73 -16.71
N CYS B 336 50.92 5.66 -17.44
CA CYS B 336 52.33 5.52 -17.79
C CYS B 336 53.21 5.65 -16.56
N ASN B 337 52.88 6.54 -15.61
CA ASN B 337 53.61 6.66 -14.36
C ASN B 337 53.40 5.37 -13.52
N ARG B 338 52.20 4.81 -13.52
CA ARG B 338 51.89 3.56 -12.83
C ARG B 338 52.70 2.40 -13.42
N ALA B 339 52.92 2.36 -14.75
CA ALA B 339 53.68 1.31 -15.43
C ALA B 339 55.17 1.57 -15.55
N GLY B 340 55.62 2.78 -15.22
CA GLY B 340 57.02 3.14 -15.35
C GLY B 340 57.46 3.34 -16.79
N LYS B 341 56.51 3.71 -17.67
CA LYS B 341 56.82 3.97 -19.08
C LYS B 341 56.74 5.44 -19.42
N PRO B 342 57.71 5.93 -20.21
CA PRO B 342 57.70 7.37 -20.54
C PRO B 342 56.45 7.86 -21.25
N VAL B 343 56.01 9.09 -20.92
CA VAL B 343 54.86 9.71 -21.55
C VAL B 343 55.18 11.16 -21.98
N ILE B 344 54.86 11.46 -23.25
CA ILE B 344 55.09 12.74 -23.89
C ILE B 344 53.79 13.47 -24.02
N CYS B 345 53.76 14.75 -23.58
CA CYS B 345 52.59 15.57 -23.77
C CYS B 345 52.89 16.46 -24.98
N ALA B 346 52.00 16.48 -25.97
CA ALA B 346 52.26 17.23 -27.19
C ALA B 346 51.10 18.15 -27.67
N THR B 347 51.42 19.11 -28.59
CA THR B 347 50.55 19.98 -29.36
C THR B 347 50.08 21.25 -28.68
N GLN B 348 50.35 22.38 -29.32
CA GLN B 348 49.93 23.73 -28.96
C GLN B 348 50.24 24.14 -27.54
N MET B 349 51.32 23.61 -26.97
CA MET B 349 51.69 23.93 -25.60
C MET B 349 52.00 25.39 -25.41
N LEU B 350 52.67 26.01 -26.39
CA LEU B 350 53.04 27.42 -26.41
C LEU B 350 52.74 27.99 -27.82
N GLU B 351 51.62 27.57 -28.46
CA GLU B 351 51.23 27.94 -29.84
C GLU B 351 51.38 29.40 -30.22
N SER B 352 50.95 30.33 -29.37
CA SER B 352 51.02 31.76 -29.69
C SER B 352 52.46 32.24 -29.88
N MET B 353 53.45 31.50 -29.33
CA MET B 353 54.85 31.86 -29.50
C MET B 353 55.37 31.67 -30.93
N ILE B 354 54.53 31.19 -31.86
CA ILE B 354 54.88 31.12 -33.26
C ILE B 354 54.99 32.59 -33.78
N LYS B 355 54.09 33.49 -33.35
CA LYS B 355 54.13 34.88 -33.76
C LYS B 355 54.53 35.84 -32.66
N LYS B 356 54.41 35.44 -31.38
CA LYS B 356 54.72 36.32 -30.26
C LYS B 356 55.93 35.86 -29.40
N PRO B 357 56.73 36.79 -28.84
CA PRO B 357 57.88 36.37 -28.02
C PRO B 357 57.52 35.91 -26.60
N ARG B 358 56.24 36.07 -26.20
CA ARG B 358 55.78 35.63 -24.89
C ARG B 358 54.56 34.74 -25.08
N PRO B 359 54.40 33.70 -24.23
CA PRO B 359 53.20 32.86 -24.34
C PRO B 359 51.99 33.49 -23.64
N THR B 360 50.80 32.94 -23.88
CA THR B 360 49.60 33.40 -23.18
C THR B 360 49.59 32.76 -21.74
N ARG B 361 48.65 33.17 -20.88
CA ARG B 361 48.54 32.65 -19.55
C ARG B 361 48.06 31.21 -19.52
N ALA B 362 47.28 30.79 -20.53
CA ALA B 362 46.80 29.43 -20.69
C ALA B 362 47.97 28.52 -21.07
N GLU B 363 48.84 29.00 -21.97
CA GLU B 363 50.01 28.28 -22.43
C GLU B 363 51.05 28.03 -21.33
N GLY B 364 51.27 29.04 -20.47
CA GLY B 364 52.18 28.87 -19.35
C GLY B 364 51.67 27.82 -18.37
N SER B 365 50.38 27.84 -18.14
CA SER B 365 49.62 26.96 -17.27
C SER B 365 49.62 25.52 -17.79
N ASP B 366 49.50 25.36 -19.12
CA ASP B 366 49.45 24.06 -19.76
C ASP B 366 50.77 23.32 -19.60
N VAL B 367 51.89 24.02 -19.80
CA VAL B 367 53.20 23.39 -19.62
C VAL B 367 53.39 22.98 -18.14
N ALA B 368 53.02 23.87 -17.20
CA ALA B 368 53.15 23.57 -15.79
C ALA B 368 52.31 22.37 -15.37
N ASN B 369 51.06 22.31 -15.86
CA ASN B 369 50.14 21.27 -15.49
C ASN B 369 50.47 19.93 -16.13
N ALA B 370 51.15 19.92 -17.29
CA ALA B 370 51.61 18.66 -17.89
C ALA B 370 52.74 18.06 -17.01
N VAL B 371 53.61 18.92 -16.48
CA VAL B 371 54.69 18.52 -15.59
C VAL B 371 54.11 18.06 -14.27
N LEU B 372 53.16 18.83 -13.68
CA LEU B 372 52.52 18.43 -12.43
C LEU B 372 51.78 17.11 -12.60
N ASP B 373 51.12 16.89 -13.75
CA ASP B 373 50.43 15.61 -14.08
C ASP B 373 51.42 14.44 -13.99
N GLY B 374 52.64 14.61 -14.52
CA GLY B 374 53.63 13.55 -14.47
C GLY B 374 54.27 13.23 -15.79
N ALA B 375 54.14 14.14 -16.80
CA ALA B 375 54.71 13.94 -18.13
C ALA B 375 56.23 13.95 -18.11
N ASP B 376 56.82 12.94 -18.73
CA ASP B 376 58.26 12.82 -18.81
C ASP B 376 58.86 13.87 -19.73
N CYS B 377 58.18 14.13 -20.85
CA CYS B 377 58.62 15.08 -21.85
C CYS B 377 57.50 16.01 -22.26
N ILE B 378 57.87 17.22 -22.66
CA ILE B 378 57.00 18.21 -23.23
C ILE B 378 57.53 18.53 -24.65
N MET B 379 56.61 18.78 -25.58
CA MET B 379 56.94 18.96 -26.97
C MET B 379 56.57 20.33 -27.54
N LEU B 380 57.40 20.81 -28.49
CA LEU B 380 57.17 22.03 -29.24
C LEU B 380 57.07 21.60 -30.70
N SER B 381 56.00 22.02 -31.38
CA SER B 381 55.76 21.67 -32.77
C SER B 381 56.08 22.88 -33.68
N GLY B 382 55.06 23.65 -34.12
CA GLY B 382 55.21 24.85 -34.91
C GLY B 382 56.06 25.89 -34.24
N GLU B 383 56.03 25.92 -32.88
CA GLU B 383 56.81 26.85 -32.07
C GLU B 383 58.31 26.80 -32.42
N THR B 384 58.86 25.60 -32.66
CA THR B 384 60.27 25.49 -33.03
C THR B 384 60.48 25.23 -34.52
N ALA B 385 59.52 24.54 -35.17
CA ALA B 385 59.62 24.23 -36.59
C ALA B 385 59.50 25.46 -37.50
N LYS B 386 58.49 26.34 -37.32
CA LYS B 386 58.25 27.47 -38.21
C LYS B 386 58.14 28.83 -37.54
N GLY B 387 58.09 28.88 -36.22
CA GLY B 387 57.86 30.14 -35.52
C GLY B 387 58.96 31.19 -35.59
N ASP B 388 58.62 32.40 -35.19
CA ASP B 388 59.55 33.52 -35.17
C ASP B 388 60.41 33.60 -33.92
N TYR B 389 60.10 32.79 -32.88
CA TYR B 389 60.82 32.81 -31.62
C TYR B 389 61.10 31.36 -31.13
N PRO B 390 61.81 30.54 -31.93
CA PRO B 390 62.06 29.15 -31.49
C PRO B 390 62.91 29.09 -30.25
N LEU B 391 63.94 29.93 -30.16
CA LEU B 391 64.81 29.95 -28.98
C LEU B 391 64.04 30.37 -27.76
N GLU B 392 63.17 31.39 -27.89
CA GLU B 392 62.34 31.85 -26.79
C GLU B 392 61.38 30.75 -26.34
N ALA B 393 60.83 29.96 -27.28
CA ALA B 393 59.93 28.85 -26.95
C ALA B 393 60.66 27.77 -26.13
N VAL B 394 61.89 27.41 -26.50
CA VAL B 394 62.65 26.41 -25.77
C VAL B 394 62.95 26.91 -24.36
N ARG B 395 63.44 28.14 -24.26
CA ARG B 395 63.74 28.73 -22.96
C ARG B 395 62.55 28.84 -22.05
N MET B 396 61.37 29.11 -22.61
CA MET B 396 60.16 29.23 -21.81
C MET B 396 59.76 27.88 -21.23
N GLN B 397 59.86 26.82 -22.04
CA GLN B 397 59.55 25.47 -21.59
C GLN B 397 60.47 25.01 -20.47
N HIS B 398 61.76 25.36 -20.55
CA HIS B 398 62.78 25.07 -19.54
C HIS B 398 62.41 25.79 -18.23
N LEU B 399 62.06 27.09 -18.30
CA LEU B 399 61.71 27.86 -17.11
C LEU B 399 60.43 27.38 -16.42
N ILE B 400 59.38 27.07 -17.21
CA ILE B 400 58.14 26.59 -16.61
C ILE B 400 58.33 25.20 -16.04
N ALA B 401 58.96 24.29 -16.80
CA ALA B 401 59.19 22.93 -16.34
C ALA B 401 59.98 22.88 -15.04
N ARG B 402 61.06 23.67 -14.93
CA ARG B 402 61.85 23.69 -13.71
C ARG B 402 61.04 24.19 -12.51
N GLU B 403 60.19 25.22 -12.71
CA GLU B 403 59.36 25.73 -11.61
C GLU B 403 58.36 24.67 -11.18
N ALA B 404 57.73 24.02 -12.16
CA ALA B 404 56.72 23.01 -11.89
C ALA B 404 57.26 21.83 -11.16
N GLU B 405 58.47 21.37 -11.51
CA GLU B 405 59.07 20.22 -10.85
C GLU B 405 59.25 20.45 -9.35
N ALA B 406 59.53 21.70 -8.92
CA ALA B 406 59.66 22.00 -7.50
C ALA B 406 58.31 22.01 -6.81
N ALA B 407 57.22 22.34 -7.54
CA ALA B 407 55.87 22.41 -7.00
C ALA B 407 55.14 21.06 -6.92
N ILE B 408 55.76 19.97 -7.44
CA ILE B 408 55.15 18.64 -7.37
C ILE B 408 55.00 18.24 -5.89
N TYR B 409 53.88 17.62 -5.52
CA TYR B 409 53.66 17.19 -4.14
C TYR B 409 54.28 15.81 -4.00
N HIS B 410 55.64 15.74 -3.83
CA HIS B 410 56.39 14.48 -3.74
C HIS B 410 55.98 13.62 -2.54
N LEU B 411 55.53 14.26 -1.46
CA LEU B 411 55.15 13.55 -0.25
C LEU B 411 54.07 12.50 -0.52
N GLN B 412 52.95 12.91 -1.18
CA GLN B 412 51.92 11.95 -1.52
C GLN B 412 52.29 11.15 -2.75
N LEU B 413 52.95 11.74 -3.75
CA LEU B 413 53.35 11.00 -4.95
C LEU B 413 54.19 9.74 -4.60
N PHE B 414 55.29 9.93 -3.86
CA PHE B 414 56.12 8.79 -3.46
C PHE B 414 55.37 7.79 -2.57
N GLU B 415 54.48 8.24 -1.66
CA GLU B 415 53.69 7.33 -0.82
C GLU B 415 52.82 6.43 -1.73
N GLU B 416 52.17 7.03 -2.73
CA GLU B 416 51.31 6.28 -3.63
C GLU B 416 52.09 5.35 -4.54
N LEU B 417 53.23 5.79 -5.10
CA LEU B 417 54.03 4.92 -5.97
C LEU B 417 54.61 3.77 -5.15
N ARG B 418 55.06 4.04 -3.91
CA ARG B 418 55.61 3.06 -2.95
C ARG B 418 54.53 2.02 -2.60
N ARG B 419 53.29 2.47 -2.37
CA ARG B 419 52.15 1.59 -2.06
C ARG B 419 51.76 0.72 -3.26
N LEU B 420 51.65 1.32 -4.45
CA LEU B 420 51.24 0.58 -5.65
C LEU B 420 52.34 -0.22 -6.30
N ALA B 421 53.58 -0.15 -5.78
CA ALA B 421 54.71 -0.91 -6.32
C ALA B 421 54.49 -2.39 -6.02
N PRO B 422 54.73 -3.26 -7.01
CA PRO B 422 54.55 -4.70 -6.77
C PRO B 422 55.71 -5.26 -5.95
N ILE B 423 55.42 -6.26 -5.10
CA ILE B 423 56.48 -6.91 -4.33
C ILE B 423 57.06 -7.98 -5.26
N THR B 424 58.37 -7.91 -5.58
CA THR B 424 59.07 -8.86 -6.46
C THR B 424 60.48 -9.19 -5.91
N SER B 425 61.18 -10.17 -6.50
CA SER B 425 62.52 -10.53 -6.08
C SER B 425 63.62 -9.85 -6.92
N ASP B 426 63.27 -8.84 -7.74
CA ASP B 426 64.25 -8.15 -8.57
C ASP B 426 65.12 -7.26 -7.70
N PRO B 427 66.45 -7.53 -7.66
CA PRO B 427 67.34 -6.74 -6.79
C PRO B 427 67.49 -5.30 -7.21
N THR B 428 67.48 -5.06 -8.53
CA THR B 428 67.56 -3.71 -9.09
C THR B 428 66.34 -2.90 -8.66
N GLU B 429 65.13 -3.49 -8.66
CA GLU B 429 63.90 -2.82 -8.23
C GLU B 429 63.94 -2.42 -6.76
N ALA B 430 64.48 -3.30 -5.92
CA ALA B 430 64.58 -3.02 -4.49
C ALA B 430 65.66 -1.94 -4.23
N THR B 431 66.76 -1.99 -4.99
CA THR B 431 67.83 -1.02 -4.86
C THR B 431 67.34 0.36 -5.26
N ALA B 432 66.59 0.44 -6.38
CA ALA B 432 66.07 1.69 -6.92
C ALA B 432 65.11 2.37 -5.99
N VAL B 433 64.17 1.62 -5.40
CA VAL B 433 63.23 2.21 -4.46
C VAL B 433 63.96 2.65 -3.17
N GLY B 434 64.96 1.88 -2.75
CA GLY B 434 65.80 2.16 -1.58
C GLY B 434 66.59 3.44 -1.77
N ALA B 435 67.09 3.66 -3.01
CA ALA B 435 67.83 4.87 -3.36
C ALA B 435 66.93 6.10 -3.34
N VAL B 436 65.72 6.00 -3.91
CA VAL B 436 64.78 7.11 -3.94
C VAL B 436 64.29 7.45 -2.52
N GLU B 437 64.08 6.42 -1.68
CA GLU B 437 63.68 6.63 -0.30
C GLU B 437 64.83 7.36 0.44
N ALA B 438 66.08 6.88 0.29
CA ALA B 438 67.24 7.53 0.91
C ALA B 438 67.44 8.97 0.41
N SER B 439 67.16 9.25 -0.89
CA SER B 439 67.34 10.58 -1.46
C SER B 439 66.36 11.61 -0.88
N PHE B 440 65.19 11.16 -0.46
CA PHE B 440 64.22 12.04 0.18
C PHE B 440 64.65 12.27 1.63
N LYS B 441 65.07 11.21 2.33
CA LYS B 441 65.49 11.33 3.72
C LYS B 441 66.61 12.35 3.93
N CYS B 442 67.66 12.32 3.08
CA CYS B 442 68.78 13.23 3.23
C CYS B 442 68.75 14.42 2.29
N CYS B 443 67.72 14.57 1.45
CA CYS B 443 67.63 15.69 0.50
C CYS B 443 68.90 15.80 -0.36
N SER B 444 69.32 14.66 -0.96
CA SER B 444 70.55 14.54 -1.73
C SER B 444 70.62 15.47 -2.94
N GLY B 445 71.84 15.81 -3.35
CA GLY B 445 72.09 16.66 -4.50
C GLY B 445 71.82 15.98 -5.82
N ALA B 446 71.87 14.65 -5.84
CA ALA B 446 71.62 13.82 -7.02
C ALA B 446 71.70 12.33 -6.64
N ILE B 447 71.22 11.45 -7.53
CA ILE B 447 71.35 10.01 -7.43
C ILE B 447 72.19 9.66 -8.66
N ILE B 448 73.41 9.25 -8.47
CA ILE B 448 74.33 8.88 -9.52
C ILE B 448 74.14 7.40 -9.83
N VAL B 449 73.93 7.04 -11.11
CA VAL B 449 73.71 5.64 -11.49
C VAL B 449 74.62 5.26 -12.63
N LEU B 450 75.35 4.15 -12.51
CA LEU B 450 76.15 3.65 -13.63
C LEU B 450 75.23 2.74 -14.40
N THR B 451 75.04 3.02 -15.68
CA THR B 451 74.12 2.22 -16.48
C THR B 451 74.66 1.93 -17.87
N LYS B 452 74.42 0.72 -18.39
CA LYS B 452 74.86 0.36 -19.73
C LYS B 452 73.73 0.60 -20.74
N SER B 453 72.55 0.07 -20.43
CA SER B 453 71.35 0.17 -21.26
C SER B 453 70.37 1.26 -20.82
N GLY B 454 70.58 1.84 -19.63
CA GLY B 454 69.70 2.86 -19.09
C GLY B 454 68.69 2.32 -18.10
N ARG B 455 68.36 1.02 -18.16
CA ARG B 455 67.34 0.39 -17.30
C ARG B 455 67.46 0.72 -15.81
N SER B 456 68.67 0.76 -15.26
CA SER B 456 68.92 1.10 -13.86
C SER B 456 68.50 2.52 -13.55
N ALA B 457 68.79 3.47 -14.45
CA ALA B 457 68.40 4.85 -14.23
C ALA B 457 66.88 5.00 -14.42
N HIS B 458 66.28 4.23 -15.36
CA HIS B 458 64.84 4.23 -15.62
C HIS B 458 64.08 3.70 -14.41
N GLN B 459 64.62 2.68 -13.75
CA GLN B 459 64.00 2.10 -12.57
C GLN B 459 63.99 3.07 -11.39
N VAL B 460 64.96 3.99 -11.32
CA VAL B 460 64.97 5.05 -10.30
C VAL B 460 63.98 6.15 -10.69
N ALA B 461 63.96 6.52 -11.99
CA ALA B 461 63.08 7.58 -12.50
C ALA B 461 61.59 7.28 -12.30
N ARG B 462 61.16 6.03 -12.41
CA ARG B 462 59.74 5.68 -12.19
C ARG B 462 59.28 5.98 -10.74
N TYR B 463 60.21 6.20 -9.80
CA TYR B 463 59.84 6.54 -8.44
C TYR B 463 59.81 8.05 -8.18
N ARG B 464 60.08 8.87 -9.22
CA ARG B 464 60.01 10.32 -9.19
C ARG B 464 60.77 11.00 -8.05
N PRO B 465 62.08 10.79 -7.94
CA PRO B 465 62.83 11.52 -6.91
C PRO B 465 62.85 13.02 -7.22
N ARG B 466 63.03 13.83 -6.19
CA ARG B 466 63.17 15.27 -6.35
CA ARG B 466 63.17 15.27 -6.34
C ARG B 466 64.59 15.50 -6.91
N ALA B 467 65.60 14.76 -6.39
CA ALA B 467 67.01 14.82 -6.80
C ALA B 467 67.23 14.38 -8.25
N PRO B 468 68.04 15.13 -9.02
CA PRO B 468 68.34 14.71 -10.41
C PRO B 468 69.10 13.38 -10.44
N ILE B 469 68.88 12.59 -11.48
CA ILE B 469 69.54 11.30 -11.63
C ILE B 469 70.63 11.47 -12.65
N ILE B 470 71.90 11.39 -12.23
CA ILE B 470 73.01 11.52 -13.17
C ILE B 470 73.37 10.10 -13.64
N ALA B 471 72.91 9.74 -14.83
CA ALA B 471 73.16 8.40 -15.38
C ALA B 471 74.45 8.40 -16.21
N VAL B 472 75.50 7.73 -15.72
CA VAL B 472 76.79 7.67 -16.38
C VAL B 472 76.78 6.44 -17.28
N THR B 473 77.03 6.66 -18.56
CA THR B 473 77.04 5.57 -19.51
C THR B 473 78.16 5.75 -20.50
N ARG B 474 78.63 4.62 -21.03
CA ARG B 474 79.57 4.63 -22.15
C ARG B 474 78.81 4.44 -23.48
N ASN B 475 77.53 4.02 -23.44
CA ASN B 475 76.73 3.81 -24.64
C ASN B 475 76.10 5.13 -25.07
N PRO B 476 76.50 5.64 -26.25
CA PRO B 476 75.94 6.91 -26.72
C PRO B 476 74.45 6.87 -27.02
N GLN B 477 73.90 5.73 -27.47
CA GLN B 477 72.46 5.62 -27.72
C GLN B 477 71.67 5.63 -26.41
N THR B 478 72.21 5.01 -25.35
CA THR B 478 71.62 4.99 -24.02
C THR B 478 71.54 6.46 -23.51
N ALA B 479 72.61 7.24 -23.75
CA ALA B 479 72.66 8.63 -23.34
C ALA B 479 71.57 9.44 -24.05
N ARG B 480 71.39 9.22 -25.36
CA ARG B 480 70.39 9.97 -26.10
C ARG B 480 68.97 9.57 -25.64
N GLN B 481 68.71 8.27 -25.56
CA GLN B 481 67.43 7.76 -25.12
C GLN B 481 67.03 8.11 -23.68
N ALA B 482 67.99 8.45 -22.80
CA ALA B 482 67.70 8.77 -21.40
C ALA B 482 66.81 9.99 -21.23
N HIS B 483 66.80 10.90 -22.23
CA HIS B 483 65.97 12.09 -22.23
C HIS B 483 64.46 11.81 -22.20
N LEU B 484 64.06 10.58 -22.56
CA LEU B 484 62.66 10.17 -22.51
C LEU B 484 62.17 9.93 -21.08
N TYR B 485 63.05 9.92 -20.08
CA TYR B 485 62.68 9.60 -18.71
C TYR B 485 62.88 10.79 -17.82
N ARG B 486 61.80 11.22 -17.15
CA ARG B 486 61.88 12.37 -16.27
C ARG B 486 62.97 12.24 -15.19
N GLY B 487 63.79 13.26 -15.13
CA GLY B 487 64.83 13.38 -14.11
C GLY B 487 66.19 12.83 -14.43
N ILE B 488 66.39 12.23 -15.60
CA ILE B 488 67.69 11.64 -15.94
C ILE B 488 68.59 12.60 -16.69
N PHE B 489 69.81 12.83 -16.17
CA PHE B 489 70.83 13.67 -16.78
C PHE B 489 71.90 12.73 -17.29
N PRO B 490 71.81 12.38 -18.58
CA PRO B 490 72.74 11.39 -19.12
C PRO B 490 74.11 11.97 -19.43
N VAL B 491 75.16 11.34 -18.86
CA VAL B 491 76.51 11.82 -19.11
C VAL B 491 77.32 10.73 -19.76
N LEU B 492 77.90 11.06 -20.91
CA LEU B 492 78.64 10.12 -21.72
C LEU B 492 80.11 10.07 -21.35
N CYS B 493 80.53 8.97 -20.77
CA CYS B 493 81.91 8.78 -20.36
C CYS B 493 82.74 8.34 -21.55
N LYS B 494 83.82 9.08 -21.83
CA LYS B 494 84.69 8.75 -22.96
C LYS B 494 86.04 8.15 -22.53
N ASP B 495 86.35 8.16 -21.22
CA ASP B 495 87.58 7.59 -20.67
C ASP B 495 87.64 6.09 -21.01
N PRO B 496 88.83 5.58 -21.40
CA PRO B 496 88.92 4.16 -21.75
C PRO B 496 88.70 3.25 -20.55
N VAL B 497 88.22 2.03 -20.80
CA VAL B 497 87.94 1.07 -19.75
C VAL B 497 89.22 0.67 -19.00
N GLN B 498 89.23 0.86 -17.67
CA GLN B 498 90.38 0.49 -16.86
C GLN B 498 90.41 -1.03 -16.68
N GLU B 499 91.60 -1.63 -16.63
CA GLU B 499 91.72 -3.08 -16.46
C GLU B 499 91.25 -3.54 -15.08
N ALA B 500 91.34 -2.69 -14.05
CA ALA B 500 90.86 -3.06 -12.72
C ALA B 500 89.41 -2.55 -12.67
N TRP B 501 88.44 -3.47 -12.66
CA TRP B 501 87.04 -3.08 -12.72
C TRP B 501 86.63 -2.09 -11.61
N ALA B 502 87.11 -2.27 -10.37
CA ALA B 502 86.81 -1.35 -9.26
C ALA B 502 87.27 0.07 -9.59
N GLU B 503 88.41 0.21 -10.24
CA GLU B 503 88.94 1.49 -10.66
C GLU B 503 88.07 2.11 -11.74
N ASP B 504 87.56 1.30 -12.67
CA ASP B 504 86.70 1.77 -13.75
C ASP B 504 85.37 2.31 -13.19
N VAL B 505 84.83 1.63 -12.15
CA VAL B 505 83.61 2.07 -11.50
C VAL B 505 83.88 3.40 -10.77
N ASP B 506 84.96 3.45 -9.99
CA ASP B 506 85.33 4.65 -9.24
C ASP B 506 85.64 5.85 -10.14
N LEU B 507 86.13 5.59 -11.35
CA LEU B 507 86.44 6.59 -12.35
C LEU B 507 85.12 7.22 -12.82
N ARG B 508 84.12 6.38 -13.14
CA ARG B 508 82.81 6.85 -13.57
C ARG B 508 82.03 7.59 -12.47
N VAL B 509 82.24 7.20 -11.20
CA VAL B 509 81.60 7.89 -10.09
C VAL B 509 82.21 9.29 -9.95
N ASN B 510 83.55 9.41 -10.09
CA ASN B 510 84.22 10.72 -10.03
C ASN B 510 83.82 11.64 -11.18
N PHE B 511 83.57 11.09 -12.35
CA PHE B 511 83.08 11.83 -13.50
C PHE B 511 81.71 12.43 -13.19
N ALA B 512 80.80 11.65 -12.57
CA ALA B 512 79.47 12.13 -12.20
C ALA B 512 79.57 13.24 -11.15
N MET B 513 80.55 13.14 -10.23
CA MET B 513 80.78 14.15 -9.21
C MET B 513 81.24 15.45 -9.87
N ASN B 514 82.12 15.36 -10.88
CA ASN B 514 82.63 16.55 -11.54
C ASN B 514 81.54 17.20 -12.39
N VAL B 515 80.69 16.39 -13.05
CA VAL B 515 79.57 16.91 -13.84
C VAL B 515 78.59 17.66 -12.91
N GLY B 516 78.24 17.06 -11.78
CA GLY B 516 77.33 17.66 -10.83
C GLY B 516 77.85 18.94 -10.21
N LYS B 517 79.14 18.98 -9.91
CA LYS B 517 79.78 20.17 -9.35
C LYS B 517 79.81 21.31 -10.41
N ALA B 518 80.22 20.99 -11.67
CA ALA B 518 80.31 21.97 -12.75
C ALA B 518 78.98 22.48 -13.23
N ARG B 519 77.94 21.66 -13.16
CA ARG B 519 76.62 22.06 -13.61
C ARG B 519 75.78 22.69 -12.49
N GLY B 520 76.34 22.84 -11.28
CA GLY B 520 75.68 23.49 -10.17
C GLY B 520 74.65 22.68 -9.41
N PHE B 521 74.66 21.35 -9.59
CA PHE B 521 73.73 20.43 -8.92
C PHE B 521 74.05 20.28 -7.44
N PHE B 522 75.34 20.29 -7.11
CA PHE B 522 75.83 20.11 -5.76
C PHE B 522 77.27 20.61 -5.66
N LYS B 523 77.80 20.62 -4.43
CA LYS B 523 79.16 21.03 -4.18
C LYS B 523 79.82 20.07 -3.16
N LYS B 524 81.15 20.20 -2.95
CA LYS B 524 81.90 19.38 -2.02
C LYS B 524 81.26 19.40 -0.62
N GLY B 525 81.03 18.23 -0.06
CA GLY B 525 80.42 18.10 1.25
C GLY B 525 78.94 17.76 1.22
N ASP B 526 78.28 18.03 0.11
CA ASP B 526 76.87 17.67 -0.03
C ASP B 526 76.73 16.14 -0.05
N VAL B 527 75.55 15.62 0.25
CA VAL B 527 75.32 14.19 0.26
C VAL B 527 74.71 13.76 -1.08
N VAL B 528 75.19 12.66 -1.67
CA VAL B 528 74.66 12.09 -2.90
C VAL B 528 74.49 10.56 -2.77
N ILE B 529 73.61 9.98 -3.60
CA ILE B 529 73.37 8.55 -3.58
C ILE B 529 74.05 7.95 -4.80
N VAL B 530 74.85 6.91 -4.66
CA VAL B 530 75.51 6.27 -5.79
C VAL B 530 75.01 4.81 -5.98
N LEU B 531 74.55 4.48 -7.20
CA LEU B 531 74.10 3.14 -7.54
C LEU B 531 75.06 2.45 -8.49
N THR B 532 75.55 1.29 -8.06
CA THR B 532 76.44 0.45 -8.86
C THR B 532 75.96 -1.03 -8.75
N GLY B 533 76.62 -1.91 -9.49
CA GLY B 533 76.32 -3.34 -9.46
C GLY B 533 77.47 -4.16 -8.91
N TRP B 534 77.24 -5.46 -8.78
CA TRP B 534 78.24 -6.37 -8.24
C TRP B 534 79.21 -6.94 -9.27
N ARG B 535 78.91 -6.83 -10.57
CA ARG B 535 79.80 -7.29 -11.65
C ARG B 535 79.55 -6.51 -12.94
N PRO B 536 80.47 -6.52 -13.93
CA PRO B 536 80.19 -5.81 -15.19
C PRO B 536 79.00 -6.40 -15.97
N GLY B 537 78.46 -5.63 -16.91
CA GLY B 537 77.31 -6.05 -17.72
C GLY B 537 75.99 -5.51 -17.16
N SER B 538 74.92 -5.49 -17.98
CA SER B 538 73.61 -5.01 -17.53
C SER B 538 72.93 -6.03 -16.65
N GLY B 539 72.11 -5.55 -15.73
CA GLY B 539 71.27 -6.39 -14.89
C GLY B 539 71.75 -6.64 -13.49
N PHE B 540 72.88 -6.05 -13.09
CA PHE B 540 73.45 -6.36 -11.78
C PHE B 540 73.44 -5.24 -10.78
N THR B 541 72.71 -4.14 -11.02
CA THR B 541 72.65 -3.04 -10.05
C THR B 541 71.99 -3.50 -8.78
N ASN B 542 72.75 -3.59 -7.71
CA ASN B 542 72.21 -4.04 -6.42
C ASN B 542 72.84 -3.27 -5.24
N THR B 543 73.66 -2.25 -5.50
CA THR B 543 74.42 -1.55 -4.47
C THR B 543 74.09 -0.08 -4.40
N MET B 544 73.71 0.39 -3.22
CA MET B 544 73.41 1.81 -2.97
C MET B 544 74.35 2.37 -1.91
N ARG B 545 74.98 3.51 -2.18
CA ARG B 545 75.83 4.17 -1.21
C ARG B 545 75.35 5.59 -0.96
N VAL B 546 75.41 6.05 0.28
CA VAL B 546 75.07 7.42 0.62
C VAL B 546 76.43 7.99 0.94
N VAL B 547 76.92 8.86 0.04
CA VAL B 547 78.27 9.36 0.13
C VAL B 547 78.38 10.88 -0.01
N PRO B 548 79.29 11.52 0.75
CA PRO B 548 79.49 12.96 0.59
C PRO B 548 80.35 13.26 -0.66
N VAL B 549 80.09 14.40 -1.30
CA VAL B 549 80.82 14.83 -2.49
C VAL B 549 82.26 15.25 -2.11
N PRO B 550 83.28 14.69 -2.77
CA PRO B 550 84.66 15.04 -2.41
C PRO B 550 85.26 16.23 -3.20
N ALA C 30 40.01 25.50 27.45
CA ALA C 30 40.37 24.24 28.09
C ALA C 30 39.51 23.05 27.64
N PHE C 31 38.71 23.21 26.58
CA PHE C 31 37.85 22.14 26.06
C PHE C 31 38.71 21.03 25.45
N ILE C 32 39.76 21.43 24.70
CA ILE C 32 40.72 20.53 24.05
C ILE C 32 41.49 19.71 25.10
N GLN C 33 41.69 20.27 26.32
CA GLN C 33 42.32 19.56 27.44
C GLN C 33 41.41 18.46 28.05
N THR C 34 40.23 18.20 27.46
CA THR C 34 39.28 17.19 27.91
C THR C 34 38.95 16.19 26.77
N GLN C 35 38.49 14.99 27.16
CA GLN C 35 38.03 13.91 26.28
C GLN C 35 39.03 13.47 25.19
N GLN C 36 40.35 13.67 25.40
CA GLN C 36 41.41 13.36 24.44
C GLN C 36 41.26 14.11 23.09
N LEU C 37 40.75 15.34 23.11
CA LEU C 37 40.56 16.10 21.88
C LEU C 37 41.86 16.55 21.23
N HIS C 38 42.95 16.68 22.03
CA HIS C 38 44.25 17.00 21.46
C HIS C 38 44.72 15.81 20.62
N ALA C 39 44.58 14.58 21.16
CA ALA C 39 44.92 13.34 20.45
C ALA C 39 43.96 13.14 19.25
N ALA C 40 42.68 13.54 19.38
CA ALA C 40 41.68 13.45 18.33
C ALA C 40 42.05 14.27 17.11
N MET C 41 42.65 15.44 17.31
CA MET C 41 43.06 16.32 16.21
C MET C 41 44.33 15.87 15.45
N ALA C 42 44.98 14.77 15.84
CA ALA C 42 46.23 14.38 15.19
C ALA C 42 46.07 13.83 13.78
N ASP C 43 46.96 14.23 12.87
CA ASP C 43 47.01 13.81 11.46
C ASP C 43 47.55 12.36 11.27
N THR C 44 48.23 11.79 12.29
CA THR C 44 48.71 10.41 12.21
C THR C 44 48.29 9.61 13.45
N PHE C 45 48.19 8.28 13.30
CA PHE C 45 47.89 7.38 14.42
C PHE C 45 49.06 7.39 15.42
N LEU C 46 50.31 7.42 14.93
CA LEU C 46 51.47 7.49 15.80
C LEU C 46 51.44 8.80 16.62
N GLU C 47 51.12 9.94 16.00
CA GLU C 47 50.98 11.20 16.73
C GLU C 47 49.77 11.16 17.69
N HIS C 48 48.69 10.46 17.31
CA HIS C 48 47.52 10.32 18.14
C HIS C 48 47.88 9.55 19.43
N MET C 49 48.74 8.53 19.32
CA MET C 49 49.20 7.74 20.46
C MET C 49 50.05 8.64 21.39
N CYS C 50 51.00 9.41 20.79
CA CYS C 50 51.89 10.33 21.49
C CYS C 50 51.16 11.40 22.27
N ARG C 51 49.97 11.79 21.81
CA ARG C 51 49.18 12.81 22.49
C ARG C 51 48.22 12.25 23.52
N LEU C 52 48.14 10.92 23.73
CA LEU C 52 47.24 10.37 24.75
C LEU C 52 47.60 10.92 26.16
N ASP C 53 46.62 11.51 26.83
CA ASP C 53 46.86 12.22 28.08
C ASP C 53 46.09 11.68 29.29
N ILE C 54 46.81 11.26 30.35
CA ILE C 54 46.14 10.80 31.57
C ILE C 54 45.42 11.93 32.30
N ASP C 55 45.79 13.19 32.00
CA ASP C 55 45.15 14.36 32.59
C ASP C 55 44.05 14.94 31.72
N SER C 56 43.53 14.19 30.74
CA SER C 56 42.47 14.65 29.87
C SER C 56 41.27 13.85 30.33
N PRO C 57 40.39 14.44 31.14
CA PRO C 57 39.29 13.65 31.72
C PRO C 57 38.22 13.30 30.70
N PRO C 58 37.65 12.09 30.78
CA PRO C 58 36.61 11.72 29.82
C PRO C 58 35.25 12.34 30.12
N ILE C 59 34.32 12.25 29.15
CA ILE C 59 32.95 12.71 29.33
C ILE C 59 32.23 11.75 30.31
N THR C 60 31.08 12.17 30.86
CA THR C 60 30.32 11.30 31.76
C THR C 60 29.80 10.05 31.02
N ALA C 61 29.46 10.20 29.72
CA ALA C 61 28.91 9.12 28.90
C ALA C 61 29.81 7.90 28.73
N ARG C 62 29.23 6.70 28.86
CA ARG C 62 29.93 5.44 28.68
C ARG C 62 29.18 4.56 27.67
N ASN C 63 29.61 4.62 26.43
CA ASN C 63 29.09 3.98 25.23
C ASN C 63 29.09 2.44 25.17
N THR C 64 30.13 1.77 25.65
CA THR C 64 30.21 0.32 25.58
C THR C 64 29.28 -0.32 26.61
N GLY C 65 28.51 -1.31 26.18
CA GLY C 65 27.57 -2.01 27.05
C GLY C 65 28.25 -3.05 27.89
N ILE C 66 27.77 -3.20 29.13
CA ILE C 66 28.32 -4.18 30.05
C ILE C 66 27.32 -5.31 30.28
N ILE C 67 27.73 -6.54 29.92
CA ILE C 67 26.93 -7.73 30.09
C ILE C 67 27.44 -8.51 31.29
N CYS C 68 26.64 -8.68 32.36
CA CYS C 68 27.08 -9.44 33.53
C CYS C 68 26.37 -10.78 33.61
N THR C 69 27.12 -11.84 33.87
CA THR C 69 26.54 -13.16 34.05
C THR C 69 25.99 -13.19 35.47
N ILE C 70 24.71 -13.52 35.63
CA ILE C 70 24.10 -13.58 36.97
C ILE C 70 24.30 -14.98 37.55
N GLY C 71 24.62 -15.03 38.85
CA GLY C 71 24.84 -16.30 39.55
C GLY C 71 24.70 -16.15 41.05
N PRO C 72 25.17 -17.13 41.84
CA PRO C 72 25.00 -17.04 43.31
C PRO C 72 25.51 -15.74 43.96
N ALA C 73 26.54 -15.09 43.39
CA ALA C 73 27.06 -13.84 43.94
C ALA C 73 26.26 -12.59 43.57
N SER C 74 25.34 -12.69 42.61
CA SER C 74 24.61 -11.53 42.12
C SER C 74 23.12 -11.76 41.86
N ARG C 75 22.60 -12.94 42.21
CA ARG C 75 21.22 -13.36 41.98
C ARG C 75 20.18 -12.59 42.79
N SER C 76 20.57 -11.98 43.92
CA SER C 76 19.60 -11.26 44.74
C SER C 76 19.21 -9.92 44.13
N VAL C 77 17.98 -9.46 44.44
CA VAL C 77 17.43 -8.17 44.02
C VAL C 77 18.32 -7.06 44.61
N GLU C 78 18.79 -7.21 45.86
CA GLU C 78 19.68 -6.27 46.51
C GLU C 78 20.96 -6.04 45.72
N THR C 79 21.61 -7.12 45.27
CA THR C 79 22.85 -7.01 44.52
C THR C 79 22.56 -6.59 43.06
N LEU C 80 21.42 -7.02 42.50
CA LEU C 80 21.00 -6.66 41.14
C LEU C 80 20.67 -5.17 41.00
N LYS C 81 20.15 -4.52 42.04
CA LYS C 81 19.90 -3.08 42.01
C LYS C 81 21.25 -2.35 41.92
N GLU C 82 22.23 -2.81 42.72
CA GLU C 82 23.58 -2.27 42.76
C GLU C 82 24.37 -2.57 41.47
N MET C 83 23.99 -3.64 40.73
CA MET C 83 24.61 -3.96 39.45
C MET C 83 24.17 -2.87 38.46
N ILE C 84 22.86 -2.53 38.44
CA ILE C 84 22.28 -1.52 37.57
C ILE C 84 22.83 -0.14 37.87
N LYS C 85 23.01 0.18 39.14
CA LYS C 85 23.59 1.46 39.53
C LYS C 85 25.05 1.57 39.12
N SER C 86 25.80 0.46 39.25
CA SER C 86 27.22 0.40 38.89
C SER C 86 27.49 0.39 37.38
N GLY C 87 26.49 0.03 36.58
CA GLY C 87 26.63 0.06 35.14
C GLY C 87 26.16 -1.11 34.31
N MET C 88 25.55 -2.13 34.94
CA MET C 88 25.09 -3.30 34.18
C MET C 88 23.95 -2.94 33.23
N ASN C 89 24.08 -3.40 31.99
CA ASN C 89 23.11 -3.14 30.93
C ASN C 89 22.35 -4.40 30.51
N VAL C 90 23.03 -5.57 30.52
CA VAL C 90 22.47 -6.84 30.12
C VAL C 90 22.76 -7.89 31.17
N ALA C 91 21.73 -8.63 31.62
CA ALA C 91 21.93 -9.72 32.55
C ALA C 91 21.98 -11.01 31.72
N ARG C 92 23.11 -11.71 31.75
CA ARG C 92 23.30 -12.97 31.02
C ARG C 92 22.96 -14.16 31.94
N LEU C 93 22.04 -15.01 31.50
CA LEU C 93 21.69 -16.20 32.25
C LEU C 93 22.33 -17.39 31.52
N ASN C 94 23.16 -18.13 32.23
CA ASN C 94 23.88 -19.25 31.66
C ASN C 94 23.07 -20.54 31.80
N PHE C 95 22.66 -21.13 30.67
CA PHE C 95 21.88 -22.37 30.71
C PHE C 95 22.72 -23.65 30.73
N SER C 96 24.05 -23.53 30.92
CA SER C 96 24.90 -24.73 31.07
C SER C 96 24.59 -25.46 32.38
N HIS C 97 24.11 -24.70 33.40
CA HIS C 97 23.74 -25.12 34.74
C HIS C 97 22.33 -24.58 35.07
N GLY C 98 21.70 -25.12 36.09
CA GLY C 98 20.40 -24.64 36.54
C GLY C 98 19.21 -25.12 35.75
N THR C 99 18.10 -25.28 36.46
CA THR C 99 16.83 -25.71 35.89
C THR C 99 16.02 -24.49 35.40
N HIS C 100 14.88 -24.74 34.73
CA HIS C 100 14.02 -23.66 34.27
C HIS C 100 13.47 -22.88 35.48
N GLU C 101 13.14 -23.60 36.57
CA GLU C 101 12.66 -23.03 37.83
C GLU C 101 13.65 -22.00 38.37
N TYR C 102 14.95 -22.36 38.37
CA TYR C 102 16.04 -21.51 38.85
C TYR C 102 16.17 -20.24 37.99
N HIS C 103 16.14 -20.39 36.66
CA HIS C 103 16.28 -19.25 35.77
C HIS C 103 15.04 -18.35 35.72
N ALA C 104 13.86 -18.89 36.06
CA ALA C 104 12.64 -18.08 36.09
C ALA C 104 12.70 -17.09 37.25
N GLU C 105 13.25 -17.52 38.39
CA GLU C 105 13.40 -16.68 39.57
C GLU C 105 14.45 -15.59 39.28
N THR C 106 15.55 -15.96 38.62
CA THR C 106 16.60 -15.01 38.25
C THR C 106 16.03 -13.88 37.38
N ILE C 107 15.24 -14.23 36.35
CA ILE C 107 14.61 -13.27 35.45
C ILE C 107 13.67 -12.35 36.24
N LYS C 108 12.94 -12.93 37.20
CA LYS C 108 12.00 -12.22 38.07
C LYS C 108 12.75 -11.17 38.91
N ASN C 109 13.87 -11.56 39.53
CA ASN C 109 14.68 -10.64 40.34
C ASN C 109 15.32 -9.55 39.46
N VAL C 110 15.74 -9.88 38.23
CA VAL C 110 16.31 -8.89 37.31
C VAL C 110 15.23 -7.86 36.96
N ARG C 111 14.02 -8.34 36.64
CA ARG C 111 12.90 -7.45 36.35
C ARG C 111 12.42 -6.68 37.58
N THR C 112 12.63 -7.22 38.78
CA THR C 112 12.24 -6.56 40.02
C THR C 112 13.21 -5.41 40.29
N ALA C 113 14.52 -5.71 40.26
CA ALA C 113 15.55 -4.70 40.48
C ALA C 113 15.47 -3.61 39.40
N THR C 114 15.16 -3.98 38.14
CA THR C 114 15.03 -3.02 37.05
C THR C 114 13.83 -2.08 37.28
N GLU C 115 12.66 -2.64 37.59
CA GLU C 115 11.46 -1.85 37.81
C GLU C 115 11.47 -1.09 39.14
N SER C 116 12.45 -1.34 40.05
CA SER C 116 12.55 -0.53 41.27
C SER C 116 12.98 0.93 40.95
N PHE C 117 13.41 1.21 39.71
CA PHE C 117 13.80 2.54 39.26
C PHE C 117 12.79 3.15 38.24
N ALA C 118 11.74 2.39 37.84
CA ALA C 118 10.74 2.84 36.87
C ALA C 118 9.97 4.09 37.27
N SER C 119 9.80 4.31 38.59
CA SER C 119 9.11 5.47 39.18
C SER C 119 9.57 6.80 38.60
N ASP C 120 10.90 6.98 38.37
CA ASP C 120 11.39 8.19 37.73
C ASP C 120 11.96 7.84 36.34
N PRO C 121 11.21 8.18 35.28
CA PRO C 121 11.69 7.87 33.91
C PRO C 121 12.99 8.56 33.50
N ILE C 122 13.28 9.74 34.06
CA ILE C 122 14.51 10.47 33.73
C ILE C 122 15.78 9.68 34.11
N LEU C 123 15.69 8.87 35.18
CA LEU C 123 16.81 8.07 35.66
C LEU C 123 16.70 6.56 35.38
N TYR C 124 15.54 6.10 34.89
CA TYR C 124 15.31 4.68 34.57
C TYR C 124 16.28 4.21 33.49
N ARG C 125 16.91 3.07 33.73
CA ARG C 125 17.82 2.50 32.76
C ARG C 125 17.33 1.10 32.36
N PRO C 126 16.87 0.93 31.11
CA PRO C 126 16.40 -0.39 30.69
C PRO C 126 17.49 -1.46 30.81
N VAL C 127 17.16 -2.64 31.35
CA VAL C 127 18.14 -3.71 31.50
C VAL C 127 17.68 -4.90 30.68
N ALA C 128 18.51 -5.37 29.74
CA ALA C 128 18.15 -6.49 28.89
C ALA C 128 18.40 -7.85 29.57
N VAL C 129 17.77 -8.90 29.05
CA VAL C 129 17.95 -10.24 29.58
C VAL C 129 18.41 -11.10 28.42
N ALA C 130 19.52 -11.82 28.61
CA ALA C 130 20.07 -12.67 27.58
C ALA C 130 20.15 -14.11 28.09
N LEU C 131 19.85 -15.05 27.20
CA LEU C 131 19.84 -16.47 27.49
C LEU C 131 21.00 -17.09 26.74
N ASP C 132 21.96 -17.64 27.45
CA ASP C 132 23.13 -18.26 26.83
C ASP C 132 22.85 -19.76 26.87
N THR C 133 22.74 -20.41 25.70
CA THR C 133 22.43 -21.83 25.66
C THR C 133 23.57 -22.71 26.17
N LYS C 134 23.26 -23.94 26.58
CA LYS C 134 24.29 -24.89 26.99
C LYS C 134 25.06 -25.30 25.71
N GLY C 135 24.34 -25.72 24.68
CA GLY C 135 24.92 -26.13 23.41
C GLY C 135 25.61 -27.49 23.46
N PRO C 136 26.36 -27.87 22.41
CA PRO C 136 27.08 -29.16 22.44
C PRO C 136 28.28 -29.12 23.38
N GLU C 137 28.01 -29.29 24.66
CA GLU C 137 28.96 -29.21 25.76
C GLU C 137 29.25 -30.60 26.29
N ILE C 138 30.48 -30.84 26.74
CA ILE C 138 30.86 -32.14 27.30
C ILE C 138 31.17 -31.90 28.76
N ARG C 139 30.48 -32.59 29.66
CA ARG C 139 30.70 -32.37 31.09
C ARG C 139 31.08 -33.63 31.83
N THR C 140 31.89 -33.47 32.88
CA THR C 140 32.25 -34.59 33.74
C THR C 140 31.10 -34.81 34.76
N GLY C 141 31.17 -35.89 35.55
CA GLY C 141 30.17 -36.16 36.56
C GLY C 141 30.54 -35.59 37.91
N LEU C 142 29.94 -36.14 38.97
CA LEU C 142 30.18 -35.68 40.33
C LEU C 142 31.37 -36.38 40.94
N ILE C 143 32.20 -35.63 41.67
CA ILE C 143 33.32 -36.19 42.41
C ILE C 143 32.71 -36.69 43.71
N LYS C 144 32.81 -38.00 43.96
CA LYS C 144 32.33 -38.67 45.16
C LYS C 144 30.91 -38.29 45.58
N GLY C 145 30.01 -38.22 44.60
CA GLY C 145 28.60 -37.90 44.84
C GLY C 145 28.32 -36.46 45.21
N SER C 146 29.36 -35.62 45.36
CA SER C 146 29.20 -34.25 45.77
C SER C 146 29.44 -33.26 44.65
N GLY C 147 28.76 -32.13 44.72
CA GLY C 147 28.90 -31.05 43.76
C GLY C 147 30.08 -30.15 44.05
N THR C 148 30.47 -30.04 45.32
CA THR C 148 31.60 -29.18 45.70
C THR C 148 32.93 -29.95 45.91
N ALA C 149 32.88 -31.29 45.93
CA ALA C 149 34.07 -32.09 46.17
C ALA C 149 35.11 -31.97 45.05
N GLU C 150 36.38 -31.96 45.45
CA GLU C 150 37.53 -31.86 44.54
C GLU C 150 38.59 -32.91 44.91
N VAL C 151 39.37 -33.34 43.91
CA VAL C 151 40.47 -34.29 44.13
C VAL C 151 41.75 -33.76 43.46
N GLU C 152 42.94 -34.15 43.95
CA GLU C 152 44.20 -33.73 43.35
C GLU C 152 44.70 -34.70 42.29
N LEU C 153 44.83 -34.25 41.04
CA LEU C 153 45.40 -35.09 39.99
C LEU C 153 46.88 -34.74 39.92
N LYS C 154 47.76 -35.76 39.93
CA LYS C 154 49.20 -35.49 39.86
C LYS C 154 49.74 -35.74 38.45
N LYS C 155 50.81 -35.02 38.07
CA LYS C 155 51.47 -35.14 36.77
C LYS C 155 52.02 -36.55 36.58
N GLY C 156 51.77 -37.15 35.42
CA GLY C 156 52.23 -38.50 35.09
C GLY C 156 51.33 -39.62 35.57
N ALA C 157 50.35 -39.32 36.43
CA ALA C 157 49.46 -40.33 36.97
C ALA C 157 48.43 -40.85 35.93
N THR C 158 47.85 -42.02 36.20
CA THR C 158 46.87 -42.61 35.30
C THR C 158 45.47 -42.16 35.68
N LEU C 159 44.62 -41.89 34.70
CA LEU C 159 43.25 -41.50 34.94
C LEU C 159 42.41 -42.20 33.89
N LYS C 160 41.47 -43.05 34.32
CA LYS C 160 40.61 -43.76 33.38
C LYS C 160 39.34 -42.96 33.16
N ILE C 161 39.02 -42.68 31.90
CA ILE C 161 37.80 -41.99 31.56
C ILE C 161 36.78 -43.08 31.20
N THR C 162 35.63 -43.06 31.86
CA THR C 162 34.60 -44.06 31.62
C THR C 162 33.33 -43.45 31.07
N LEU C 163 32.57 -44.26 30.35
CA LEU C 163 31.26 -43.89 29.85
C LEU C 163 30.13 -44.63 30.64
N ASP C 164 30.50 -45.60 31.53
CA ASP C 164 29.61 -46.41 32.38
C ASP C 164 28.91 -45.54 33.39
N ASN C 165 27.58 -45.43 33.29
CA ASN C 165 26.77 -44.57 34.14
C ASN C 165 26.76 -44.95 35.62
N ALA C 166 27.30 -46.12 36.00
CA ALA C 166 27.39 -46.47 37.43
C ALA C 166 28.50 -45.65 38.17
N TYR C 167 29.34 -44.92 37.40
CA TYR C 167 30.40 -44.05 37.91
C TYR C 167 30.08 -42.54 37.73
N MET C 168 28.88 -42.21 37.20
CA MET C 168 28.34 -40.88 36.95
C MET C 168 28.44 -39.95 38.18
N GLU C 169 28.16 -40.48 39.37
CA GLU C 169 28.27 -39.70 40.60
C GLU C 169 29.27 -40.34 41.56
N LYS C 170 30.34 -40.96 41.02
CA LYS C 170 31.39 -41.65 41.77
C LYS C 170 32.79 -41.37 41.17
N CYS C 171 33.00 -40.17 40.61
CA CYS C 171 34.30 -39.82 40.06
C CYS C 171 35.30 -39.58 41.21
N ASP C 172 36.60 -39.79 40.91
CA ASP C 172 37.71 -39.54 41.84
C ASP C 172 39.05 -39.41 41.04
N GLU C 173 40.22 -39.56 41.70
CA GLU C 173 41.52 -39.44 41.04
C GLU C 173 41.86 -40.61 40.08
N ASN C 174 41.13 -41.73 40.18
CA ASN C 174 41.38 -42.91 39.34
C ASN C 174 40.37 -43.01 38.20
N ILE C 175 39.12 -42.60 38.45
CA ILE C 175 38.07 -42.76 37.45
C ILE C 175 37.27 -41.49 37.25
N LEU C 176 37.20 -41.04 36.01
CA LEU C 176 36.47 -39.84 35.64
C LEU C 176 35.38 -40.21 34.64
N TRP C 177 34.15 -39.77 34.87
CA TRP C 177 33.05 -40.07 33.97
C TRP C 177 32.68 -38.82 33.15
N LEU C 178 32.19 -38.99 31.92
CA LEU C 178 31.69 -37.88 31.13
C LEU C 178 30.45 -38.29 30.30
N ASP C 179 29.61 -37.32 29.94
CA ASP C 179 28.36 -37.57 29.22
C ASP C 179 28.47 -37.71 27.69
N TYR C 180 29.67 -37.58 27.11
CA TYR C 180 29.83 -37.70 25.67
C TYR C 180 30.13 -39.14 25.28
N LYS C 181 29.05 -39.92 25.02
CA LYS C 181 29.10 -41.33 24.67
C LYS C 181 29.87 -41.65 23.39
N ASN C 182 30.10 -40.66 22.53
CA ASN C 182 30.84 -40.90 21.28
C ASN C 182 32.29 -40.44 21.40
N ILE C 183 32.88 -40.45 22.61
CA ILE C 183 34.24 -39.94 22.80
C ILE C 183 35.34 -40.85 22.27
N CYS C 184 35.18 -42.17 22.36
CA CYS C 184 36.21 -43.11 21.92
C CYS C 184 36.39 -43.12 20.39
N LYS C 185 35.31 -42.88 19.66
CA LYS C 185 35.35 -42.84 18.20
C LYS C 185 35.93 -41.54 17.61
N VAL C 186 35.96 -40.44 18.39
CA VAL C 186 36.49 -39.16 17.88
C VAL C 186 37.93 -38.86 18.32
N VAL C 187 38.45 -39.57 19.33
CA VAL C 187 39.83 -39.36 19.79
C VAL C 187 40.68 -40.63 19.60
N GLU C 188 42.01 -40.48 19.59
CA GLU C 188 42.94 -41.60 19.44
C GLU C 188 44.12 -41.49 20.45
N VAL C 189 45.07 -42.45 20.45
CA VAL C 189 46.24 -42.41 21.33
C VAL C 189 47.07 -41.20 20.94
N GLY C 190 47.34 -40.33 21.89
CA GLY C 190 48.06 -39.09 21.64
C GLY C 190 47.17 -37.85 21.70
N SER C 191 45.84 -38.05 21.64
CA SER C 191 44.86 -36.97 21.71
C SER C 191 44.93 -36.30 23.08
N LYS C 192 44.67 -34.99 23.09
CA LYS C 192 44.68 -34.21 24.30
C LYS C 192 43.25 -33.88 24.69
N ILE C 193 42.92 -34.13 25.95
CA ILE C 193 41.60 -33.90 26.53
C ILE C 193 41.79 -32.82 27.60
N TYR C 194 41.04 -31.73 27.52
CA TYR C 194 41.17 -30.63 28.46
C TYR C 194 39.98 -30.58 29.37
N VAL C 195 40.22 -30.43 30.67
CA VAL C 195 39.16 -30.41 31.68
C VAL C 195 39.24 -29.10 32.49
N ASP C 196 38.08 -28.47 32.77
CA ASP C 196 37.95 -27.27 33.62
C ASP C 196 38.73 -26.07 33.08
N ASP C 197 38.11 -25.37 32.12
CA ASP C 197 38.71 -24.23 31.41
C ASP C 197 40.09 -24.56 30.84
N GLY C 198 40.30 -25.82 30.45
CA GLY C 198 41.55 -26.29 29.86
C GLY C 198 42.76 -26.23 30.78
N LEU C 199 42.54 -26.09 32.09
CA LEU C 199 43.64 -26.05 33.05
C LEU C 199 44.19 -27.46 33.23
N ILE C 200 43.32 -28.47 33.33
CA ILE C 200 43.77 -29.85 33.44
C ILE C 200 43.90 -30.43 32.05
N SER C 201 45.05 -31.05 31.73
CA SER C 201 45.24 -31.66 30.41
C SER C 201 45.61 -33.13 30.58
N LEU C 202 45.03 -33.99 29.73
CA LEU C 202 45.23 -35.43 29.73
C LEU C 202 45.66 -35.88 28.36
N GLN C 203 46.48 -36.92 28.27
CA GLN C 203 46.88 -37.47 26.98
C GLN C 203 46.45 -38.93 26.93
N VAL C 204 45.68 -39.28 25.90
CA VAL C 204 45.17 -40.64 25.71
C VAL C 204 46.31 -41.61 25.46
N LYS C 205 46.48 -42.61 26.32
CA LYS C 205 47.53 -43.60 26.15
C LYS C 205 47.00 -44.92 25.63
N GLN C 206 45.74 -45.27 25.96
CA GLN C 206 45.11 -46.50 25.50
C GLN C 206 43.62 -46.24 25.28
N LYS C 207 43.13 -46.47 24.07
CA LYS C 207 41.71 -46.28 23.76
C LYS C 207 41.02 -47.64 23.84
N GLY C 208 40.04 -47.75 24.74
CA GLY C 208 39.32 -48.99 24.95
C GLY C 208 37.94 -49.10 24.35
N ALA C 209 37.30 -50.27 24.53
CA ALA C 209 35.97 -50.61 24.02
C ALA C 209 34.86 -49.72 24.59
N ASP C 210 35.00 -49.32 25.86
CA ASP C 210 34.03 -48.45 26.54
C ASP C 210 34.72 -47.39 27.45
N PHE C 211 36.04 -47.21 27.31
CA PHE C 211 36.82 -46.36 28.18
C PHE C 211 38.06 -45.76 27.49
N LEU C 212 38.80 -44.90 28.21
CA LEU C 212 40.04 -44.30 27.72
C LEU C 212 41.04 -44.22 28.89
N VAL C 213 42.19 -44.89 28.78
CA VAL C 213 43.22 -44.81 29.81
C VAL C 213 44.13 -43.63 29.44
N THR C 214 44.18 -42.62 30.32
CA THR C 214 44.94 -41.40 30.04
C THR C 214 46.10 -41.18 31.03
N GLU C 215 47.02 -40.27 30.68
CA GLU C 215 48.11 -39.86 31.56
C GLU C 215 47.91 -38.36 31.85
N VAL C 216 47.92 -37.97 33.12
CA VAL C 216 47.72 -36.57 33.49
C VAL C 216 48.91 -35.73 33.08
N GLU C 217 48.75 -34.92 32.04
CA GLU C 217 49.82 -34.04 31.57
C GLU C 217 49.95 -32.84 32.54
N ASN C 218 48.87 -32.08 32.77
CA ASN C 218 48.87 -30.98 33.75
C ASN C 218 47.81 -31.34 34.79
N GLY C 219 48.18 -31.32 36.06
CA GLY C 219 47.26 -31.68 37.12
C GLY C 219 46.62 -30.54 37.88
N GLY C 220 46.32 -30.78 39.14
CA GLY C 220 45.66 -29.80 39.99
C GLY C 220 44.35 -30.30 40.54
N SER C 221 43.50 -29.38 40.99
CA SER C 221 42.20 -29.75 41.55
C SER C 221 41.11 -30.06 40.52
N LEU C 222 40.61 -31.28 40.58
CA LEU C 222 39.54 -31.75 39.72
C LEU C 222 38.23 -31.70 40.48
N GLY C 223 37.28 -30.91 40.01
CA GLY C 223 35.97 -30.78 40.61
C GLY C 223 34.87 -31.51 39.85
N SER C 224 33.61 -31.28 40.23
CA SER C 224 32.48 -31.95 39.58
C SER C 224 31.87 -31.12 38.46
N LYS C 225 31.25 -31.78 37.46
CA LYS C 225 30.58 -31.14 36.32
C LYS C 225 31.45 -30.09 35.60
N LYS C 226 32.65 -30.47 35.20
CA LYS C 226 33.57 -29.58 34.52
C LYS C 226 33.47 -29.73 33.02
N GLY C 227 33.64 -28.64 32.30
CA GLY C 227 33.65 -28.64 30.84
C GLY C 227 34.84 -29.38 30.31
N VAL C 228 34.66 -30.12 29.22
CA VAL C 228 35.68 -30.92 28.56
C VAL C 228 35.83 -30.42 27.12
N ASN C 229 37.08 -30.21 26.67
CA ASN C 229 37.33 -29.78 25.29
C ASN C 229 38.21 -30.81 24.59
N LEU C 230 37.87 -31.11 23.33
CA LEU C 230 38.63 -32.04 22.50
C LEU C 230 39.04 -31.33 21.21
N PRO C 231 40.10 -30.49 21.27
CA PRO C 231 40.46 -29.69 20.08
C PRO C 231 40.72 -30.49 18.78
N GLY C 232 41.48 -31.56 18.87
CA GLY C 232 41.79 -32.36 17.69
C GLY C 232 40.56 -33.03 17.11
N ALA C 233 39.75 -33.63 18.00
CA ALA C 233 38.54 -34.39 17.74
C ALA C 233 37.45 -33.65 16.95
N ALA C 234 36.61 -34.43 16.23
CA ALA C 234 35.48 -33.91 15.48
C ALA C 234 34.19 -34.35 16.17
N VAL C 235 33.83 -33.63 17.25
CA VAL C 235 32.65 -33.91 18.08
C VAL C 235 31.33 -33.77 17.30
N ASP C 236 30.52 -34.84 17.30
CA ASP C 236 29.26 -34.94 16.55
C ASP C 236 27.98 -34.61 17.34
N LEU C 237 28.09 -33.84 18.43
CA LEU C 237 26.91 -33.44 19.21
C LEU C 237 26.04 -32.50 18.36
N PRO C 238 24.71 -32.49 18.56
CA PRO C 238 23.86 -31.60 17.74
C PRO C 238 24.01 -30.14 18.13
N ALA C 239 23.83 -29.24 17.15
CA ALA C 239 23.89 -27.79 17.35
C ALA C 239 22.77 -27.31 18.26
N VAL C 240 21.58 -27.89 18.08
CA VAL C 240 20.40 -27.56 18.88
C VAL C 240 19.86 -28.88 19.40
N SER C 241 20.32 -29.31 20.60
CA SER C 241 19.86 -30.55 21.24
C SER C 241 18.43 -30.39 21.77
N GLU C 242 17.81 -31.49 22.27
CA GLU C 242 16.46 -31.38 22.82
C GLU C 242 16.43 -30.48 24.04
N LYS C 243 17.50 -30.47 24.85
CA LYS C 243 17.59 -29.55 25.99
C LYS C 243 17.60 -28.09 25.46
N ASP C 244 18.45 -27.78 24.47
CA ASP C 244 18.49 -26.46 23.84
C ASP C 244 17.14 -26.04 23.23
N ILE C 245 16.39 -26.98 22.64
CA ILE C 245 15.07 -26.68 22.07
C ILE C 245 14.09 -26.28 23.17
N GLN C 246 14.16 -26.94 24.34
CA GLN C 246 13.28 -26.59 25.45
C GLN C 246 13.72 -25.28 26.09
N ASP C 247 15.04 -25.07 26.25
CA ASP C 247 15.61 -23.83 26.80
C ASP C 247 15.26 -22.62 25.93
N LEU C 248 15.37 -22.75 24.59
CA LEU C 248 15.05 -21.67 23.67
C LEU C 248 13.55 -21.36 23.77
N LYS C 249 12.68 -22.39 23.79
CA LYS C 249 11.23 -22.24 23.93
C LYS C 249 10.86 -21.57 25.26
N PHE C 250 11.63 -21.86 26.31
CA PHE C 250 11.48 -21.26 27.64
C PHE C 250 11.81 -19.75 27.57
N GLY C 251 12.83 -19.40 26.79
CA GLY C 251 13.23 -18.01 26.58
C GLY C 251 12.16 -17.21 25.87
N VAL C 252 11.46 -17.84 24.92
CA VAL C 252 10.36 -17.18 24.20
C VAL C 252 9.24 -16.84 25.21
N GLU C 253 8.92 -17.79 26.09
CA GLU C 253 7.91 -17.62 27.14
C GLU C 253 8.33 -16.57 28.17
N GLN C 254 9.60 -16.56 28.57
CA GLN C 254 10.09 -15.60 29.55
C GLN C 254 10.47 -14.23 28.96
N ASP C 255 10.05 -13.94 27.70
CA ASP C 255 10.27 -12.69 26.99
C ASP C 255 11.73 -12.20 27.03
N VAL C 256 12.68 -13.07 26.66
CA VAL C 256 14.09 -12.70 26.65
C VAL C 256 14.38 -11.76 25.47
N ASP C 257 15.40 -10.90 25.63
CA ASP C 257 15.77 -9.95 24.59
C ASP C 257 16.68 -10.52 23.54
N MET C 258 17.49 -11.51 23.91
CA MET C 258 18.48 -12.07 23.01
C MET C 258 18.92 -13.46 23.43
N VAL C 259 19.50 -14.19 22.50
CA VAL C 259 20.02 -15.52 22.75
C VAL C 259 21.48 -15.54 22.37
N PHE C 260 22.33 -16.07 23.24
CA PHE C 260 23.75 -16.25 22.95
C PHE C 260 23.84 -17.72 22.59
N ALA C 261 23.92 -18.00 21.29
CA ALA C 261 23.92 -19.38 20.80
C ALA C 261 25.29 -19.99 20.90
N SER C 262 25.46 -21.00 21.73
CA SER C 262 26.76 -21.64 21.93
C SER C 262 27.24 -22.55 20.79
N PHE C 263 28.56 -22.54 20.55
CA PHE C 263 29.27 -23.39 19.59
C PHE C 263 28.71 -23.39 18.16
N ILE C 264 28.28 -22.23 17.66
CA ILE C 264 27.80 -22.10 16.28
C ILE C 264 28.96 -22.34 15.31
N ARG C 265 28.84 -23.36 14.44
CA ARG C 265 29.87 -23.74 13.47
C ARG C 265 29.53 -23.36 12.03
N LYS C 266 28.25 -23.09 11.73
CA LYS C 266 27.82 -22.75 10.36
C LYS C 266 26.49 -21.98 10.35
N ALA C 267 26.16 -21.34 9.21
CA ALA C 267 24.90 -20.60 9.05
C ALA C 267 23.67 -21.47 9.36
N SER C 268 23.69 -22.74 8.92
CA SER C 268 22.56 -23.64 9.17
C SER C 268 22.27 -23.81 10.64
N ASP C 269 23.29 -23.67 11.51
CA ASP C 269 23.12 -23.76 12.97
C ASP C 269 22.31 -22.57 13.47
N VAL C 270 22.59 -21.37 12.91
CA VAL C 270 21.87 -20.14 13.26
C VAL C 270 20.42 -20.28 12.83
N HIS C 271 20.19 -20.77 11.60
CA HIS C 271 18.86 -21.00 11.05
C HIS C 271 18.05 -22.00 11.89
N GLU C 272 18.71 -22.96 12.56
CA GLU C 272 18.03 -23.92 13.42
C GLU C 272 17.51 -23.21 14.67
N VAL C 273 18.33 -22.35 15.31
CA VAL C 273 17.93 -21.57 16.47
C VAL C 273 16.79 -20.61 16.08
N ARG C 274 16.92 -19.98 14.90
CA ARG C 274 15.94 -19.06 14.35
C ARG C 274 14.56 -19.77 14.13
N LYS C 275 14.60 -21.07 13.78
CA LYS C 275 13.43 -21.91 13.55
C LYS C 275 12.76 -22.27 14.86
N VAL C 276 13.55 -22.65 15.88
CA VAL C 276 13.00 -22.97 17.20
C VAL C 276 12.30 -21.75 17.81
N LEU C 277 12.94 -20.56 17.76
CA LEU C 277 12.31 -19.35 18.28
C LEU C 277 10.98 -19.04 17.60
N GLY C 278 10.85 -19.40 16.32
CA GLY C 278 9.64 -19.25 15.52
C GLY C 278 9.14 -17.84 15.33
N GLU C 279 7.87 -17.70 14.98
CA GLU C 279 7.24 -16.39 14.79
C GLU C 279 7.03 -15.67 16.12
N LYS C 280 6.74 -16.42 17.19
CA LYS C 280 6.51 -15.86 18.51
C LYS C 280 7.78 -15.19 19.08
N GLY C 281 8.95 -15.66 18.67
CA GLY C 281 10.22 -15.08 19.14
C GLY C 281 11.05 -14.58 17.97
N LYS C 282 10.40 -14.00 16.97
CA LYS C 282 11.09 -13.55 15.78
C LYS C 282 11.87 -12.25 15.99
N ASN C 283 11.50 -11.46 17.00
CA ASN C 283 12.17 -10.19 17.32
C ASN C 283 13.32 -10.34 18.33
N ILE C 284 13.55 -11.55 18.84
CA ILE C 284 14.64 -11.83 19.77
C ILE C 284 15.91 -11.89 18.91
N LYS C 285 16.98 -11.21 19.36
CA LYS C 285 18.22 -11.20 18.60
C LYS C 285 19.09 -12.45 18.84
N ILE C 286 19.61 -13.06 17.77
CA ILE C 286 20.49 -14.22 17.89
C ILE C 286 21.94 -13.77 17.79
N ILE C 287 22.71 -13.95 18.86
CA ILE C 287 24.12 -13.59 18.89
C ILE C 287 24.85 -14.92 18.83
N SER C 288 25.59 -15.17 17.75
CA SER C 288 26.28 -16.44 17.59
C SER C 288 27.61 -16.45 18.29
N LYS C 289 27.83 -17.45 19.14
CA LYS C 289 29.08 -17.57 19.85
C LYS C 289 30.08 -18.36 19.02
N ILE C 290 31.19 -17.70 18.65
CA ILE C 290 32.26 -18.32 17.87
C ILE C 290 33.24 -18.86 18.87
N GLU C 291 33.26 -20.17 19.03
CA GLU C 291 34.03 -20.84 20.06
C GLU C 291 34.99 -21.88 19.56
N ASN C 292 35.03 -22.16 18.26
CA ASN C 292 35.92 -23.19 17.75
C ASN C 292 36.50 -22.83 16.38
N HIS C 293 37.38 -23.68 15.84
CA HIS C 293 38.01 -23.44 14.55
C HIS C 293 37.03 -23.30 13.40
N GLU C 294 35.99 -24.15 13.38
CA GLU C 294 35.02 -24.13 12.30
C GLU C 294 34.20 -22.85 12.31
N GLY C 295 33.87 -22.35 13.50
CA GLY C 295 33.13 -21.10 13.65
C GLY C 295 33.90 -19.93 13.04
N VAL C 296 35.22 -19.91 13.28
CA VAL C 296 36.12 -18.88 12.73
C VAL C 296 36.24 -19.02 11.20
N ARG C 297 36.39 -20.25 10.69
CA ARG C 297 36.54 -20.48 9.25
C ARG C 297 35.26 -20.15 8.47
N ARG C 298 34.12 -20.54 9.03
CA ARG C 298 32.83 -20.26 8.41
C ARG C 298 32.21 -18.98 8.96
N PHE C 299 33.04 -18.04 9.47
CA PHE C 299 32.61 -16.79 10.09
C PHE C 299 31.66 -15.93 9.23
N ASP C 300 32.01 -15.67 7.97
CA ASP C 300 31.21 -14.80 7.11
C ASP C 300 29.78 -15.27 6.94
N GLU C 301 29.54 -16.58 6.75
CA GLU C 301 28.17 -17.08 6.59
C GLU C 301 27.41 -17.02 7.92
N ILE C 302 28.12 -17.22 9.05
CA ILE C 302 27.54 -17.14 10.37
C ILE C 302 27.08 -15.70 10.66
N LEU C 303 27.94 -14.72 10.36
CA LEU C 303 27.66 -13.30 10.59
C LEU C 303 26.44 -12.82 9.79
N GLU C 304 26.35 -13.20 8.50
CA GLU C 304 25.22 -12.79 7.67
C GLU C 304 23.91 -13.36 8.19
N ALA C 305 23.94 -14.60 8.68
CA ALA C 305 22.74 -15.22 9.24
C ALA C 305 22.41 -14.75 10.66
N SER C 306 23.39 -14.19 11.39
CA SER C 306 23.16 -13.80 12.79
C SER C 306 22.88 -12.33 12.98
N ASP C 307 22.30 -11.97 14.12
CA ASP C 307 22.06 -10.56 14.43
C ASP C 307 23.29 -9.89 15.09
N GLY C 308 24.21 -10.68 15.58
CA GLY C 308 25.42 -10.24 16.26
C GLY C 308 26.37 -11.39 16.52
N ILE C 309 27.55 -11.08 17.06
CA ILE C 309 28.57 -12.10 17.31
C ILE C 309 29.13 -12.00 18.72
N MET C 310 29.42 -13.15 19.34
CA MET C 310 30.14 -13.14 20.60
C MET C 310 31.50 -13.80 20.40
N VAL C 311 32.58 -13.11 20.74
CA VAL C 311 33.93 -13.67 20.66
C VAL C 311 34.09 -14.41 21.97
N ALA C 312 33.70 -15.69 21.99
CA ALA C 312 33.72 -16.55 23.19
C ALA C 312 35.13 -17.09 23.42
N ARG C 313 36.04 -16.20 23.86
CA ARG C 313 37.46 -16.44 24.07
C ARG C 313 37.80 -17.60 25.00
N GLY C 314 36.92 -17.89 25.97
CA GLY C 314 37.11 -19.03 26.86
C GLY C 314 37.30 -20.34 26.10
N ASP C 315 36.24 -20.83 25.41
CA ASP C 315 36.34 -22.06 24.62
C ASP C 315 37.24 -21.90 23.41
N LEU C 316 37.22 -20.74 22.74
CA LEU C 316 38.04 -20.52 21.55
C LEU C 316 39.52 -20.71 21.81
N GLY C 317 40.01 -20.24 22.97
CA GLY C 317 41.40 -20.34 23.37
C GLY C 317 41.86 -21.70 23.85
N ILE C 318 40.95 -22.67 23.93
CA ILE C 318 41.23 -24.06 24.23
C ILE C 318 41.18 -24.84 22.90
N GLU C 319 40.17 -24.55 22.05
CA GLU C 319 40.00 -25.14 20.71
C GLU C 319 41.12 -24.73 19.73
N ILE C 320 41.61 -23.49 19.81
CA ILE C 320 42.69 -23.01 18.95
C ILE C 320 43.90 -22.60 19.84
N PRO C 321 45.14 -22.55 19.33
CA PRO C 321 46.27 -22.12 20.20
C PRO C 321 45.99 -20.77 20.86
N ALA C 322 46.19 -20.65 22.18
CA ALA C 322 45.88 -19.43 22.95
C ALA C 322 46.50 -18.17 22.39
N GLU C 323 47.67 -18.28 21.74
CA GLU C 323 48.35 -17.16 21.13
C GLU C 323 47.67 -16.67 19.86
N LYS C 324 46.74 -17.42 19.26
CA LYS C 324 46.03 -16.98 18.07
C LYS C 324 44.66 -16.37 18.39
N VAL C 325 44.23 -16.34 19.66
CA VAL C 325 42.93 -15.79 20.04
C VAL C 325 42.77 -14.32 19.70
N PHE C 326 43.82 -13.49 19.86
CA PHE C 326 43.73 -12.06 19.57
C PHE C 326 43.54 -11.79 18.06
N LEU C 327 43.99 -12.71 17.19
CA LEU C 327 43.83 -12.62 15.76
C LEU C 327 42.34 -12.81 15.44
N ALA C 328 41.71 -13.84 16.04
CA ALA C 328 40.30 -14.09 15.84
C ALA C 328 39.48 -12.93 16.40
N GLN C 329 39.87 -12.40 17.58
CA GLN C 329 39.18 -11.27 18.20
C GLN C 329 39.18 -10.01 17.33
N LYS C 330 40.35 -9.62 16.82
CA LYS C 330 40.44 -8.45 15.94
C LYS C 330 39.74 -8.69 14.59
N MET C 331 39.89 -9.89 14.01
CA MET C 331 39.18 -10.25 12.79
C MET C 331 37.65 -10.13 12.95
N MET C 332 37.09 -10.70 14.01
CA MET C 332 35.66 -10.70 14.27
C MET C 332 35.10 -9.36 14.61
N ILE C 333 35.78 -8.57 15.45
CA ILE C 333 35.34 -7.22 15.76
C ILE C 333 35.34 -6.36 14.49
N GLY C 334 36.42 -6.44 13.72
CA GLY C 334 36.56 -5.70 12.47
C GLY C 334 35.45 -6.04 11.49
N ARG C 335 35.18 -7.34 11.27
CA ARG C 335 34.15 -7.74 10.33
C ARG C 335 32.75 -7.34 10.78
N CYS C 336 32.49 -7.33 12.09
CA CYS C 336 31.20 -6.94 12.62
C CYS C 336 31.01 -5.45 12.50
N ASN C 337 32.08 -4.65 12.69
CA ASN C 337 32.03 -3.20 12.54
C ASN C 337 31.78 -2.87 11.06
N ARG C 338 32.46 -3.60 10.15
CA ARG C 338 32.31 -3.46 8.71
C ARG C 338 30.89 -3.85 8.26
N ALA C 339 30.30 -4.88 8.90
CA ALA C 339 28.95 -5.31 8.57
C ALA C 339 27.85 -4.56 9.30
N GLY C 340 28.18 -3.75 10.30
CA GLY C 340 27.18 -3.01 11.06
C GLY C 340 26.40 -3.88 12.03
N LYS C 341 27.04 -4.95 12.53
CA LYS C 341 26.39 -5.85 13.48
C LYS C 341 27.08 -5.86 14.83
N PRO C 342 26.31 -5.93 15.93
CA PRO C 342 26.91 -5.98 17.27
C PRO C 342 27.95 -7.08 17.46
N VAL C 343 28.93 -6.82 18.33
CA VAL C 343 29.96 -7.78 18.65
C VAL C 343 30.33 -7.62 20.12
N ILE C 344 30.27 -8.72 20.86
CA ILE C 344 30.59 -8.75 22.27
C ILE C 344 31.94 -9.41 22.45
N CYS C 345 32.82 -8.81 23.28
CA CYS C 345 34.08 -9.47 23.63
C CYS C 345 33.81 -10.11 24.98
N ALA C 346 34.11 -11.40 25.12
CA ALA C 346 33.80 -12.12 26.36
C ALA C 346 34.96 -12.98 26.93
N THR C 347 34.87 -13.34 28.24
CA THR C 347 35.64 -14.29 29.05
C THR C 347 37.03 -13.84 29.52
N GLN C 348 37.19 -13.86 30.85
CA GLN C 348 38.41 -13.59 31.62
C GLN C 348 38.96 -12.20 31.47
N MET C 349 38.10 -11.22 31.18
CA MET C 349 38.51 -9.85 31.04
C MET C 349 39.05 -9.28 32.34
N LEU C 350 38.49 -9.68 33.49
CA LEU C 350 38.91 -9.25 34.81
C LEU C 350 38.89 -10.47 35.75
N GLU C 351 39.34 -11.63 35.27
CA GLU C 351 39.33 -12.89 36.01
C GLU C 351 39.88 -12.81 37.45
N SER C 352 40.98 -12.07 37.69
CA SER C 352 41.53 -11.94 39.05
C SER C 352 40.58 -11.27 40.04
N MET C 353 39.60 -10.51 39.54
CA MET C 353 38.62 -9.86 40.39
C MET C 353 37.61 -10.85 41.00
N ILE C 354 37.69 -12.15 40.68
CA ILE C 354 36.90 -13.17 41.33
C ILE C 354 37.33 -13.25 42.82
N LYS C 355 38.65 -13.09 43.11
CA LYS C 355 39.19 -13.15 44.47
C LYS C 355 39.77 -11.82 44.98
N LYS C 356 40.05 -10.85 44.09
CA LYS C 356 40.67 -9.59 44.50
C LYS C 356 39.81 -8.34 44.18
N PRO C 357 39.89 -7.29 45.02
CA PRO C 357 39.07 -6.08 44.75
C PRO C 357 39.61 -5.20 43.63
N ARG C 358 40.82 -5.48 43.12
CA ARG C 358 41.44 -4.71 42.05
C ARG C 358 41.96 -5.63 40.95
N PRO C 359 41.90 -5.18 39.68
CA PRO C 359 42.38 -6.03 38.58
C PRO C 359 43.89 -5.95 38.35
N THR C 360 44.42 -6.89 37.58
CA THR C 360 45.84 -6.84 37.19
C THR C 360 46.01 -5.82 36.03
N ARG C 361 47.25 -5.48 35.71
CA ARG C 361 47.53 -4.56 34.61
C ARG C 361 47.13 -5.17 33.25
N ALA C 362 47.26 -6.49 33.10
CA ALA C 362 46.85 -7.18 31.88
C ALA C 362 45.33 -7.10 31.67
N GLU C 363 44.58 -7.20 32.78
CA GLU C 363 43.14 -7.12 32.74
C GLU C 363 42.68 -5.72 32.38
N GLY C 364 43.33 -4.70 32.94
CA GLY C 364 42.99 -3.31 32.62
C GLY C 364 43.22 -2.99 31.15
N SER C 365 44.27 -3.57 30.59
CA SER C 365 44.70 -3.43 29.20
C SER C 365 43.78 -4.15 28.22
N ASP C 366 43.22 -5.30 28.64
CA ASP C 366 42.35 -6.13 27.81
C ASP C 366 40.99 -5.48 27.63
N VAL C 367 40.46 -4.91 28.69
CA VAL C 367 39.20 -4.18 28.63
C VAL C 367 39.36 -2.94 27.73
N ALA C 368 40.49 -2.22 27.87
CA ALA C 368 40.74 -1.03 27.06
C ALA C 368 40.92 -1.40 25.57
N ASN C 369 41.73 -2.42 25.28
CA ASN C 369 41.99 -2.82 23.91
C ASN C 369 40.77 -3.45 23.25
N ALA C 370 39.84 -4.06 24.00
CA ALA C 370 38.60 -4.57 23.40
C ALA C 370 37.75 -3.40 22.94
N VAL C 371 37.68 -2.31 23.74
CA VAL C 371 36.93 -1.11 23.35
C VAL C 371 37.64 -0.41 22.18
N LEU C 372 38.98 -0.33 22.19
CA LEU C 372 39.73 0.27 21.08
C LEU C 372 39.54 -0.54 19.80
N ASP C 373 39.37 -1.86 19.88
CA ASP C 373 39.16 -2.69 18.69
C ASP C 373 37.81 -2.41 18.05
N GLY C 374 36.79 -2.10 18.84
CA GLY C 374 35.47 -1.80 18.30
C GLY C 374 34.32 -2.60 18.85
N ALA C 375 34.55 -3.36 19.95
CA ALA C 375 33.50 -4.17 20.56
C ALA C 375 32.37 -3.30 21.06
N ASP C 376 31.15 -3.65 20.71
CA ASP C 376 29.98 -2.90 21.16
C ASP C 376 29.74 -3.13 22.64
N CYS C 377 29.96 -4.39 23.08
CA CYS C 377 29.76 -4.82 24.45
C CYS C 377 30.97 -5.55 24.96
N ILE C 378 31.19 -5.45 26.26
CA ILE C 378 32.17 -6.23 26.98
C ILE C 378 31.38 -7.11 27.99
N MET C 379 31.92 -8.28 28.35
CA MET C 379 31.21 -9.22 29.21
C MET C 379 31.96 -9.55 30.50
N LEU C 380 31.23 -10.04 31.51
CA LEU C 380 31.79 -10.47 32.78
C LEU C 380 31.18 -11.85 33.10
N SER C 381 32.00 -12.88 33.31
CA SER C 381 31.52 -14.22 33.57
C SER C 381 31.56 -14.52 35.10
N GLY C 382 32.59 -15.22 35.59
CA GLY C 382 32.72 -15.57 36.99
C GLY C 382 32.88 -14.40 37.93
N GLU C 383 33.35 -13.26 37.40
CA GLU C 383 33.56 -12.01 38.14
C GLU C 383 32.27 -11.52 38.80
N THR C 384 31.11 -11.77 38.15
CA THR C 384 29.80 -11.38 38.68
C THR C 384 28.93 -12.58 39.04
N ALA C 385 29.19 -13.77 38.48
CA ALA C 385 28.39 -14.96 38.78
C ALA C 385 28.75 -15.65 40.10
N LYS C 386 30.03 -15.63 40.52
CA LYS C 386 30.44 -16.31 41.76
C LYS C 386 31.55 -15.61 42.55
N GLY C 387 32.17 -14.61 41.98
CA GLY C 387 33.27 -13.91 42.63
C GLY C 387 32.87 -13.12 43.87
N ASP C 388 33.86 -12.64 44.63
CA ASP C 388 33.63 -11.89 45.87
C ASP C 388 33.45 -10.38 45.69
N TYR C 389 33.78 -9.85 44.50
CA TYR C 389 33.68 -8.42 44.23
C TYR C 389 32.95 -8.21 42.89
N PRO C 390 31.65 -8.58 42.78
CA PRO C 390 30.95 -8.40 41.50
C PRO C 390 30.70 -6.94 41.15
N LEU C 391 30.44 -6.09 42.15
CA LEU C 391 30.18 -4.67 41.92
C LEU C 391 31.45 -3.96 41.51
N GLU C 392 32.57 -4.27 42.18
CA GLU C 392 33.87 -3.70 41.85
C GLU C 392 34.27 -4.04 40.40
N ALA C 393 33.87 -5.24 39.91
CA ALA C 393 34.15 -5.70 38.56
C ALA C 393 33.34 -4.90 37.54
N VAL C 394 32.06 -4.63 37.86
CA VAL C 394 31.19 -3.85 36.97
C VAL C 394 31.70 -2.42 36.90
N ARG C 395 32.05 -1.82 38.05
CA ARG C 395 32.57 -0.46 38.14
C ARG C 395 33.88 -0.28 37.39
N MET C 396 34.77 -1.29 37.47
CA MET C 396 36.05 -1.22 36.79
C MET C 396 35.86 -1.28 35.27
N GLN C 397 34.87 -2.07 34.79
CA GLN C 397 34.59 -2.10 33.34
C GLN C 397 34.03 -0.76 32.87
N HIS C 398 33.17 -0.11 33.68
CA HIS C 398 32.62 1.22 33.39
C HIS C 398 33.75 2.28 33.32
N LEU C 399 34.69 2.26 34.28
CA LEU C 399 35.79 3.22 34.28
C LEU C 399 36.77 3.06 33.10
N ILE C 400 37.17 1.82 32.76
CA ILE C 400 38.10 1.57 31.68
C ILE C 400 37.48 1.86 30.31
N ALA C 401 36.22 1.42 30.09
CA ALA C 401 35.57 1.66 28.80
C ALA C 401 35.39 3.15 28.54
N ARG C 402 35.12 3.93 29.58
CA ARG C 402 34.98 5.39 29.41
C ARG C 402 36.30 6.01 28.98
N GLU C 403 37.41 5.57 29.56
CA GLU C 403 38.72 6.09 29.15
C GLU C 403 39.11 5.62 27.74
N ALA C 404 38.85 4.35 27.41
CA ALA C 404 39.17 3.83 26.09
C ALA C 404 38.35 4.45 24.99
N GLU C 405 37.10 4.84 25.30
CA GLU C 405 36.21 5.49 24.34
C GLU C 405 36.71 6.85 23.89
N ALA C 406 37.25 7.65 24.82
CA ALA C 406 37.78 8.98 24.45
C ALA C 406 39.05 8.83 23.62
N ALA C 407 39.82 7.75 23.85
CA ALA C 407 41.08 7.44 23.20
C ALA C 407 40.91 6.86 21.79
N ILE C 408 39.69 6.57 21.34
CA ILE C 408 39.47 6.07 19.98
C ILE C 408 39.95 7.11 18.96
N TYR C 409 40.66 6.69 17.92
CA TYR C 409 41.10 7.60 16.87
C TYR C 409 39.95 7.69 15.83
N HIS C 410 38.87 8.42 16.19
CA HIS C 410 37.67 8.62 15.35
C HIS C 410 37.96 9.22 13.98
N LEU C 411 39.02 10.03 13.85
CA LEU C 411 39.36 10.67 12.59
C LEU C 411 39.54 9.65 11.46
N GLN C 412 40.36 8.59 11.69
CA GLN C 412 40.58 7.56 10.69
C GLN C 412 39.43 6.56 10.65
N LEU C 413 38.84 6.25 11.82
CA LEU C 413 37.71 5.34 11.93
C LEU C 413 36.53 5.81 11.09
N PHE C 414 36.15 7.08 11.23
CA PHE C 414 35.02 7.62 10.50
C PHE C 414 35.32 7.66 9.01
N GLU C 415 36.56 8.00 8.63
CA GLU C 415 36.92 8.03 7.22
C GLU C 415 36.82 6.64 6.59
N GLU C 416 37.26 5.61 7.30
CA GLU C 416 37.21 4.25 6.77
C GLU C 416 35.81 3.68 6.72
N LEU C 417 34.99 4.01 7.72
CA LEU C 417 33.61 3.54 7.76
C LEU C 417 32.82 4.16 6.62
N ARG C 418 33.02 5.47 6.38
CA ARG C 418 32.38 6.23 5.31
C ARG C 418 32.67 5.63 3.92
N ARG C 419 33.88 5.11 3.71
CA ARG C 419 34.27 4.57 2.41
C ARG C 419 33.74 3.16 2.10
N LEU C 420 33.07 2.46 3.06
CA LEU C 420 32.52 1.11 2.84
C LEU C 420 31.37 1.11 1.81
N ALA C 421 30.29 1.89 2.05
CA ALA C 421 29.22 2.01 1.08
C ALA C 421 29.05 3.48 0.74
N PRO C 422 29.92 4.05 -0.13
CA PRO C 422 29.84 5.49 -0.41
C PRO C 422 28.59 5.99 -1.16
N ILE C 423 27.85 5.11 -1.86
CA ILE C 423 26.62 5.52 -2.53
C ILE C 423 25.41 4.62 -2.14
N THR C 424 24.37 5.20 -1.54
CA THR C 424 23.18 4.45 -1.16
C THR C 424 21.93 5.16 -1.62
N SER C 425 20.85 4.41 -1.83
CA SER C 425 19.56 4.99 -2.19
C SER C 425 18.76 5.38 -0.92
N ASP C 426 19.03 4.72 0.23
CA ASP C 426 18.31 4.93 1.48
C ASP C 426 18.50 6.31 2.11
N PRO C 427 17.45 7.13 2.10
CA PRO C 427 17.53 8.48 2.70
C PRO C 427 17.87 8.51 4.18
N THR C 428 17.49 7.49 4.93
CA THR C 428 17.77 7.43 6.38
C THR C 428 19.27 7.12 6.61
N GLU C 429 19.91 6.41 5.67
CA GLU C 429 21.34 6.11 5.73
C GLU C 429 22.15 7.42 5.49
N ALA C 430 21.64 8.30 4.61
CA ALA C 430 22.24 9.61 4.35
C ALA C 430 22.00 10.53 5.56
N THR C 431 20.83 10.46 6.16
CA THR C 431 20.48 11.26 7.34
C THR C 431 21.37 10.86 8.52
N ALA C 432 21.57 9.55 8.71
CA ALA C 432 22.39 9.06 9.83
C ALA C 432 23.85 9.53 9.72
N VAL C 433 24.42 9.46 8.53
CA VAL C 433 25.80 9.84 8.28
C VAL C 433 26.00 11.35 8.36
N GLY C 434 24.98 12.13 7.98
CA GLY C 434 25.01 13.57 8.11
C GLY C 434 24.94 13.98 9.57
N ALA C 435 24.20 13.23 10.41
CA ALA C 435 24.10 13.51 11.83
C ALA C 435 25.39 13.22 12.56
N VAL C 436 26.11 12.16 12.14
CA VAL C 436 27.39 11.83 12.72
C VAL C 436 28.42 12.88 12.31
N GLU C 437 28.45 13.27 11.05
CA GLU C 437 29.33 14.33 10.56
C GLU C 437 29.05 15.66 11.30
N ALA C 438 27.77 16.00 11.53
CA ALA C 438 27.42 17.22 12.25
C ALA C 438 27.82 17.15 13.73
N SER C 439 27.83 15.95 14.32
CA SER C 439 28.20 15.77 15.72
C SER C 439 29.71 15.96 15.97
N PHE C 440 30.54 15.66 14.96
CA PHE C 440 31.98 15.85 15.09
C PHE C 440 32.31 17.35 14.91
N LYS C 441 31.65 18.00 13.93
CA LYS C 441 31.81 19.42 13.65
C LYS C 441 31.56 20.33 14.86
N CYS C 442 30.52 20.04 15.66
CA CYS C 442 30.19 20.87 16.81
C CYS C 442 30.49 20.19 18.16
N CYS C 443 31.15 19.00 18.16
CA CYS C 443 31.46 18.22 19.36
C CYS C 443 30.25 18.13 20.31
N SER C 444 29.10 17.74 19.75
CA SER C 444 27.83 17.70 20.46
C SER C 444 27.84 16.83 21.70
N GLY C 445 27.05 17.20 22.69
CA GLY C 445 26.95 16.40 23.91
C GLY C 445 26.14 15.14 23.74
N ALA C 446 25.36 15.04 22.64
CA ALA C 446 24.51 13.89 22.34
C ALA C 446 23.92 13.97 20.91
N ILE C 447 23.46 12.80 20.38
CA ILE C 447 22.68 12.70 19.15
C ILE C 447 21.35 12.06 19.60
N ILE C 448 20.30 12.86 19.66
CA ILE C 448 18.99 12.41 20.10
C ILE C 448 18.25 11.79 18.95
N VAL C 449 17.81 10.52 19.10
CA VAL C 449 17.14 9.83 18.01
C VAL C 449 15.79 9.28 18.45
N LEU C 450 14.68 9.70 17.79
CA LEU C 450 13.38 9.12 18.15
C LEU C 450 13.25 7.88 17.29
N THR C 451 12.95 6.73 17.93
CA THR C 451 12.88 5.48 17.17
C THR C 451 11.82 4.56 17.71
N LYS C 452 11.15 3.84 16.80
CA LYS C 452 10.14 2.86 17.18
C LYS C 452 10.82 1.47 17.28
N SER C 453 11.43 0.99 16.17
CA SER C 453 12.08 -0.31 16.09
C SER C 453 13.53 -0.33 16.54
N GLY C 454 14.19 0.82 16.48
CA GLY C 454 15.59 0.92 16.87
C GLY C 454 16.52 1.10 15.69
N ARG C 455 16.02 0.86 14.46
CA ARG C 455 16.81 0.97 13.23
C ARG C 455 17.52 2.30 13.09
N SER C 456 16.84 3.41 13.36
CA SER C 456 17.44 4.74 13.24
C SER C 456 18.60 5.01 14.20
N ALA C 457 18.56 4.42 15.39
CA ALA C 457 19.64 4.57 16.36
C ALA C 457 20.81 3.65 15.95
N HIS C 458 20.51 2.44 15.45
CA HIS C 458 21.53 1.48 15.02
C HIS C 458 22.28 2.03 13.82
N GLN C 459 21.54 2.66 12.88
CA GLN C 459 22.16 3.29 11.70
C GLN C 459 23.17 4.35 12.12
N VAL C 460 22.87 5.15 13.15
CA VAL C 460 23.81 6.16 13.64
C VAL C 460 25.03 5.48 14.32
N ALA C 461 24.77 4.52 15.23
CA ALA C 461 25.81 3.79 15.99
C ALA C 461 26.83 3.07 15.11
N ARG C 462 26.40 2.63 13.93
CA ARG C 462 27.23 1.99 12.91
C ARG C 462 28.39 2.91 12.48
N TYR C 463 28.16 4.24 12.48
CA TYR C 463 29.19 5.21 12.10
C TYR C 463 30.14 5.62 13.21
N ARG C 464 29.92 5.10 14.42
CA ARG C 464 30.74 5.29 15.58
C ARG C 464 30.98 6.74 15.96
N PRO C 465 29.91 7.52 16.23
CA PRO C 465 30.16 8.89 16.72
C PRO C 465 30.82 8.85 18.11
N ARG C 466 31.45 9.95 18.48
CA ARG C 466 32.02 10.12 19.82
C ARG C 466 30.85 10.43 20.79
N ALA C 467 29.85 11.20 20.32
CA ALA C 467 28.68 11.61 21.09
C ALA C 467 27.75 10.46 21.47
N PRO C 468 27.24 10.46 22.71
CA PRO C 468 26.29 9.42 23.11
C PRO C 468 24.96 9.59 22.38
N ILE C 469 24.36 8.49 21.91
CA ILE C 469 23.11 8.52 21.20
C ILE C 469 21.99 8.30 22.19
N ILE C 470 21.13 9.30 22.40
CA ILE C 470 20.00 9.11 23.30
C ILE C 470 18.80 8.72 22.47
N ALA C 471 18.50 7.41 22.46
CA ALA C 471 17.38 6.87 21.70
C ALA C 471 16.07 6.92 22.51
N VAL C 472 15.11 7.73 22.05
CA VAL C 472 13.81 7.83 22.72
C VAL C 472 12.84 6.90 22.04
N THR C 473 12.29 5.99 22.80
CA THR C 473 11.35 5.01 22.28
C THR C 473 10.22 4.74 23.28
N ARG C 474 9.09 4.28 22.76
CA ARG C 474 7.98 3.85 23.60
C ARG C 474 7.97 2.31 23.75
N ASN C 475 8.67 1.58 22.84
CA ASN C 475 8.78 0.13 22.83
C ASN C 475 9.79 -0.34 23.89
N PRO C 476 9.37 -1.17 24.85
CA PRO C 476 10.31 -1.62 25.89
C PRO C 476 11.37 -2.60 25.39
N GLN C 477 11.03 -3.43 24.38
CA GLN C 477 11.99 -4.39 23.86
C GLN C 477 13.07 -3.68 23.07
N THR C 478 12.69 -2.64 22.30
CA THR C 478 13.62 -1.81 21.55
C THR C 478 14.66 -1.20 22.51
N ALA C 479 14.18 -0.66 23.64
CA ALA C 479 15.03 -0.06 24.65
C ALA C 479 16.05 -1.04 25.21
N ARG C 480 15.64 -2.29 25.48
CA ARG C 480 16.56 -3.29 26.03
C ARG C 480 17.56 -3.79 24.98
N GLN C 481 17.09 -3.96 23.75
CA GLN C 481 17.96 -4.45 22.66
C GLN C 481 18.97 -3.42 22.16
N ALA C 482 18.76 -2.14 22.48
CA ALA C 482 19.65 -1.03 22.11
C ALA C 482 21.06 -1.19 22.70
N HIS C 483 21.18 -1.88 23.85
CA HIS C 483 22.45 -2.13 24.53
C HIS C 483 23.45 -2.96 23.72
N LEU C 484 22.96 -3.67 22.70
CA LEU C 484 23.82 -4.45 21.84
C LEU C 484 24.68 -3.56 20.92
N TYR C 485 24.31 -2.29 20.73
CA TYR C 485 25.02 -1.38 19.85
C TYR C 485 25.71 -0.29 20.61
N ARG C 486 27.00 -0.12 20.34
CA ARG C 486 27.85 0.86 20.98
C ARG C 486 27.28 2.28 20.88
N GLY C 487 27.21 2.96 22.00
CA GLY C 487 26.79 4.34 22.05
C GLY C 487 25.33 4.64 22.25
N ILE C 488 24.44 3.64 22.12
CA ILE C 488 23.01 3.88 22.30
C ILE C 488 22.57 3.83 23.77
N PHE C 489 22.17 4.97 24.29
CA PHE C 489 21.63 5.17 25.63
C PHE C 489 20.12 5.25 25.44
N PRO C 490 19.41 4.12 25.64
CA PRO C 490 17.97 4.12 25.42
C PRO C 490 17.17 4.65 26.60
N VAL C 491 16.14 5.42 26.28
CA VAL C 491 15.25 5.96 27.29
C VAL C 491 13.82 5.60 26.92
N LEU C 492 13.07 5.10 27.89
CA LEU C 492 11.71 4.66 27.65
C LEU C 492 10.71 5.74 27.99
N CYS C 493 9.99 6.22 26.97
CA CYS C 493 8.97 7.23 27.14
C CYS C 493 7.70 6.58 27.70
N LYS C 494 7.20 7.11 28.82
CA LYS C 494 6.00 6.56 29.48
C LYS C 494 4.73 7.35 29.15
N ASP C 495 4.86 8.62 28.74
CA ASP C 495 3.77 9.52 28.35
C ASP C 495 2.94 8.94 27.21
N PRO C 496 1.64 9.28 27.14
CA PRO C 496 0.81 8.74 26.04
C PRO C 496 0.98 9.54 24.75
N VAL C 497 0.57 8.97 23.62
CA VAL C 497 0.69 9.66 22.34
C VAL C 497 -0.13 10.95 22.28
N GLN C 498 0.55 12.10 22.14
CA GLN C 498 -0.08 13.41 22.08
C GLN C 498 -0.87 13.59 20.78
N GLU C 499 -1.99 14.33 20.85
CA GLU C 499 -2.89 14.58 19.73
C GLU C 499 -2.20 15.17 18.49
N ALA C 500 -1.47 16.28 18.63
CA ALA C 500 -0.76 16.87 17.51
C ALA C 500 0.59 16.15 17.41
N TRP C 501 0.99 15.79 16.20
CA TRP C 501 2.23 15.04 16.01
C TRP C 501 3.49 15.86 16.31
N ALA C 502 3.50 17.16 15.98
CA ALA C 502 4.66 18.02 16.31
C ALA C 502 4.80 18.13 17.84
N GLU C 503 3.68 18.14 18.57
CA GLU C 503 3.69 18.19 20.03
C GLU C 503 4.20 16.87 20.62
N ASP C 504 3.95 15.74 19.93
CA ASP C 504 4.42 14.44 20.40
C ASP C 504 5.93 14.29 20.21
N VAL C 505 6.45 14.81 19.09
CA VAL C 505 7.88 14.79 18.80
C VAL C 505 8.61 15.64 19.83
N ASP C 506 8.10 16.84 20.10
CA ASP C 506 8.68 17.76 21.06
C ASP C 506 8.68 17.24 22.49
N LEU C 507 7.67 16.45 22.85
CA LEU C 507 7.60 15.86 24.17
C LEU C 507 8.72 14.80 24.33
N ARG C 508 8.98 14.02 23.27
CA ARG C 508 10.01 13.00 23.32
C ARG C 508 11.42 13.61 23.24
N VAL C 509 11.58 14.72 22.49
CA VAL C 509 12.85 15.42 22.39
C VAL C 509 13.16 16.05 23.75
N ASN C 510 12.17 16.71 24.35
CA ASN C 510 12.32 17.31 25.68
C ASN C 510 12.63 16.28 26.75
N PHE C 511 12.17 15.05 26.58
CA PHE C 511 12.45 13.97 27.50
C PHE C 511 13.96 13.63 27.42
N ALA C 512 14.51 13.56 26.19
CA ALA C 512 15.94 13.29 26.02
C ALA C 512 16.76 14.46 26.57
N MET C 513 16.28 15.70 26.41
CA MET C 513 16.96 16.89 26.93
C MET C 513 17.07 16.80 28.45
N ASN C 514 15.99 16.36 29.11
CA ASN C 514 16.00 16.22 30.56
C ASN C 514 16.83 15.02 31.01
N VAL C 515 16.87 13.95 30.22
CA VAL C 515 17.70 12.78 30.50
C VAL C 515 19.20 13.15 30.47
N GLY C 516 19.65 13.79 29.40
CA GLY C 516 21.04 14.20 29.27
C GLY C 516 21.47 15.18 30.35
N LYS C 517 20.61 16.17 30.62
CA LYS C 517 20.86 17.18 31.67
C LYS C 517 21.06 16.50 33.04
N ALA C 518 20.10 15.67 33.47
CA ALA C 518 20.17 14.98 34.77
C ALA C 518 21.25 13.90 34.83
N ARG C 519 21.60 13.28 33.70
CA ARG C 519 22.64 12.25 33.70
C ARG C 519 24.07 12.82 33.53
N GLY C 520 24.20 14.14 33.35
CA GLY C 520 25.48 14.82 33.22
C GLY C 520 26.10 14.79 31.84
N PHE C 521 25.33 14.43 30.81
CA PHE C 521 25.88 14.37 29.44
C PHE C 521 26.05 15.75 28.83
N PHE C 522 25.19 16.70 29.21
CA PHE C 522 25.25 18.06 28.69
C PHE C 522 24.48 19.02 29.60
N LYS C 523 24.61 20.33 29.36
CA LYS C 523 23.89 21.35 30.13
C LYS C 523 23.18 22.36 29.20
N LYS C 524 22.37 23.29 29.76
CA LYS C 524 21.69 24.30 28.96
C LYS C 524 22.70 25.15 28.16
N GLY C 525 22.35 25.49 26.92
CA GLY C 525 23.23 26.30 26.09
C GLY C 525 24.09 25.47 25.15
N ASP C 526 24.44 24.24 25.59
CA ASP C 526 25.22 23.28 24.78
C ASP C 526 24.49 22.96 23.46
N VAL C 527 25.20 22.41 22.48
CA VAL C 527 24.57 22.08 21.19
C VAL C 527 24.44 20.57 21.04
N VAL C 528 23.22 20.11 20.68
CA VAL C 528 22.95 18.70 20.43
C VAL C 528 22.39 18.50 19.01
N ILE C 529 22.44 17.28 18.50
CA ILE C 529 21.91 16.94 17.18
C ILE C 529 20.64 16.16 17.43
N VAL C 530 19.54 16.51 16.76
CA VAL C 530 18.27 15.80 16.94
C VAL C 530 17.79 15.18 15.61
N LEU C 531 17.50 13.89 15.64
CA LEU C 531 16.99 13.15 14.50
C LEU C 531 15.54 12.73 14.72
N THR C 532 14.65 13.22 13.88
CA THR C 532 13.24 12.85 13.91
C THR C 532 12.80 12.48 12.47
N GLY C 533 11.55 12.07 12.32
CA GLY C 533 11.00 11.79 11.01
C GLY C 533 10.17 12.94 10.48
N TRP C 534 9.63 12.80 9.27
CA TRP C 534 8.76 13.80 8.66
C TRP C 534 7.24 13.46 8.85
N ARG C 535 6.95 12.19 9.20
CA ARG C 535 5.61 11.65 9.41
C ARG C 535 5.68 10.62 10.55
N PRO C 536 4.56 10.33 11.23
CA PRO C 536 4.59 9.33 12.31
C PRO C 536 4.87 7.91 11.79
N GLY C 537 5.51 7.09 12.62
CA GLY C 537 5.87 5.72 12.25
C GLY C 537 7.35 5.51 12.01
N SER C 538 7.80 4.25 12.03
CA SER C 538 9.21 3.93 11.80
C SER C 538 9.57 3.94 10.32
N GLY C 539 10.85 4.14 10.00
CA GLY C 539 11.31 4.15 8.62
C GLY C 539 11.25 5.51 7.93
N PHE C 540 10.94 6.57 8.68
CA PHE C 540 10.84 7.92 8.10
C PHE C 540 11.79 8.92 8.71
N THR C 541 12.85 8.46 9.40
CA THR C 541 13.83 9.39 9.98
C THR C 541 14.64 10.06 8.88
N ASN C 542 14.35 11.32 8.61
CA ASN C 542 15.02 12.08 7.56
C ASN C 542 15.39 13.50 7.97
N THR C 543 15.12 13.89 9.21
CA THR C 543 15.32 15.26 9.65
C THR C 543 16.34 15.36 10.71
N MET C 544 17.33 16.22 10.48
CA MET C 544 18.40 16.46 11.39
C MET C 544 18.33 17.94 11.79
N ARG C 545 18.28 18.23 13.08
CA ARG C 545 18.29 19.60 13.57
C ARG C 545 19.44 19.81 14.53
N VAL C 546 20.12 20.93 14.42
CA VAL C 546 21.24 21.25 15.31
C VAL C 546 20.67 22.30 16.27
N VAL C 547 20.23 21.84 17.46
CA VAL C 547 19.56 22.70 18.41
C VAL C 547 20.29 22.90 19.74
N PRO C 548 20.13 24.07 20.36
CA PRO C 548 20.74 24.28 21.69
C PRO C 548 19.87 23.64 22.77
N VAL C 549 20.48 23.26 23.89
CA VAL C 549 19.76 22.64 25.00
C VAL C 549 18.95 23.70 25.76
N PRO C 550 17.63 23.50 25.90
CA PRO C 550 16.80 24.53 26.55
C PRO C 550 16.97 24.67 28.07
N GLN D 33 49.65 -15.41 2.18
CA GLN D 33 49.19 -16.62 2.88
C GLN D 33 49.83 -16.75 4.27
N THR D 34 51.16 -16.76 4.35
CA THR D 34 51.85 -16.83 5.64
C THR D 34 52.16 -15.41 6.14
N GLN D 35 52.47 -15.26 7.43
CA GLN D 35 52.90 -13.98 8.01
C GLN D 35 51.87 -12.86 7.98
N GLN D 36 50.59 -13.18 7.85
CA GLN D 36 49.54 -12.19 7.72
C GLN D 36 49.79 -11.28 6.51
N LEU D 37 50.22 -11.85 5.37
CA LEU D 37 50.53 -11.02 4.19
C LEU D 37 49.31 -10.59 3.41
N HIS D 38 48.16 -11.26 3.60
CA HIS D 38 46.91 -10.82 2.97
C HIS D 38 46.52 -9.50 3.67
N ALA D 39 46.50 -9.51 5.02
CA ALA D 39 46.23 -8.37 5.88
C ALA D 39 47.24 -7.25 5.70
N ALA D 40 48.51 -7.60 5.41
CA ALA D 40 49.57 -6.62 5.20
C ALA D 40 49.28 -5.68 4.05
N MET D 41 48.69 -6.19 2.96
CA MET D 41 48.37 -5.45 1.75
C MET D 41 47.06 -4.65 1.80
N ALA D 42 46.38 -4.60 2.94
CA ALA D 42 45.12 -3.86 3.02
C ALA D 42 45.29 -2.34 2.93
N ASP D 43 44.40 -1.68 2.22
CA ASP D 43 44.41 -0.22 2.09
C ASP D 43 43.99 0.50 3.36
N THR D 44 43.19 -0.15 4.21
CA THR D 44 42.70 0.46 5.43
C THR D 44 43.01 -0.37 6.64
N PHE D 45 43.06 0.26 7.81
CA PHE D 45 43.25 -0.43 9.08
C PHE D 45 42.07 -1.39 9.33
N LEU D 46 40.84 -0.96 9.00
CA LEU D 46 39.67 -1.80 9.13
C LEU D 46 39.79 -3.06 8.27
N GLU D 47 40.15 -2.92 6.98
CA GLU D 47 40.35 -4.07 6.12
C GLU D 47 41.46 -5.00 6.65
N HIS D 48 42.51 -4.42 7.25
CA HIS D 48 43.62 -5.16 7.84
C HIS D 48 43.16 -6.05 9.01
N MET D 49 42.27 -5.52 9.88
CA MET D 49 41.72 -6.27 11.00
C MET D 49 40.87 -7.41 10.43
N CYS D 50 39.99 -7.11 9.47
CA CYS D 50 39.14 -8.11 8.84
C CYS D 50 39.91 -9.29 8.23
N ARG D 51 41.17 -9.06 7.84
CA ARG D 51 41.95 -10.10 7.16
C ARG D 51 42.87 -10.87 8.02
N LEU D 52 42.97 -10.56 9.34
CA LEU D 52 43.81 -11.30 10.27
C LEU D 52 43.30 -12.75 10.31
N ASP D 53 44.19 -13.71 10.09
CA ASP D 53 43.83 -15.08 9.88
C ASP D 53 44.55 -16.00 10.85
N ILE D 54 43.80 -16.78 11.66
CA ILE D 54 44.44 -17.70 12.60
C ILE D 54 45.19 -18.82 11.89
N ASP D 55 44.83 -19.13 10.63
CA ASP D 55 45.49 -20.18 9.86
C ASP D 55 46.70 -19.66 9.05
N SER D 56 47.10 -18.37 9.24
CA SER D 56 48.23 -17.76 8.54
C SER D 56 49.43 -17.86 9.48
N PRO D 57 50.33 -18.83 9.22
CA PRO D 57 51.43 -19.05 10.17
C PRO D 57 52.55 -18.01 10.12
N PRO D 58 53.08 -17.64 11.28
CA PRO D 58 54.18 -16.67 11.29
C PRO D 58 55.52 -17.25 10.85
N ILE D 59 56.52 -16.39 10.62
CA ILE D 59 57.88 -16.88 10.34
C ILE D 59 58.47 -17.40 11.67
N THR D 60 59.55 -18.18 11.59
CA THR D 60 60.18 -18.70 12.81
C THR D 60 60.77 -17.56 13.69
N ALA D 61 61.16 -16.44 13.07
CA ALA D 61 61.77 -15.32 13.81
C ALA D 61 60.81 -14.60 14.75
N ARG D 62 61.26 -14.29 15.97
CA ARG D 62 60.47 -13.53 16.93
C ARG D 62 61.33 -12.33 17.34
N ASN D 63 60.88 -11.15 16.97
CA ASN D 63 61.52 -9.85 17.11
C ASN D 63 61.51 -9.18 18.50
N THR D 64 60.47 -9.40 19.31
CA THR D 64 60.35 -8.74 20.61
C THR D 64 61.23 -9.38 21.64
N GLY D 65 61.98 -8.57 22.40
CA GLY D 65 62.86 -9.08 23.44
C GLY D 65 62.06 -9.59 24.61
N ILE D 66 62.54 -10.64 25.27
CA ILE D 66 61.86 -11.21 26.43
C ILE D 66 62.78 -11.07 27.63
N ILE D 67 62.36 -10.25 28.60
CA ILE D 67 63.14 -10.03 29.82
C ILE D 67 62.55 -10.87 30.94
N CYS D 68 63.36 -11.71 31.57
CA CYS D 68 62.88 -12.60 32.64
C CYS D 68 63.53 -12.24 33.95
N THR D 69 62.72 -11.94 34.97
CA THR D 69 63.23 -11.68 36.29
C THR D 69 63.67 -13.01 36.88
N ILE D 70 64.95 -13.14 37.23
CA ILE D 70 65.45 -14.40 37.78
C ILE D 70 65.33 -14.42 39.30
N GLY D 71 64.81 -15.52 39.83
CA GLY D 71 64.63 -15.70 41.25
C GLY D 71 64.83 -17.13 41.70
N PRO D 72 64.32 -17.47 42.91
CA PRO D 72 64.47 -18.84 43.45
C PRO D 72 63.97 -19.95 42.54
N ALA D 73 62.95 -19.65 41.72
CA ALA D 73 62.36 -20.62 40.80
C ALA D 73 63.09 -20.74 39.48
N SER D 74 64.11 -19.90 39.21
CA SER D 74 64.77 -19.94 37.92
C SER D 74 66.27 -19.66 37.96
N ARG D 75 66.93 -19.69 39.12
CA ARG D 75 68.35 -19.36 39.15
C ARG D 75 69.30 -20.54 39.03
N SER D 76 68.78 -21.78 38.99
CA SER D 76 69.66 -22.95 38.82
C SER D 76 70.15 -22.99 37.39
N VAL D 77 71.45 -23.29 37.17
CA VAL D 77 72.08 -23.36 35.85
C VAL D 77 71.26 -24.19 34.86
N GLU D 78 70.74 -25.35 35.31
CA GLU D 78 69.93 -26.18 34.43
C GLU D 78 68.61 -25.53 34.02
N THR D 79 67.92 -24.82 34.94
CA THR D 79 66.67 -24.13 34.61
C THR D 79 66.95 -22.96 33.69
N LEU D 80 68.05 -22.22 33.92
CA LEU D 80 68.45 -21.10 33.09
C LEU D 80 68.75 -21.52 31.67
N LYS D 81 69.36 -22.71 31.49
CA LYS D 81 69.66 -23.26 30.16
C LYS D 81 68.34 -23.44 29.39
N GLU D 82 67.30 -23.97 30.08
CA GLU D 82 65.98 -24.18 29.51
C GLU D 82 65.28 -22.86 29.22
N MET D 83 65.50 -21.83 30.04
CA MET D 83 64.94 -20.49 29.83
C MET D 83 65.53 -19.87 28.56
N ILE D 84 66.83 -20.10 28.31
CA ILE D 84 67.48 -19.61 27.11
C ILE D 84 66.91 -20.35 25.90
N LYS D 85 66.73 -21.68 26.00
CA LYS D 85 66.15 -22.50 24.95
C LYS D 85 64.69 -22.08 24.64
N SER D 86 63.95 -21.69 25.70
CA SER D 86 62.57 -21.22 25.61
C SER D 86 62.46 -19.80 25.02
N GLY D 87 63.53 -19.01 25.09
CA GLY D 87 63.53 -17.68 24.49
C GLY D 87 63.93 -16.47 25.32
N MET D 88 64.52 -16.68 26.50
CA MET D 88 64.93 -15.56 27.35
C MET D 88 66.05 -14.79 26.67
N ASN D 89 65.93 -13.46 26.65
CA ASN D 89 66.94 -12.63 26.04
C ASN D 89 67.69 -11.80 27.07
N VAL D 90 67.02 -11.40 28.17
CA VAL D 90 67.62 -10.56 29.20
C VAL D 90 67.27 -11.12 30.56
N ALA D 91 68.25 -11.27 31.44
CA ALA D 91 68.04 -11.75 32.81
C ALA D 91 67.95 -10.51 33.70
N ARG D 92 66.79 -10.26 34.31
CA ARG D 92 66.59 -9.10 35.17
C ARG D 92 66.77 -9.47 36.64
N LEU D 93 67.56 -8.67 37.36
CA LEU D 93 67.77 -8.90 38.77
C LEU D 93 67.14 -7.80 39.57
N ASN D 94 66.12 -8.15 40.36
CA ASN D 94 65.43 -7.18 41.17
C ASN D 94 66.24 -6.92 42.44
N PHE D 95 66.98 -5.82 42.47
CA PHE D 95 67.76 -5.45 43.65
C PHE D 95 66.92 -4.87 44.78
N SER D 96 65.58 -4.90 44.67
CA SER D 96 64.69 -4.47 45.76
C SER D 96 64.80 -5.43 46.98
N HIS D 97 65.36 -6.64 46.78
CA HIS D 97 65.63 -7.67 47.77
C HIS D 97 66.90 -8.42 47.35
N GLY D 98 67.53 -9.14 48.29
CA GLY D 98 68.70 -9.94 47.98
C GLY D 98 70.02 -9.21 48.15
N THR D 99 71.01 -9.88 48.79
CA THR D 99 72.35 -9.32 49.02
C THR D 99 73.19 -9.32 47.72
N HIS D 100 74.36 -8.65 47.74
CA HIS D 100 75.24 -8.63 46.59
C HIS D 100 75.80 -10.04 46.28
N GLU D 101 76.03 -10.86 47.30
CA GLU D 101 76.57 -12.21 47.12
C GLU D 101 75.54 -13.14 46.46
N TYR D 102 74.27 -12.97 46.80
CA TYR D 102 73.17 -13.73 46.24
C TYR D 102 73.02 -13.39 44.76
N HIS D 103 72.97 -12.08 44.42
CA HIS D 103 72.81 -11.60 43.05
C HIS D 103 74.01 -11.91 42.15
N ALA D 104 75.24 -11.86 42.69
CA ALA D 104 76.43 -12.19 41.89
C ALA D 104 76.45 -13.68 41.53
N GLU D 105 75.91 -14.54 42.40
CA GLU D 105 75.81 -15.98 42.13
C GLU D 105 74.73 -16.24 41.05
N THR D 106 73.65 -15.43 41.01
CA THR D 106 72.65 -15.54 39.96
C THR D 106 73.32 -15.13 38.63
N ILE D 107 74.12 -14.06 38.64
CA ILE D 107 74.85 -13.58 37.46
C ILE D 107 75.87 -14.62 36.97
N LYS D 108 76.50 -15.34 37.91
CA LYS D 108 77.47 -16.39 37.60
C LYS D 108 76.74 -17.53 36.89
N ASN D 109 75.58 -17.94 37.43
CA ASN D 109 74.76 -19.01 36.86
C ASN D 109 74.18 -18.62 35.50
N VAL D 110 73.81 -17.34 35.32
CA VAL D 110 73.26 -16.87 34.04
C VAL D 110 74.36 -16.94 33.00
N ARG D 111 75.58 -16.51 33.34
CA ARG D 111 76.70 -16.59 32.41
C ARG D 111 77.14 -18.04 32.16
N THR D 112 77.01 -18.91 33.16
CA THR D 112 77.35 -20.32 33.04
C THR D 112 76.39 -21.01 32.06
N ALA D 113 75.08 -20.85 32.26
CA ALA D 113 74.08 -21.42 31.35
C ALA D 113 74.24 -20.80 29.95
N THR D 114 74.43 -19.46 29.85
CA THR D 114 74.59 -18.80 28.57
C THR D 114 75.78 -19.35 27.79
N GLU D 115 76.94 -19.47 28.43
CA GLU D 115 78.15 -19.91 27.76
C GLU D 115 78.20 -21.40 27.46
N SER D 116 77.27 -22.23 27.99
CA SER D 116 77.26 -23.66 27.64
C SER D 116 77.01 -23.85 26.12
N PHE D 117 76.33 -22.88 25.47
CA PHE D 117 76.01 -22.88 24.04
C PHE D 117 77.05 -22.16 23.17
N ALA D 118 78.17 -21.70 23.74
CA ALA D 118 79.17 -20.96 22.98
C ALA D 118 79.99 -21.79 22.00
N SER D 119 79.98 -23.11 22.18
CA SER D 119 80.73 -24.02 21.30
C SER D 119 80.17 -24.12 19.87
N ASP D 120 79.20 -23.26 19.51
CA ASP D 120 78.55 -23.23 18.20
C ASP D 120 78.03 -21.82 17.96
N PRO D 121 78.85 -20.92 17.40
CA PRO D 121 78.40 -19.54 17.18
C PRO D 121 77.22 -19.38 16.22
N ILE D 122 76.95 -20.40 15.39
CA ILE D 122 75.79 -20.35 14.50
C ILE D 122 74.49 -20.42 15.33
N LEU D 123 74.50 -21.21 16.42
CA LEU D 123 73.32 -21.33 17.27
C LEU D 123 73.38 -20.51 18.56
N TYR D 124 74.56 -20.01 18.97
CA TYR D 124 74.74 -19.20 20.18
C TYR D 124 73.87 -17.94 20.24
N ARG D 125 73.10 -17.81 21.32
CA ARG D 125 72.24 -16.66 21.51
C ARG D 125 72.77 -15.82 22.67
N PRO D 126 73.26 -14.59 22.41
CA PRO D 126 73.73 -13.75 23.52
C PRO D 126 72.60 -13.47 24.53
N VAL D 127 72.96 -13.39 25.82
CA VAL D 127 71.96 -13.13 26.85
C VAL D 127 72.39 -11.93 27.66
N ALA D 128 71.60 -10.87 27.67
CA ALA D 128 71.92 -9.67 28.43
C ALA D 128 71.60 -9.84 29.93
N VAL D 129 72.23 -9.01 30.78
CA VAL D 129 72.01 -9.00 32.22
C VAL D 129 71.58 -7.57 32.57
N ALA D 130 70.48 -7.41 33.29
CA ALA D 130 69.97 -6.10 33.66
C ALA D 130 69.90 -5.95 35.17
N LEU D 131 70.17 -4.74 35.67
CA LEU D 131 70.07 -4.47 37.11
C LEU D 131 68.89 -3.54 37.39
N ASP D 132 67.88 -4.01 38.11
CA ASP D 132 66.74 -3.16 38.45
C ASP D 132 66.96 -2.63 39.87
N THR D 133 67.14 -1.31 40.03
CA THR D 133 67.37 -0.73 41.36
C THR D 133 66.10 -0.67 42.21
N LYS D 134 66.27 -0.56 43.54
CA LYS D 134 65.15 -0.46 44.44
C LYS D 134 64.51 0.93 44.35
N GLY D 135 65.34 1.96 44.42
CA GLY D 135 64.88 3.34 44.31
C GLY D 135 64.49 3.97 45.63
N PRO D 136 64.27 5.30 45.62
CA PRO D 136 63.86 5.97 46.85
C PRO D 136 62.48 5.51 47.30
N GLU D 137 62.26 5.40 48.63
CA GLU D 137 60.99 4.90 49.14
C GLU D 137 60.45 5.71 50.30
N ILE D 138 59.13 5.70 50.45
CA ILE D 138 58.49 6.36 51.59
C ILE D 138 57.89 5.23 52.41
N ARG D 139 58.29 5.10 53.69
CA ARG D 139 57.84 3.99 54.53
C ARG D 139 57.19 4.41 55.84
N THR D 140 56.17 3.65 56.27
CA THR D 140 55.52 3.91 57.55
C THR D 140 56.29 3.27 58.71
N GLU D 152 43.69 -1.03 61.80
CA GLU D 152 42.46 -1.05 61.01
C GLU D 152 41.87 0.36 60.86
N LEU D 153 41.60 0.79 59.62
CA LEU D 153 41.05 2.11 59.35
C LEU D 153 39.62 2.05 58.79
N LYS D 154 38.85 3.12 59.01
CA LYS D 154 37.47 3.19 58.55
C LYS D 154 37.24 4.41 57.68
N LYS D 155 36.39 4.27 56.64
CA LYS D 155 36.04 5.35 55.71
C LYS D 155 35.28 6.46 56.42
N GLY D 156 36.01 7.48 56.85
CA GLY D 156 35.44 8.63 57.55
C GLY D 156 36.21 9.02 58.80
N ALA D 157 37.07 8.11 59.31
CA ALA D 157 37.87 8.34 60.52
C ALA D 157 38.95 9.40 60.32
N THR D 158 39.32 10.08 61.40
CA THR D 158 40.35 11.11 61.35
C THR D 158 41.72 10.50 61.65
N LEU D 159 42.58 10.35 60.64
CA LEU D 159 43.92 9.79 60.85
C LEU D 159 44.96 10.90 60.81
N LYS D 160 45.87 10.93 61.78
CA LYS D 160 46.89 11.98 61.84
C LYS D 160 48.28 11.50 61.47
N ILE D 161 48.86 12.11 60.42
CA ILE D 161 50.21 11.78 59.99
C ILE D 161 51.16 12.68 60.76
N THR D 162 52.13 12.09 61.45
CA THR D 162 53.09 12.84 62.24
C THR D 162 54.48 12.72 61.69
N LEU D 163 55.25 13.81 61.75
CA LEU D 163 56.64 13.79 61.28
C LEU D 163 57.65 13.65 62.43
N ASP D 164 57.22 13.90 63.70
CA ASP D 164 58.10 13.77 64.85
C ASP D 164 58.43 12.29 65.09
N ASN D 165 59.72 11.96 65.22
CA ASN D 165 60.22 10.60 65.40
C ASN D 165 59.82 9.92 66.72
N ALA D 166 58.89 10.50 67.48
CA ALA D 166 58.42 9.92 68.73
C ALA D 166 57.60 8.65 68.45
N TYR D 167 56.78 8.68 67.40
CA TYR D 167 55.95 7.53 67.01
C TYR D 167 56.64 6.63 65.98
N MET D 168 57.99 6.64 65.92
CA MET D 168 58.73 5.82 64.96
C MET D 168 58.57 4.33 65.27
N GLU D 169 58.61 3.98 66.56
CA GLU D 169 58.47 2.59 67.00
C GLU D 169 57.03 2.22 67.40
N LYS D 170 56.17 3.22 67.66
CA LYS D 170 54.77 2.99 68.04
C LYS D 170 53.89 2.98 66.80
N CYS D 171 53.80 1.84 66.11
CA CYS D 171 53.00 1.67 64.90
C CYS D 171 51.54 1.40 65.27
N ASP D 172 50.80 2.43 65.72
CA ASP D 172 49.40 2.25 66.11
C ASP D 172 48.42 2.84 65.11
N GLU D 173 47.19 2.32 65.08
CA GLU D 173 46.13 2.73 64.15
C GLU D 173 45.47 4.07 64.45
N ASN D 174 46.06 4.88 65.34
CA ASN D 174 45.50 6.20 65.65
C ASN D 174 46.35 7.31 65.02
N ILE D 175 47.68 7.13 65.04
CA ILE D 175 48.61 8.08 64.45
C ILE D 175 49.59 7.34 63.54
N LEU D 176 49.93 7.95 62.38
CA LEU D 176 50.84 7.31 61.44
C LEU D 176 52.15 8.07 61.26
N TRP D 177 53.28 7.37 61.35
CA TRP D 177 54.58 7.99 61.18
C TRP D 177 55.21 7.63 59.83
N LEU D 178 55.75 8.61 59.12
CA LEU D 178 56.44 8.40 57.83
C LEU D 178 57.90 8.85 57.95
N ASP D 179 58.81 8.22 57.18
CA ASP D 179 60.22 8.60 57.20
C ASP D 179 60.60 9.65 56.15
N TYR D 180 59.59 10.35 55.59
CA TYR D 180 59.81 11.38 54.57
C TYR D 180 59.56 12.77 55.18
N LYS D 181 60.63 13.41 55.68
CA LYS D 181 60.61 14.69 56.39
C LYS D 181 59.98 15.88 55.64
N ASN D 182 60.00 15.88 54.30
CA ASN D 182 59.41 16.99 53.54
C ASN D 182 58.01 16.63 53.01
N ILE D 183 57.21 15.88 53.79
CA ILE D 183 55.87 15.46 53.34
C ILE D 183 54.86 16.60 53.27
N CYS D 184 54.90 17.53 54.24
CA CYS D 184 53.95 18.63 54.28
C CYS D 184 54.21 19.72 53.23
N LYS D 185 55.40 19.73 52.62
CA LYS D 185 55.74 20.71 51.59
C LYS D 185 55.40 20.22 50.17
N VAL D 186 55.23 18.90 49.98
CA VAL D 186 54.91 18.36 48.65
C VAL D 186 53.43 18.01 48.47
N VAL D 187 52.66 17.97 49.56
CA VAL D 187 51.23 17.68 49.49
C VAL D 187 50.44 18.89 49.97
N GLU D 188 49.40 19.27 49.22
CA GLU D 188 48.55 20.40 49.59
C GLU D 188 47.23 19.91 50.24
N VAL D 189 46.34 20.83 50.66
CA VAL D 189 45.05 20.41 51.23
C VAL D 189 44.19 19.89 50.08
N GLY D 190 43.65 18.69 50.26
CA GLY D 190 42.86 18.00 49.25
C GLY D 190 43.60 16.83 48.61
N SER D 191 44.93 16.74 48.85
CA SER D 191 45.79 15.70 48.28
C SER D 191 45.48 14.32 48.82
N LYS D 192 45.80 13.29 48.03
CA LYS D 192 45.57 11.92 48.45
C LYS D 192 46.86 11.26 48.90
N ILE D 193 46.79 10.48 49.97
CA ILE D 193 47.96 9.77 50.50
C ILE D 193 47.64 8.29 50.46
N TYR D 194 48.40 7.51 49.68
CA TYR D 194 48.13 6.08 49.56
C TYR D 194 49.09 5.28 50.44
N VAL D 195 48.57 4.24 51.11
CA VAL D 195 49.38 3.42 52.01
C VAL D 195 49.26 1.94 51.62
N ASP D 196 50.40 1.23 51.63
CA ASP D 196 50.59 -0.18 51.30
C ASP D 196 50.00 -0.57 49.96
N ASP D 197 50.70 -0.22 48.87
CA ASP D 197 50.30 -0.52 47.51
C ASP D 197 48.90 0.00 47.18
N GLY D 198 48.55 1.16 47.71
CA GLY D 198 47.26 1.78 47.46
C GLY D 198 46.06 1.04 48.01
N LEU D 199 46.24 0.21 49.05
CA LEU D 199 45.14 -0.49 49.72
C LEU D 199 44.31 0.51 50.53
N ILE D 200 44.99 1.49 51.16
CA ILE D 200 44.34 2.53 51.95
C ILE D 200 44.59 3.89 51.29
N SER D 201 43.54 4.71 51.16
CA SER D 201 43.66 6.05 50.60
C SER D 201 43.18 7.08 51.65
N LEU D 202 43.91 8.19 51.81
CA LEU D 202 43.58 9.23 52.78
C LEU D 202 43.48 10.60 52.07
N GLN D 203 42.77 11.57 52.67
CA GLN D 203 42.63 12.90 52.06
C GLN D 203 43.10 13.98 53.02
N VAL D 204 44.02 14.84 52.59
CA VAL D 204 44.58 15.89 53.44
C VAL D 204 43.56 17.00 53.75
N LYS D 205 43.15 17.10 55.01
CA LYS D 205 42.20 18.12 55.45
C LYS D 205 42.90 19.27 56.18
N GLN D 206 43.99 18.98 56.90
CA GLN D 206 44.71 20.01 57.65
C GLN D 206 46.22 19.91 57.48
N LYS D 207 46.90 21.07 57.45
CA LYS D 207 48.35 21.12 57.30
C LYS D 207 48.95 22.27 58.13
N ASP D 210 54.55 20.48 59.90
CA ASP D 210 55.15 19.34 60.60
C ASP D 210 54.15 18.22 60.95
N PHE D 211 52.93 18.28 60.37
CA PHE D 211 51.87 17.29 60.60
C PHE D 211 50.78 17.38 59.53
N LEU D 212 49.96 16.34 59.39
CA LEU D 212 48.83 16.32 58.44
C LEU D 212 47.60 15.72 59.12
N VAL D 213 46.45 16.39 59.00
CA VAL D 213 45.20 15.87 59.55
C VAL D 213 44.38 15.32 58.38
N THR D 214 44.34 13.99 58.22
CA THR D 214 43.64 13.38 57.09
C THR D 214 42.33 12.70 57.47
N GLU D 215 41.46 12.44 56.46
CA GLU D 215 40.21 11.70 56.61
C GLU D 215 40.36 10.46 55.76
N VAL D 216 40.25 9.28 56.36
CA VAL D 216 40.39 8.02 55.64
C VAL D 216 39.31 7.85 54.57
N GLU D 217 39.70 7.89 53.28
CA GLU D 217 38.74 7.73 52.19
C GLU D 217 38.39 6.24 52.00
N ASN D 218 39.38 5.40 51.70
CA ASN D 218 39.15 3.96 51.53
C ASN D 218 40.01 3.25 52.57
N GLY D 219 39.37 2.63 53.55
CA GLY D 219 40.05 1.96 54.64
C GLY D 219 40.57 0.57 54.36
N GLY D 220 41.01 -0.09 55.42
CA GLY D 220 41.57 -1.44 55.36
C GLY D 220 42.46 -1.74 56.56
N SER D 221 43.20 -2.85 56.50
CA SER D 221 44.10 -3.22 57.60
C SER D 221 45.48 -2.55 57.42
N LEU D 222 45.89 -1.72 58.40
CA LEU D 222 47.16 -1.00 58.30
C LEU D 222 48.26 -1.60 59.16
N GLY D 223 49.25 -2.20 58.52
CA GLY D 223 50.40 -2.77 59.21
C GLY D 223 51.58 -1.82 59.27
N SER D 224 52.72 -2.32 59.79
CA SER D 224 53.96 -1.55 59.95
C SER D 224 54.88 -1.70 58.72
N LYS D 225 55.84 -0.75 58.57
CA LYS D 225 56.84 -0.72 57.50
C LYS D 225 56.24 -0.87 56.11
N LYS D 226 55.09 -0.23 55.86
CA LYS D 226 54.40 -0.29 54.58
C LYS D 226 54.84 0.87 53.64
N GLY D 227 54.64 0.70 52.34
CA GLY D 227 55.00 1.71 51.34
C GLY D 227 54.00 2.84 51.21
N VAL D 228 54.47 4.05 50.88
CA VAL D 228 53.60 5.20 50.76
C VAL D 228 53.75 5.84 49.36
N ASN D 229 52.63 6.24 48.75
CA ASN D 229 52.62 6.83 47.43
C ASN D 229 51.81 8.12 47.46
N LEU D 230 52.32 9.21 46.87
CA LEU D 230 51.60 10.48 46.86
C LEU D 230 51.18 10.86 45.46
N PRO D 231 49.97 10.45 45.04
CA PRO D 231 49.53 10.77 43.68
C PRO D 231 49.58 12.25 43.29
N GLY D 232 50.14 12.52 42.11
CA GLY D 232 50.24 13.86 41.54
C GLY D 232 51.19 14.82 42.22
N ALA D 233 52.03 14.33 43.14
CA ALA D 233 52.97 15.19 43.85
C ALA D 233 54.38 15.19 43.26
N ALA D 234 55.09 16.32 43.39
CA ALA D 234 56.47 16.41 42.96
C ALA D 234 57.30 16.10 44.20
N VAL D 235 57.61 14.83 44.41
CA VAL D 235 58.34 14.36 45.57
C VAL D 235 59.82 14.68 45.36
N ASP D 236 60.52 15.20 46.38
CA ASP D 236 61.92 15.59 46.20
C ASP D 236 62.94 14.56 46.72
N LEU D 237 62.55 13.28 46.87
CA LEU D 237 63.43 12.16 47.26
C LEU D 237 64.64 12.11 46.32
N PRO D 238 65.84 11.69 46.79
CA PRO D 238 67.01 11.67 45.88
C PRO D 238 66.79 10.75 44.68
N ALA D 239 67.39 11.09 43.53
CA ALA D 239 67.28 10.30 42.30
C ALA D 239 67.76 8.86 42.54
N VAL D 240 68.87 8.72 43.29
CA VAL D 240 69.43 7.45 43.72
C VAL D 240 69.68 7.52 45.22
N SER D 241 69.05 6.62 45.98
CA SER D 241 69.25 6.54 47.43
C SER D 241 70.66 5.98 47.76
N GLU D 242 71.01 5.80 49.06
CA GLU D 242 72.34 5.32 49.43
C GLU D 242 72.58 3.88 48.98
N LYS D 243 71.56 3.02 49.06
CA LYS D 243 71.70 1.63 48.62
C LYS D 243 71.85 1.58 47.11
N ASP D 244 71.08 2.40 46.38
CA ASP D 244 71.14 2.48 44.93
C ASP D 244 72.54 2.76 44.41
N ILE D 245 73.30 3.64 45.07
CA ILE D 245 74.65 3.99 44.65
C ILE D 245 75.55 2.75 44.71
N GLN D 246 75.49 2.02 45.83
CA GLN D 246 76.28 0.80 46.03
C GLN D 246 75.86 -0.30 45.05
N ASP D 247 74.55 -0.40 44.80
CA ASP D 247 73.97 -1.35 43.85
C ASP D 247 74.44 -1.05 42.42
N LEU D 248 74.48 0.24 42.04
CA LEU D 248 74.92 0.67 40.72
C LEU D 248 76.37 0.41 40.56
N LYS D 249 77.19 0.73 41.61
CA LYS D 249 78.65 0.48 41.61
C LYS D 249 78.88 -1.03 41.40
N PHE D 250 78.16 -1.86 42.17
CA PHE D 250 78.19 -3.32 42.05
C PHE D 250 77.84 -3.79 40.62
N GLY D 251 76.86 -3.14 39.99
CA GLY D 251 76.46 -3.43 38.61
C GLY D 251 77.62 -3.26 37.66
N VAL D 252 78.34 -2.13 37.80
CA VAL D 252 79.52 -1.82 37.00
C VAL D 252 80.61 -2.87 37.28
N GLU D 253 80.80 -3.22 38.56
CA GLU D 253 81.77 -4.23 39.00
C GLU D 253 81.46 -5.57 38.30
N GLN D 254 80.17 -5.95 38.23
CA GLN D 254 79.70 -7.20 37.62
C GLN D 254 79.47 -7.16 36.10
N ASP D 255 79.83 -6.07 35.42
CA ASP D 255 79.73 -5.96 33.96
C ASP D 255 78.28 -6.12 33.38
N VAL D 256 77.29 -5.42 33.98
CA VAL D 256 75.91 -5.49 33.51
C VAL D 256 75.71 -4.67 32.23
N ASP D 257 74.82 -5.12 31.36
CA ASP D 257 74.60 -4.45 30.08
C ASP D 257 73.67 -3.26 30.19
N MET D 258 72.76 -3.28 31.15
CA MET D 258 71.80 -2.22 31.32
C MET D 258 71.34 -2.14 32.75
N VAL D 259 70.80 -0.97 33.11
CA VAL D 259 70.28 -0.69 34.41
C VAL D 259 68.87 -0.12 34.24
N PHE D 260 67.89 -0.63 34.99
CA PHE D 260 66.55 -0.10 34.95
C PHE D 260 66.48 0.82 36.19
N ALA D 261 66.75 2.11 36.00
CA ALA D 261 66.77 3.11 37.08
C ALA D 261 65.36 3.34 37.63
N SER D 262 65.13 3.00 38.88
CA SER D 262 63.81 3.16 39.49
C SER D 262 63.41 4.60 39.79
N PHE D 263 62.09 4.86 39.70
CA PHE D 263 61.41 6.10 40.05
C PHE D 263 61.96 7.37 39.37
N ILE D 264 62.12 7.36 38.03
CA ILE D 264 62.65 8.52 37.32
C ILE D 264 61.59 9.59 37.09
N ARG D 265 61.77 10.78 37.72
CA ARG D 265 60.80 11.88 37.66
C ARG D 265 61.19 13.04 36.75
N LYS D 266 62.47 13.29 36.57
CA LYS D 266 62.95 14.39 35.76
C LYS D 266 64.27 14.03 35.07
N ALA D 267 64.73 14.86 34.11
CA ALA D 267 65.97 14.59 33.37
C ALA D 267 67.17 14.50 34.30
N SER D 268 67.27 15.41 35.29
CA SER D 268 68.38 15.40 36.24
C SER D 268 68.47 14.08 37.03
N ASP D 269 67.36 13.34 37.15
CA ASP D 269 67.38 12.03 37.83
C ASP D 269 68.23 11.05 37.01
N VAL D 270 68.07 11.07 35.67
CA VAL D 270 68.82 10.25 34.72
C VAL D 270 70.31 10.65 34.78
N HIS D 271 70.56 11.96 34.83
CA HIS D 271 71.92 12.48 34.92
C HIS D 271 72.59 12.03 36.22
N GLU D 272 71.83 11.88 37.31
CA GLU D 272 72.40 11.43 38.57
C GLU D 272 72.85 9.98 38.47
N VAL D 273 72.01 9.10 37.89
CA VAL D 273 72.35 7.68 37.68
C VAL D 273 73.59 7.58 36.79
N ARG D 274 73.63 8.38 35.71
CA ARG D 274 74.72 8.42 34.74
C ARG D 274 76.06 8.81 35.41
N LYS D 275 76.03 9.71 36.41
CA LYS D 275 77.20 10.13 37.19
C LYS D 275 77.73 8.97 38.06
N VAL D 276 76.84 8.25 38.76
CA VAL D 276 77.20 7.12 39.63
C VAL D 276 77.88 6.02 38.80
N LEU D 277 77.32 5.67 37.63
CA LEU D 277 77.92 4.66 36.76
C LEU D 277 79.31 5.06 36.25
N GLY D 278 79.54 6.37 36.12
CA GLY D 278 80.81 7.00 35.76
C GLY D 278 81.44 6.63 34.43
N GLU D 279 82.76 6.79 34.35
CA GLU D 279 83.50 6.46 33.14
C GLU D 279 83.52 4.94 32.95
N LYS D 280 83.67 4.17 34.05
CA LYS D 280 83.66 2.71 33.96
C LYS D 280 82.33 2.13 33.45
N GLY D 281 81.24 2.88 33.61
CA GLY D 281 79.92 2.46 33.15
C GLY D 281 79.36 3.36 32.08
N LYS D 282 80.22 3.90 31.20
CA LYS D 282 79.77 4.77 30.12
C LYS D 282 78.98 4.01 29.03
N ASN D 283 79.19 2.70 28.90
CA ASN D 283 78.51 1.89 27.89
C ASN D 283 77.25 1.21 28.41
N ILE D 284 77.03 1.18 29.74
CA ILE D 284 75.84 0.57 30.31
C ILE D 284 74.64 1.43 29.95
N LYS D 285 73.60 0.82 29.38
CA LYS D 285 72.39 1.54 29.00
C LYS D 285 71.49 1.85 30.20
N ILE D 286 70.97 3.08 30.25
CA ILE D 286 70.09 3.49 31.31
C ILE D 286 68.65 3.57 30.79
N ILE D 287 67.80 2.69 31.33
CA ILE D 287 66.39 2.60 31.03
C ILE D 287 65.65 3.21 32.21
N SER D 288 64.96 4.33 31.99
CA SER D 288 64.22 4.97 33.07
C SER D 288 62.84 4.38 33.28
N LYS D 289 62.54 4.00 34.51
CA LYS D 289 61.25 3.47 34.87
C LYS D 289 60.30 4.63 35.21
N ILE D 290 59.20 4.76 34.46
CA ILE D 290 58.19 5.80 34.67
C ILE D 290 57.10 5.22 35.59
N GLU D 291 57.10 5.62 36.85
CA GLU D 291 56.21 5.04 37.85
C GLU D 291 55.22 6.00 38.49
N ASN D 292 55.17 7.28 38.07
CA ASN D 292 54.25 8.24 38.70
C ASN D 292 53.83 9.40 37.78
N HIS D 293 52.87 10.24 38.24
CA HIS D 293 52.36 11.40 37.48
C HIS D 293 53.49 12.28 36.98
N GLU D 294 54.44 12.67 37.86
CA GLU D 294 55.54 13.54 37.44
C GLU D 294 56.40 12.91 36.31
N GLY D 295 56.62 11.60 36.35
CA GLY D 295 57.38 10.91 35.32
C GLY D 295 56.66 10.94 33.98
N VAL D 296 55.33 10.77 34.03
CA VAL D 296 54.47 10.83 32.85
C VAL D 296 54.39 12.27 32.29
N ARG D 297 54.38 13.26 33.18
CA ARG D 297 54.30 14.66 32.79
C ARG D 297 55.60 15.19 32.21
N ARG D 298 56.71 14.88 32.88
CA ARG D 298 58.03 15.31 32.38
C ARG D 298 58.68 14.23 31.51
N PHE D 299 57.87 13.39 30.84
CA PHE D 299 58.37 12.29 30.03
C PHE D 299 59.26 12.73 28.89
N ASP D 300 58.97 13.85 28.21
CA ASP D 300 59.82 14.27 27.10
C ASP D 300 61.25 14.57 27.53
N GLU D 301 61.43 15.25 28.68
CA GLU D 301 62.78 15.52 29.15
C GLU D 301 63.49 14.26 29.64
N ILE D 302 62.74 13.27 30.16
CA ILE D 302 63.30 12.00 30.61
C ILE D 302 63.78 11.13 29.45
N LEU D 303 62.93 10.93 28.45
CA LEU D 303 63.25 10.15 27.26
C LEU D 303 64.53 10.67 26.56
N GLU D 304 64.68 11.99 26.43
CA GLU D 304 65.84 12.60 25.79
C GLU D 304 67.11 12.29 26.58
N ALA D 305 67.04 12.32 27.92
CA ALA D 305 68.19 12.01 28.77
C ALA D 305 68.51 10.51 28.84
N SER D 306 67.49 9.65 28.71
CA SER D 306 67.66 8.21 28.88
C SER D 306 68.06 7.48 27.61
N ASP D 307 68.52 6.24 27.74
CA ASP D 307 68.78 5.35 26.60
C ASP D 307 67.48 4.64 26.15
N GLY D 308 66.52 4.49 27.06
CA GLY D 308 65.25 3.83 26.84
C GLY D 308 64.32 4.01 28.03
N ILE D 309 63.09 3.51 27.89
CA ILE D 309 62.08 3.66 28.93
C ILE D 309 61.47 2.34 29.31
N MET D 310 61.09 2.19 30.58
CA MET D 310 60.32 1.05 31.01
C MET D 310 58.95 1.56 31.45
N VAL D 311 57.87 0.95 30.95
CA VAL D 311 56.52 1.29 31.41
C VAL D 311 56.25 0.35 32.58
N ALA D 312 56.63 0.79 33.80
CA ALA D 312 56.50 0.02 35.04
C ALA D 312 55.05 0.11 35.56
N ARG D 313 54.13 -0.61 34.91
CA ARG D 313 52.70 -0.56 35.17
C ARG D 313 52.29 -0.87 36.59
N GLY D 314 53.12 -1.59 37.31
CA GLY D 314 52.83 -1.96 38.69
C GLY D 314 52.68 -0.74 39.57
N ASP D 315 53.77 -0.02 39.74
CA ASP D 315 53.83 1.19 40.55
C ASP D 315 53.06 2.32 39.96
N LEU D 316 53.10 2.46 38.63
CA LEU D 316 52.35 3.43 37.88
C LEU D 316 50.84 3.24 38.13
N GLY D 317 50.38 2.00 38.21
CA GLY D 317 48.99 1.70 38.46
C GLY D 317 48.50 2.02 39.86
N ILE D 318 49.44 2.12 40.82
CA ILE D 318 49.15 2.49 42.19
C ILE D 318 49.11 4.04 42.27
N GLU D 319 50.02 4.72 41.58
CA GLU D 319 50.10 6.17 41.59
C GLU D 319 48.97 6.84 40.80
N ILE D 320 48.66 6.34 39.60
CA ILE D 320 47.58 6.92 38.78
C ILE D 320 46.38 5.98 38.78
N PRO D 321 45.14 6.43 38.50
CA PRO D 321 44.01 5.48 38.44
C PRO D 321 44.31 4.34 37.46
N ALA D 322 44.02 3.10 37.85
CA ALA D 322 44.32 1.92 37.04
C ALA D 322 43.69 1.98 35.66
N GLU D 323 42.52 2.63 35.53
CA GLU D 323 41.84 2.76 34.24
C GLU D 323 42.53 3.75 33.29
N LYS D 324 43.61 4.42 33.72
CA LYS D 324 44.36 5.33 32.86
C LYS D 324 45.74 4.76 32.46
N VAL D 325 46.16 3.61 33.04
CA VAL D 325 47.48 3.05 32.77
C VAL D 325 47.70 2.76 31.26
N PHE D 326 46.67 2.41 30.49
CA PHE D 326 46.83 2.14 29.07
C PHE D 326 47.13 3.41 28.26
N LEU D 327 46.60 4.58 28.70
CA LEU D 327 46.84 5.86 28.04
C LEU D 327 48.32 6.19 28.15
N ALA D 328 48.88 6.06 29.36
CA ALA D 328 50.29 6.32 29.61
C ALA D 328 51.19 5.33 28.89
N GLN D 329 50.74 4.05 28.75
CA GLN D 329 51.52 3.04 28.05
C GLN D 329 51.57 3.34 26.58
N LYS D 330 50.44 3.70 26.00
CA LYS D 330 50.37 3.97 24.57
C LYS D 330 51.06 5.29 24.22
N MET D 331 50.98 6.29 25.12
CA MET D 331 51.71 7.54 24.93
C MET D 331 53.23 7.26 24.95
N MET D 332 53.74 6.58 25.98
CA MET D 332 55.17 6.29 26.11
C MET D 332 55.72 5.39 25.01
N ILE D 333 55.00 4.36 24.59
CA ILE D 333 55.46 3.52 23.50
C ILE D 333 55.49 4.35 22.20
N GLY D 334 54.45 5.13 21.95
CA GLY D 334 54.40 5.99 20.77
C GLY D 334 55.54 6.98 20.71
N ARG D 335 55.84 7.66 21.83
CA ARG D 335 56.92 8.65 21.85
C ARG D 335 58.30 8.01 21.72
N CYS D 336 58.45 6.81 22.30
CA CYS D 336 59.69 6.07 22.21
C CYS D 336 59.90 5.61 20.78
N ASN D 337 58.85 5.13 20.12
CA ASN D 337 58.91 4.70 18.73
C ASN D 337 59.26 5.89 17.85
N ARG D 338 58.66 7.06 18.13
CA ARG D 338 58.90 8.30 17.40
C ARG D 338 60.37 8.71 17.59
N ALA D 339 60.92 8.55 18.80
CA ALA D 339 62.30 8.89 19.11
C ALA D 339 63.33 7.83 18.76
N GLY D 340 62.90 6.62 18.44
CA GLY D 340 63.82 5.53 18.16
C GLY D 340 64.54 5.04 19.40
N LYS D 341 63.85 5.05 20.56
CA LYS D 341 64.45 4.56 21.80
C LYS D 341 63.71 3.36 22.36
N PRO D 342 64.45 2.33 22.84
CA PRO D 342 63.80 1.15 23.42
C PRO D 342 62.70 1.44 24.46
N VAL D 343 61.63 0.66 24.42
CA VAL D 343 60.55 0.77 25.38
C VAL D 343 60.19 -0.65 25.83
N ILE D 344 60.12 -0.84 27.13
CA ILE D 344 59.83 -2.15 27.71
C ILE D 344 58.48 -2.09 28.38
N CYS D 345 57.58 -3.02 28.06
CA CYS D 345 56.30 -3.10 28.74
C CYS D 345 56.51 -4.12 29.88
N ALA D 346 56.10 -3.78 31.10
CA ALA D 346 56.33 -4.67 32.24
C ALA D 346 55.13 -4.78 33.18
N THR D 347 55.10 -5.83 34.04
CA THR D 347 54.18 -6.10 35.15
C THR D 347 52.87 -6.78 34.78
N GLN D 348 52.69 -7.97 35.38
CA GLN D 348 51.51 -8.83 35.35
C GLN D 348 51.09 -9.26 33.98
N MET D 349 52.02 -9.33 33.02
CA MET D 349 51.68 -9.72 31.66
C MET D 349 51.07 -11.12 31.56
N LEU D 350 51.54 -12.06 32.37
CA LEU D 350 51.05 -13.45 32.44
C LEU D 350 50.95 -13.88 33.92
N GLU D 351 50.54 -12.96 34.81
CA GLU D 351 50.47 -13.15 36.26
C GLU D 351 49.86 -14.50 36.73
N SER D 352 48.78 -14.96 36.12
CA SER D 352 48.14 -16.24 36.48
C SER D 352 49.07 -17.44 36.29
N MET D 353 50.09 -17.30 35.42
CA MET D 353 51.07 -18.36 35.17
C MET D 353 52.05 -18.61 36.36
N ILE D 354 51.93 -17.80 37.42
CA ILE D 354 52.66 -18.04 38.66
C ILE D 354 52.12 -19.35 39.30
N LYS D 355 50.82 -19.67 39.10
CA LYS D 355 50.20 -20.87 39.65
C LYS D 355 49.60 -21.79 38.58
N LYS D 356 49.35 -21.30 37.34
CA LYS D 356 48.71 -22.13 36.32
C LYS D 356 49.57 -22.34 35.06
N PRO D 357 49.44 -23.50 34.35
CA PRO D 357 50.28 -23.75 33.18
C PRO D 357 49.86 -22.96 31.93
N ARG D 358 48.62 -22.44 31.90
CA ARG D 358 48.07 -21.68 30.78
C ARG D 358 47.66 -20.30 31.27
N PRO D 359 47.83 -19.26 30.43
CA PRO D 359 47.42 -17.92 30.85
C PRO D 359 45.93 -17.65 30.63
N THR D 360 45.42 -16.55 31.19
CA THR D 360 44.04 -16.14 30.95
C THR D 360 43.95 -15.43 29.56
N ARG D 361 42.73 -15.15 29.10
CA ARG D 361 42.51 -14.46 27.85
C ARG D 361 42.98 -13.02 27.93
N ALA D 362 42.84 -12.37 29.10
CA ALA D 362 43.31 -11.00 29.25
C ALA D 362 44.84 -10.93 29.14
N GLU D 363 45.55 -11.94 29.64
CA GLU D 363 47.00 -12.00 29.61
C GLU D 363 47.54 -12.20 28.20
N GLY D 364 46.92 -13.12 27.45
CA GLY D 364 47.27 -13.36 26.06
C GLY D 364 47.02 -12.12 25.22
N SER D 365 45.95 -11.40 25.52
CA SER D 365 45.59 -10.16 24.85
C SER D 365 46.58 -9.03 25.18
N ASP D 366 46.95 -8.89 26.45
CA ASP D 366 47.92 -7.88 26.93
C ASP D 366 49.29 -7.98 26.21
N VAL D 367 49.86 -9.20 26.09
CA VAL D 367 51.14 -9.41 25.43
C VAL D 367 51.04 -8.99 23.94
N ALA D 368 49.99 -9.45 23.26
CA ALA D 368 49.80 -9.14 21.87
C ALA D 368 49.64 -7.63 21.65
N ASN D 369 48.83 -6.99 22.49
CA ASN D 369 48.59 -5.57 22.36
C ASN D 369 49.84 -4.75 22.68
N ALA D 370 50.74 -5.20 23.58
CA ALA D 370 51.99 -4.45 23.83
C ALA D 370 52.88 -4.52 22.60
N VAL D 371 52.95 -5.69 21.95
CA VAL D 371 53.72 -5.88 20.73
C VAL D 371 53.13 -5.04 19.59
N LEU D 372 51.79 -5.05 19.43
CA LEU D 372 51.12 -4.26 18.40
C LEU D 372 51.31 -2.77 18.65
N ASP D 373 51.29 -2.32 19.92
CA ASP D 373 51.50 -0.91 20.28
C ASP D 373 52.88 -0.45 19.82
N GLY D 374 53.90 -1.31 19.96
CA GLY D 374 55.25 -0.99 19.55
C GLY D 374 56.33 -1.22 20.60
N ALA D 375 56.04 -2.04 21.63
CA ALA D 375 57.02 -2.31 22.69
C ALA D 375 58.18 -3.15 22.14
N ASP D 376 59.40 -2.72 22.39
CA ASP D 376 60.59 -3.45 21.93
C ASP D 376 60.76 -4.74 22.73
N CYS D 377 60.46 -4.67 24.04
CA CYS D 377 60.60 -5.76 24.97
C CYS D 377 59.40 -5.92 25.83
N ILE D 378 59.15 -7.16 26.20
CA ILE D 378 58.10 -7.54 27.14
C ILE D 378 58.81 -8.19 28.33
N MET D 379 58.25 -8.05 29.51
CA MET D 379 58.88 -8.55 30.72
C MET D 379 58.01 -9.55 31.48
N LEU D 380 58.66 -10.45 32.23
CA LEU D 380 58.04 -11.42 33.15
C LEU D 380 58.69 -11.18 34.52
N SER D 381 57.89 -10.93 35.56
CA SER D 381 58.40 -10.69 36.91
C SER D 381 58.27 -11.99 37.74
N GLY D 382 57.27 -12.11 38.60
CA GLY D 382 57.06 -13.29 39.43
C GLY D 382 56.73 -14.56 38.66
N GLU D 383 56.38 -14.44 37.38
CA GLU D 383 56.07 -15.62 36.55
C GLU D 383 57.35 -16.45 36.34
N THR D 384 58.51 -15.79 36.22
CA THR D 384 59.77 -16.50 36.06
C THR D 384 60.62 -16.50 37.34
N ALA D 385 60.40 -15.56 38.27
CA ALA D 385 61.20 -15.49 39.50
C ALA D 385 60.74 -16.43 40.62
N LYS D 386 59.41 -16.61 40.79
CA LYS D 386 58.91 -17.43 41.89
C LYS D 386 57.74 -18.36 41.55
N GLY D 387 57.25 -18.32 40.33
CA GLY D 387 56.12 -19.12 39.91
C GLY D 387 56.43 -20.58 39.71
N ASP D 388 55.38 -21.40 39.55
CA ASP D 388 55.53 -22.83 39.35
C ASP D 388 55.71 -23.24 37.89
N TYR D 389 55.56 -22.30 36.94
CA TYR D 389 55.67 -22.60 35.51
C TYR D 389 56.55 -21.57 34.80
N PRO D 390 57.83 -21.40 35.19
CA PRO D 390 58.66 -20.37 34.55
C PRO D 390 58.94 -20.60 33.07
N LEU D 391 59.26 -21.82 32.67
CA LEU D 391 59.55 -22.11 31.27
C LEU D 391 58.32 -21.93 30.40
N GLU D 392 57.15 -22.31 30.91
CA GLU D 392 55.90 -22.16 30.18
C GLU D 392 55.53 -20.67 29.98
N ALA D 393 55.96 -19.79 30.91
CA ALA D 393 55.68 -18.37 30.79
C ALA D 393 56.52 -17.78 29.66
N VAL D 394 57.82 -18.14 29.61
CA VAL D 394 58.72 -17.68 28.56
C VAL D 394 58.24 -18.20 27.21
N ARG D 395 57.86 -19.48 27.14
CA ARG D 395 57.39 -20.10 25.90
C ARG D 395 56.11 -19.42 25.39
N MET D 396 55.21 -19.06 26.30
CA MET D 396 53.97 -18.38 25.93
C MET D 396 54.24 -16.98 25.39
N GLN D 397 55.18 -16.24 25.99
CA GLN D 397 55.52 -14.92 25.48
C GLN D 397 56.14 -15.01 24.08
N HIS D 398 56.97 -16.04 23.83
CA HIS D 398 57.58 -16.25 22.52
C HIS D 398 56.50 -16.50 21.48
N LEU D 399 55.53 -17.36 21.79
CA LEU D 399 54.43 -17.68 20.86
C LEU D 399 53.50 -16.51 20.59
N ILE D 400 53.11 -15.74 21.62
CA ILE D 400 52.20 -14.61 21.42
C ILE D 400 52.87 -13.50 20.63
N ALA D 401 54.09 -13.10 21.03
CA ALA D 401 54.80 -12.04 20.32
C ALA D 401 55.02 -12.36 18.85
N ARG D 402 55.46 -13.58 18.53
CA ARG D 402 55.71 -13.99 17.15
C ARG D 402 54.45 -13.88 16.27
N GLU D 403 53.27 -14.09 16.85
CA GLU D 403 52.01 -13.97 16.13
C GLU D 403 51.64 -12.50 15.97
N ALA D 404 51.88 -11.69 17.02
CA ALA D 404 51.54 -10.29 17.06
C ALA D 404 52.42 -9.45 16.13
N GLU D 405 53.69 -9.85 15.93
CA GLU D 405 54.58 -9.14 15.00
C GLU D 405 54.11 -9.27 13.55
N ALA D 406 53.51 -10.40 13.19
CA ALA D 406 52.99 -10.59 11.84
C ALA D 406 51.75 -9.73 11.67
N ALA D 407 50.92 -9.58 12.71
CA ALA D 407 49.68 -8.82 12.72
C ALA D 407 49.88 -7.28 12.69
N ILE D 408 51.13 -6.81 12.73
CA ILE D 408 51.42 -5.38 12.66
C ILE D 408 51.04 -4.84 11.31
N TYR D 409 50.36 -3.68 11.29
CA TYR D 409 49.99 -3.05 10.03
C TYR D 409 51.19 -2.21 9.56
N HIS D 410 52.24 -2.88 9.00
CA HIS D 410 53.50 -2.24 8.58
C HIS D 410 53.35 -1.13 7.54
N LEU D 411 52.35 -1.24 6.68
CA LEU D 411 52.09 -0.28 5.60
C LEU D 411 51.90 1.13 6.13
N GLN D 412 50.93 1.34 7.03
CA GLN D 412 50.73 2.66 7.61
C GLN D 412 51.82 3.02 8.62
N LEU D 413 52.35 2.03 9.35
CA LEU D 413 53.42 2.29 10.32
C LEU D 413 54.66 2.92 9.64
N PHE D 414 55.11 2.32 8.54
CA PHE D 414 56.29 2.81 7.83
C PHE D 414 56.03 4.17 7.24
N GLU D 415 54.83 4.42 6.68
CA GLU D 415 54.45 5.73 6.12
C GLU D 415 54.53 6.83 7.19
N GLU D 416 53.95 6.60 8.35
CA GLU D 416 53.95 7.56 9.44
C GLU D 416 55.35 7.78 10.03
N LEU D 417 56.19 6.72 10.15
CA LEU D 417 57.55 6.90 10.68
C LEU D 417 58.36 7.78 9.75
N ARG D 418 58.19 7.60 8.44
CA ARG D 418 58.85 8.43 7.45
C ARG D 418 58.34 9.84 7.39
N ARG D 419 57.01 10.03 7.48
CA ARG D 419 56.44 11.37 7.49
C ARG D 419 56.92 12.14 8.72
N LEU D 420 56.97 11.47 9.87
CA LEU D 420 57.41 12.10 11.11
C LEU D 420 58.94 12.16 11.28
N ALA D 421 59.71 11.62 10.31
CA ALA D 421 61.17 11.62 10.33
C ALA D 421 61.72 12.92 9.76
N PRO D 422 62.72 13.51 10.44
CA PRO D 422 63.32 14.76 9.93
C PRO D 422 64.27 14.53 8.76
N ILE D 423 64.46 15.56 7.92
CA ILE D 423 65.34 15.50 6.77
C ILE D 423 66.80 15.74 7.17
N THR D 424 67.40 14.81 7.89
CA THR D 424 68.79 14.94 8.33
C THR D 424 69.79 14.71 7.18
N SER D 425 71.04 15.19 7.35
CA SER D 425 72.09 14.93 6.38
C SER D 425 72.94 13.71 6.80
N ASP D 426 72.50 12.92 7.81
CA ASP D 426 73.22 11.74 8.28
C ASP D 426 73.17 10.63 7.22
N PRO D 427 74.34 10.21 6.72
CA PRO D 427 74.36 9.16 5.70
C PRO D 427 73.90 7.80 6.20
N THR D 428 74.19 7.45 7.47
CA THR D 428 73.76 6.16 8.03
C THR D 428 72.23 6.11 8.20
N GLU D 429 71.57 7.23 8.52
CA GLU D 429 70.12 7.26 8.66
C GLU D 429 69.47 7.09 7.31
N ALA D 430 70.02 7.73 6.27
CA ALA D 430 69.50 7.60 4.91
C ALA D 430 69.70 6.14 4.39
N THR D 431 70.81 5.50 4.77
CA THR D 431 71.08 4.12 4.38
C THR D 431 70.11 3.18 5.10
N ALA D 432 69.84 3.45 6.39
CA ALA D 432 68.95 2.60 7.19
C ALA D 432 67.52 2.63 6.66
N VAL D 433 67.01 3.82 6.36
CA VAL D 433 65.67 4.00 5.83
C VAL D 433 65.55 3.41 4.43
N GLY D 434 66.61 3.53 3.62
CA GLY D 434 66.68 2.94 2.28
C GLY D 434 66.72 1.43 2.35
N ALA D 435 67.37 0.86 3.37
CA ALA D 435 67.40 -0.61 3.58
C ALA D 435 66.02 -1.13 4.02
N VAL D 436 65.30 -0.38 4.86
CA VAL D 436 63.98 -0.82 5.31
C VAL D 436 62.96 -0.77 4.16
N GLU D 437 63.03 0.29 3.34
CA GLU D 437 62.17 0.40 2.18
C GLU D 437 62.44 -0.76 1.20
N ALA D 438 63.72 -1.05 0.95
CA ALA D 438 64.08 -2.16 0.06
C ALA D 438 63.63 -3.52 0.64
N SER D 439 63.70 -3.70 1.97
CA SER D 439 63.27 -4.96 2.57
C SER D 439 61.78 -5.20 2.42
N PHE D 440 60.94 -4.15 2.43
CA PHE D 440 59.51 -4.31 2.17
C PHE D 440 59.29 -4.64 0.68
N LYS D 441 59.92 -3.88 -0.23
CA LYS D 441 59.80 -4.06 -1.69
C LYS D 441 60.13 -5.48 -2.17
N CYS D 442 61.17 -6.13 -1.62
CA CYS D 442 61.51 -7.49 -2.04
C CYS D 442 61.08 -8.56 -1.03
N CYS D 443 60.37 -8.16 0.07
CA CYS D 443 59.95 -9.01 1.18
C CYS D 443 61.12 -9.89 1.64
N SER D 444 62.27 -9.27 1.88
CA SER D 444 63.52 -9.95 2.19
C SER D 444 63.47 -10.82 3.44
N GLY D 445 64.32 -11.85 3.47
CA GLY D 445 64.40 -12.78 4.59
C GLY D 445 65.10 -12.19 5.80
N ALA D 446 65.88 -11.09 5.60
CA ALA D 446 66.61 -10.41 6.66
C ALA D 446 67.32 -9.16 6.16
N ILE D 447 67.61 -8.22 7.08
CA ILE D 447 68.48 -7.08 6.91
C ILE D 447 69.74 -7.43 7.73
N ILE D 448 70.84 -7.77 7.05
CA ILE D 448 72.08 -8.15 7.72
C ILE D 448 72.92 -6.89 7.95
N VAL D 449 73.30 -6.60 9.21
CA VAL D 449 74.04 -5.39 9.51
C VAL D 449 75.35 -5.70 10.25
N LEU D 450 76.49 -5.29 9.68
CA LEU D 450 77.76 -5.46 10.37
C LEU D 450 77.90 -4.22 11.23
N THR D 451 78.00 -4.39 12.55
CA THR D 451 78.07 -3.24 13.45
C THR D 451 79.07 -3.47 14.58
N LYS D 452 79.74 -2.40 15.04
CA LYS D 452 80.72 -2.52 16.12
C LYS D 452 80.02 -2.15 17.41
N SER D 453 79.39 -0.96 17.45
CA SER D 453 78.72 -0.42 18.62
C SER D 453 77.24 -0.79 18.72
N GLY D 454 76.62 -1.14 17.59
CA GLY D 454 75.19 -1.48 17.53
C GLY D 454 74.37 -0.40 16.84
N ARG D 455 74.87 0.84 16.83
CA ARG D 455 74.24 2.02 16.29
C ARG D 455 73.55 1.81 14.95
N SER D 456 74.27 1.27 13.94
CA SER D 456 73.68 1.07 12.63
C SER D 456 72.54 0.04 12.60
N ALA D 457 72.57 -0.98 13.49
CA ALA D 457 71.46 -1.93 13.59
C ALA D 457 70.27 -1.25 14.30
N HIS D 458 70.53 -0.41 15.31
CA HIS D 458 69.48 0.37 16.01
C HIS D 458 68.78 1.33 15.03
N GLN D 459 69.54 1.95 14.14
CA GLN D 459 69.00 2.86 13.14
C GLN D 459 68.05 2.16 12.17
N VAL D 460 68.33 0.90 11.81
CA VAL D 460 67.42 0.13 10.95
C VAL D 460 66.18 -0.25 11.75
N ALA D 461 66.37 -0.70 13.01
CA ALA D 461 65.28 -1.12 13.93
C ALA D 461 64.25 -0.05 14.15
N ARG D 462 64.68 1.19 14.18
CA ARG D 462 63.83 2.36 14.37
C ARG D 462 62.71 2.45 13.30
N TYR D 463 62.93 1.88 12.10
CA TYR D 463 61.93 1.97 11.06
C TYR D 463 61.06 0.76 10.93
N ARG D 464 61.10 -0.12 11.96
CA ARG D 464 60.29 -1.30 12.13
C ARG D 464 60.11 -2.15 10.88
N PRO D 465 61.21 -2.70 10.33
CA PRO D 465 61.05 -3.62 9.19
C PRO D 465 60.33 -4.89 9.64
N ARG D 466 59.72 -5.59 8.70
CA ARG D 466 59.07 -6.86 8.98
C ARG D 466 60.18 -7.95 9.08
N ALA D 467 61.20 -7.85 8.22
CA ALA D 467 62.32 -8.78 8.19
C ALA D 467 63.19 -8.69 9.44
N PRO D 468 63.69 -9.84 9.94
CA PRO D 468 64.61 -9.77 11.09
C PRO D 468 65.89 -9.05 10.69
N ILE D 469 66.50 -8.40 11.66
CA ILE D 469 67.74 -7.69 11.47
C ILE D 469 68.80 -8.54 12.13
N ILE D 470 69.68 -9.17 11.35
CA ILE D 470 70.77 -9.96 11.92
C ILE D 470 71.97 -9.05 12.10
N ALA D 471 72.31 -8.70 13.34
CA ALA D 471 73.45 -7.81 13.60
C ALA D 471 74.71 -8.60 13.89
N VAL D 472 75.66 -8.56 12.97
CA VAL D 472 76.90 -9.28 13.10
C VAL D 472 77.90 -8.37 13.76
N THR D 473 78.35 -8.78 14.94
CA THR D 473 79.31 -8.00 15.70
C THR D 473 80.37 -8.89 16.33
N ARG D 474 81.51 -8.31 16.62
CA ARG D 474 82.57 -8.96 17.36
C ARG D 474 82.65 -8.38 18.81
N ASN D 475 81.72 -7.48 19.20
CA ASN D 475 81.67 -6.84 20.49
C ASN D 475 80.63 -7.59 21.30
N PRO D 476 81.05 -8.27 22.38
CA PRO D 476 80.09 -9.07 23.17
C PRO D 476 79.02 -8.24 23.86
N GLN D 477 79.36 -7.02 24.30
CA GLN D 477 78.38 -6.15 24.94
C GLN D 477 77.37 -5.61 23.93
N THR D 478 77.82 -5.32 22.70
CA THR D 478 76.93 -4.89 21.63
C THR D 478 75.92 -6.00 21.32
N ALA D 479 76.41 -7.25 21.26
CA ALA D 479 75.58 -8.42 21.05
C ALA D 479 74.53 -8.56 22.16
N ARG D 480 74.91 -8.37 23.43
CA ARG D 480 73.95 -8.48 24.53
C ARG D 480 72.93 -7.35 24.54
N GLN D 481 73.39 -6.09 24.42
CA GLN D 481 72.50 -4.92 24.43
C GLN D 481 71.56 -4.82 23.23
N ALA D 482 71.85 -5.53 22.12
CA ALA D 482 70.99 -5.47 20.92
C ALA D 482 69.56 -5.93 21.18
N HIS D 483 69.35 -6.69 22.27
CA HIS D 483 68.06 -7.23 22.70
C HIS D 483 67.05 -6.16 23.11
N LEU D 484 67.52 -4.96 23.46
CA LEU D 484 66.62 -3.86 23.79
C LEU D 484 65.90 -3.30 22.56
N TYR D 485 66.36 -3.58 21.34
CA TYR D 485 65.77 -3.00 20.14
C TYR D 485 65.02 -4.03 19.32
N ARG D 486 63.75 -3.75 19.07
CA ARG D 486 62.88 -4.64 18.33
C ARG D 486 63.44 -5.11 16.99
N GLY D 487 63.45 -6.41 16.79
CA GLY D 487 63.86 -6.99 15.52
C GLY D 487 65.32 -7.31 15.35
N ILE D 488 66.17 -7.02 16.35
CA ILE D 488 67.60 -7.32 16.22
C ILE D 488 67.94 -8.68 16.81
N PHE D 489 68.46 -9.58 15.98
CA PHE D 489 68.91 -10.90 16.42
C PHE D 489 70.45 -10.78 16.39
N PRO D 490 71.07 -10.55 17.56
CA PRO D 490 72.52 -10.33 17.59
C PRO D 490 73.31 -11.61 17.45
N VAL D 491 74.30 -11.63 16.56
CA VAL D 491 75.14 -12.80 16.38
C VAL D 491 76.60 -12.44 16.63
N LEU D 492 77.20 -13.08 17.64
CA LEU D 492 78.58 -12.78 18.02
C LEU D 492 79.59 -13.59 17.23
N CYS D 493 80.24 -12.95 16.24
CA CYS D 493 81.23 -13.62 15.42
C CYS D 493 82.50 -13.84 16.23
N LYS D 494 82.92 -15.10 16.33
CA LYS D 494 84.13 -15.42 17.10
C LYS D 494 85.36 -15.70 16.23
N ASP D 495 85.27 -15.45 14.91
CA ASP D 495 86.39 -15.69 14.00
C ASP D 495 87.41 -14.56 14.06
N PRO D 496 88.70 -14.89 13.86
CA PRO D 496 89.72 -13.84 13.87
C PRO D 496 89.59 -12.90 12.67
N VAL D 497 90.01 -11.66 12.85
CA VAL D 497 89.92 -10.67 11.80
C VAL D 497 90.87 -10.99 10.65
N GLN D 498 90.31 -11.36 9.51
CA GLN D 498 91.06 -11.66 8.30
C GLN D 498 91.81 -10.40 7.84
N GLU D 499 93.02 -10.56 7.31
CA GLU D 499 93.86 -9.44 6.88
C GLU D 499 93.27 -8.70 5.70
N ALA D 500 92.71 -9.43 4.73
CA ALA D 500 92.04 -8.80 3.60
C ALA D 500 90.67 -8.29 4.12
N TRP D 501 90.37 -6.99 3.96
CA TRP D 501 89.12 -6.40 4.45
C TRP D 501 87.90 -6.98 3.76
N ALA D 502 87.95 -7.17 2.44
CA ALA D 502 86.83 -7.74 1.70
C ALA D 502 86.55 -9.18 2.16
N GLU D 503 87.60 -9.94 2.48
CA GLU D 503 87.43 -11.29 2.96
C GLU D 503 86.88 -11.32 4.40
N ASP D 504 87.14 -10.24 5.18
CA ASP D 504 86.64 -10.12 6.55
C ASP D 504 85.14 -9.78 6.55
N VAL D 505 84.74 -8.90 5.64
CA VAL D 505 83.35 -8.53 5.48
C VAL D 505 82.56 -9.74 4.98
N ASP D 506 83.13 -10.52 4.04
CA ASP D 506 82.44 -11.68 3.48
C ASP D 506 82.37 -12.86 4.46
N LEU D 507 83.29 -12.92 5.43
CA LEU D 507 83.25 -13.95 6.47
C LEU D 507 82.10 -13.63 7.43
N ARG D 508 81.94 -12.34 7.79
CA ARG D 508 80.89 -11.86 8.68
C ARG D 508 79.53 -11.98 8.00
N VAL D 509 79.46 -11.70 6.69
CA VAL D 509 78.23 -11.80 5.93
C VAL D 509 77.83 -13.26 5.73
N ASN D 510 78.80 -14.14 5.36
CA ASN D 510 78.46 -15.57 5.22
C ASN D 510 78.12 -16.22 6.57
N PHE D 511 78.61 -15.67 7.67
CA PHE D 511 78.25 -16.13 9.01
C PHE D 511 76.77 -15.84 9.24
N ALA D 512 76.31 -14.62 8.89
CA ALA D 512 74.90 -14.27 9.01
C ALA D 512 74.02 -15.14 8.13
N MET D 513 74.50 -15.51 6.94
CA MET D 513 73.81 -16.41 6.03
C MET D 513 73.63 -17.78 6.67
N ASN D 514 74.70 -18.31 7.30
CA ASN D 514 74.66 -19.61 7.99
C ASN D 514 73.72 -19.56 9.19
N VAL D 515 73.77 -18.48 9.98
CA VAL D 515 72.89 -18.27 11.12
C VAL D 515 71.41 -18.29 10.68
N GLY D 516 71.11 -17.57 9.60
CA GLY D 516 69.76 -17.47 9.05
C GLY D 516 69.17 -18.79 8.59
N LYS D 517 69.96 -19.58 7.85
CA LYS D 517 69.51 -20.89 7.37
C LYS D 517 69.27 -21.87 8.52
N ALA D 518 70.21 -21.89 9.47
CA ALA D 518 70.19 -22.80 10.62
C ALA D 518 69.03 -22.50 11.54
N ARG D 519 68.70 -21.21 11.71
CA ARG D 519 67.57 -20.81 12.56
C ARG D 519 66.23 -20.82 11.85
N GLY D 520 66.20 -21.07 10.54
CA GLY D 520 64.97 -21.13 9.77
C GLY D 520 64.47 -19.80 9.24
N PHE D 521 65.27 -18.73 9.36
CA PHE D 521 64.85 -17.40 8.90
C PHE D 521 64.74 -17.35 7.38
N PHE D 522 65.62 -18.06 6.68
CA PHE D 522 65.62 -18.07 5.23
C PHE D 522 66.37 -19.27 4.64
N LYS D 523 66.36 -19.40 3.31
CA LYS D 523 67.02 -20.48 2.59
C LYS D 523 67.73 -19.93 1.34
N LYS D 524 68.53 -20.78 0.66
CA LYS D 524 69.28 -20.47 -0.55
C LYS D 524 68.35 -19.88 -1.60
N GLY D 525 68.69 -18.71 -2.14
CA GLY D 525 67.88 -18.06 -3.15
C GLY D 525 67.02 -16.93 -2.64
N ASP D 526 66.72 -16.90 -1.33
CA ASP D 526 65.92 -15.82 -0.76
C ASP D 526 66.70 -14.53 -0.83
N VAL D 527 66.03 -13.39 -1.08
CA VAL D 527 66.74 -12.12 -1.16
C VAL D 527 66.95 -11.52 0.21
N VAL D 528 68.16 -11.05 0.52
CA VAL D 528 68.47 -10.36 1.77
C VAL D 528 69.07 -8.99 1.47
N ILE D 529 69.01 -8.07 2.45
CA ILE D 529 69.58 -6.72 2.39
C ILE D 529 70.81 -6.75 3.28
N VAL D 530 71.97 -6.28 2.80
CA VAL D 530 73.20 -6.29 3.59
C VAL D 530 73.77 -4.87 3.79
N LEU D 531 73.94 -4.44 5.05
CA LEU D 531 74.50 -3.12 5.35
C LEU D 531 75.96 -3.18 5.84
N THR D 532 76.89 -2.60 5.06
CA THR D 532 78.32 -2.58 5.37
C THR D 532 78.92 -1.14 5.17
N GLY D 533 80.22 -1.00 5.41
CA GLY D 533 80.94 0.25 5.28
C GLY D 533 81.45 0.65 3.90
N TRP D 534 81.63 -0.28 2.96
CA TRP D 534 82.14 0.07 1.61
C TRP D 534 83.66 0.16 1.52
N ARG D 535 84.31 0.92 2.41
CA ARG D 535 85.76 1.06 2.41
C ARG D 535 86.30 0.87 3.84
N PRO D 536 87.53 0.34 3.97
CA PRO D 536 88.09 0.13 5.31
C PRO D 536 88.44 1.44 6.04
N PHE D 540 81.53 3.48 9.31
CA PHE D 540 80.47 4.38 8.80
C PHE D 540 79.59 3.66 7.78
N THR D 541 78.64 2.83 8.29
CA THR D 541 77.71 2.04 7.48
C THR D 541 76.96 2.90 6.48
N ASN D 542 77.34 2.82 5.21
CA ASN D 542 76.72 3.65 4.16
C ASN D 542 76.45 2.89 2.87
N THR D 543 76.54 1.57 2.89
CA THR D 543 76.35 0.77 1.71
C THR D 543 75.30 -0.26 1.97
N MET D 544 74.40 -0.40 1.04
CA MET D 544 73.35 -1.38 1.10
C MET D 544 73.50 -2.25 -0.15
N ARG D 545 73.55 -3.57 0.01
CA ARG D 545 73.59 -4.47 -1.12
C ARG D 545 72.39 -5.41 -1.06
N VAL D 546 71.70 -5.64 -2.18
CA VAL D 546 70.58 -6.59 -2.22
C VAL D 546 71.16 -7.89 -2.80
N VAL D 547 71.19 -9.00 -2.03
CA VAL D 547 71.78 -10.25 -2.50
C VAL D 547 70.95 -11.51 -2.23
N PRO D 548 71.06 -12.53 -3.09
CA PRO D 548 70.43 -13.82 -2.76
C PRO D 548 71.28 -14.57 -1.72
N VAL D 549 70.64 -15.32 -0.85
CA VAL D 549 71.33 -16.12 0.15
C VAL D 549 71.99 -17.31 -0.54
N PRO D 550 73.30 -17.51 -0.33
CA PRO D 550 73.97 -18.65 -0.95
C PRO D 550 73.83 -19.86 -0.04
N GLN E 33 -26.70 -3.42 -19.68
CA GLN E 33 -25.27 -3.68 -19.59
C GLN E 33 -24.56 -2.81 -18.54
N THR E 34 -24.85 -1.50 -18.48
CA THR E 34 -24.21 -0.62 -17.47
C THR E 34 -25.10 -0.46 -16.22
N GLN E 35 -24.54 0.06 -15.14
CA GLN E 35 -25.22 0.36 -13.88
C GLN E 35 -26.09 -0.79 -13.29
N GLN E 36 -25.77 -2.06 -13.58
CA GLN E 36 -26.54 -3.23 -13.14
C GLN E 36 -28.01 -3.15 -13.60
N LEU E 37 -28.26 -2.56 -14.77
CA LEU E 37 -29.61 -2.40 -15.32
C LEU E 37 -30.27 -3.72 -15.64
N HIS E 38 -29.50 -4.76 -15.99
CA HIS E 38 -30.10 -6.08 -16.24
C HIS E 38 -30.66 -6.61 -14.91
N ALA E 39 -29.86 -6.51 -13.81
CA ALA E 39 -30.30 -6.94 -12.47
C ALA E 39 -31.43 -6.05 -11.89
N ALA E 40 -31.48 -4.78 -12.33
CA ALA E 40 -32.48 -3.83 -11.91
C ALA E 40 -33.90 -4.24 -12.35
N MET E 41 -34.01 -4.90 -13.51
CA MET E 41 -35.25 -5.35 -14.14
C MET E 41 -35.71 -6.76 -13.72
N ALA E 42 -35.11 -7.34 -12.69
CA ALA E 42 -35.50 -8.67 -12.25
C ALA E 42 -36.82 -8.59 -11.46
N ASP E 43 -37.71 -9.55 -11.71
CA ASP E 43 -39.01 -9.63 -11.05
C ASP E 43 -38.87 -10.02 -9.56
N THR E 44 -37.83 -10.78 -9.22
CA THR E 44 -37.61 -11.23 -7.85
C THR E 44 -36.25 -10.75 -7.29
N PHE E 45 -36.08 -10.79 -5.96
CA PHE E 45 -34.81 -10.42 -5.34
C PHE E 45 -33.75 -11.54 -5.62
N LEU E 46 -34.16 -12.81 -5.67
CA LEU E 46 -33.25 -13.90 -5.99
C LEU E 46 -32.64 -13.73 -7.39
N GLU E 47 -33.49 -13.46 -8.42
CA GLU E 47 -33.01 -13.23 -9.78
C GLU E 47 -32.20 -11.96 -9.86
N HIS E 48 -32.50 -10.94 -9.01
CA HIS E 48 -31.73 -9.71 -8.97
C HIS E 48 -30.28 -10.03 -8.56
N MET E 49 -30.10 -10.85 -7.52
CA MET E 49 -28.80 -11.28 -7.03
C MET E 49 -28.08 -12.09 -8.11
N CYS E 50 -28.76 -13.05 -8.78
CA CYS E 50 -28.13 -13.88 -9.83
C CYS E 50 -27.57 -13.04 -10.98
N ARG E 51 -28.23 -11.92 -11.28
CA ARG E 51 -27.83 -11.03 -12.37
C ARG E 51 -26.76 -10.03 -12.01
N LEU E 52 -26.30 -9.97 -10.75
CA LEU E 52 -25.25 -9.02 -10.38
C LEU E 52 -23.99 -9.27 -11.22
N ASP E 53 -23.50 -8.23 -11.90
CA ASP E 53 -22.46 -8.39 -12.89
C ASP E 53 -21.20 -7.57 -12.64
N ILE E 54 -20.05 -8.25 -12.47
CA ILE E 54 -18.78 -7.55 -12.24
C ILE E 54 -18.32 -6.81 -13.49
N ASP E 55 -18.79 -7.17 -14.69
CA ASP E 55 -18.44 -6.43 -15.90
C ASP E 55 -19.45 -5.37 -16.29
N SER E 56 -20.38 -5.01 -15.37
CA SER E 56 -21.39 -3.99 -15.60
C SER E 56 -20.87 -2.76 -14.92
N PRO E 57 -20.32 -1.80 -15.67
CA PRO E 57 -19.71 -0.64 -15.01
C PRO E 57 -20.71 0.35 -14.41
N PRO E 58 -20.37 0.92 -13.25
CA PRO E 58 -21.28 1.92 -12.65
C PRO E 58 -21.27 3.27 -13.38
N ILE E 59 -22.20 4.15 -13.04
CA ILE E 59 -22.21 5.51 -13.58
C ILE E 59 -21.14 6.32 -12.80
N THR E 60 -20.88 7.57 -13.21
CA THR E 60 -19.88 8.41 -12.55
C THR E 60 -20.25 8.82 -11.11
N ALA E 61 -21.53 9.16 -10.91
CA ALA E 61 -22.05 9.65 -9.63
C ALA E 61 -21.98 8.68 -8.46
N ARG E 62 -21.41 9.13 -7.35
CA ARG E 62 -21.41 8.36 -6.12
C ARG E 62 -22.30 9.10 -5.13
N ASN E 63 -23.43 8.51 -4.83
CA ASN E 63 -24.51 9.03 -4.00
C ASN E 63 -24.27 9.11 -2.50
N THR E 64 -23.51 8.17 -1.93
CA THR E 64 -23.29 8.02 -0.49
C THR E 64 -22.22 8.96 0.04
N GLY E 65 -22.56 9.75 1.04
CA GLY E 65 -21.62 10.69 1.63
C GLY E 65 -20.50 10.03 2.38
N ILE E 66 -19.29 10.57 2.26
CA ILE E 66 -18.09 10.05 2.93
C ILE E 66 -17.68 11.05 3.99
N ILE E 67 -17.70 10.61 5.26
CA ILE E 67 -17.35 11.41 6.41
C ILE E 67 -16.00 10.91 6.86
N CYS E 68 -14.98 11.76 6.88
CA CYS E 68 -13.63 11.35 7.31
C CYS E 68 -13.30 12.06 8.59
N THR E 69 -12.83 11.33 9.60
CA THR E 69 -12.37 11.88 10.86
C THR E 69 -11.00 12.46 10.61
N ILE E 70 -10.80 13.74 10.92
CA ILE E 70 -9.51 14.39 10.68
C ILE E 70 -8.60 14.28 11.90
N GLY E 71 -7.34 13.96 11.66
CA GLY E 71 -6.35 13.80 12.70
C GLY E 71 -4.96 14.12 12.21
N PRO E 72 -3.92 13.57 12.87
CA PRO E 72 -2.54 13.87 12.46
C PRO E 72 -2.18 13.43 11.03
N ALA E 73 -2.75 12.31 10.58
CA ALA E 73 -2.45 11.79 9.25
C ALA E 73 -3.11 12.55 8.10
N SER E 74 -3.97 13.53 8.39
CA SER E 74 -4.68 14.24 7.34
C SER E 74 -5.07 15.67 7.66
N ARG E 75 -4.58 16.29 8.75
CA ARG E 75 -5.03 17.66 9.05
C ARG E 75 -4.25 18.76 8.37
N SER E 76 -3.33 18.45 7.46
CA SER E 76 -2.63 19.47 6.69
C SER E 76 -3.51 19.88 5.50
N VAL E 77 -3.32 21.12 5.00
CA VAL E 77 -4.07 21.61 3.84
C VAL E 77 -3.77 20.76 2.61
N GLU E 78 -2.52 20.39 2.41
CA GLU E 78 -2.13 19.54 1.29
C GLU E 78 -2.86 18.20 1.27
N THR E 79 -2.92 17.50 2.44
CA THR E 79 -3.61 16.23 2.50
C THR E 79 -5.09 16.43 2.32
N LEU E 80 -5.66 17.49 2.93
CA LEU E 80 -7.09 17.78 2.81
C LEU E 80 -7.48 18.05 1.36
N LYS E 81 -6.62 18.72 0.57
CA LYS E 81 -6.91 18.95 -0.86
C LYS E 81 -7.04 17.61 -1.59
N GLU E 82 -6.18 16.65 -1.26
CA GLU E 82 -6.26 15.32 -1.86
C GLU E 82 -7.46 14.54 -1.32
N MET E 83 -7.86 14.77 -0.08
CA MET E 83 -9.00 14.13 0.55
C MET E 83 -10.29 14.51 -0.19
N ILE E 84 -10.45 15.81 -0.48
CA ILE E 84 -11.60 16.36 -1.20
C ILE E 84 -11.64 15.79 -2.62
N LYS E 85 -10.46 15.75 -3.30
CA LYS E 85 -10.37 15.20 -4.65
C LYS E 85 -10.63 13.69 -4.68
N SER E 86 -10.31 13.00 -3.57
CA SER E 86 -10.56 11.56 -3.43
C SER E 86 -12.00 11.21 -3.11
N GLY E 87 -12.77 12.17 -2.57
CA GLY E 87 -14.17 11.94 -2.27
C GLY E 87 -14.70 12.40 -0.93
N MET E 88 -13.87 13.01 -0.07
CA MET E 88 -14.38 13.47 1.23
C MET E 88 -15.50 14.52 1.08
N ASN E 89 -16.61 14.29 1.77
CA ASN E 89 -17.71 15.24 1.75
C ASN E 89 -17.88 15.96 3.11
N VAL E 90 -17.46 15.30 4.21
CA VAL E 90 -17.62 15.83 5.56
C VAL E 90 -16.35 15.59 6.34
N ALA E 91 -15.85 16.63 7.00
CA ALA E 91 -14.68 16.48 7.86
C ALA E 91 -15.19 16.39 9.30
N ARG E 92 -14.97 15.24 9.94
CA ARG E 92 -15.39 14.97 11.31
C ARG E 92 -14.28 15.37 12.30
N LEU E 93 -14.64 16.22 13.27
CA LEU E 93 -13.70 16.65 14.28
C LEU E 93 -14.04 15.92 15.56
N ASN E 94 -13.21 14.96 15.93
CA ASN E 94 -13.44 14.17 17.14
C ASN E 94 -13.03 14.94 18.40
N PHE E 95 -14.02 15.38 19.19
CA PHE E 95 -13.73 16.13 20.43
C PHE E 95 -13.48 15.23 21.65
N SER E 96 -13.24 13.92 21.44
CA SER E 96 -12.84 13.04 22.54
C SER E 96 -11.43 13.48 23.03
N HIS E 97 -10.58 13.95 22.11
CA HIS E 97 -9.22 14.41 22.37
C HIS E 97 -9.00 15.78 21.66
N GLY E 98 -7.94 16.48 22.04
CA GLY E 98 -7.59 17.74 21.42
C GLY E 98 -8.22 18.99 22.02
N THR E 99 -7.47 20.09 22.02
CA THR E 99 -7.90 21.39 22.54
C THR E 99 -8.71 22.16 21.47
N HIS E 100 -9.44 23.22 21.88
CA HIS E 100 -10.20 24.07 20.97
C HIS E 100 -9.26 24.77 19.99
N GLU E 101 -8.04 25.15 20.42
CA GLU E 101 -7.06 25.80 19.53
C GLU E 101 -6.66 24.85 18.40
N TYR E 102 -6.46 23.56 18.75
CA TYR E 102 -6.12 22.49 17.82
C TYR E 102 -7.24 22.29 16.80
N HIS E 103 -8.49 22.21 17.28
CA HIS E 103 -9.64 22.01 16.42
C HIS E 103 -9.94 23.22 15.53
N ALA E 104 -9.65 24.44 15.99
CA ALA E 104 -9.86 25.65 15.18
C ALA E 104 -8.90 25.64 13.98
N GLU E 105 -7.67 25.16 14.18
CA GLU E 105 -6.67 25.06 13.12
C GLU E 105 -7.07 23.98 12.11
N THR E 106 -7.65 22.86 12.59
CA THR E 106 -8.12 21.79 11.72
C THR E 106 -9.21 22.34 10.81
N ILE E 107 -10.18 23.08 11.38
CA ILE E 107 -11.30 23.70 10.66
C ILE E 107 -10.79 24.73 9.65
N LYS E 108 -9.82 25.55 10.05
CA LYS E 108 -9.25 26.56 9.16
C LYS E 108 -8.58 25.88 7.96
N ASN E 109 -7.87 24.76 8.20
CA ASN E 109 -7.22 23.98 7.16
C ASN E 109 -8.28 23.32 6.27
N VAL E 110 -9.39 22.86 6.83
CA VAL E 110 -10.47 22.24 6.06
C VAL E 110 -11.05 23.27 5.08
N ARG E 111 -11.28 24.51 5.56
CA ARG E 111 -11.81 25.62 4.79
C ARG E 111 -10.83 26.18 3.77
N THR E 112 -9.51 26.18 4.07
CA THR E 112 -8.51 26.67 3.14
C THR E 112 -8.49 25.71 1.95
N ALA E 113 -8.44 24.39 2.23
CA ALA E 113 -8.43 23.37 1.21
C ALA E 113 -9.72 23.43 0.40
N THR E 114 -10.87 23.48 1.06
CA THR E 114 -12.17 23.56 0.39
C THR E 114 -12.26 24.72 -0.58
N GLU E 115 -11.89 25.92 -0.12
CA GLU E 115 -11.98 27.11 -0.95
C GLU E 115 -10.88 27.20 -2.02
N SER E 116 -9.88 26.29 -2.01
CA SER E 116 -8.88 26.31 -3.09
C SER E 116 -9.52 25.93 -4.46
N PHE E 117 -10.70 25.30 -4.44
CA PHE E 117 -11.46 24.90 -5.62
C PHE E 117 -12.63 25.86 -5.95
N ALA E 118 -12.84 26.91 -5.12
CA ALA E 118 -13.94 27.86 -5.25
C ALA E 118 -13.96 28.70 -6.53
N SER E 119 -12.83 28.85 -7.21
CA SER E 119 -12.79 29.64 -8.45
C SER E 119 -13.71 29.07 -9.54
N ASP E 120 -13.91 27.74 -9.59
CA ASP E 120 -14.81 27.13 -10.57
C ASP E 120 -16.09 26.56 -9.91
N PRO E 121 -17.18 27.34 -9.82
CA PRO E 121 -18.42 26.80 -9.20
C PRO E 121 -18.98 25.57 -9.89
N ILE E 122 -18.63 25.35 -11.16
CA ILE E 122 -19.08 24.19 -11.91
C ILE E 122 -18.45 22.89 -11.35
N LEU E 123 -17.21 22.98 -10.85
CA LEU E 123 -16.52 21.83 -10.28
C LEU E 123 -16.43 21.84 -8.75
N TYR E 124 -16.61 23.01 -8.13
CA TYR E 124 -16.52 23.19 -6.68
C TYR E 124 -17.36 22.16 -5.89
N ARG E 125 -16.73 21.53 -4.89
CA ARG E 125 -17.42 20.57 -4.05
C ARG E 125 -17.54 21.10 -2.64
N PRO E 126 -18.78 21.29 -2.15
CA PRO E 126 -18.96 21.78 -0.79
C PRO E 126 -18.51 20.73 0.20
N VAL E 127 -17.83 21.14 1.27
CA VAL E 127 -17.34 20.21 2.29
C VAL E 127 -17.88 20.66 3.62
N ALA E 128 -18.57 19.78 4.34
CA ALA E 128 -19.17 20.14 5.62
C ALA E 128 -18.23 19.91 6.79
N VAL E 129 -18.46 20.62 7.91
CA VAL E 129 -17.69 20.45 9.13
C VAL E 129 -18.59 19.87 10.21
N ALA E 130 -18.16 18.77 10.84
CA ALA E 130 -18.91 18.07 11.86
C ALA E 130 -18.18 18.03 13.20
N LEU E 131 -18.92 18.24 14.29
CA LEU E 131 -18.38 18.21 15.65
C LEU E 131 -18.83 16.93 16.34
N ASP E 132 -17.90 16.08 16.79
CA ASP E 132 -18.31 14.85 17.50
C ASP E 132 -17.98 15.05 18.96
N THR E 133 -19.00 15.13 19.82
CA THR E 133 -18.79 15.36 21.24
C THR E 133 -18.15 14.19 21.95
N LYS E 134 -17.52 14.45 23.08
CA LYS E 134 -16.91 13.41 23.88
C LYS E 134 -18.03 12.63 24.61
N GLY E 135 -18.98 13.35 25.19
CA GLY E 135 -20.07 12.77 25.93
C GLY E 135 -19.74 12.50 27.38
N PRO E 136 -20.74 12.11 28.17
CA PRO E 136 -20.47 11.76 29.56
C PRO E 136 -19.79 10.40 29.66
N GLU E 137 -18.93 10.25 30.68
CA GLU E 137 -18.19 9.01 30.88
C GLU E 137 -18.36 8.47 32.30
N ILE E 138 -17.98 7.21 32.51
CA ILE E 138 -17.90 6.58 33.82
C ILE E 138 -16.48 6.04 33.84
N ARG E 139 -15.64 6.54 34.74
CA ARG E 139 -14.23 6.14 34.79
C ARG E 139 -13.87 5.46 36.10
N THR E 140 -12.86 4.60 36.05
CA THR E 140 -12.34 3.95 37.24
C THR E 140 -11.32 4.89 37.93
N GLY E 141 -10.93 4.55 39.15
CA GLY E 141 -9.95 5.33 39.88
C GLY E 141 -8.53 4.84 39.62
N VAL E 151 -2.51 -4.44 38.32
CA VAL E 151 -3.20 -5.62 38.84
C VAL E 151 -3.62 -6.58 37.70
N GLU E 152 -4.03 -7.83 38.04
CA GLU E 152 -4.40 -8.79 37.01
C GLU E 152 -5.88 -9.20 36.96
N LEU E 153 -6.54 -9.44 38.11
CA LEU E 153 -7.97 -9.86 38.14
C LEU E 153 -8.18 -11.22 37.47
N LYS E 154 -8.38 -12.29 38.26
CA LYS E 154 -8.59 -13.62 37.69
C LYS E 154 -10.06 -14.01 37.65
N LYS E 155 -10.43 -14.88 36.68
CA LYS E 155 -11.79 -15.38 36.51
C LYS E 155 -12.25 -16.09 37.79
N GLY E 156 -13.28 -15.56 38.42
CA GLY E 156 -13.82 -16.13 39.64
C GLY E 156 -13.41 -15.41 40.91
N ALA E 157 -12.49 -14.42 40.81
CA ALA E 157 -12.06 -13.68 41.99
C ALA E 157 -13.08 -12.62 42.38
N THR E 158 -13.21 -12.36 43.69
CA THR E 158 -14.15 -11.36 44.18
C THR E 158 -13.59 -9.96 43.96
N LEU E 159 -14.46 -9.02 43.56
CA LEU E 159 -14.08 -7.64 43.33
C LEU E 159 -15.20 -6.73 43.80
N LYS E 160 -14.91 -5.91 44.81
CA LYS E 160 -15.92 -5.01 45.35
C LYS E 160 -15.85 -3.62 44.71
N ILE E 161 -16.99 -3.13 44.22
CA ILE E 161 -17.05 -1.82 43.61
C ILE E 161 -17.46 -0.84 44.70
N THR E 162 -16.56 0.05 45.09
CA THR E 162 -16.85 1.02 46.14
C THR E 162 -17.10 2.39 45.57
N LEU E 163 -17.96 3.15 46.24
CA LEU E 163 -18.20 4.52 45.85
C LEU E 163 -17.44 5.52 46.74
N ASP E 164 -16.97 5.07 47.94
CA ASP E 164 -16.21 5.85 48.92
C ASP E 164 -15.00 6.49 48.25
N ASN E 165 -14.97 7.83 48.27
CA ASN E 165 -13.93 8.63 47.63
C ASN E 165 -12.51 8.46 48.19
N ALA E 166 -12.36 7.84 49.37
CA ALA E 166 -11.03 7.63 49.95
C ALA E 166 -10.15 6.72 49.07
N TYR E 167 -10.78 5.75 48.41
CA TYR E 167 -10.06 4.85 47.51
C TYR E 167 -10.09 5.33 46.06
N MET E 168 -10.13 6.65 45.84
CA MET E 168 -10.13 7.29 44.52
C MET E 168 -8.80 7.01 43.81
N GLU E 169 -7.69 7.07 44.55
CA GLU E 169 -6.36 6.78 44.02
C GLU E 169 -5.74 5.53 44.68
N LYS E 170 -6.57 4.65 45.24
CA LYS E 170 -6.15 3.43 45.93
C LYS E 170 -6.84 2.19 45.35
N CYS E 171 -7.10 2.17 44.03
CA CYS E 171 -7.74 1.03 43.38
C CYS E 171 -6.78 -0.17 43.33
N ASP E 172 -7.27 -1.35 43.70
CA ASP E 172 -6.47 -2.57 43.68
C ASP E 172 -7.27 -3.78 43.11
N GLU E 173 -6.75 -5.02 43.22
CA GLU E 173 -7.43 -6.21 42.70
C GLU E 173 -8.64 -6.67 43.53
N ASN E 174 -8.80 -6.15 44.75
CA ASN E 174 -9.92 -6.51 45.61
C ASN E 174 -10.96 -5.38 45.74
N ILE E 175 -10.55 -4.12 45.52
CA ILE E 175 -11.44 -2.96 45.59
C ILE E 175 -11.25 -2.07 44.36
N LEU E 176 -12.35 -1.60 43.77
CA LEU E 176 -12.28 -0.73 42.60
C LEU E 176 -13.24 0.45 42.78
N TRP E 177 -12.79 1.67 42.46
CA TRP E 177 -13.62 2.86 42.61
C TRP E 177 -14.04 3.41 41.25
N LEU E 178 -15.24 4.01 41.19
CA LEU E 178 -15.78 4.62 39.96
C LEU E 178 -16.29 6.04 40.25
N ASP E 179 -16.30 6.92 39.24
CA ASP E 179 -16.78 8.28 39.44
C ASP E 179 -18.31 8.43 39.30
N TYR E 180 -19.02 7.35 38.99
CA TYR E 180 -20.47 7.40 38.85
C TYR E 180 -21.12 6.98 40.16
N LYS E 181 -21.44 7.96 41.01
CA LYS E 181 -22.01 7.74 42.35
C LYS E 181 -23.44 7.20 42.35
N ASN E 182 -24.10 7.12 41.18
CA ASN E 182 -25.47 6.61 41.13
C ASN E 182 -25.55 5.19 40.57
N ILE E 183 -24.45 4.41 40.63
CA ILE E 183 -24.38 3.08 40.06
C ILE E 183 -25.26 2.01 40.77
N CYS E 184 -25.35 2.01 42.11
CA CYS E 184 -26.15 1.00 42.81
C CYS E 184 -27.66 1.14 42.56
N LYS E 185 -28.12 2.35 42.22
CA LYS E 185 -29.53 2.57 41.91
C LYS E 185 -29.89 2.12 40.48
N VAL E 186 -28.88 1.97 39.60
CA VAL E 186 -29.05 1.55 38.19
C VAL E 186 -28.63 0.08 37.94
N VAL E 187 -27.94 -0.54 38.89
CA VAL E 187 -27.47 -1.93 38.83
C VAL E 187 -28.42 -2.87 39.59
N GLU E 188 -28.40 -4.16 39.27
CA GLU E 188 -29.24 -5.16 39.93
C GLU E 188 -28.48 -6.47 40.22
N VAL E 189 -29.09 -7.42 40.95
CA VAL E 189 -28.46 -8.71 41.24
C VAL E 189 -28.46 -9.53 39.95
N GLY E 190 -27.28 -9.77 39.42
CA GLY E 190 -27.13 -10.49 38.15
C GLY E 190 -26.70 -9.61 36.99
N SER E 191 -26.60 -8.28 37.21
CA SER E 191 -26.21 -7.33 36.17
C SER E 191 -24.71 -7.40 35.86
N LYS E 192 -24.30 -7.01 34.65
CA LYS E 192 -22.91 -7.03 34.23
C LYS E 192 -22.29 -5.64 34.21
N ILE E 193 -20.98 -5.56 34.53
CA ILE E 193 -20.22 -4.31 34.51
C ILE E 193 -18.96 -4.51 33.66
N TYR E 194 -18.79 -3.74 32.59
CA TYR E 194 -17.64 -3.87 31.71
C TYR E 194 -16.63 -2.78 32.00
N VAL E 195 -15.33 -3.12 32.05
CA VAL E 195 -14.24 -2.20 32.31
C VAL E 195 -13.22 -2.26 31.16
N ASP E 196 -12.66 -1.10 30.77
CA ASP E 196 -11.66 -0.90 29.72
C ASP E 196 -12.16 -1.38 28.37
N ASP E 197 -13.19 -0.72 27.85
CA ASP E 197 -13.81 -1.01 26.57
C ASP E 197 -14.20 -2.50 26.44
N GLY E 198 -14.82 -3.03 27.47
CA GLY E 198 -15.32 -4.39 27.53
C GLY E 198 -14.28 -5.49 27.63
N LEU E 199 -13.03 -5.11 27.91
CA LEU E 199 -11.96 -6.09 28.06
C LEU E 199 -12.12 -6.92 29.36
N ILE E 200 -12.74 -6.32 30.41
CA ILE E 200 -13.01 -6.97 31.69
C ILE E 200 -14.52 -7.06 31.91
N SER E 201 -15.01 -8.20 32.43
CA SER E 201 -16.42 -8.42 32.69
C SER E 201 -16.64 -8.80 34.19
N LEU E 202 -17.71 -8.25 34.81
CA LEU E 202 -18.05 -8.51 36.22
C LEU E 202 -19.55 -8.88 36.36
N GLN E 203 -19.95 -9.42 37.52
CA GLN E 203 -21.36 -9.78 37.76
C GLN E 203 -21.80 -9.42 39.18
N VAL E 204 -22.78 -8.52 39.32
CA VAL E 204 -23.28 -8.11 40.63
C VAL E 204 -24.02 -9.23 41.36
N ASP E 210 -24.63 1.38 48.74
CA ASP E 210 -23.35 2.09 48.86
C ASP E 210 -22.21 1.35 48.13
N PHE E 211 -22.29 0.01 48.07
CA PHE E 211 -21.24 -0.80 47.44
C PHE E 211 -21.83 -1.94 46.61
N LEU E 212 -20.99 -2.54 45.74
CA LEU E 212 -21.39 -3.67 44.89
C LEU E 212 -20.45 -4.86 45.14
N VAL E 213 -20.99 -6.08 45.28
CA VAL E 213 -20.16 -7.27 45.46
C VAL E 213 -20.20 -8.10 44.17
N THR E 214 -19.12 -8.07 43.36
CA THR E 214 -19.09 -8.75 42.05
C THR E 214 -18.06 -9.88 41.89
N GLU E 215 -18.34 -10.81 40.94
CA GLU E 215 -17.44 -11.92 40.60
C GLU E 215 -16.90 -11.71 39.18
N VAL E 216 -15.57 -11.80 39.01
CA VAL E 216 -14.95 -11.60 37.70
C VAL E 216 -15.36 -12.69 36.72
N GLU E 217 -15.95 -12.29 35.59
CA GLU E 217 -16.37 -13.24 34.56
C GLU E 217 -15.22 -13.34 33.54
N ASN E 218 -14.72 -12.20 33.07
CA ASN E 218 -13.61 -12.14 32.13
C ASN E 218 -12.49 -11.29 32.75
N GLY E 219 -11.29 -11.85 32.83
CA GLY E 219 -10.15 -11.17 33.43
C GLY E 219 -9.22 -10.48 32.45
N GLY E 220 -8.20 -9.82 32.98
CA GLY E 220 -7.21 -9.09 32.19
C GLY E 220 -6.44 -8.06 33.00
N SER E 221 -5.47 -7.40 32.36
CA SER E 221 -4.64 -6.40 33.03
C SER E 221 -5.43 -5.11 33.28
N LEU E 222 -5.86 -4.88 34.53
CA LEU E 222 -6.60 -3.68 34.88
C LEU E 222 -5.65 -2.51 35.14
N GLY E 223 -5.87 -1.42 34.42
CA GLY E 223 -5.09 -0.20 34.56
C GLY E 223 -5.89 0.90 35.26
N SER E 224 -5.46 2.16 35.10
CA SER E 224 -6.15 3.28 35.75
C SER E 224 -6.94 4.15 34.78
N LYS E 225 -7.91 4.94 35.32
CA LYS E 225 -8.77 5.87 34.56
C LYS E 225 -9.40 5.19 33.34
N LYS E 226 -9.88 3.96 33.53
CA LYS E 226 -10.48 3.16 32.48
C LYS E 226 -11.98 3.41 32.31
N GLY E 227 -12.46 3.32 31.07
CA GLY E 227 -13.86 3.51 30.79
C GLY E 227 -14.72 2.38 31.28
N VAL E 228 -15.89 2.70 31.83
CA VAL E 228 -16.84 1.71 32.33
C VAL E 228 -18.11 1.72 31.47
N ASN E 229 -18.69 0.54 31.27
CA ASN E 229 -19.93 0.39 30.53
C ASN E 229 -20.89 -0.46 31.37
N LEU E 230 -22.17 -0.07 31.42
CA LEU E 230 -23.15 -0.80 32.21
C LEU E 230 -24.23 -1.30 31.28
N PRO E 231 -24.05 -2.52 30.71
CA PRO E 231 -25.05 -3.03 29.76
C PRO E 231 -26.45 -3.19 30.33
N GLY E 232 -27.45 -2.79 29.56
CA GLY E 232 -28.85 -2.87 29.96
C GLY E 232 -29.32 -1.86 30.99
N ALA E 233 -28.42 -1.03 31.54
CA ALA E 233 -28.78 -0.04 32.55
C ALA E 233 -29.28 1.31 32.02
N ALA E 234 -30.25 1.92 32.72
CA ALA E 234 -30.74 3.26 32.37
C ALA E 234 -29.91 4.20 33.22
N VAL E 235 -28.84 4.74 32.64
CA VAL E 235 -27.87 5.60 33.31
C VAL E 235 -28.40 7.04 33.41
N ASP E 236 -28.19 7.71 34.55
CA ASP E 236 -28.69 9.08 34.73
C ASP E 236 -27.63 10.15 34.48
N LEU E 237 -26.56 9.81 33.74
CA LEU E 237 -25.51 10.77 33.32
C LEU E 237 -26.18 11.89 32.51
N PRO E 238 -25.67 13.14 32.57
CA PRO E 238 -26.33 14.23 31.84
C PRO E 238 -26.22 14.04 30.33
N ALA E 239 -27.16 14.60 29.58
CA ALA E 239 -27.14 14.55 28.13
C ALA E 239 -25.86 15.18 27.57
N VAL E 240 -25.39 16.25 28.20
CA VAL E 240 -24.18 16.96 27.85
C VAL E 240 -23.38 17.24 29.10
N SER E 241 -22.12 16.82 29.12
CA SER E 241 -21.21 17.12 30.22
C SER E 241 -20.80 18.62 30.15
N GLU E 242 -20.10 19.15 31.18
CA GLU E 242 -19.67 20.56 31.11
C GLU E 242 -18.72 20.79 29.91
N LYS E 243 -17.82 19.83 29.61
CA LYS E 243 -16.93 19.96 28.46
C LYS E 243 -17.72 19.97 27.15
N ASP E 244 -18.77 19.14 27.04
CA ASP E 244 -19.65 19.12 25.86
C ASP E 244 -20.34 20.44 25.66
N ILE E 245 -20.74 21.11 26.75
CA ILE E 245 -21.38 22.42 26.68
C ILE E 245 -20.44 23.44 26.04
N GLN E 246 -19.16 23.46 26.49
CA GLN E 246 -18.13 24.36 25.97
C GLN E 246 -17.79 24.02 24.52
N ASP E 247 -17.76 22.72 24.19
CA ASP E 247 -17.49 22.21 22.86
C ASP E 247 -18.59 22.58 21.86
N LEU E 248 -19.86 22.49 22.28
CA LEU E 248 -21.00 22.85 21.43
C LEU E 248 -21.07 24.36 21.17
N LYS E 249 -20.72 25.17 22.20
CA LYS E 249 -20.69 26.62 22.08
C LYS E 249 -19.56 27.03 21.12
N PHE E 250 -18.42 26.30 21.16
CA PHE E 250 -17.30 26.52 20.27
C PHE E 250 -17.69 26.17 18.82
N GLY E 251 -18.48 25.12 18.64
CA GLY E 251 -19.00 24.75 17.32
C GLY E 251 -19.89 25.82 16.70
N VAL E 252 -20.68 26.51 17.53
CA VAL E 252 -21.49 27.63 17.03
C VAL E 252 -20.54 28.76 16.61
N GLU E 253 -19.52 29.06 17.43
CA GLU E 253 -18.53 30.08 17.13
C GLU E 253 -17.80 29.82 15.82
N GLN E 254 -17.45 28.57 15.59
CA GLN E 254 -16.74 28.13 14.40
C GLN E 254 -17.64 27.79 13.24
N ASP E 255 -18.93 28.16 13.27
CA ASP E 255 -19.89 27.93 12.18
C ASP E 255 -19.92 26.48 11.63
N VAL E 256 -20.09 25.46 12.50
CA VAL E 256 -20.13 24.08 12.04
C VAL E 256 -21.50 23.74 11.43
N ASP E 257 -21.54 22.72 10.57
CA ASP E 257 -22.77 22.34 9.89
C ASP E 257 -23.59 21.35 10.67
N MET E 258 -22.93 20.44 11.40
CA MET E 258 -23.62 19.40 12.12
C MET E 258 -22.91 18.98 13.40
N VAL E 259 -23.66 18.39 14.31
CA VAL E 259 -23.13 17.91 15.57
C VAL E 259 -23.46 16.43 15.66
N PHE E 260 -22.51 15.61 16.07
CA PHE E 260 -22.75 14.19 16.29
C PHE E 260 -22.77 14.11 17.83
N ALA E 261 -23.97 14.13 18.42
CA ALA E 261 -24.14 14.11 19.87
C ALA E 261 -23.98 12.72 20.46
N SER E 262 -22.95 12.53 21.26
CA SER E 262 -22.68 11.24 21.88
C SER E 262 -23.69 10.81 22.95
N PHE E 263 -23.79 9.50 23.13
CA PHE E 263 -24.53 8.81 24.15
C PHE E 263 -25.96 9.27 24.30
N ILE E 264 -26.70 9.41 23.18
CA ILE E 264 -28.09 9.84 23.24
C ILE E 264 -28.96 8.64 23.64
N ARG E 265 -29.73 8.76 24.72
CA ARG E 265 -30.57 7.67 25.23
C ARG E 265 -32.06 7.91 25.18
N LYS E 266 -32.48 9.16 25.04
CA LYS E 266 -33.89 9.52 24.98
C LYS E 266 -34.08 10.85 24.25
N ALA E 267 -35.33 11.19 23.88
CA ALA E 267 -35.62 12.43 23.19
C ALA E 267 -35.21 13.64 24.03
N SER E 268 -35.36 13.56 25.37
CA SER E 268 -34.98 14.68 26.22
C SER E 268 -33.47 15.00 26.15
N ASP E 269 -32.63 14.00 25.81
CA ASP E 269 -31.19 14.21 25.65
C ASP E 269 -30.94 15.09 24.43
N VAL E 270 -31.65 14.83 23.31
CA VAL E 270 -31.57 15.60 22.07
C VAL E 270 -32.02 17.03 22.31
N HIS E 271 -33.11 17.19 23.06
CA HIS E 271 -33.64 18.52 23.38
C HIS E 271 -32.63 19.33 24.19
N GLU E 272 -31.81 18.68 25.03
CA GLU E 272 -30.78 19.38 25.78
C GLU E 272 -29.73 19.91 24.82
N VAL E 273 -29.28 19.08 23.86
CA VAL E 273 -28.31 19.50 22.85
C VAL E 273 -28.83 20.71 22.06
N ARG E 274 -30.11 20.66 21.67
CA ARG E 274 -30.78 21.71 20.93
C ARG E 274 -30.82 23.04 21.72
N LYS E 275 -30.96 22.97 23.05
CA LYS E 275 -31.03 24.18 23.86
C LYS E 275 -29.64 24.77 24.07
N VAL E 276 -28.60 23.92 24.22
CA VAL E 276 -27.23 24.40 24.35
C VAL E 276 -26.79 25.08 23.03
N LEU E 277 -27.26 24.59 21.86
CA LEU E 277 -26.93 25.22 20.59
C LEU E 277 -27.58 26.62 20.44
N GLY E 278 -28.75 26.80 21.06
CA GLY E 278 -29.50 28.04 21.10
C GLY E 278 -29.99 28.59 19.77
N GLU E 279 -30.37 29.89 19.76
CA GLU E 279 -30.83 30.60 18.58
C GLU E 279 -29.71 30.69 17.54
N LYS E 280 -28.48 31.03 17.98
CA LYS E 280 -27.36 31.16 17.07
C LYS E 280 -27.04 29.85 16.35
N GLY E 281 -27.31 28.71 16.99
CA GLY E 281 -27.05 27.40 16.39
C GLY E 281 -28.31 26.65 15.97
N LYS E 282 -29.41 27.37 15.73
CA LYS E 282 -30.69 26.75 15.37
C LYS E 282 -30.66 25.94 14.06
N ASN E 283 -29.77 26.30 13.12
CA ASN E 283 -29.68 25.64 11.82
C ASN E 283 -28.70 24.47 11.75
N ILE E 284 -27.94 24.22 12.83
CA ILE E 284 -26.98 23.13 12.89
C ILE E 284 -27.75 21.83 13.09
N LYS E 285 -27.48 20.81 12.26
CA LYS E 285 -28.17 19.54 12.37
C LYS E 285 -27.65 18.72 13.53
N ILE E 286 -28.55 18.11 14.29
CA ILE E 286 -28.18 17.26 15.41
C ILE E 286 -28.36 15.82 15.02
N ILE E 287 -27.24 15.09 14.95
CA ILE E 287 -27.22 13.68 14.62
C ILE E 287 -26.99 12.96 15.93
N SER E 288 -27.97 12.20 16.41
CA SER E 288 -27.84 11.47 17.67
C SER E 288 -27.11 10.14 17.45
N LYS E 289 -26.11 9.89 18.30
CA LYS E 289 -25.34 8.66 18.23
C LYS E 289 -25.98 7.60 19.13
N ILE E 290 -26.32 6.43 18.57
CA ILE E 290 -26.96 5.36 19.35
C ILE E 290 -25.88 4.41 19.80
N GLU E 291 -25.60 4.41 21.11
CA GLU E 291 -24.47 3.66 21.63
C GLU E 291 -24.76 2.62 22.69
N ASN E 292 -26.02 2.48 23.14
CA ASN E 292 -26.32 1.49 24.18
C ASN E 292 -27.72 0.87 24.01
N HIS E 293 -28.10 -0.05 24.89
CA HIS E 293 -29.42 -0.73 24.77
C HIS E 293 -30.55 0.30 24.85
N GLU E 294 -30.48 1.24 25.79
CA GLU E 294 -31.50 2.26 25.97
C GLU E 294 -31.77 3.04 24.70
N GLY E 295 -30.72 3.50 24.04
CA GLY E 295 -30.88 4.23 22.78
C GLY E 295 -31.55 3.40 21.70
N VAL E 296 -31.23 2.10 21.64
CA VAL E 296 -31.85 1.18 20.69
C VAL E 296 -33.34 0.99 21.02
N ARG E 297 -33.65 0.71 22.30
CA ARG E 297 -35.01 0.48 22.79
C ARG E 297 -35.90 1.68 22.65
N ARG E 298 -35.34 2.86 22.85
CA ARG E 298 -36.12 4.09 22.73
C ARG E 298 -35.83 4.84 21.43
N PHE E 299 -35.46 4.11 20.39
CA PHE E 299 -35.04 4.72 19.13
C PHE E 299 -36.06 5.63 18.51
N ASP E 300 -37.35 5.28 18.56
CA ASP E 300 -38.40 6.06 17.91
C ASP E 300 -38.54 7.47 18.44
N GLU E 301 -38.41 7.70 19.77
CA GLU E 301 -38.49 9.05 20.31
C GLU E 301 -37.27 9.85 19.96
N ILE E 302 -36.06 9.26 20.06
CA ILE E 302 -34.80 9.91 19.68
C ILE E 302 -34.86 10.33 18.20
N LEU E 303 -35.24 9.39 17.31
CA LEU E 303 -35.35 9.67 15.87
C LEU E 303 -36.29 10.84 15.55
N GLU E 304 -37.43 10.96 16.26
CA GLU E 304 -38.36 12.06 16.00
C GLU E 304 -37.77 13.41 16.46
N ALA E 305 -36.98 13.39 17.53
CA ALA E 305 -36.37 14.59 18.08
C ALA E 305 -35.15 15.05 17.30
N SER E 306 -34.46 14.11 16.62
CA SER E 306 -33.21 14.36 15.94
C SER E 306 -33.36 14.73 14.46
N ASP E 307 -32.31 15.32 13.89
CA ASP E 307 -32.24 15.60 12.47
C ASP E 307 -31.74 14.37 11.67
N GLY E 308 -30.97 13.51 12.35
CA GLY E 308 -30.40 12.29 11.80
C GLY E 308 -29.86 11.38 12.88
N ILE E 309 -29.36 10.19 12.47
CA ILE E 309 -28.85 9.17 13.39
C ILE E 309 -27.48 8.63 12.96
N MET E 310 -26.60 8.37 13.93
CA MET E 310 -25.34 7.72 13.65
C MET E 310 -25.38 6.40 14.39
N VAL E 311 -25.21 5.30 13.65
CA VAL E 311 -25.11 3.98 14.21
C VAL E 311 -23.65 3.87 14.70
N ALA E 312 -23.39 4.21 15.98
CA ALA E 312 -22.01 4.16 16.51
C ALA E 312 -21.66 2.71 16.87
N ARG E 313 -21.36 1.90 15.86
CA ARG E 313 -21.09 0.47 16.06
C ARG E 313 -20.02 0.13 17.09
N GLY E 314 -18.96 0.93 17.19
CA GLY E 314 -17.90 0.69 18.15
C GLY E 314 -18.40 0.68 19.58
N ASP E 315 -19.05 1.77 20.01
CA ASP E 315 -19.58 1.85 21.36
C ASP E 315 -20.76 0.93 21.56
N LEU E 316 -21.63 0.81 20.56
CA LEU E 316 -22.78 -0.07 20.64
C LEU E 316 -22.36 -1.55 20.82
N GLY E 317 -21.27 -1.98 20.19
CA GLY E 317 -20.76 -3.33 20.32
C GLY E 317 -19.99 -3.64 21.60
N ILE E 318 -19.86 -2.63 22.47
CA ILE E 318 -19.27 -2.82 23.78
C ILE E 318 -20.45 -3.05 24.73
N GLU E 319 -21.49 -2.21 24.62
CA GLU E 319 -22.67 -2.27 25.43
C GLU E 319 -23.53 -3.49 25.16
N ILE E 320 -23.68 -3.87 23.88
CA ILE E 320 -24.51 -5.01 23.49
C ILE E 320 -23.65 -6.15 22.92
N PRO E 321 -24.11 -7.42 22.92
CA PRO E 321 -23.28 -8.50 22.34
C PRO E 321 -22.94 -8.21 20.87
N ALA E 322 -21.66 -8.37 20.48
CA ALA E 322 -21.19 -8.07 19.13
C ALA E 322 -21.99 -8.78 18.04
N GLU E 323 -22.40 -10.03 18.30
CA GLU E 323 -23.18 -10.78 17.33
C GLU E 323 -24.55 -10.16 17.03
N LYS E 324 -24.95 -9.12 17.77
CA LYS E 324 -26.25 -8.48 17.61
C LYS E 324 -26.17 -7.11 16.97
N VAL E 325 -24.98 -6.53 16.81
CA VAL E 325 -24.81 -5.21 16.22
C VAL E 325 -25.49 -5.05 14.86
N PHE E 326 -25.35 -6.04 13.98
CA PHE E 326 -25.98 -5.97 12.67
C PHE E 326 -27.50 -5.81 12.76
N LEU E 327 -28.14 -6.38 13.81
CA LEU E 327 -29.60 -6.27 14.00
C LEU E 327 -29.95 -4.82 14.25
N ALA E 328 -29.25 -4.18 15.21
CA ALA E 328 -29.48 -2.77 15.55
C ALA E 328 -29.11 -1.85 14.38
N GLN E 329 -28.09 -2.22 13.60
CA GLN E 329 -27.71 -1.43 12.43
C GLN E 329 -28.83 -1.48 11.38
N LYS E 330 -29.31 -2.68 11.03
CA LYS E 330 -30.35 -2.83 10.01
C LYS E 330 -31.69 -2.23 10.43
N MET E 331 -32.00 -2.25 11.72
CA MET E 331 -33.24 -1.69 12.25
C MET E 331 -33.22 -0.16 12.18
N MET E 332 -32.11 0.47 12.58
CA MET E 332 -32.00 1.94 12.57
C MET E 332 -31.92 2.48 11.13
N ILE E 333 -31.21 1.78 10.23
CA ILE E 333 -31.15 2.19 8.83
C ILE E 333 -32.57 2.08 8.23
N GLY E 334 -33.25 0.98 8.51
CA GLY E 334 -34.62 0.73 8.08
C GLY E 334 -35.59 1.79 8.55
N ARG E 335 -35.53 2.16 9.85
CA ARG E 335 -36.42 3.20 10.38
C ARG E 335 -36.11 4.60 9.87
N CYS E 336 -34.83 4.94 9.69
CA CYS E 336 -34.46 6.25 9.17
C CYS E 336 -34.91 6.40 7.73
N ASN E 337 -34.84 5.34 6.91
CA ASN E 337 -35.32 5.41 5.53
C ASN E 337 -36.85 5.56 5.52
N ARG E 338 -37.55 4.89 6.44
CA ARG E 338 -38.99 4.96 6.61
C ARG E 338 -39.38 6.40 7.00
N ALA E 339 -38.63 7.08 7.88
CA ALA E 339 -38.87 8.46 8.34
C ALA E 339 -38.25 9.53 7.47
N GLY E 340 -37.43 9.17 6.49
CA GLY E 340 -36.76 10.13 5.63
C GLY E 340 -35.67 10.92 6.34
N LYS E 341 -35.08 10.33 7.39
CA LYS E 341 -34.03 10.97 8.16
C LYS E 341 -32.68 10.38 7.82
N PRO E 342 -31.65 11.22 7.70
CA PRO E 342 -30.31 10.68 7.37
C PRO E 342 -29.76 9.71 8.42
N VAL E 343 -29.14 8.61 7.97
CA VAL E 343 -28.48 7.63 8.84
C VAL E 343 -27.02 7.42 8.41
N ILE E 344 -26.10 7.41 9.39
CA ILE E 344 -24.67 7.26 9.21
C ILE E 344 -24.23 5.92 9.77
N CYS E 345 -23.45 5.15 8.99
CA CYS E 345 -22.89 3.91 9.48
C CYS E 345 -21.42 4.20 9.82
N ALA E 346 -21.00 3.84 11.03
CA ALA E 346 -19.63 4.18 11.46
C ALA E 346 -18.89 3.05 12.19
N THR E 347 -17.54 3.16 12.29
CA THR E 347 -16.57 2.33 13.03
C THR E 347 -16.08 1.09 12.31
N GLN E 348 -14.75 1.02 12.16
CA GLN E 348 -13.97 -0.10 11.63
C GLN E 348 -14.42 -0.57 10.26
N MET E 349 -14.99 0.31 9.44
CA MET E 349 -15.42 -0.07 8.09
C MET E 349 -14.27 -0.55 7.22
N LEU E 350 -13.12 0.13 7.30
CA LEU E 350 -11.92 -0.27 6.54
C LEU E 350 -10.72 -0.24 7.52
N GLU E 351 -10.91 -0.70 8.77
CA GLU E 351 -9.94 -0.68 9.87
C GLU E 351 -8.52 -1.15 9.56
N SER E 352 -8.38 -2.25 8.81
CA SER E 352 -7.06 -2.77 8.47
C SER E 352 -6.26 -1.79 7.60
N MET E 353 -6.95 -0.82 6.94
CA MET E 353 -6.30 0.17 6.10
C MET E 353 -5.52 1.24 6.88
N ILE E 354 -5.51 1.17 8.22
CA ILE E 354 -4.68 2.05 9.04
C ILE E 354 -3.19 1.63 8.81
N LYS E 355 -2.92 0.33 8.65
CA LYS E 355 -1.57 -0.17 8.42
C LYS E 355 -1.38 -0.76 7.02
N LYS E 356 -2.47 -1.13 6.33
CA LYS E 356 -2.37 -1.76 5.02
C LYS E 356 -2.97 -0.92 3.88
N PRO E 357 -2.41 -0.97 2.65
CA PRO E 357 -2.96 -0.15 1.56
C PRO E 357 -4.22 -0.72 0.89
N ARG E 358 -4.58 -1.96 1.21
CA ARG E 358 -5.79 -2.59 0.67
C ARG E 358 -6.59 -3.10 1.87
N PRO E 359 -7.95 -3.04 1.79
CA PRO E 359 -8.75 -3.55 2.91
C PRO E 359 -8.93 -5.08 2.84
N THR E 360 -9.43 -5.69 3.94
CA THR E 360 -9.73 -7.10 3.95
C THR E 360 -11.06 -7.33 3.15
N ARG E 361 -11.36 -8.58 2.83
CA ARG E 361 -12.59 -8.92 2.14
C ARG E 361 -13.85 -8.64 2.97
N ALA E 362 -13.73 -8.69 4.31
CA ALA E 362 -14.83 -8.40 5.20
C ALA E 362 -15.13 -6.90 5.22
N GLU E 363 -14.10 -6.07 5.15
CA GLU E 363 -14.21 -4.64 5.13
C GLU E 363 -14.88 -4.15 3.84
N GLY E 364 -14.54 -4.76 2.71
CA GLY E 364 -15.15 -4.38 1.45
C GLY E 364 -16.63 -4.68 1.42
N SER E 365 -16.97 -5.83 1.98
CA SER E 365 -18.30 -6.37 2.14
C SER E 365 -19.12 -5.47 3.10
N ASP E 366 -18.52 -5.02 4.21
CA ASP E 366 -19.16 -4.16 5.19
C ASP E 366 -19.59 -2.79 4.62
N VAL E 367 -18.72 -2.15 3.82
CA VAL E 367 -19.03 -0.88 3.19
C VAL E 367 -20.16 -1.07 2.18
N ALA E 368 -20.14 -2.18 1.40
CA ALA E 368 -21.16 -2.42 0.40
C ALA E 368 -22.51 -2.70 1.07
N ASN E 369 -22.50 -3.50 2.13
CA ASN E 369 -23.71 -3.88 2.81
C ASN E 369 -24.31 -2.72 3.59
N ALA E 370 -23.52 -1.71 4.03
CA ALA E 370 -24.12 -0.52 4.66
C ALA E 370 -24.86 0.30 3.59
N VAL E 371 -24.29 0.41 2.38
CA VAL E 371 -24.90 1.15 1.29
C VAL E 371 -26.16 0.40 0.85
N LEU E 372 -26.07 -0.94 0.67
CA LEU E 372 -27.21 -1.78 0.29
C LEU E 372 -28.32 -1.67 1.34
N ASP E 373 -27.95 -1.65 2.66
CA ASP E 373 -28.94 -1.49 3.74
C ASP E 373 -29.72 -0.17 3.57
N GLY E 374 -29.03 0.90 3.18
CA GLY E 374 -29.70 2.19 3.00
C GLY E 374 -29.07 3.35 3.72
N ALA E 375 -27.80 3.19 4.15
CA ALA E 375 -27.05 4.23 4.86
C ALA E 375 -26.82 5.42 3.95
N ASP E 376 -27.15 6.62 4.45
CA ASP E 376 -26.94 7.85 3.70
C ASP E 376 -25.45 8.20 3.65
N CYS E 377 -24.74 7.96 4.75
CA CYS E 377 -23.31 8.22 4.85
C CYS E 377 -22.57 7.04 5.44
N ILE E 378 -21.29 6.92 5.08
CA ILE E 378 -20.35 5.97 5.61
C ILE E 378 -19.18 6.79 6.19
N MET E 379 -18.62 6.33 7.31
CA MET E 379 -17.59 7.07 8.01
C MET E 379 -16.27 6.28 8.10
N LEU E 380 -15.15 7.01 8.13
CA LEU E 380 -13.81 6.50 8.38
C LEU E 380 -13.34 7.20 9.67
N SER E 381 -12.75 6.45 10.60
CA SER E 381 -12.26 6.98 11.87
C SER E 381 -10.71 7.05 11.83
N GLY E 382 -10.01 6.07 12.44
CA GLY E 382 -8.56 5.99 12.43
C GLY E 382 -8.00 5.86 11.02
N GLU E 383 -8.79 5.31 10.09
CA GLU E 383 -8.41 5.12 8.69
C GLU E 383 -7.97 6.45 8.07
N THR E 384 -8.65 7.56 8.40
CA THR E 384 -8.26 8.87 7.89
C THR E 384 -7.55 9.72 8.96
N ALA E 385 -7.91 9.54 10.24
CA ALA E 385 -7.30 10.29 11.32
C ALA E 385 -5.84 9.96 11.59
N LYS E 386 -5.46 8.66 11.77
CA LYS E 386 -4.07 8.28 12.10
C LYS E 386 -3.38 7.39 11.10
N GLY E 387 -4.12 6.68 10.28
CA GLY E 387 -3.56 5.69 9.38
C GLY E 387 -2.49 6.12 8.39
N ASP E 388 -1.78 5.15 7.83
CA ASP E 388 -0.74 5.40 6.86
C ASP E 388 -1.25 5.48 5.42
N TYR E 389 -2.55 5.16 5.18
CA TYR E 389 -3.13 5.19 3.85
C TYR E 389 -4.49 5.92 3.85
N PRO E 390 -4.52 7.20 4.30
CA PRO E 390 -5.81 7.90 4.35
C PRO E 390 -6.46 8.14 3.00
N LEU E 391 -5.71 8.56 1.99
CA LEU E 391 -6.26 8.78 0.66
C LEU E 391 -6.78 7.49 0.07
N GLU E 392 -6.04 6.38 0.23
CA GLU E 392 -6.48 5.08 -0.28
C GLU E 392 -7.78 4.66 0.39
N ALA E 393 -7.96 4.95 1.69
CA ALA E 393 -9.16 4.62 2.43
C ALA E 393 -10.38 5.40 1.90
N VAL E 394 -10.21 6.70 1.59
CA VAL E 394 -11.29 7.50 1.05
C VAL E 394 -11.65 6.97 -0.34
N ARG E 395 -10.64 6.74 -1.16
CA ARG E 395 -10.81 6.21 -2.52
C ARG E 395 -11.47 4.84 -2.53
N MET E 396 -11.19 4.01 -1.52
CA MET E 396 -11.81 2.70 -1.44
C MET E 396 -13.30 2.83 -1.13
N GLN E 397 -13.63 3.74 -0.20
CA GLN E 397 -15.02 3.99 0.16
C GLN E 397 -15.83 4.50 -0.99
N HIS E 398 -15.24 5.34 -1.85
CA HIS E 398 -15.86 5.90 -3.05
C HIS E 398 -16.17 4.79 -4.02
N LEU E 399 -15.16 3.98 -4.35
CA LEU E 399 -15.31 2.90 -5.29
C LEU E 399 -16.35 1.88 -4.87
N ILE E 400 -16.32 1.45 -3.57
CA ILE E 400 -17.26 0.45 -3.07
C ILE E 400 -18.69 1.00 -3.05
N ALA E 401 -18.87 2.23 -2.53
CA ALA E 401 -20.18 2.86 -2.49
C ALA E 401 -20.76 3.02 -3.89
N ARG E 402 -19.96 3.48 -4.86
CA ARG E 402 -20.46 3.64 -6.22
C ARG E 402 -20.91 2.29 -6.83
N GLU E 403 -20.18 1.19 -6.57
CA GLU E 403 -20.59 -0.13 -7.07
C GLU E 403 -21.86 -0.61 -6.36
N ALA E 404 -21.96 -0.38 -5.04
CA ALA E 404 -23.11 -0.85 -4.28
C ALA E 404 -24.38 -0.11 -4.66
N GLU E 405 -24.29 1.20 -4.92
CA GLU E 405 -25.44 1.97 -5.34
C GLU E 405 -26.06 1.44 -6.64
N ALA E 406 -25.26 0.85 -7.53
CA ALA E 406 -25.82 0.28 -8.76
C ALA E 406 -26.48 -1.06 -8.50
N ALA E 407 -26.03 -1.81 -7.49
CA ALA E 407 -26.53 -3.12 -7.07
C ALA E 407 -27.81 -3.06 -6.23
N ILE E 408 -28.22 -1.86 -5.78
CA ILE E 408 -29.46 -1.71 -5.01
C ILE E 408 -30.69 -2.23 -5.83
N TYR E 409 -31.61 -2.91 -5.17
CA TYR E 409 -32.80 -3.43 -5.85
C TYR E 409 -33.88 -2.36 -5.76
N HIS E 410 -33.75 -1.32 -6.62
CA HIS E 410 -34.64 -0.14 -6.67
C HIS E 410 -36.08 -0.50 -6.99
N LEU E 411 -36.31 -1.57 -7.79
CA LEU E 411 -37.66 -1.95 -8.17
C LEU E 411 -38.54 -2.22 -6.96
N GLN E 412 -38.09 -3.07 -6.01
CA GLN E 412 -38.86 -3.33 -4.82
C GLN E 412 -38.73 -2.22 -3.81
N LEU E 413 -37.55 -1.59 -3.71
CA LEU E 413 -37.33 -0.48 -2.78
C LEU E 413 -38.35 0.66 -3.02
N PHE E 414 -38.45 1.16 -4.25
CA PHE E 414 -39.38 2.21 -4.60
C PHE E 414 -40.83 1.78 -4.39
N GLU E 415 -41.23 0.55 -4.78
CA GLU E 415 -42.59 0.05 -4.53
C GLU E 415 -42.92 0.08 -3.05
N GLU E 416 -41.96 -0.32 -2.21
CA GLU E 416 -42.16 -0.34 -0.78
C GLU E 416 -42.24 1.04 -0.19
N LEU E 417 -41.35 1.97 -0.61
CA LEU E 417 -41.40 3.35 -0.10
C LEU E 417 -42.72 4.00 -0.56
N ARG E 418 -43.14 3.75 -1.81
CA ARG E 418 -44.37 4.24 -2.44
C ARG E 418 -45.61 3.79 -1.62
N ARG E 419 -45.64 2.51 -1.20
CA ARG E 419 -46.73 1.94 -0.39
C ARG E 419 -46.79 2.52 1.01
N LEU E 420 -45.65 2.72 1.64
CA LEU E 420 -45.60 3.19 3.02
C LEU E 420 -45.72 4.72 3.15
N ALA E 421 -45.61 5.46 2.03
CA ALA E 421 -45.73 6.92 1.97
C ALA E 421 -47.14 7.34 2.41
N PRO E 422 -47.23 8.29 3.36
CA PRO E 422 -48.56 8.70 3.84
C PRO E 422 -49.23 9.63 2.85
N ILE E 423 -50.55 9.45 2.64
CA ILE E 423 -51.29 10.34 1.75
C ILE E 423 -51.45 11.67 2.52
N THR E 424 -50.97 12.80 1.95
CA THR E 424 -51.03 14.12 2.56
C THR E 424 -51.35 15.20 1.50
N SER E 425 -51.74 16.40 1.93
CA SER E 425 -52.02 17.51 1.03
C SER E 425 -50.77 18.36 0.71
N ASP E 426 -49.57 17.95 1.16
CA ASP E 426 -48.33 18.70 0.93
C ASP E 426 -47.92 18.60 -0.53
N PRO E 427 -47.91 19.74 -1.26
CA PRO E 427 -47.60 19.69 -2.70
C PRO E 427 -46.16 19.32 -3.02
N THR E 428 -45.24 19.68 -2.13
CA THR E 428 -43.83 19.36 -2.29
C THR E 428 -43.64 17.84 -2.26
N GLU E 429 -44.35 17.14 -1.36
CA GLU E 429 -44.30 15.68 -1.25
C GLU E 429 -44.85 14.99 -2.49
N ALA E 430 -45.95 15.50 -3.03
CA ALA E 430 -46.53 14.95 -4.25
C ALA E 430 -45.57 15.19 -5.43
N THR E 431 -44.93 16.37 -5.47
CA THR E 431 -44.02 16.72 -6.53
C THR E 431 -42.81 15.82 -6.51
N ALA E 432 -42.26 15.57 -5.30
CA ALA E 432 -41.04 14.78 -5.10
C ALA E 432 -41.22 13.32 -5.49
N VAL E 433 -42.31 12.69 -5.07
CA VAL E 433 -42.56 11.30 -5.45
C VAL E 433 -42.86 11.22 -6.98
N GLY E 434 -43.53 12.23 -7.52
CA GLY E 434 -43.82 12.31 -8.94
C GLY E 434 -42.55 12.43 -9.76
N ALA E 435 -41.56 13.17 -9.25
CA ALA E 435 -40.25 13.36 -9.88
C ALA E 435 -39.45 12.06 -9.84
N VAL E 436 -39.45 11.35 -8.69
CA VAL E 436 -38.73 10.08 -8.58
C VAL E 436 -39.37 9.02 -9.45
N GLU E 437 -40.71 8.99 -9.50
CA GLU E 437 -41.44 8.07 -10.36
C GLU E 437 -41.09 8.35 -11.83
N ALA E 438 -41.09 9.60 -12.26
CA ALA E 438 -40.68 9.96 -13.63
C ALA E 438 -39.19 9.59 -13.92
N SER E 439 -38.28 9.74 -12.93
CA SER E 439 -36.87 9.44 -13.15
C SER E 439 -36.62 7.95 -13.43
N PHE E 440 -37.45 7.07 -12.88
CA PHE E 440 -37.35 5.64 -13.14
C PHE E 440 -37.94 5.32 -14.52
N LYS E 441 -39.07 5.95 -14.87
CA LYS E 441 -39.72 5.73 -16.15
C LYS E 441 -38.80 6.03 -17.34
N CYS E 442 -38.14 7.19 -17.32
CA CYS E 442 -37.27 7.58 -18.43
C CYS E 442 -35.80 7.38 -18.17
N CYS E 443 -35.40 6.74 -17.05
CA CYS E 443 -33.98 6.54 -16.71
C CYS E 443 -33.16 7.84 -16.85
N SER E 444 -33.64 8.92 -16.20
CA SER E 444 -33.04 10.24 -16.33
C SER E 444 -31.60 10.32 -15.85
N GLY E 445 -30.85 11.25 -16.45
CA GLY E 445 -29.46 11.48 -16.07
C GLY E 445 -29.33 12.11 -14.71
N ALA E 446 -30.37 12.84 -14.24
CA ALA E 446 -30.35 13.49 -12.92
C ALA E 446 -31.72 14.12 -12.57
N ILE E 447 -31.95 14.47 -11.30
CA ILE E 447 -33.12 15.21 -10.87
C ILE E 447 -32.54 16.54 -10.37
N ILE E 448 -32.79 17.62 -11.09
CA ILE E 448 -32.30 18.93 -10.73
C ILE E 448 -33.34 19.59 -9.82
N VAL E 449 -32.91 20.05 -8.63
CA VAL E 449 -33.83 20.69 -7.69
C VAL E 449 -33.29 22.06 -7.28
N LEU E 450 -34.11 23.09 -7.31
CA LEU E 450 -33.72 24.41 -6.80
C LEU E 450 -34.20 24.41 -5.36
N THR E 451 -33.28 24.54 -4.41
CA THR E 451 -33.67 24.53 -2.99
C THR E 451 -32.96 25.62 -2.20
N LYS E 452 -33.63 26.22 -1.20
CA LYS E 452 -33.01 27.24 -0.36
C LYS E 452 -32.44 26.63 0.91
N SER E 453 -33.26 25.82 1.61
CA SER E 453 -32.92 25.16 2.87
C SER E 453 -32.52 23.73 2.72
N GLY E 454 -32.65 23.15 1.52
CA GLY E 454 -32.35 21.75 1.26
C GLY E 454 -33.57 20.83 1.28
N ARG E 455 -34.65 21.22 2.00
CA ARG E 455 -35.87 20.40 2.19
C ARG E 455 -36.39 19.76 0.91
N SER E 456 -36.60 20.54 -0.16
CA SER E 456 -37.02 20.08 -1.48
C SER E 456 -36.17 18.91 -1.99
N ALA E 457 -34.83 19.01 -1.87
CA ALA E 457 -33.95 17.94 -2.30
C ALA E 457 -34.00 16.76 -1.34
N HIS E 458 -34.16 17.03 -0.03
CA HIS E 458 -34.25 15.97 0.98
C HIS E 458 -35.48 15.12 0.72
N GLN E 459 -36.60 15.76 0.36
CA GLN E 459 -37.84 15.06 0.04
C GLN E 459 -37.75 14.12 -1.15
N VAL E 460 -36.97 14.49 -2.17
CA VAL E 460 -36.73 13.65 -3.33
C VAL E 460 -35.82 12.48 -2.91
N ALA E 461 -34.76 12.81 -2.14
CA ALA E 461 -33.80 11.80 -1.67
C ALA E 461 -34.41 10.68 -0.81
N ARG E 462 -35.45 10.94 -0.02
CA ARG E 462 -36.08 9.87 0.77
C ARG E 462 -36.78 8.81 -0.10
N TYR E 463 -37.03 9.11 -1.39
CA TYR E 463 -37.61 8.12 -2.29
C TYR E 463 -36.56 7.30 -3.05
N ARG E 464 -35.25 7.55 -2.77
CA ARG E 464 -34.13 6.79 -3.28
C ARG E 464 -34.08 6.58 -4.81
N PRO E 465 -34.05 7.66 -5.59
CA PRO E 465 -33.89 7.47 -7.04
C PRO E 465 -32.50 6.94 -7.38
N ARG E 466 -32.40 6.36 -8.58
CA ARG E 466 -31.12 5.90 -9.08
CA ARG E 466 -31.13 5.89 -9.13
C ARG E 466 -30.36 7.14 -9.56
N ALA E 467 -31.05 8.09 -10.22
CA ALA E 467 -30.47 9.33 -10.76
C ALA E 467 -29.92 10.26 -9.68
N PRO E 468 -28.73 10.85 -9.91
CA PRO E 468 -28.20 11.82 -8.95
C PRO E 468 -29.13 13.03 -8.80
N ILE E 469 -29.18 13.59 -7.63
CA ILE E 469 -30.01 14.76 -7.36
C ILE E 469 -29.09 15.95 -7.34
N ILE E 470 -29.13 16.80 -8.37
CA ILE E 470 -28.32 18.01 -8.40
C ILE E 470 -29.10 19.15 -7.68
N ALA E 471 -28.72 19.45 -6.45
CA ALA E 471 -29.41 20.49 -5.66
C ALA E 471 -28.72 21.82 -5.82
N VAL E 472 -29.34 22.74 -6.57
CA VAL E 472 -28.81 24.07 -6.79
C VAL E 472 -29.27 24.95 -5.67
N THR E 473 -28.34 25.62 -5.01
CA THR E 473 -28.68 26.51 -3.90
C THR E 473 -27.73 27.66 -3.85
N ARG E 474 -28.18 28.78 -3.29
CA ARG E 474 -27.32 29.93 -3.01
C ARG E 474 -26.84 29.90 -1.53
N ASN E 475 -27.49 29.15 -0.65
CA ASN E 475 -27.12 29.04 0.74
C ASN E 475 -25.92 28.08 0.91
N PRO E 476 -24.78 28.61 1.38
CA PRO E 476 -23.59 27.74 1.54
C PRO E 476 -23.76 26.68 2.63
N GLN E 477 -24.50 26.96 3.73
CA GLN E 477 -24.73 25.95 4.76
C GLN E 477 -25.64 24.83 4.25
N THR E 478 -26.64 25.19 3.43
CA THR E 478 -27.54 24.23 2.78
C THR E 478 -26.70 23.27 1.91
N ALA E 479 -25.72 23.83 1.17
CA ALA E 479 -24.86 23.04 0.29
C ALA E 479 -24.02 22.07 1.10
N ARG E 480 -23.42 22.53 2.21
CA ARG E 480 -22.61 21.63 3.03
C ARG E 480 -23.47 20.55 3.68
N GLN E 481 -24.60 20.92 4.27
CA GLN E 481 -25.47 19.96 4.93
C GLN E 481 -26.10 18.92 3.99
N ALA E 482 -26.17 19.19 2.68
CA ALA E 482 -26.79 18.27 1.73
C ALA E 482 -26.08 16.91 1.65
N HIS E 483 -24.80 16.86 2.09
CA HIS E 483 -24.02 15.64 2.10
C HIS E 483 -24.58 14.55 3.04
N LEU E 484 -25.41 14.95 4.00
CA LEU E 484 -26.04 14.03 4.92
C LEU E 484 -27.14 13.17 4.26
N TYR E 485 -27.58 13.51 3.04
CA TYR E 485 -28.69 12.82 2.40
C TYR E 485 -28.21 12.15 1.16
N ARG E 486 -28.49 10.85 1.08
CA ARG E 486 -28.06 10.05 -0.05
C ARG E 486 -28.52 10.60 -1.41
N GLY E 487 -27.58 10.67 -2.33
CA GLY E 487 -27.86 11.03 -3.70
C GLY E 487 -27.84 12.49 -4.04
N ILE E 488 -27.69 13.38 -3.06
CA ILE E 488 -27.69 14.82 -3.32
C ILE E 488 -26.30 15.33 -3.65
N PHE E 489 -26.17 16.02 -4.80
CA PHE E 489 -24.94 16.65 -5.29
C PHE E 489 -25.20 18.12 -5.16
N PRO E 490 -24.79 18.73 -4.03
CA PRO E 490 -25.08 20.14 -3.81
C PRO E 490 -24.17 21.07 -4.60
N VAL E 491 -24.78 22.04 -5.32
CA VAL E 491 -23.99 22.96 -6.13
C VAL E 491 -24.32 24.39 -5.74
N LEU E 492 -23.29 25.14 -5.37
CA LEU E 492 -23.42 26.48 -4.86
C LEU E 492 -23.39 27.54 -5.95
N CYS E 493 -24.54 28.19 -6.16
CA CYS E 493 -24.66 29.22 -7.17
C CYS E 493 -24.10 30.53 -6.63
N LYS E 494 -23.14 31.10 -7.36
CA LYS E 494 -22.52 32.35 -6.93
C LYS E 494 -23.05 33.59 -7.68
N ASP E 495 -23.75 33.36 -8.81
CA ASP E 495 -24.37 34.41 -9.62
C ASP E 495 -25.34 35.22 -8.79
N PRO E 496 -25.30 36.56 -8.92
CA PRO E 496 -26.23 37.38 -8.14
C PRO E 496 -27.65 37.24 -8.67
N VAL E 497 -28.64 37.34 -7.78
CA VAL E 497 -30.05 37.24 -8.09
C VAL E 497 -30.45 38.18 -9.23
N GLN E 498 -31.09 37.67 -10.27
CA GLN E 498 -31.56 38.48 -11.39
C GLN E 498 -32.89 39.14 -10.96
N GLU E 499 -33.19 40.33 -11.49
CA GLU E 499 -34.44 41.01 -11.15
C GLU E 499 -35.66 40.19 -11.60
N ALA E 500 -35.68 39.70 -12.85
CA ALA E 500 -36.78 38.88 -13.32
C ALA E 500 -36.60 37.50 -12.72
N TRP E 501 -37.53 37.10 -11.83
CA TRP E 501 -37.43 35.84 -11.12
C TRP E 501 -37.38 34.62 -12.05
N ALA E 502 -38.20 34.60 -13.12
CA ALA E 502 -38.18 33.50 -14.09
C ALA E 502 -36.78 33.31 -14.69
N GLU E 503 -36.05 34.40 -14.95
CA GLU E 503 -34.70 34.36 -15.47
C GLU E 503 -33.72 33.84 -14.43
N ASP E 504 -33.92 34.19 -13.17
CA ASP E 504 -33.08 33.72 -12.06
C ASP E 504 -33.25 32.19 -11.85
N VAL E 505 -34.47 31.67 -12.11
CA VAL E 505 -34.73 30.25 -12.01
C VAL E 505 -34.03 29.56 -13.19
N ASP E 506 -34.24 30.09 -14.40
CA ASP E 506 -33.65 29.53 -15.62
C ASP E 506 -32.12 29.56 -15.58
N LEU E 507 -31.53 30.54 -14.90
CA LEU E 507 -30.09 30.65 -14.73
C LEU E 507 -29.57 29.51 -13.84
N ARG E 508 -30.22 29.28 -12.68
CA ARG E 508 -29.83 28.18 -11.78
C ARG E 508 -30.04 26.79 -12.39
N VAL E 509 -31.08 26.65 -13.23
CA VAL E 509 -31.35 25.40 -13.94
C VAL E 509 -30.23 25.19 -14.97
N ASN E 510 -29.82 26.25 -15.67
CA ASN E 510 -28.74 26.16 -16.64
C ASN E 510 -27.40 25.84 -16.00
N PHE E 511 -27.16 26.35 -14.79
CA PHE E 511 -25.95 26.05 -14.02
C PHE E 511 -25.89 24.56 -13.72
N ALA E 512 -27.04 23.94 -13.36
CA ALA E 512 -27.10 22.51 -13.06
C ALA E 512 -26.85 21.68 -14.31
N MET E 513 -27.34 22.15 -15.49
CA MET E 513 -27.08 21.46 -16.76
C MET E 513 -25.59 21.45 -17.06
N ASN E 514 -24.88 22.55 -16.74
CA ASN E 514 -23.45 22.63 -16.99
C ASN E 514 -22.66 21.81 -16.00
N VAL E 515 -23.09 21.76 -14.73
CA VAL E 515 -22.46 20.94 -13.70
C VAL E 515 -22.60 19.45 -14.09
N GLY E 516 -23.80 19.03 -14.47
CA GLY E 516 -24.01 17.64 -14.87
C GLY E 516 -23.23 17.25 -16.11
N LYS E 517 -23.11 18.18 -17.07
CA LYS E 517 -22.35 17.94 -18.27
C LYS E 517 -20.84 17.85 -17.97
N ALA E 518 -20.31 18.78 -17.15
CA ALA E 518 -18.90 18.82 -16.79
C ALA E 518 -18.47 17.69 -15.92
N ARG E 519 -19.33 17.25 -15.02
CA ARG E 519 -19.00 16.16 -14.11
C ARG E 519 -19.25 14.75 -14.69
N GLY E 520 -19.74 14.66 -15.93
CA GLY E 520 -19.97 13.38 -16.59
C GLY E 520 -21.27 12.67 -16.31
N PHE E 521 -22.24 13.33 -15.63
CA PHE E 521 -23.54 12.72 -15.28
C PHE E 521 -24.43 12.49 -16.48
N PHE E 522 -24.38 13.40 -17.44
CA PHE E 522 -25.20 13.33 -18.63
C PHE E 522 -24.57 14.18 -19.73
N LYS E 523 -25.17 14.15 -20.92
CA LYS E 523 -24.71 14.93 -22.06
C LYS E 523 -25.93 15.51 -22.80
N LYS E 524 -25.69 16.36 -23.80
CA LYS E 524 -26.74 17.00 -24.60
C LYS E 524 -27.67 15.94 -25.21
N GLY E 525 -28.97 16.15 -25.10
CA GLY E 525 -29.96 15.22 -25.62
C GLY E 525 -30.52 14.25 -24.60
N ASP E 526 -29.80 14.02 -23.50
CA ASP E 526 -30.28 13.14 -22.44
C ASP E 526 -31.50 13.78 -21.76
N VAL E 527 -32.35 12.98 -21.13
CA VAL E 527 -33.51 13.52 -20.44
C VAL E 527 -33.20 13.69 -18.94
N VAL E 528 -33.52 14.87 -18.37
CA VAL E 528 -33.40 15.14 -16.94
C VAL E 528 -34.73 15.65 -16.38
N ILE E 529 -34.92 15.51 -15.05
CA ILE E 529 -36.12 16.01 -14.39
C ILE E 529 -35.74 17.32 -13.69
N VAL E 530 -36.53 18.38 -13.82
CA VAL E 530 -36.22 19.66 -13.18
C VAL E 530 -37.36 20.03 -12.23
N LEU E 531 -37.02 20.30 -10.97
CA LEU E 531 -37.96 20.68 -9.93
C LEU E 531 -37.80 22.12 -9.49
N THR E 532 -38.89 22.87 -9.62
CA THR E 532 -38.93 24.28 -9.24
C THR E 532 -40.24 24.57 -8.47
N GLY E 533 -40.36 25.80 -7.94
CA GLY E 533 -41.56 26.24 -7.24
C GLY E 533 -42.30 27.33 -8.00
N TRP E 534 -43.49 27.68 -7.50
CA TRP E 534 -44.34 28.68 -8.12
C TRP E 534 -44.02 30.13 -7.69
N ARG E 535 -43.20 30.32 -6.65
CA ARG E 535 -42.81 31.67 -6.18
C ARG E 535 -41.53 31.57 -5.33
N PRO E 536 -40.77 32.66 -5.17
CA PRO E 536 -39.54 32.58 -4.35
C PRO E 536 -39.78 32.33 -2.87
N GLY E 537 -38.77 31.82 -2.19
CA GLY E 537 -38.87 31.45 -0.78
C GLY E 537 -39.02 29.94 -0.63
N SER E 538 -38.74 29.40 0.58
CA SER E 538 -38.86 27.95 0.81
C SER E 538 -40.29 27.53 0.96
N GLY E 539 -40.59 26.29 0.56
CA GLY E 539 -41.90 25.69 0.76
C GLY E 539 -42.85 25.73 -0.40
N PHE E 540 -42.39 26.18 -1.58
CA PHE E 540 -43.31 26.30 -2.72
C PHE E 540 -43.00 25.38 -3.89
N THR E 541 -42.08 24.41 -3.73
CA THR E 541 -41.74 23.48 -4.81
C THR E 541 -42.95 22.66 -5.20
N ASN E 542 -43.43 22.84 -6.41
CA ASN E 542 -44.64 22.13 -6.87
C ASN E 542 -44.64 21.85 -8.37
N THR E 543 -43.52 22.09 -9.06
CA THR E 543 -43.42 22.01 -10.52
C THR E 543 -42.36 21.03 -10.95
N MET E 544 -42.73 20.09 -11.81
CA MET E 544 -41.79 19.10 -12.32
C MET E 544 -41.79 19.10 -13.84
N ARG E 545 -40.62 19.25 -14.43
CA ARG E 545 -40.48 19.18 -15.88
C ARG E 545 -39.59 18.00 -16.27
N VAL E 546 -39.90 17.35 -17.38
CA VAL E 546 -39.08 16.30 -17.93
C VAL E 546 -38.53 16.99 -19.17
N VAL E 547 -37.23 17.27 -19.17
CA VAL E 547 -36.63 18.09 -20.22
C VAL E 547 -35.32 17.54 -20.79
N PRO E 548 -35.07 17.74 -22.12
CA PRO E 548 -33.79 17.30 -22.67
C PRO E 548 -32.67 18.28 -22.30
N VAL E 549 -31.46 17.76 -22.16
CA VAL E 549 -30.28 18.54 -21.81
C VAL E 549 -29.81 19.30 -23.05
N PRO E 550 -29.57 20.62 -22.94
CA PRO E 550 -29.11 21.40 -24.10
C PRO E 550 -27.56 21.36 -24.37
N PHE F 31 -43.66 -18.68 20.17
CA PHE F 31 -43.87 -17.32 20.67
C PHE F 31 -43.82 -16.27 19.50
N ILE F 32 -43.63 -14.96 19.81
CA ILE F 32 -43.52 -13.86 18.83
C ILE F 32 -42.31 -12.98 19.19
N GLN F 33 -42.03 -12.81 20.50
CA GLN F 33 -40.87 -12.05 20.98
C GLN F 33 -39.54 -12.83 20.85
N THR F 34 -39.53 -14.01 20.19
CA THR F 34 -38.33 -14.84 19.96
C THR F 34 -38.08 -15.11 18.47
N GLN F 35 -36.84 -15.50 18.12
CA GLN F 35 -36.40 -15.88 16.76
C GLN F 35 -36.73 -14.84 15.68
N GLN F 36 -36.89 -13.56 16.04
CA GLN F 36 -37.30 -12.47 15.14
C GLN F 36 -38.61 -12.84 14.44
N LEU F 37 -39.56 -13.43 15.18
CA LEU F 37 -40.85 -13.79 14.59
C LEU F 37 -41.72 -12.55 14.34
N HIS F 38 -41.49 -11.43 15.04
CA HIS F 38 -42.24 -10.20 14.76
C HIS F 38 -41.76 -9.67 13.39
N ALA F 39 -40.45 -9.65 13.15
CA ALA F 39 -39.91 -9.23 11.86
C ALA F 39 -40.32 -10.21 10.74
N ALA F 40 -40.40 -11.51 11.07
CA ALA F 40 -40.77 -12.56 10.13
C ALA F 40 -42.14 -12.31 9.53
N MET F 41 -43.08 -11.75 10.33
CA MET F 41 -44.46 -11.44 9.94
C MET F 41 -44.64 -10.28 8.98
N ALA F 42 -43.65 -9.39 8.86
CA ALA F 42 -43.79 -8.20 8.03
C ALA F 42 -44.20 -8.45 6.57
N ASP F 43 -44.96 -7.52 6.01
CA ASP F 43 -45.45 -7.59 4.64
C ASP F 43 -44.44 -7.05 3.61
N THR F 44 -43.49 -6.22 4.07
CA THR F 44 -42.44 -5.67 3.23
C THR F 44 -41.07 -5.97 3.81
N PHE F 45 -40.02 -5.92 2.97
CA PHE F 45 -38.65 -6.07 3.40
C PHE F 45 -38.24 -4.86 4.27
N LEU F 46 -38.74 -3.66 3.95
CA LEU F 46 -38.43 -2.46 4.74
C LEU F 46 -38.97 -2.61 6.14
N GLU F 47 -40.22 -3.06 6.29
CA GLU F 47 -40.80 -3.29 7.61
C GLU F 47 -40.12 -4.45 8.34
N HIS F 48 -39.63 -5.45 7.60
CA HIS F 48 -38.89 -6.56 8.18
C HIS F 48 -37.61 -6.02 8.86
N MET F 49 -36.89 -5.10 8.15
CA MET F 49 -35.69 -4.45 8.67
C MET F 49 -36.03 -3.61 9.92
N CYS F 50 -37.12 -2.80 9.87
CA CYS F 50 -37.54 -1.96 11.01
C CYS F 50 -37.87 -2.77 12.26
N ARG F 51 -38.28 -4.04 12.09
CA ARG F 51 -38.67 -4.90 13.19
C ARG F 51 -37.57 -5.75 13.79
N LEU F 52 -36.34 -5.80 13.21
CA LEU F 52 -35.26 -6.60 13.79
C LEU F 52 -34.93 -6.11 15.20
N ASP F 53 -34.98 -7.02 16.16
CA ASP F 53 -34.87 -6.68 17.56
C ASP F 53 -33.69 -7.34 18.22
N ILE F 54 -32.84 -6.55 18.87
CA ILE F 54 -31.70 -7.10 19.60
C ILE F 54 -32.13 -7.89 20.84
N ASP F 55 -33.37 -7.70 21.35
CA ASP F 55 -33.87 -8.44 22.52
C ASP F 55 -34.69 -9.68 22.15
N SER F 56 -34.75 -10.06 20.87
CA SER F 56 -35.48 -11.24 20.44
C SER F 56 -34.46 -12.38 20.26
N PRO F 57 -34.37 -13.30 21.24
CA PRO F 57 -33.35 -14.36 21.16
C PRO F 57 -33.59 -15.49 20.16
N PRO F 58 -32.51 -16.02 19.58
CA PRO F 58 -32.67 -17.11 18.62
C PRO F 58 -32.86 -18.49 19.25
N ILE F 59 -33.29 -19.48 18.43
CA ILE F 59 -33.39 -20.89 18.83
C ILE F 59 -31.97 -21.42 19.05
N THR F 60 -31.83 -22.53 19.79
CA THR F 60 -30.54 -23.14 20.02
C THR F 60 -29.80 -23.51 18.73
N ALA F 61 -30.50 -24.16 17.77
CA ALA F 61 -29.88 -24.67 16.55
C ALA F 61 -29.27 -23.61 15.63
N ARG F 62 -28.06 -23.89 15.15
CA ARG F 62 -27.38 -23.00 14.23
C ARG F 62 -27.24 -23.80 12.94
N ASN F 63 -27.84 -23.28 11.86
CA ASN F 63 -27.94 -23.88 10.53
C ASN F 63 -26.68 -23.79 9.64
N THR F 64 -25.99 -22.65 9.60
CA THR F 64 -24.82 -22.45 8.74
C THR F 64 -23.62 -23.29 9.18
N GLY F 65 -23.04 -24.06 8.27
CA GLY F 65 -21.87 -24.87 8.60
C GLY F 65 -20.60 -24.05 8.83
N ILE F 66 -19.75 -24.49 9.76
CA ILE F 66 -18.48 -23.80 10.03
C ILE F 66 -17.28 -24.65 9.59
N ILE F 67 -16.51 -24.12 8.64
CA ILE F 67 -15.31 -24.79 8.15
C ILE F 67 -14.08 -24.12 8.75
N CYS F 68 -13.26 -24.87 9.46
CA CYS F 68 -12.07 -24.31 10.11
C CYS F 68 -10.84 -24.90 9.51
N THR F 69 -9.94 -24.05 9.09
CA THR F 69 -8.68 -24.48 8.53
C THR F 69 -7.82 -24.96 9.70
N ILE F 70 -7.41 -26.25 9.69
CA ILE F 70 -6.63 -26.79 10.80
C ILE F 70 -5.16 -26.59 10.54
N GLY F 71 -4.44 -26.08 11.52
CA GLY F 71 -3.02 -25.78 11.37
C GLY F 71 -2.28 -25.78 12.67
N PRO F 72 -1.13 -25.09 12.76
CA PRO F 72 -0.33 -25.16 14.00
C PRO F 72 -1.12 -24.82 15.27
N ALA F 73 -1.97 -23.80 15.20
CA ALA F 73 -2.71 -23.37 16.37
C ALA F 73 -3.81 -24.30 16.79
N SER F 74 -4.24 -25.22 15.94
CA SER F 74 -5.42 -26.01 16.24
C SER F 74 -5.35 -27.49 16.00
N ARG F 75 -4.20 -28.05 15.67
CA ARG F 75 -4.13 -29.46 15.28
C ARG F 75 -3.92 -30.46 16.44
N SER F 76 -3.89 -29.99 17.69
CA SER F 76 -3.78 -30.94 18.80
C SER F 76 -5.18 -31.54 19.02
N VAL F 77 -5.24 -32.78 19.57
CA VAL F 77 -6.49 -33.44 19.90
C VAL F 77 -7.26 -32.59 20.94
N GLU F 78 -6.54 -32.03 21.92
CA GLU F 78 -7.05 -31.14 22.98
C GLU F 78 -7.80 -29.94 22.39
N THR F 79 -7.21 -29.28 21.37
CA THR F 79 -7.84 -28.11 20.78
C THR F 79 -8.94 -28.52 19.82
N LEU F 80 -8.76 -29.62 19.07
CA LEU F 80 -9.76 -30.11 18.14
C LEU F 80 -11.03 -30.59 18.85
N LYS F 81 -10.92 -31.06 20.12
CA LYS F 81 -12.11 -31.45 20.88
C LYS F 81 -12.91 -30.16 21.18
N GLU F 82 -12.21 -29.10 21.64
CA GLU F 82 -12.84 -27.82 21.89
C GLU F 82 -13.37 -27.16 20.61
N MET F 83 -12.75 -27.39 19.44
CA MET F 83 -13.26 -26.83 18.18
C MET F 83 -14.61 -27.46 17.87
N ILE F 84 -14.77 -28.78 18.11
CA ILE F 84 -16.04 -29.46 17.88
C ILE F 84 -17.07 -28.98 18.88
N LYS F 85 -16.68 -28.80 20.15
CA LYS F 85 -17.60 -28.29 21.16
C LYS F 85 -18.04 -26.84 20.84
N SER F 86 -17.15 -26.04 20.23
CA SER F 86 -17.39 -24.66 19.84
C SER F 86 -18.23 -24.49 18.58
N GLY F 87 -18.25 -25.51 17.70
CA GLY F 87 -19.08 -25.46 16.52
C GLY F 87 -18.52 -25.94 15.20
N MET F 88 -17.23 -26.31 15.15
CA MET F 88 -16.59 -26.78 13.92
C MET F 88 -17.31 -27.97 13.30
N ASN F 89 -17.66 -27.84 12.00
CA ASN F 89 -18.36 -28.88 11.27
C ASN F 89 -17.48 -29.57 10.26
N VAL F 90 -16.54 -28.82 9.68
CA VAL F 90 -15.64 -29.31 8.67
C VAL F 90 -14.20 -28.87 9.01
N ALA F 91 -13.22 -29.79 8.91
CA ALA F 91 -11.80 -29.51 9.09
C ALA F 91 -11.20 -29.31 7.71
N ARG F 92 -10.72 -28.11 7.41
CA ARG F 92 -10.07 -27.80 6.13
C ARG F 92 -8.52 -27.93 6.20
N LEU F 93 -7.94 -28.69 5.26
CA LEU F 93 -6.49 -28.88 5.17
C LEU F 93 -5.97 -28.17 3.96
N ASN F 94 -5.24 -27.09 4.19
CA ASN F 94 -4.69 -26.29 3.10
C ASN F 94 -3.42 -26.94 2.57
N PHE F 95 -3.42 -27.37 1.30
CA PHE F 95 -2.23 -28.03 0.76
C PHE F 95 -1.24 -27.07 0.09
N SER F 96 -1.38 -25.75 0.31
CA SER F 96 -0.37 -24.80 -0.16
C SER F 96 0.93 -24.96 0.65
N HIS F 97 0.84 -25.47 1.89
CA HIS F 97 1.95 -25.69 2.82
C HIS F 97 1.80 -27.05 3.51
N GLY F 98 2.90 -27.59 4.02
CA GLY F 98 2.89 -28.83 4.78
C GLY F 98 3.10 -30.07 3.96
N THR F 99 3.69 -31.11 4.57
CA THR F 99 3.94 -32.38 3.88
C THR F 99 2.76 -33.36 4.08
N HIS F 100 2.75 -34.48 3.37
CA HIS F 100 1.72 -35.50 3.53
C HIS F 100 1.74 -36.07 4.94
N GLU F 101 2.91 -36.20 5.57
CA GLU F 101 3.01 -36.71 6.94
C GLU F 101 2.38 -35.73 7.92
N TYR F 102 2.62 -34.43 7.71
CA TYR F 102 2.06 -33.40 8.57
C TYR F 102 0.53 -33.40 8.43
N HIS F 103 0.02 -33.42 7.21
CA HIS F 103 -1.42 -33.44 6.99
C HIS F 103 -2.07 -34.73 7.48
N ALA F 104 -1.37 -35.88 7.35
CA ALA F 104 -1.85 -37.18 7.79
C ALA F 104 -2.04 -37.24 9.29
N GLU F 105 -1.14 -36.59 10.02
CA GLU F 105 -1.20 -36.55 11.49
C GLU F 105 -2.34 -35.65 11.97
N THR F 106 -2.63 -34.58 11.22
CA THR F 106 -3.73 -33.69 11.52
C THR F 106 -5.05 -34.47 11.32
N ILE F 107 -5.16 -35.25 10.23
CA ILE F 107 -6.36 -36.04 9.96
C ILE F 107 -6.60 -37.12 11.03
N LYS F 108 -5.52 -37.70 11.52
CA LYS F 108 -5.59 -38.69 12.60
C LYS F 108 -6.08 -38.00 13.88
N ASN F 109 -5.55 -36.81 14.17
CA ASN F 109 -5.98 -36.00 15.30
C ASN F 109 -7.43 -35.51 15.19
N VAL F 110 -7.91 -35.21 13.98
CA VAL F 110 -9.29 -34.76 13.79
C VAL F 110 -10.24 -35.92 14.12
N ARG F 111 -9.91 -37.12 13.62
CA ARG F 111 -10.69 -38.32 13.87
C ARG F 111 -10.61 -38.75 15.32
N THR F 112 -9.48 -38.52 16.01
CA THR F 112 -9.37 -38.87 17.42
C THR F 112 -10.30 -37.96 18.21
N ALA F 113 -10.23 -36.64 17.94
CA ALA F 113 -11.09 -35.65 18.61
C ALA F 113 -12.56 -35.95 18.35
N THR F 114 -12.93 -36.29 17.10
CA THR F 114 -14.31 -36.59 16.74
C THR F 114 -14.83 -37.85 17.41
N GLU F 115 -14.05 -38.94 17.33
CA GLU F 115 -14.46 -40.20 17.92
C GLU F 115 -14.44 -40.23 19.43
N SER F 116 -13.85 -39.22 20.08
CA SER F 116 -13.87 -39.18 21.55
C SER F 116 -15.32 -38.95 22.08
N PHE F 117 -16.24 -38.48 21.22
CA PHE F 117 -17.65 -38.24 21.56
C PHE F 117 -18.59 -39.34 21.00
N ALA F 118 -18.04 -40.38 20.33
CA ALA F 118 -18.81 -41.44 19.70
C ALA F 118 -19.46 -42.42 20.66
N SER F 119 -19.03 -42.43 21.94
CA SER F 119 -19.63 -43.34 22.92
C SER F 119 -21.12 -43.03 23.19
N ASP F 120 -21.60 -41.84 22.77
CA ASP F 120 -23.00 -41.45 22.94
C ASP F 120 -23.50 -40.99 21.57
N PRO F 121 -24.17 -41.88 20.81
CA PRO F 121 -24.68 -41.48 19.47
C PRO F 121 -25.65 -40.31 19.50
N ILE F 122 -26.35 -40.11 20.61
CA ILE F 122 -27.30 -39.02 20.75
C ILE F 122 -26.60 -37.64 20.82
N LEU F 123 -25.32 -37.61 21.20
CA LEU F 123 -24.56 -36.36 21.24
C LEU F 123 -23.38 -36.30 20.26
N TYR F 124 -23.06 -37.41 19.55
CA TYR F 124 -21.96 -37.42 18.60
C TYR F 124 -22.24 -36.48 17.43
N ARG F 125 -21.30 -35.58 17.15
CA ARG F 125 -21.41 -34.68 16.02
C ARG F 125 -20.45 -35.14 14.93
N PRO F 126 -20.96 -35.53 13.76
CA PRO F 126 -20.06 -35.88 12.64
C PRO F 126 -19.24 -34.67 12.21
N VAL F 127 -17.98 -34.90 11.78
CA VAL F 127 -17.08 -33.83 11.35
C VAL F 127 -16.49 -34.20 10.01
N ALA F 128 -16.65 -33.36 8.98
CA ALA F 128 -16.08 -33.67 7.66
C ALA F 128 -14.60 -33.27 7.52
N VAL F 129 -13.87 -33.91 6.60
CA VAL F 129 -12.48 -33.55 6.31
C VAL F 129 -12.41 -33.02 4.84
N ALA F 130 -11.90 -31.81 4.64
CA ALA F 130 -11.80 -31.22 3.31
C ALA F 130 -10.35 -31.02 2.94
N LEU F 131 -10.01 -31.38 1.71
CA LEU F 131 -8.66 -31.19 1.21
C LEU F 131 -8.73 -30.02 0.29
N ASP F 132 -8.00 -28.95 0.60
CA ASP F 132 -8.00 -27.77 -0.27
C ASP F 132 -6.70 -27.84 -1.05
N THR F 133 -6.77 -27.78 -2.38
CA THR F 133 -5.58 -27.87 -3.21
C THR F 133 -4.78 -26.59 -3.28
N LYS F 134 -3.49 -26.72 -3.55
CA LYS F 134 -2.59 -25.59 -3.73
C LYS F 134 -2.97 -24.88 -5.05
N GLY F 135 -3.19 -25.65 -6.10
CA GLY F 135 -3.60 -25.11 -7.38
C GLY F 135 -2.46 -24.45 -8.11
N PRO F 136 -2.79 -23.68 -9.15
CA PRO F 136 -1.74 -23.02 -9.92
C PRO F 136 -1.16 -21.76 -9.27
N GLU F 137 -0.60 -21.88 -8.07
CA GLU F 137 0.02 -20.76 -7.37
C GLU F 137 1.39 -20.42 -7.91
N ILE F 138 1.74 -19.14 -7.84
CA ILE F 138 3.07 -18.63 -8.13
C ILE F 138 3.56 -18.16 -6.76
N ARG F 139 4.74 -18.60 -6.30
CA ARG F 139 5.21 -18.21 -4.97
C ARG F 139 6.68 -17.80 -4.95
N THR F 140 7.03 -16.98 -3.95
CA THR F 140 8.40 -16.50 -3.77
C THR F 140 9.25 -17.48 -2.92
N GLY F 141 10.56 -17.23 -2.85
CA GLY F 141 11.48 -18.08 -2.10
C GLY F 141 11.60 -17.76 -0.62
N LEU F 142 12.72 -18.15 0.00
CA LEU F 142 12.95 -17.91 1.42
C LEU F 142 13.76 -16.64 1.62
N ILE F 143 13.42 -15.84 2.65
CA ILE F 143 14.19 -14.63 2.94
C ILE F 143 15.41 -14.96 3.79
N LYS F 144 16.61 -14.74 3.23
CA LYS F 144 17.92 -14.96 3.84
C LYS F 144 18.10 -16.33 4.51
N GLY F 145 17.35 -17.33 4.05
CA GLY F 145 17.46 -18.69 4.54
C GLY F 145 16.55 -19.04 5.70
N SER F 146 15.46 -18.27 5.86
CA SER F 146 14.50 -18.53 6.95
C SER F 146 13.08 -18.18 6.55
N GLY F 147 12.12 -18.85 7.17
CA GLY F 147 10.71 -18.60 6.91
C GLY F 147 10.11 -17.49 7.77
N THR F 148 10.95 -16.78 8.55
CA THR F 148 10.50 -15.70 9.42
C THR F 148 11.15 -14.35 9.09
N ALA F 149 12.32 -14.35 8.42
CA ALA F 149 13.01 -13.10 8.07
C ALA F 149 12.17 -12.29 7.09
N GLU F 150 12.13 -10.96 7.27
CA GLU F 150 11.31 -10.09 6.42
C GLU F 150 12.06 -8.83 5.99
N VAL F 151 12.47 -8.76 4.71
CA VAL F 151 13.15 -7.59 4.16
C VAL F 151 12.15 -6.53 3.70
N GLU F 152 11.93 -5.50 4.54
CA GLU F 152 10.98 -4.43 4.26
C GLU F 152 11.32 -3.58 3.04
N LEU F 153 10.58 -3.80 1.93
CA LEU F 153 10.70 -3.08 0.67
C LEU F 153 10.18 -1.65 0.82
N LYS F 154 10.70 -0.73 0.01
CA LYS F 154 10.26 0.66 0.04
C LYS F 154 9.55 1.06 -1.25
N LYS F 155 8.76 2.14 -1.19
CA LYS F 155 8.04 2.63 -2.36
C LYS F 155 9.02 3.31 -3.33
N GLY F 156 8.80 3.09 -4.61
CA GLY F 156 9.65 3.65 -5.65
C GLY F 156 10.96 2.92 -5.89
N ALA F 157 11.30 1.95 -5.02
CA ALA F 157 12.53 1.19 -5.15
C ALA F 157 12.44 0.19 -6.28
N THR F 158 13.56 0.00 -7.00
CA THR F 158 13.59 -0.95 -8.10
C THR F 158 13.75 -2.37 -7.55
N LEU F 159 13.14 -3.35 -8.20
CA LEU F 159 13.21 -4.74 -7.75
C LEU F 159 13.58 -5.65 -8.90
N LYS F 160 14.46 -6.62 -8.66
CA LYS F 160 14.87 -7.57 -9.68
C LYS F 160 14.23 -8.92 -9.43
N ILE F 161 13.26 -9.30 -10.25
CA ILE F 161 12.62 -10.60 -10.12
C ILE F 161 13.47 -11.59 -10.90
N THR F 162 13.96 -12.65 -10.25
CA THR F 162 14.83 -13.61 -10.93
C THR F 162 14.25 -15.02 -11.00
N LEU F 163 14.56 -15.74 -12.08
CA LEU F 163 14.15 -17.13 -12.24
C LEU F 163 15.38 -18.07 -12.08
N ASP F 164 16.40 -17.63 -11.32
CA ASP F 164 17.61 -18.39 -11.10
C ASP F 164 17.52 -19.06 -9.73
N ASN F 165 17.49 -20.40 -9.70
CA ASN F 165 17.37 -21.17 -8.47
C ASN F 165 18.57 -21.06 -7.51
N ALA F 166 19.55 -20.21 -7.85
CA ALA F 166 20.68 -19.95 -6.95
C ALA F 166 20.17 -19.00 -5.84
N TYR F 167 19.36 -17.99 -6.21
CA TYR F 167 18.78 -17.03 -5.28
C TYR F 167 17.42 -17.49 -4.74
N MET F 168 17.12 -18.81 -4.77
CA MET F 168 15.83 -19.30 -4.29
C MET F 168 15.73 -19.34 -2.74
N GLU F 169 16.87 -19.30 -2.04
CA GLU F 169 16.86 -19.27 -0.58
C GLU F 169 17.57 -18.03 0.00
N LYS F 170 18.21 -17.20 -0.85
CA LYS F 170 18.91 -16.00 -0.39
C LYS F 170 18.20 -14.75 -0.91
N CYS F 171 16.86 -14.71 -0.79
CA CYS F 171 16.05 -13.57 -1.26
C CYS F 171 16.22 -12.33 -0.39
N ASP F 172 16.50 -11.18 -1.00
CA ASP F 172 16.67 -9.92 -0.29
C ASP F 172 15.83 -8.77 -0.90
N GLU F 173 15.96 -7.54 -0.38
CA GLU F 173 15.22 -6.36 -0.84
C GLU F 173 15.57 -5.88 -2.26
N ASN F 174 16.58 -6.49 -2.89
CA ASN F 174 17.01 -6.08 -4.22
C ASN F 174 16.66 -7.15 -5.25
N ILE F 175 16.90 -8.43 -4.91
CA ILE F 175 16.57 -9.56 -5.79
C ILE F 175 15.45 -10.41 -5.16
N LEU F 176 14.61 -11.03 -5.99
CA LEU F 176 13.50 -11.85 -5.51
C LEU F 176 13.16 -12.97 -6.49
N TRP F 177 13.27 -14.22 -6.03
CA TRP F 177 12.98 -15.38 -6.88
C TRP F 177 11.55 -15.89 -6.74
N LEU F 178 10.96 -16.34 -7.86
CA LEU F 178 9.66 -16.99 -7.87
C LEU F 178 9.70 -18.30 -8.70
N ASP F 179 8.66 -19.15 -8.62
CA ASP F 179 8.68 -20.44 -9.30
C ASP F 179 7.94 -20.51 -10.65
N TYR F 180 7.31 -19.42 -11.11
CA TYR F 180 6.63 -19.46 -12.42
C TYR F 180 7.64 -19.18 -13.51
N LYS F 181 8.07 -20.23 -14.22
CA LYS F 181 9.09 -20.10 -15.26
C LYS F 181 8.60 -19.44 -16.54
N ASN F 182 7.30 -19.57 -16.84
CA ASN F 182 6.75 -18.98 -18.07
C ASN F 182 6.22 -17.57 -17.82
N ILE F 183 6.85 -16.82 -16.92
CA ILE F 183 6.40 -15.48 -16.52
C ILE F 183 6.63 -14.39 -17.58
N CYS F 184 7.81 -14.37 -18.21
CA CYS F 184 8.17 -13.34 -19.20
C CYS F 184 7.31 -13.39 -20.47
N LYS F 185 6.86 -14.58 -20.85
CA LYS F 185 6.05 -14.74 -22.04
C LYS F 185 4.62 -14.25 -21.84
N VAL F 186 4.04 -14.50 -20.67
CA VAL F 186 2.66 -14.10 -20.39
C VAL F 186 2.56 -12.67 -19.83
N VAL F 187 3.62 -12.17 -19.21
CA VAL F 187 3.63 -10.81 -18.67
C VAL F 187 4.37 -9.90 -19.62
N GLU F 188 3.86 -8.67 -19.81
CA GLU F 188 4.46 -7.68 -20.70
C GLU F 188 4.79 -6.37 -19.94
N VAL F 189 5.46 -5.41 -20.60
CA VAL F 189 5.81 -4.14 -19.98
C VAL F 189 4.54 -3.35 -19.61
N GLY F 190 4.48 -2.91 -18.35
CA GLY F 190 3.32 -2.19 -17.85
C GLY F 190 2.33 -3.05 -17.09
N SER F 191 2.66 -4.35 -16.91
CA SER F 191 1.81 -5.28 -16.18
C SER F 191 1.88 -5.04 -14.68
N LYS F 192 0.78 -5.31 -13.99
CA LYS F 192 0.76 -5.19 -12.54
C LYS F 192 1.05 -6.57 -11.94
N ILE F 193 2.08 -6.65 -11.12
CA ILE F 193 2.48 -7.88 -10.43
C ILE F 193 2.18 -7.66 -8.95
N TYR F 194 1.37 -8.53 -8.33
CA TYR F 194 1.07 -8.37 -6.91
C TYR F 194 1.74 -9.44 -6.08
N VAL F 195 2.24 -9.07 -4.89
CA VAL F 195 2.95 -9.99 -4.01
C VAL F 195 2.35 -9.93 -2.59
N ASP F 196 2.24 -11.07 -1.90
CA ASP F 196 1.73 -11.20 -0.53
C ASP F 196 0.32 -10.65 -0.37
N ASP F 197 -0.69 -11.46 -0.77
CA ASP F 197 -2.09 -11.09 -0.71
C ASP F 197 -2.40 -9.76 -1.42
N GLY F 198 -1.63 -9.45 -2.46
CA GLY F 198 -1.78 -8.24 -3.25
C GLY F 198 -1.38 -6.95 -2.56
N LEU F 199 -0.82 -7.04 -1.34
CA LEU F 199 -0.42 -5.86 -0.57
C LEU F 199 0.80 -5.14 -1.14
N ILE F 200 1.63 -5.86 -1.91
CA ILE F 200 2.80 -5.25 -2.55
C ILE F 200 2.56 -5.24 -4.06
N SER F 201 2.75 -4.08 -4.69
CA SER F 201 2.54 -3.95 -6.13
C SER F 201 3.86 -3.62 -6.82
N LEU F 202 4.08 -4.19 -8.01
CA LEU F 202 5.30 -3.97 -8.81
C LEU F 202 4.87 -3.80 -10.27
N GLN F 203 5.40 -2.78 -10.96
CA GLN F 203 5.05 -2.55 -12.37
C GLN F 203 6.20 -3.00 -13.28
N VAL F 204 5.89 -3.78 -14.33
CA VAL F 204 6.91 -4.27 -15.25
C VAL F 204 7.54 -3.16 -16.09
N LYS F 205 8.87 -3.06 -16.06
CA LYS F 205 9.59 -2.06 -16.85
C LYS F 205 10.42 -2.77 -17.91
N GLN F 206 11.16 -3.82 -17.52
CA GLN F 206 11.99 -4.58 -18.45
C GLN F 206 11.80 -6.09 -18.29
N LYS F 207 12.07 -6.86 -19.36
CA LYS F 207 11.91 -8.32 -19.35
C LYS F 207 13.18 -9.04 -19.82
N GLY F 208 13.29 -10.32 -19.49
CA GLY F 208 14.43 -11.15 -19.89
C GLY F 208 14.12 -12.63 -19.92
N ALA F 209 15.13 -13.46 -20.20
CA ALA F 209 14.95 -14.92 -20.25
C ALA F 209 14.71 -15.49 -18.84
N ASP F 210 15.56 -15.13 -17.86
CA ASP F 210 15.40 -15.57 -16.48
C ASP F 210 15.37 -14.37 -15.53
N PHE F 211 14.70 -13.27 -15.95
CA PHE F 211 14.62 -12.06 -15.12
C PHE F 211 13.49 -11.09 -15.53
N LEU F 212 13.15 -10.18 -14.60
CA LEU F 212 12.15 -9.13 -14.74
C LEU F 212 12.61 -7.90 -13.96
N VAL F 213 12.48 -6.71 -14.56
CA VAL F 213 12.87 -5.47 -13.88
C VAL F 213 11.59 -4.75 -13.51
N THR F 214 11.32 -4.60 -12.20
CA THR F 214 10.08 -3.97 -11.75
C THR F 214 10.30 -2.72 -10.90
N GLU F 215 9.25 -1.89 -10.77
CA GLU F 215 9.28 -0.68 -9.96
C GLU F 215 8.26 -0.87 -8.83
N VAL F 216 8.70 -0.81 -7.57
CA VAL F 216 7.81 -1.00 -6.43
C VAL F 216 6.77 0.13 -6.29
N GLU F 217 5.51 -0.15 -6.60
CA GLU F 217 4.44 0.85 -6.47
C GLU F 217 3.97 0.92 -5.01
N ASN F 218 3.85 -0.24 -4.35
CA ASN F 218 3.45 -0.30 -2.95
C ASN F 218 4.44 -1.21 -2.21
N GLY F 219 5.25 -0.60 -1.34
CA GLY F 219 6.24 -1.34 -0.57
C GLY F 219 5.70 -1.91 0.72
N GLY F 220 6.53 -2.68 1.41
CA GLY F 220 6.16 -3.30 2.68
C GLY F 220 7.05 -4.46 3.05
N SER F 221 6.76 -5.11 4.20
CA SER F 221 7.56 -6.24 4.66
C SER F 221 7.41 -7.50 3.80
N LEU F 222 8.35 -7.68 2.87
CA LEU F 222 8.41 -8.83 1.98
C LEU F 222 8.92 -10.02 2.77
N GLY F 223 8.10 -11.06 2.89
CA GLY F 223 8.45 -12.26 3.63
C GLY F 223 8.81 -13.43 2.75
N SER F 224 8.79 -14.65 3.32
CA SER F 224 9.13 -15.87 2.58
C SER F 224 7.88 -16.60 2.09
N LYS F 225 8.00 -17.36 0.99
CA LYS F 225 6.96 -18.20 0.40
C LYS F 225 5.62 -17.47 0.27
N LYS F 226 5.64 -16.27 -0.33
CA LYS F 226 4.48 -15.41 -0.51
C LYS F 226 3.86 -15.59 -1.89
N GLY F 227 2.53 -15.48 -1.97
CA GLY F 227 1.81 -15.62 -3.23
C GLY F 227 1.95 -14.46 -4.19
N VAL F 228 2.02 -14.75 -5.49
CA VAL F 228 2.14 -13.75 -6.55
C VAL F 228 0.94 -13.83 -7.51
N ASN F 229 0.34 -12.68 -7.83
CA ASN F 229 -0.82 -12.65 -8.73
C ASN F 229 -0.55 -11.79 -9.96
N LEU F 230 -1.14 -12.18 -11.09
CA LEU F 230 -1.01 -11.49 -12.36
C LEU F 230 -2.42 -11.40 -12.95
N PRO F 231 -3.20 -10.38 -12.55
CA PRO F 231 -4.60 -10.28 -13.01
C PRO F 231 -4.80 -10.03 -14.50
N GLY F 232 -3.93 -9.23 -15.10
CA GLY F 232 -4.05 -8.91 -16.51
C GLY F 232 -3.17 -9.81 -17.36
N ALA F 233 -3.23 -11.13 -17.11
CA ALA F 233 -2.40 -12.08 -17.85
C ALA F 233 -3.07 -13.41 -18.17
N ALA F 234 -2.77 -13.94 -19.36
CA ALA F 234 -3.28 -15.22 -19.82
C ALA F 234 -2.31 -16.30 -19.31
N VAL F 235 -2.47 -16.69 -18.03
CA VAL F 235 -1.60 -17.69 -17.40
C VAL F 235 -1.87 -19.10 -17.98
N ASP F 236 -0.85 -19.69 -18.60
CA ASP F 236 -0.93 -21.00 -19.23
C ASP F 236 -0.55 -22.16 -18.29
N LEU F 237 -1.00 -22.08 -17.02
CA LEU F 237 -0.70 -23.15 -16.06
C LEU F 237 -1.71 -24.28 -16.16
N PRO F 238 -1.31 -25.54 -15.88
CA PRO F 238 -2.26 -26.65 -16.01
C PRO F 238 -3.42 -26.61 -15.03
N ALA F 239 -4.55 -27.23 -15.40
CA ALA F 239 -5.74 -27.30 -14.56
C ALA F 239 -5.40 -28.06 -13.27
N VAL F 240 -4.73 -29.22 -13.40
CA VAL F 240 -4.32 -30.00 -12.25
C VAL F 240 -2.80 -30.21 -12.35
N SER F 241 -2.05 -29.55 -11.47
CA SER F 241 -0.59 -29.63 -11.45
C SER F 241 -0.08 -30.97 -10.91
N GLU F 242 1.23 -31.23 -11.04
CA GLU F 242 1.88 -32.46 -10.55
C GLU F 242 1.66 -32.65 -9.04
N LYS F 243 1.74 -31.56 -8.27
CA LYS F 243 1.51 -31.60 -6.84
C LYS F 243 0.01 -31.80 -6.52
N ASP F 244 -0.92 -31.25 -7.32
CA ASP F 244 -2.34 -31.44 -7.08
C ASP F 244 -2.70 -32.92 -7.26
N ILE F 245 -2.13 -33.57 -8.31
CA ILE F 245 -2.28 -35.02 -8.58
C ILE F 245 -1.84 -35.86 -7.35
N GLN F 246 -0.71 -35.49 -6.73
CA GLN F 246 -0.21 -36.20 -5.55
C GLN F 246 -1.11 -35.98 -4.37
N ASP F 247 -1.58 -34.73 -4.16
CA ASP F 247 -2.47 -34.41 -3.05
C ASP F 247 -3.83 -35.07 -3.16
N LEU F 248 -4.39 -35.12 -4.37
CA LEU F 248 -5.68 -35.77 -4.62
C LEU F 248 -5.60 -37.26 -4.36
N LYS F 249 -4.48 -37.91 -4.75
CA LYS F 249 -4.26 -39.33 -4.47
C LYS F 249 -4.20 -39.54 -2.95
N PHE F 250 -3.46 -38.67 -2.27
CA PHE F 250 -3.36 -38.73 -0.81
C PHE F 250 -4.76 -38.53 -0.15
N GLY F 251 -5.62 -37.70 -0.75
CA GLY F 251 -6.96 -37.47 -0.24
C GLY F 251 -7.83 -38.71 -0.36
N VAL F 252 -7.68 -39.43 -1.47
CA VAL F 252 -8.41 -40.67 -1.70
C VAL F 252 -7.97 -41.72 -0.69
N GLU F 253 -6.64 -41.84 -0.48
CA GLU F 253 -6.06 -42.78 0.49
C GLU F 253 -6.49 -42.40 1.93
N GLN F 254 -6.64 -41.10 2.21
CA GLN F 254 -7.03 -40.64 3.54
C GLN F 254 -8.54 -40.61 3.76
N ASP F 255 -9.36 -40.85 2.71
CA ASP F 255 -10.82 -40.94 2.86
C ASP F 255 -11.43 -39.57 3.19
N VAL F 256 -10.94 -38.50 2.55
CA VAL F 256 -11.51 -37.18 2.77
C VAL F 256 -12.93 -37.11 2.21
N ASP F 257 -13.73 -36.18 2.73
CA ASP F 257 -15.12 -36.05 2.32
C ASP F 257 -15.32 -35.15 1.12
N MET F 258 -14.41 -34.19 0.93
CA MET F 258 -14.54 -33.23 -0.12
C MET F 258 -13.22 -32.59 -0.47
N VAL F 259 -13.15 -32.12 -1.69
CA VAL F 259 -12.01 -31.44 -2.26
C VAL F 259 -12.45 -30.02 -2.62
N PHE F 260 -11.66 -29.01 -2.20
CA PHE F 260 -11.88 -27.63 -2.54
C PHE F 260 -10.86 -27.39 -3.66
N ALA F 261 -11.33 -27.42 -4.91
CA ALA F 261 -10.43 -27.31 -6.07
C ALA F 261 -10.10 -25.87 -6.40
N SER F 262 -8.83 -25.51 -6.25
CA SER F 262 -8.36 -24.14 -6.47
C SER F 262 -8.35 -23.65 -7.91
N PHE F 263 -8.70 -22.36 -8.10
CA PHE F 263 -8.64 -21.62 -9.35
C PHE F 263 -9.39 -22.26 -10.53
N ILE F 264 -10.57 -22.84 -10.28
CA ILE F 264 -11.37 -23.42 -11.36
C ILE F 264 -11.80 -22.31 -12.33
N ARG F 265 -11.45 -22.45 -13.62
CA ARG F 265 -11.75 -21.42 -14.63
C ARG F 265 -12.84 -21.80 -15.63
N LYS F 266 -13.09 -23.10 -15.78
CA LYS F 266 -14.06 -23.64 -16.73
C LYS F 266 -14.55 -25.03 -16.29
N ALA F 267 -15.60 -25.57 -16.96
CA ALA F 267 -16.18 -26.87 -16.63
C ALA F 267 -15.19 -28.02 -16.87
N SER F 268 -14.33 -27.92 -17.90
CA SER F 268 -13.35 -28.96 -18.19
C SER F 268 -12.30 -29.11 -17.09
N ASP F 269 -12.08 -28.06 -16.27
CA ASP F 269 -11.19 -28.12 -15.11
C ASP F 269 -11.83 -29.01 -14.02
N VAL F 270 -13.17 -28.90 -13.84
CA VAL F 270 -13.91 -29.69 -12.85
C VAL F 270 -13.96 -31.15 -13.27
N HIS F 271 -14.20 -31.39 -14.57
CA HIS F 271 -14.21 -32.73 -15.14
C HIS F 271 -12.86 -33.40 -14.97
N GLU F 272 -11.77 -32.61 -15.10
CA GLU F 272 -10.41 -33.09 -14.90
C GLU F 272 -10.22 -33.55 -13.49
N VAL F 273 -10.63 -32.76 -12.48
CA VAL F 273 -10.53 -33.18 -11.08
C VAL F 273 -11.37 -34.44 -10.83
N ARG F 274 -12.58 -34.51 -11.40
CA ARG F 274 -13.47 -35.66 -11.29
C ARG F 274 -12.81 -36.93 -11.91
N LYS F 275 -12.11 -36.76 -13.04
CA LYS F 275 -11.44 -37.87 -13.71
C LYS F 275 -10.19 -38.29 -12.96
N VAL F 276 -9.50 -37.36 -12.32
CA VAL F 276 -8.29 -37.61 -11.53
C VAL F 276 -8.67 -38.44 -10.29
N LEU F 277 -9.77 -38.08 -9.61
CA LEU F 277 -10.28 -38.83 -8.44
C LEU F 277 -10.75 -40.25 -8.82
N GLY F 278 -11.19 -40.42 -10.08
CA GLY F 278 -11.60 -41.71 -10.62
C GLY F 278 -12.66 -42.46 -9.85
N GLU F 279 -12.61 -43.78 -9.91
CA GLU F 279 -13.57 -44.64 -9.24
C GLU F 279 -13.45 -44.56 -7.72
N LYS F 280 -12.23 -44.74 -7.18
CA LYS F 280 -11.97 -44.66 -5.73
C LYS F 280 -12.42 -43.32 -5.07
N GLY F 281 -12.44 -42.23 -5.83
CA GLY F 281 -12.88 -40.94 -5.30
C GLY F 281 -14.25 -40.49 -5.81
N LYS F 282 -15.00 -41.38 -6.48
CA LYS F 282 -16.28 -41.04 -7.10
C LYS F 282 -17.30 -40.37 -6.16
N ASN F 283 -17.26 -40.71 -4.86
CA ASN F 283 -18.15 -40.20 -3.83
C ASN F 283 -17.65 -38.94 -3.15
N ILE F 284 -16.39 -38.55 -3.39
CA ILE F 284 -15.84 -37.33 -2.80
C ILE F 284 -16.47 -36.10 -3.47
N LYS F 285 -16.96 -35.13 -2.69
CA LYS F 285 -17.59 -33.93 -3.25
C LYS F 285 -16.56 -32.93 -3.78
N ILE F 286 -16.79 -32.40 -4.97
CA ILE F 286 -15.92 -31.40 -5.56
C ILE F 286 -16.55 -30.01 -5.48
N ILE F 287 -15.92 -29.17 -4.71
CA ILE F 287 -16.31 -27.79 -4.51
C ILE F 287 -15.34 -26.96 -5.29
N SER F 288 -15.79 -26.28 -6.34
CA SER F 288 -14.93 -25.44 -7.15
C SER F 288 -14.70 -24.06 -6.53
N LYS F 289 -13.45 -23.66 -6.40
CA LYS F 289 -13.10 -22.35 -5.88
C LYS F 289 -13.02 -21.36 -7.02
N ILE F 290 -13.87 -20.30 -7.00
CA ILE F 290 -13.90 -19.25 -8.01
C ILE F 290 -13.03 -18.13 -7.50
N GLU F 291 -11.88 -17.94 -8.12
CA GLU F 291 -10.88 -16.97 -7.65
C GLU F 291 -10.38 -16.02 -8.74
N ASN F 292 -10.98 -16.03 -9.94
CA ASN F 292 -10.54 -15.15 -11.01
C ASN F 292 -11.68 -14.75 -11.95
N HIS F 293 -11.44 -13.80 -12.84
CA HIS F 293 -12.43 -13.28 -13.76
C HIS F 293 -13.06 -14.37 -14.64
N GLU F 294 -12.24 -15.29 -15.16
CA GLU F 294 -12.76 -16.34 -16.03
C GLU F 294 -13.73 -17.25 -15.29
N GLY F 295 -13.42 -17.57 -14.03
CA GLY F 295 -14.29 -18.39 -13.21
C GLY F 295 -15.65 -17.76 -13.00
N VAL F 296 -15.69 -16.44 -12.77
CA VAL F 296 -16.94 -15.69 -12.60
C VAL F 296 -17.71 -15.66 -13.94
N ARG F 297 -17.00 -15.37 -15.04
CA ARG F 297 -17.59 -15.32 -16.38
C ARG F 297 -18.17 -16.66 -16.80
N ARG F 298 -17.41 -17.75 -16.63
CA ARG F 298 -17.86 -19.11 -16.98
C ARG F 298 -18.54 -19.83 -15.83
N PHE F 299 -19.06 -19.08 -14.85
CA PHE F 299 -19.67 -19.59 -13.64
C PHE F 299 -20.74 -20.64 -13.85
N ASP F 300 -21.65 -20.41 -14.80
CA ASP F 300 -22.78 -21.31 -14.98
C ASP F 300 -22.35 -22.71 -15.37
N GLU F 301 -21.39 -22.86 -16.27
CA GLU F 301 -20.88 -24.18 -16.66
C GLU F 301 -20.12 -24.81 -15.50
N ILE F 302 -19.38 -24.01 -14.72
CA ILE F 302 -18.63 -24.53 -13.56
C ILE F 302 -19.61 -25.08 -12.52
N LEU F 303 -20.67 -24.33 -12.23
CA LEU F 303 -21.70 -24.75 -11.27
C LEU F 303 -22.34 -26.06 -11.68
N GLU F 304 -22.71 -26.18 -12.96
CA GLU F 304 -23.33 -27.39 -13.47
C GLU F 304 -22.43 -28.62 -13.27
N ALA F 305 -21.12 -28.49 -13.46
CA ALA F 305 -20.19 -29.60 -13.32
C ALA F 305 -19.78 -29.93 -11.89
N SER F 306 -19.98 -28.98 -10.95
CA SER F 306 -19.50 -29.13 -9.58
C SER F 306 -20.54 -29.62 -8.59
N ASP F 307 -20.09 -30.09 -7.44
CA ASP F 307 -21.00 -30.45 -6.36
C ASP F 307 -21.30 -29.24 -5.44
N GLY F 308 -20.57 -28.14 -5.60
CA GLY F 308 -20.69 -26.96 -4.79
C GLY F 308 -19.65 -25.93 -5.18
N ILE F 309 -19.71 -24.76 -4.55
CA ILE F 309 -18.84 -23.65 -4.93
C ILE F 309 -18.23 -22.96 -3.71
N MET F 310 -17.03 -22.39 -3.89
CA MET F 310 -16.46 -21.56 -2.85
C MET F 310 -16.20 -20.17 -3.42
N VAL F 311 -16.77 -19.15 -2.78
CA VAL F 311 -16.50 -17.77 -3.15
C VAL F 311 -15.14 -17.51 -2.49
N ALA F 312 -14.03 -17.70 -3.25
CA ALA F 312 -12.66 -17.60 -2.74
C ALA F 312 -12.21 -16.15 -2.81
N ARG F 313 -12.74 -15.34 -1.90
CA ARG F 313 -12.58 -13.89 -1.90
C ARG F 313 -11.15 -13.38 -1.80
N GLY F 314 -10.25 -14.18 -1.25
CA GLY F 314 -8.85 -13.80 -1.11
C GLY F 314 -8.23 -13.50 -2.45
N ASP F 315 -8.09 -14.53 -3.27
CA ASP F 315 -7.58 -14.37 -4.62
C ASP F 315 -8.50 -13.55 -5.49
N LEU F 316 -9.84 -13.73 -5.39
CA LEU F 316 -10.81 -12.99 -6.20
C LEU F 316 -10.61 -11.47 -6.01
N GLY F 317 -10.32 -11.05 -4.78
CA GLY F 317 -10.06 -9.65 -4.45
C GLY F 317 -8.81 -9.05 -5.06
N ILE F 318 -7.84 -9.89 -5.50
CA ILE F 318 -6.63 -9.44 -6.18
C ILE F 318 -6.85 -9.59 -7.71
N GLU F 319 -7.46 -10.70 -8.14
CA GLU F 319 -7.71 -10.96 -9.55
C GLU F 319 -8.72 -9.99 -10.20
N ILE F 320 -9.71 -9.53 -9.43
CA ILE F 320 -10.66 -8.54 -9.91
C ILE F 320 -10.65 -7.33 -8.93
N PRO F 321 -11.13 -6.11 -9.32
CA PRO F 321 -11.09 -4.97 -8.38
C PRO F 321 -11.76 -5.30 -7.07
N ALA F 322 -11.10 -5.04 -5.94
CA ALA F 322 -11.62 -5.42 -4.64
C ALA F 322 -13.03 -4.90 -4.34
N GLU F 323 -13.39 -3.74 -4.92
CA GLU F 323 -14.73 -3.17 -4.73
C GLU F 323 -15.83 -3.96 -5.44
N LYS F 324 -15.49 -4.92 -6.30
CA LYS F 324 -16.48 -5.73 -7.02
C LYS F 324 -16.69 -7.11 -6.42
N VAL F 325 -15.91 -7.51 -5.41
CA VAL F 325 -16.04 -8.82 -4.79
C VAL F 325 -17.43 -9.09 -4.27
N PHE F 326 -18.11 -8.07 -3.67
CA PHE F 326 -19.45 -8.30 -3.14
C PHE F 326 -20.43 -8.68 -4.23
N LEU F 327 -20.25 -8.18 -5.46
CA LEU F 327 -21.13 -8.52 -6.59
C LEU F 327 -20.93 -9.99 -6.95
N ALA F 328 -19.67 -10.44 -7.07
CA ALA F 328 -19.38 -11.84 -7.39
C ALA F 328 -19.89 -12.75 -6.28
N GLN F 329 -19.74 -12.30 -5.01
CA GLN F 329 -20.24 -13.07 -3.88
C GLN F 329 -21.78 -13.24 -3.94
N LYS F 330 -22.53 -12.13 -4.10
CA LYS F 330 -23.98 -12.20 -4.14
C LYS F 330 -24.49 -12.93 -5.35
N MET F 331 -23.85 -12.74 -6.50
CA MET F 331 -24.18 -13.43 -7.74
C MET F 331 -24.03 -14.96 -7.54
N MET F 332 -22.88 -15.43 -7.01
CA MET F 332 -22.64 -16.87 -6.83
C MET F 332 -23.51 -17.47 -5.76
N ILE F 333 -23.74 -16.76 -4.64
CA ILE F 333 -24.63 -17.24 -3.60
C ILE F 333 -26.08 -17.39 -4.14
N GLY F 334 -26.56 -16.38 -4.87
CA GLY F 334 -27.88 -16.43 -5.48
C GLY F 334 -28.01 -17.57 -6.47
N ARG F 335 -27.04 -17.71 -7.37
CA ARG F 335 -27.07 -18.77 -8.37
C ARG F 335 -26.93 -20.18 -7.79
N CYS F 336 -26.17 -20.34 -6.69
CA CYS F 336 -26.08 -21.63 -6.02
C CYS F 336 -27.35 -21.97 -5.31
N ASN F 337 -27.96 -20.98 -4.64
CA ASN F 337 -29.27 -21.14 -4.00
C ASN F 337 -30.31 -21.51 -5.05
N ARG F 338 -30.31 -20.85 -6.22
CA ARG F 338 -31.23 -21.10 -7.32
C ARG F 338 -31.04 -22.53 -7.90
N ALA F 339 -29.81 -23.04 -7.93
CA ALA F 339 -29.51 -24.40 -8.41
C ALA F 339 -29.59 -25.50 -7.33
N GLY F 340 -29.70 -25.11 -6.06
CA GLY F 340 -29.76 -26.06 -4.97
C GLY F 340 -28.41 -26.69 -4.68
N LYS F 341 -27.32 -25.96 -4.98
CA LYS F 341 -25.98 -26.48 -4.73
C LYS F 341 -25.30 -25.69 -3.64
N PRO F 342 -24.53 -26.38 -2.76
CA PRO F 342 -23.85 -25.66 -1.68
C PRO F 342 -22.91 -24.54 -2.13
N VAL F 343 -22.85 -23.50 -1.32
CA VAL F 343 -21.95 -22.39 -1.57
C VAL F 343 -21.31 -22.00 -0.24
N ILE F 344 -19.98 -21.83 -0.27
CA ILE F 344 -19.18 -21.47 0.90
C ILE F 344 -18.65 -20.06 0.72
N CYS F 345 -18.77 -19.23 1.75
CA CYS F 345 -18.19 -17.90 1.72
C CYS F 345 -16.89 -18.03 2.52
N ALA F 346 -15.79 -17.61 1.92
CA ALA F 346 -14.49 -17.78 2.54
C ALA F 346 -13.60 -16.56 2.50
N THR F 347 -12.59 -16.51 3.41
CA THR F 347 -11.44 -15.61 3.49
C THR F 347 -11.69 -14.27 4.16
N GLN F 348 -10.90 -14.05 5.22
CA GLN F 348 -10.84 -12.85 6.04
C GLN F 348 -12.14 -12.46 6.69
N MET F 349 -13.00 -13.43 7.00
CA MET F 349 -14.28 -13.13 7.63
C MET F 349 -14.14 -12.52 9.02
N LEU F 350 -13.19 -13.03 9.84
CA LEU F 350 -12.90 -12.51 11.17
C LEU F 350 -11.36 -12.29 11.28
N GLU F 351 -10.73 -11.83 10.20
CA GLU F 351 -9.27 -11.71 10.11
C GLU F 351 -8.57 -11.12 11.35
N SER F 352 -9.07 -10.02 11.93
CA SER F 352 -8.42 -9.40 13.09
C SER F 352 -8.28 -10.36 14.29
N MET F 353 -9.14 -11.39 14.37
CA MET F 353 -9.12 -12.37 15.43
C MET F 353 -7.89 -13.30 15.41
N ILE F 354 -6.99 -13.15 14.43
CA ILE F 354 -5.72 -13.85 14.46
C ILE F 354 -4.88 -13.30 15.65
N LYS F 355 -4.95 -11.97 15.89
CA LYS F 355 -4.20 -11.32 16.96
C LYS F 355 -5.06 -10.85 18.13
N LYS F 356 -6.34 -10.51 17.88
CA LYS F 356 -7.25 -10.02 18.92
C LYS F 356 -8.36 -11.01 19.31
N PRO F 357 -8.79 -11.04 20.59
CA PRO F 357 -9.86 -11.99 20.99
C PRO F 357 -11.28 -11.54 20.58
N ARG F 358 -11.41 -10.40 19.93
CA ARG F 358 -12.69 -9.87 19.50
C ARG F 358 -12.56 -9.34 18.07
N PRO F 359 -13.58 -9.57 17.23
CA PRO F 359 -13.52 -9.07 15.86
C PRO F 359 -13.97 -7.62 15.75
N THR F 360 -13.65 -6.99 14.62
CA THR F 360 -14.08 -5.63 14.31
C THR F 360 -15.56 -5.63 13.93
N ARG F 361 -16.17 -4.45 13.92
CA ARG F 361 -17.56 -4.32 13.54
C ARG F 361 -17.80 -4.76 12.09
N ALA F 362 -16.83 -4.55 11.21
CA ALA F 362 -16.95 -4.98 9.81
C ALA F 362 -16.96 -6.52 9.67
N GLU F 363 -16.25 -7.21 10.56
CA GLU F 363 -16.15 -8.66 10.52
C GLU F 363 -17.44 -9.33 11.01
N GLY F 364 -18.06 -8.76 12.04
CA GLY F 364 -19.35 -9.27 12.52
C GLY F 364 -20.42 -9.05 11.46
N SER F 365 -20.37 -7.91 10.81
CA SER F 365 -21.24 -7.57 9.71
C SER F 365 -21.07 -8.57 8.54
N ASP F 366 -19.83 -8.86 8.12
CA ASP F 366 -19.52 -9.76 7.02
C ASP F 366 -20.04 -11.17 7.21
N VAL F 367 -19.88 -11.74 8.42
CA VAL F 367 -20.39 -13.08 8.72
C VAL F 367 -21.91 -13.08 8.65
N ALA F 368 -22.56 -12.03 9.20
CA ALA F 368 -24.02 -11.94 9.20
C ALA F 368 -24.57 -11.77 7.80
N ASN F 369 -23.93 -10.91 7.01
CA ASN F 369 -24.34 -10.62 5.64
C ASN F 369 -24.14 -11.80 4.74
N ALA F 370 -23.11 -12.65 4.97
CA ALA F 370 -22.93 -13.88 4.18
C ALA F 370 -24.07 -14.84 4.47
N VAL F 371 -24.49 -14.95 5.75
CA VAL F 371 -25.61 -15.83 6.12
C VAL F 371 -26.91 -15.31 5.50
N LEU F 372 -27.15 -13.99 5.59
CA LEU F 372 -28.33 -13.38 4.98
C LEU F 372 -28.32 -13.58 3.46
N ASP F 373 -27.15 -13.43 2.79
CA ASP F 373 -27.04 -13.64 1.33
C ASP F 373 -27.50 -15.08 0.97
N GLY F 374 -27.21 -16.05 1.84
CA GLY F 374 -27.58 -17.43 1.59
C GLY F 374 -26.44 -18.44 1.62
N ALA F 375 -25.27 -18.08 2.16
CA ALA F 375 -24.15 -19.03 2.23
C ALA F 375 -24.54 -20.30 3.04
N ASP F 376 -24.26 -21.49 2.51
CA ASP F 376 -24.56 -22.72 3.27
C ASP F 376 -23.52 -22.87 4.41
N CYS F 377 -22.24 -22.52 4.10
CA CYS F 377 -21.09 -22.60 5.00
C CYS F 377 -20.33 -21.30 5.05
N ILE F 378 -19.64 -21.11 6.16
CA ILE F 378 -18.75 -19.99 6.41
C ILE F 378 -17.41 -20.56 6.82
N MET F 379 -16.34 -19.87 6.44
CA MET F 379 -15.01 -20.39 6.65
C MET F 379 -14.10 -19.52 7.49
N LEU F 380 -13.19 -20.17 8.24
CA LEU F 380 -12.13 -19.54 9.02
C LEU F 380 -10.81 -20.09 8.47
N SER F 381 -9.87 -19.22 8.16
CA SER F 381 -8.58 -19.62 7.60
C SER F 381 -7.49 -19.42 8.68
N GLY F 382 -6.71 -18.33 8.62
CA GLY F 382 -5.66 -18.01 9.58
C GLY F 382 -6.15 -17.95 11.01
N GLU F 383 -7.39 -17.44 11.23
CA GLU F 383 -8.06 -17.31 12.52
C GLU F 383 -8.00 -18.61 13.31
N THR F 384 -8.17 -19.74 12.63
CA THR F 384 -8.12 -21.03 13.32
C THR F 384 -6.83 -21.79 13.05
N ALA F 385 -6.23 -21.63 11.88
CA ALA F 385 -5.00 -22.36 11.51
C ALA F 385 -3.72 -21.90 12.22
N LYS F 386 -3.59 -20.61 12.53
CA LYS F 386 -2.34 -20.11 13.11
C LYS F 386 -2.54 -18.97 14.12
N GLY F 387 -3.76 -18.46 14.28
CA GLY F 387 -4.00 -17.36 15.19
C GLY F 387 -3.94 -17.69 16.66
N ASP F 388 -3.97 -16.66 17.51
CA ASP F 388 -3.90 -16.81 18.95
C ASP F 388 -5.22 -17.14 19.61
N TYR F 389 -6.34 -16.98 18.88
CA TYR F 389 -7.66 -17.19 19.44
C TYR F 389 -8.51 -18.11 18.55
N PRO F 390 -8.07 -19.35 18.29
CA PRO F 390 -8.85 -20.24 17.40
C PRO F 390 -10.26 -20.54 17.88
N LEU F 391 -10.44 -20.83 19.18
CA LEU F 391 -11.76 -21.14 19.73
C LEU F 391 -12.69 -19.92 19.78
N GLU F 392 -12.14 -18.73 20.06
CA GLU F 392 -12.95 -17.52 20.10
C GLU F 392 -13.54 -17.24 18.72
N ALA F 393 -12.78 -17.49 17.64
CA ALA F 393 -13.23 -17.28 16.27
C ALA F 393 -14.34 -18.28 15.90
N VAL F 394 -14.21 -19.56 16.29
CA VAL F 394 -15.25 -20.55 16.02
C VAL F 394 -16.53 -20.15 16.77
N ARG F 395 -16.40 -19.77 18.04
CA ARG F 395 -17.56 -19.38 18.84
C ARG F 395 -18.21 -18.10 18.36
N MET F 396 -17.41 -17.14 17.89
CA MET F 396 -17.96 -15.89 17.38
C MET F 396 -18.74 -16.15 16.10
N GLN F 397 -18.21 -17.01 15.21
CA GLN F 397 -18.92 -17.36 13.98
C GLN F 397 -20.23 -18.05 14.30
N HIS F 398 -20.26 -18.90 15.33
CA HIS F 398 -21.46 -19.59 15.79
C HIS F 398 -22.50 -18.57 16.28
N LEU F 399 -22.07 -17.61 17.14
CA LEU F 399 -22.96 -16.59 17.70
C LEU F 399 -23.55 -15.68 16.63
N ILE F 400 -22.75 -15.30 15.62
CA ILE F 400 -23.25 -14.44 14.56
C ILE F 400 -24.19 -15.21 13.61
N ALA F 401 -23.77 -16.41 13.12
CA ALA F 401 -24.59 -17.22 12.22
C ALA F 401 -26.00 -17.48 12.73
N ARG F 402 -26.12 -17.88 13.99
CA ARG F 402 -27.39 -18.18 14.62
C ARG F 402 -28.26 -16.93 14.74
N GLU F 403 -27.68 -15.75 15.09
CA GLU F 403 -28.48 -14.51 15.12
C GLU F 403 -28.93 -14.12 13.72
N ALA F 404 -28.08 -14.33 12.70
CA ALA F 404 -28.41 -13.95 11.34
C ALA F 404 -29.45 -14.85 10.71
N GLU F 405 -29.49 -16.12 11.10
CA GLU F 405 -30.47 -17.06 10.55
C GLU F 405 -31.91 -16.68 10.93
N ALA F 406 -32.09 -16.15 12.14
CA ALA F 406 -33.40 -15.70 12.59
C ALA F 406 -33.81 -14.44 11.84
N ALA F 407 -32.85 -13.56 11.50
CA ALA F 407 -33.07 -12.31 10.78
C ALA F 407 -33.42 -12.49 9.28
N ILE F 408 -33.44 -13.73 8.78
CA ILE F 408 -33.77 -14.02 7.39
C ILE F 408 -35.25 -13.74 7.10
N TYR F 409 -35.52 -13.07 5.98
CA TYR F 409 -36.89 -12.80 5.57
C TYR F 409 -37.38 -14.04 4.83
N HIS F 410 -37.66 -15.12 5.59
CA HIS F 410 -38.09 -16.41 5.03
C HIS F 410 -39.35 -16.29 4.19
N LEU F 411 -40.26 -15.35 4.54
CA LEU F 411 -41.53 -15.15 3.83
C LEU F 411 -41.33 -14.97 2.34
N GLN F 412 -40.50 -14.02 1.92
CA GLN F 412 -40.24 -13.75 0.52
C GLN F 412 -39.24 -14.76 -0.07
N LEU F 413 -38.28 -15.25 0.73
CA LEU F 413 -37.29 -16.22 0.25
C LEU F 413 -37.96 -17.52 -0.20
N PHE F 414 -38.82 -18.11 0.66
CA PHE F 414 -39.57 -19.34 0.33
C PHE F 414 -40.53 -19.10 -0.85
N GLU F 415 -41.19 -17.94 -0.87
CA GLU F 415 -42.09 -17.58 -1.96
C GLU F 415 -41.34 -17.52 -3.28
N GLU F 416 -40.08 -17.04 -3.26
CA GLU F 416 -39.28 -16.97 -4.48
C GLU F 416 -38.70 -18.33 -4.88
N LEU F 417 -38.31 -19.17 -3.90
CA LEU F 417 -37.79 -20.52 -4.16
C LEU F 417 -38.90 -21.44 -4.72
N ARG F 418 -40.13 -21.36 -4.18
CA ARG F 418 -41.26 -22.16 -4.66
C ARG F 418 -41.58 -21.87 -6.12
N ARG F 419 -41.35 -20.63 -6.57
CA ARG F 419 -41.69 -20.22 -7.92
C ARG F 419 -40.63 -20.57 -8.96
N LEU F 420 -39.45 -21.09 -8.55
CA LEU F 420 -38.40 -21.47 -9.49
C LEU F 420 -38.84 -22.58 -10.45
N ALA F 421 -39.23 -23.74 -9.94
CA ALA F 421 -39.74 -24.83 -10.79
C ALA F 421 -41.11 -25.14 -10.21
N PRO F 422 -42.13 -24.37 -10.60
CA PRO F 422 -43.47 -24.55 -9.99
C PRO F 422 -44.16 -25.87 -10.27
N ILE F 423 -43.77 -26.58 -11.35
CA ILE F 423 -44.35 -27.87 -11.69
C ILE F 423 -43.22 -28.87 -11.95
N THR F 424 -43.23 -30.00 -11.27
CA THR F 424 -42.25 -31.07 -11.40
C THR F 424 -42.94 -32.40 -11.35
N SER F 425 -42.35 -33.41 -12.00
CA SER F 425 -42.88 -34.77 -12.01
C SER F 425 -42.27 -35.64 -10.89
N ASP F 426 -41.45 -35.05 -10.02
CA ASP F 426 -40.78 -35.79 -8.97
C ASP F 426 -41.57 -35.78 -7.66
N PRO F 427 -42.11 -36.94 -7.26
CA PRO F 427 -42.87 -37.01 -6.01
C PRO F 427 -42.05 -36.70 -4.75
N THR F 428 -40.73 -36.95 -4.77
CA THR F 428 -39.88 -36.65 -3.62
C THR F 428 -39.73 -35.13 -3.45
N GLU F 429 -39.74 -34.37 -4.56
CA GLU F 429 -39.64 -32.92 -4.55
C GLU F 429 -40.94 -32.31 -4.00
N ALA F 430 -42.10 -32.86 -4.39
CA ALA F 430 -43.39 -32.43 -3.88
C ALA F 430 -43.51 -32.72 -2.35
N THR F 431 -42.91 -33.82 -1.89
CA THR F 431 -42.92 -34.15 -0.47
C THR F 431 -42.04 -33.18 0.29
N ALA F 432 -40.85 -32.86 -0.27
CA ALA F 432 -39.89 -31.93 0.29
C ALA F 432 -40.49 -30.53 0.48
N VAL F 433 -41.18 -29.99 -0.54
CA VAL F 433 -41.77 -28.66 -0.42
C VAL F 433 -43.00 -28.65 0.53
N GLY F 434 -43.73 -29.76 0.58
CA GLY F 434 -44.87 -29.91 1.47
C GLY F 434 -44.42 -29.90 2.92
N ALA F 435 -43.31 -30.59 3.19
CA ALA F 435 -42.73 -30.65 4.52
C ALA F 435 -42.21 -29.28 4.97
N VAL F 436 -41.67 -28.47 4.03
CA VAL F 436 -41.16 -27.15 4.40
C VAL F 436 -42.31 -26.18 4.62
N GLU F 437 -43.36 -26.26 3.80
CA GLU F 437 -44.57 -25.49 4.01
C GLU F 437 -45.21 -25.83 5.39
N ALA F 438 -45.30 -27.11 5.75
CA ALA F 438 -45.85 -27.52 7.05
C ALA F 438 -44.99 -27.04 8.22
N SER F 439 -43.63 -27.06 8.07
CA SER F 439 -42.70 -26.62 9.11
C SER F 439 -42.88 -25.15 9.45
N PHE F 440 -43.15 -24.29 8.45
CA PHE F 440 -43.37 -22.86 8.66
C PHE F 440 -44.72 -22.62 9.33
N LYS F 441 -45.72 -23.40 8.92
CA LYS F 441 -47.07 -23.28 9.44
C LYS F 441 -47.11 -23.56 10.94
N CYS F 442 -46.44 -24.64 11.39
CA CYS F 442 -46.46 -24.99 12.80
C CYS F 442 -45.22 -24.54 13.55
N CYS F 443 -44.36 -23.67 12.96
CA CYS F 443 -43.11 -23.17 13.55
C CYS F 443 -42.30 -24.33 14.15
N SER F 444 -42.23 -25.43 13.39
CA SER F 444 -41.65 -26.71 13.75
C SER F 444 -40.28 -26.61 14.40
N GLY F 445 -40.04 -27.43 15.41
CA GLY F 445 -38.75 -27.45 16.07
C GLY F 445 -37.65 -28.17 15.30
N ALA F 446 -38.05 -29.01 14.31
CA ALA F 446 -37.15 -29.78 13.46
C ALA F 446 -37.89 -30.48 12.31
N ILE F 447 -37.16 -30.83 11.24
CA ILE F 447 -37.69 -31.63 10.16
C ILE F 447 -36.77 -32.82 10.19
N ILE F 448 -37.29 -33.96 10.59
CA ILE F 448 -36.53 -35.18 10.68
C ILE F 448 -36.63 -35.90 9.38
N VAL F 449 -35.50 -36.20 8.77
CA VAL F 449 -35.49 -36.86 7.46
C VAL F 449 -34.65 -38.12 7.53
N LEU F 450 -35.20 -39.25 7.07
CA LEU F 450 -34.43 -40.49 7.03
C LEU F 450 -33.80 -40.54 5.67
N THR F 451 -32.45 -40.65 5.61
CA THR F 451 -31.75 -40.58 4.33
C THR F 451 -30.56 -41.54 4.22
N LYS F 452 -30.39 -42.14 3.04
CA LYS F 452 -29.30 -43.10 2.80
C LYS F 452 -28.10 -42.35 2.21
N SER F 453 -28.34 -41.61 1.12
CA SER F 453 -27.31 -40.86 0.40
C SER F 453 -27.25 -39.37 0.75
N GLY F 454 -28.24 -38.87 1.46
CA GLY F 454 -28.31 -37.46 1.82
C GLY F 454 -29.28 -36.67 0.97
N ARG F 455 -29.58 -37.15 -0.25
CA ARG F 455 -30.45 -36.45 -1.20
C ARG F 455 -31.75 -35.94 -0.62
N SER F 456 -32.46 -36.76 0.15
CA SER F 456 -33.73 -36.39 0.74
C SER F 456 -33.61 -35.23 1.70
N ALA F 457 -32.49 -35.13 2.41
CA ALA F 457 -32.26 -34.02 3.33
C ALA F 457 -31.83 -32.79 2.50
N HIS F 458 -31.00 -33.00 1.46
CA HIS F 458 -30.57 -31.94 0.55
C HIS F 458 -31.77 -31.28 -0.14
N GLN F 459 -32.78 -32.09 -0.51
CA GLN F 459 -34.00 -31.58 -1.15
C GLN F 459 -34.79 -30.65 -0.21
N VAL F 460 -34.87 -30.98 1.08
CA VAL F 460 -35.54 -30.12 2.06
C VAL F 460 -34.72 -28.82 2.26
N ALA F 461 -33.37 -28.94 2.44
CA ALA F 461 -32.46 -27.82 2.67
C ALA F 461 -32.49 -26.77 1.56
N ARG F 462 -32.68 -27.20 0.31
CA ARG F 462 -32.76 -26.27 -0.82
C ARG F 462 -33.97 -25.29 -0.71
N TYR F 463 -34.99 -25.65 0.09
CA TYR F 463 -36.15 -24.79 0.28
C TYR F 463 -36.01 -23.81 1.44
N ARG F 464 -34.83 -23.78 2.08
CA ARG F 464 -34.42 -22.90 3.17
C ARG F 464 -35.41 -22.75 4.32
N PRO F 465 -35.77 -23.88 4.97
CA PRO F 465 -36.66 -23.78 6.13
C PRO F 465 -35.95 -23.12 7.33
N ARG F 466 -36.74 -22.50 8.18
CA ARG F 466 -36.26 -21.90 9.40
C ARG F 466 -35.88 -23.02 10.38
N ALA F 467 -36.63 -24.14 10.38
CA ALA F 467 -36.41 -25.28 11.29
C ALA F 467 -35.17 -26.11 10.94
N PRO F 468 -34.42 -26.55 11.95
CA PRO F 468 -33.25 -27.41 11.67
C PRO F 468 -33.68 -28.76 11.07
N ILE F 469 -32.85 -29.31 10.20
CA ILE F 469 -33.13 -30.59 9.57
C ILE F 469 -32.28 -31.67 10.20
N ILE F 470 -32.90 -32.58 10.95
CA ILE F 470 -32.17 -33.69 11.56
C ILE F 470 -32.20 -34.85 10.56
N ALA F 471 -31.07 -35.07 9.87
CA ALA F 471 -30.98 -36.12 8.88
C ALA F 471 -30.38 -37.36 9.51
N VAL F 472 -31.20 -38.40 9.68
CA VAL F 472 -30.74 -39.65 10.27
C VAL F 472 -30.25 -40.54 9.17
N THR F 473 -29.00 -40.96 9.28
CA THR F 473 -28.39 -41.87 8.33
C THR F 473 -27.56 -42.94 9.03
N ARG F 474 -27.37 -44.06 8.34
CA ARG F 474 -26.46 -45.12 8.77
C ARG F 474 -25.12 -45.05 7.99
N ASN F 475 -25.01 -44.15 6.97
CA ASN F 475 -23.82 -43.96 6.17
C ASN F 475 -23.01 -42.81 6.80
N PRO F 476 -21.79 -43.12 7.29
CA PRO F 476 -20.97 -42.06 7.95
C PRO F 476 -20.42 -41.03 6.98
N GLN F 477 -20.24 -41.38 5.70
CA GLN F 477 -19.78 -40.40 4.72
C GLN F 477 -20.91 -39.40 4.45
N THR F 478 -22.15 -39.91 4.31
CA THR F 478 -23.33 -39.10 4.12
C THR F 478 -23.50 -38.10 5.27
N ALA F 479 -23.31 -38.56 6.53
CA ALA F 479 -23.41 -37.71 7.73
C ALA F 479 -22.34 -36.60 7.69
N ARG F 480 -21.10 -36.93 7.33
CA ARG F 480 -20.03 -35.93 7.22
C ARG F 480 -20.30 -34.91 6.12
N GLN F 481 -20.72 -35.37 4.93
CA GLN F 481 -20.99 -34.49 3.78
C GLN F 481 -22.22 -33.61 3.94
N ALA F 482 -23.16 -33.99 4.84
CA ALA F 482 -24.37 -33.22 5.08
C ALA F 482 -24.11 -31.78 5.56
N HIS F 483 -22.92 -31.51 6.08
CA HIS F 483 -22.54 -30.18 6.58
C HIS F 483 -22.40 -29.14 5.46
N LEU F 484 -22.31 -29.56 4.18
CA LEU F 484 -22.23 -28.61 3.07
C LEU F 484 -23.60 -27.94 2.80
N TYR F 485 -24.69 -28.45 3.38
CA TYR F 485 -26.01 -27.93 3.12
C TYR F 485 -26.56 -27.26 4.31
N ARG F 486 -26.94 -25.99 4.15
CA ARG F 486 -27.52 -25.18 5.20
C ARG F 486 -28.69 -25.88 5.95
N GLY F 487 -28.56 -25.96 7.25
CA GLY F 487 -29.63 -26.49 8.08
C GLY F 487 -29.63 -27.95 8.41
N ILE F 488 -28.72 -28.76 7.82
CA ILE F 488 -28.69 -30.19 8.12
C ILE F 488 -27.82 -30.52 9.30
N PHE F 489 -28.38 -31.23 10.26
CA PHE F 489 -27.74 -31.75 11.44
C PHE F 489 -27.70 -33.23 11.22
N PRO F 490 -26.60 -33.74 10.66
CA PRO F 490 -26.53 -35.18 10.42
C PRO F 490 -26.36 -35.89 11.74
N VAL F 491 -27.10 -36.98 11.90
CA VAL F 491 -26.98 -37.84 13.08
C VAL F 491 -26.72 -39.25 12.57
N LEU F 492 -25.69 -39.91 13.13
CA LEU F 492 -25.31 -41.23 12.68
C LEU F 492 -25.86 -42.32 13.57
N CYS F 493 -26.89 -43.03 13.08
CA CYS F 493 -27.53 -44.13 13.79
C CYS F 493 -26.60 -45.35 13.71
N LYS F 494 -26.28 -45.97 14.86
CA LYS F 494 -25.38 -47.12 14.92
C LYS F 494 -26.09 -48.47 15.15
N ASP F 495 -27.40 -48.45 15.42
CA ASP F 495 -28.22 -49.65 15.61
C ASP F 495 -28.32 -50.47 14.33
N PRO F 496 -28.30 -51.81 14.41
CA PRO F 496 -28.41 -52.61 13.18
C PRO F 496 -29.78 -52.55 12.54
N VAL F 497 -29.85 -52.90 11.25
CA VAL F 497 -31.12 -52.88 10.52
C VAL F 497 -32.09 -53.92 11.12
N GLN F 498 -33.30 -53.49 11.45
CA GLN F 498 -34.31 -54.39 12.03
C GLN F 498 -35.04 -55.12 10.90
N GLU F 499 -35.39 -56.41 11.11
CA GLU F 499 -36.08 -57.24 10.12
C GLU F 499 -37.32 -56.55 9.55
N ALA F 500 -38.30 -56.16 10.40
CA ALA F 500 -39.47 -55.46 9.92
C ALA F 500 -39.04 -54.02 9.64
N TRP F 501 -39.22 -53.57 8.40
CA TRP F 501 -38.80 -52.24 8.01
C TRP F 501 -39.54 -51.12 8.72
N ALA F 502 -40.81 -51.33 9.09
CA ALA F 502 -41.56 -50.33 9.84
C ALA F 502 -40.92 -50.11 11.22
N GLU F 503 -40.43 -51.20 11.85
CA GLU F 503 -39.75 -51.09 13.14
C GLU F 503 -38.40 -50.36 13.00
N ASP F 504 -37.72 -50.54 11.85
CA ASP F 504 -36.46 -49.89 11.55
C ASP F 504 -36.65 -48.39 11.34
N VAL F 505 -37.78 -48.00 10.71
CA VAL F 505 -38.12 -46.61 10.45
C VAL F 505 -38.39 -45.92 11.78
N ASP F 506 -39.25 -46.54 12.61
CA ASP F 506 -39.62 -46.03 13.92
C ASP F 506 -38.43 -45.93 14.88
N LEU F 507 -37.46 -46.84 14.74
CA LEU F 507 -36.27 -46.82 15.58
C LEU F 507 -35.41 -45.60 15.22
N ARG F 508 -35.28 -45.32 13.90
CA ARG F 508 -34.50 -44.19 13.42
C ARG F 508 -35.16 -42.87 13.74
N VAL F 509 -36.50 -42.82 13.61
CA VAL F 509 -37.25 -41.60 13.95
C VAL F 509 -37.11 -41.32 15.45
N ASN F 510 -37.19 -42.36 16.29
CA ASN F 510 -37.05 -42.21 17.73
C ASN F 510 -35.63 -41.79 18.14
N PHE F 511 -34.62 -42.17 17.37
CA PHE F 511 -33.24 -41.76 17.63
C PHE F 511 -33.14 -40.24 17.43
N ALA F 512 -33.77 -39.71 16.36
CA ALA F 512 -33.81 -38.28 16.04
C ALA F 512 -34.55 -37.48 17.10
N MET F 513 -35.65 -38.03 17.63
CA MET F 513 -36.43 -37.40 18.71
C MET F 513 -35.55 -37.25 19.96
N ASN F 514 -34.72 -38.26 20.25
CA ASN F 514 -33.80 -38.20 21.38
C ASN F 514 -32.74 -37.14 21.14
N VAL F 515 -32.26 -36.99 19.89
CA VAL F 515 -31.25 -36.01 19.49
C VAL F 515 -31.72 -34.58 19.74
N GLY F 516 -32.92 -34.22 19.26
CA GLY F 516 -33.45 -32.89 19.45
C GLY F 516 -33.63 -32.54 20.92
N LYS F 517 -34.17 -33.49 21.71
CA LYS F 517 -34.39 -33.27 23.14
C LYS F 517 -33.06 -33.01 23.87
N ALA F 518 -32.09 -33.93 23.71
CA ALA F 518 -30.79 -33.82 24.36
C ALA F 518 -30.00 -32.58 23.95
N ARG F 519 -30.22 -32.07 22.73
CA ARG F 519 -29.52 -30.88 22.24
C ARG F 519 -30.34 -29.57 22.37
N GLY F 520 -31.51 -29.63 22.98
CA GLY F 520 -32.33 -28.45 23.21
C GLY F 520 -33.08 -27.90 22.03
N PHE F 521 -33.18 -28.67 20.94
CA PHE F 521 -33.91 -28.23 19.74
C PHE F 521 -35.40 -28.20 20.01
N PHE F 522 -35.90 -29.22 20.71
CA PHE F 522 -37.31 -29.32 21.04
C PHE F 522 -37.53 -30.12 22.33
N LYS F 523 -38.70 -29.99 22.93
CA LYS F 523 -39.05 -30.75 24.14
C LYS F 523 -40.30 -31.60 23.86
N LYS F 524 -40.72 -32.42 24.83
CA LYS F 524 -41.90 -33.27 24.74
C LYS F 524 -43.14 -32.41 24.50
N GLY F 525 -43.94 -32.80 23.52
CA GLY F 525 -45.16 -32.08 23.17
C GLY F 525 -45.02 -31.24 21.93
N ASP F 526 -43.80 -30.74 21.66
CA ASP F 526 -43.53 -29.92 20.48
C ASP F 526 -43.93 -30.61 19.17
N VAL F 527 -44.18 -29.83 18.11
CA VAL F 527 -44.56 -30.41 16.83
C VAL F 527 -43.38 -30.48 15.86
N VAL F 528 -43.09 -31.68 15.30
CA VAL F 528 -41.99 -31.84 14.36
C VAL F 528 -42.48 -32.47 13.03
N ILE F 529 -41.73 -32.27 11.95
CA ILE F 529 -42.07 -32.85 10.65
C ILE F 529 -41.20 -34.10 10.41
N VAL F 530 -41.79 -35.22 9.96
CA VAL F 530 -41.05 -36.44 9.74
C VAL F 530 -41.14 -36.87 8.28
N LEU F 531 -40.00 -37.06 7.62
CA LEU F 531 -39.97 -37.50 6.24
C LEU F 531 -39.35 -38.88 6.12
N THR F 532 -40.15 -39.84 5.66
CA THR F 532 -39.72 -41.22 5.49
C THR F 532 -40.16 -41.72 4.08
N GLY F 533 -39.75 -42.94 3.72
CA GLY F 533 -40.11 -43.54 2.44
C GLY F 533 -41.11 -44.67 2.56
N TRP F 534 -41.55 -45.20 1.41
CA TRP F 534 -42.51 -46.31 1.40
C TRP F 534 -41.85 -47.71 1.32
N ARG F 535 -40.53 -47.77 1.08
CA ARG F 535 -39.73 -49.00 1.00
C ARG F 535 -38.22 -48.67 1.22
N PRO F 536 -37.36 -49.67 1.49
CA PRO F 536 -35.94 -49.37 1.73
C PRO F 536 -35.19 -48.90 0.48
N GLY F 537 -34.06 -48.24 0.68
CA GLY F 537 -33.25 -47.74 -0.42
C GLY F 537 -33.52 -46.29 -0.77
N SER F 538 -32.61 -45.69 -1.55
CA SER F 538 -32.70 -44.29 -1.96
C SER F 538 -33.80 -43.95 -2.98
N GLY F 539 -34.29 -42.71 -2.93
CA GLY F 539 -35.26 -42.18 -3.88
C GLY F 539 -36.71 -42.55 -3.66
N PHE F 540 -37.05 -43.08 -2.46
CA PHE F 540 -38.43 -43.45 -2.17
C PHE F 540 -39.10 -42.60 -1.10
N THR F 541 -38.55 -41.41 -0.79
CA THR F 541 -39.13 -40.52 0.20
C THR F 541 -40.40 -39.90 -0.32
N ASN F 542 -41.54 -40.30 0.22
CA ASN F 542 -42.83 -39.76 -0.22
C ASN F 542 -43.82 -39.59 0.91
N THR F 543 -43.38 -39.65 2.17
CA THR F 543 -44.29 -39.60 3.30
C THR F 543 -43.87 -38.52 4.26
N MET F 544 -44.80 -37.62 4.56
CA MET F 544 -44.57 -36.53 5.48
C MET F 544 -45.56 -36.68 6.62
N ARG F 545 -45.07 -36.63 7.86
CA ARG F 545 -45.93 -36.74 9.01
C ARG F 545 -45.69 -35.61 9.99
N VAL F 546 -46.74 -34.91 10.40
CA VAL F 546 -46.60 -33.88 11.41
C VAL F 546 -46.86 -34.59 12.74
N VAL F 547 -45.81 -34.89 13.51
CA VAL F 547 -45.97 -35.66 14.74
C VAL F 547 -45.53 -34.90 16.00
N PRO F 548 -46.18 -35.17 17.16
CA PRO F 548 -45.73 -34.54 18.42
C PRO F 548 -44.57 -35.30 19.02
N VAL F 549 -43.68 -34.57 19.71
CA VAL F 549 -42.52 -35.17 20.34
C VAL F 549 -42.98 -35.99 21.56
N PRO F 550 -42.65 -37.30 21.55
CA PRO F 550 -43.05 -38.17 22.68
C PRO F 550 -42.34 -37.86 24.01
N GLN G 33 -63.07 6.60 4.37
CA GLN G 33 -64.52 6.46 4.52
C GLN G 33 -65.25 6.54 3.17
N THR G 34 -65.06 7.62 2.40
CA THR G 34 -65.69 7.74 1.10
C THR G 34 -64.83 7.00 0.03
N GLN G 35 -65.38 6.79 -1.17
CA GLN G 35 -64.67 6.23 -2.32
C GLN G 35 -63.92 4.90 -2.11
N GLN G 36 -64.36 4.07 -1.18
CA GLN G 36 -63.70 2.80 -0.86
C GLN G 36 -62.22 2.99 -0.50
N LEU G 37 -61.90 4.07 0.26
CA LEU G 37 -60.53 4.40 0.65
C LEU G 37 -59.95 3.46 1.71
N HIS G 38 -60.79 2.83 2.53
CA HIS G 38 -60.32 1.85 3.51
C HIS G 38 -59.84 0.61 2.74
N ALA G 39 -60.65 0.14 1.77
CA ALA G 39 -60.34 -0.97 0.89
C ALA G 39 -59.12 -0.66 0.01
N ALA G 40 -58.93 0.61 -0.36
CA ALA G 40 -57.82 1.07 -1.17
C ALA G 40 -56.48 0.91 -0.46
N MET G 41 -56.44 1.09 0.87
CA MET G 41 -55.18 0.97 1.61
C MET G 41 -54.79 -0.45 1.98
N ALA G 42 -55.54 -1.47 1.57
CA ALA G 42 -55.24 -2.83 1.94
C ALA G 42 -53.98 -3.41 1.28
N ASP G 43 -53.20 -4.15 2.06
CA ASP G 43 -51.97 -4.80 1.60
C ASP G 43 -52.22 -5.98 0.66
N THR G 44 -53.37 -6.63 0.80
CA THR G 44 -53.70 -7.78 -0.02
C THR G 44 -55.02 -7.56 -0.75
N PHE G 45 -55.21 -8.27 -1.87
CA PHE G 45 -56.44 -8.26 -2.63
C PHE G 45 -57.58 -8.84 -1.76
N LEU G 46 -57.29 -9.90 -0.99
CA LEU G 46 -58.26 -10.50 -0.07
C LEU G 46 -58.73 -9.45 0.96
N GLU G 47 -57.81 -8.78 1.66
CA GLU G 47 -58.20 -7.72 2.58
C GLU G 47 -58.99 -6.58 1.87
N HIS G 48 -58.60 -6.24 0.62
CA HIS G 48 -59.27 -5.24 -0.20
C HIS G 48 -60.76 -5.62 -0.42
N MET G 49 -61.03 -6.90 -0.77
CA MET G 49 -62.39 -7.42 -0.98
C MET G 49 -63.15 -7.38 0.37
N CYS G 50 -62.51 -7.78 1.47
CA CYS G 50 -63.12 -7.76 2.79
C CYS G 50 -63.57 -6.39 3.23
N ARG G 51 -62.89 -5.33 2.76
CA ARG G 51 -63.19 -3.97 3.19
C ARG G 51 -64.15 -3.24 2.31
N LEU G 52 -64.62 -3.83 1.21
CA LEU G 52 -65.58 -3.17 0.31
C LEU G 52 -66.87 -2.87 1.10
N ASP G 53 -67.31 -1.63 1.05
CA ASP G 53 -68.36 -1.12 1.92
C ASP G 53 -69.51 -0.47 1.17
N ILE G 54 -70.73 -0.97 1.34
CA ILE G 54 -71.91 -0.39 0.69
C ILE G 54 -72.28 0.99 1.23
N ASP G 55 -71.80 1.36 2.43
CA ASP G 55 -72.08 2.67 3.02
C ASP G 55 -71.01 3.73 2.72
N SER G 56 -69.94 3.35 1.97
CA SER G 56 -68.84 4.22 1.54
C SER G 56 -69.25 4.81 0.19
N PRO G 57 -69.69 6.08 0.16
CA PRO G 57 -70.23 6.64 -1.09
C PRO G 57 -69.16 7.05 -2.08
N PRO G 58 -69.42 6.88 -3.38
CA PRO G 58 -68.39 7.24 -4.36
C PRO G 58 -68.32 8.74 -4.63
N ILE G 59 -67.29 9.17 -5.40
CA ILE G 59 -67.21 10.56 -5.82
C ILE G 59 -68.29 10.77 -6.91
N THR G 60 -68.65 12.02 -7.16
CA THR G 60 -69.65 12.35 -8.16
C THR G 60 -69.20 11.94 -9.59
N ALA G 61 -67.87 11.93 -9.85
CA ALA G 61 -67.30 11.60 -11.17
C ALA G 61 -67.44 10.14 -11.57
N ARG G 62 -67.88 9.89 -12.81
CA ARG G 62 -67.98 8.54 -13.33
C ARG G 62 -67.09 8.48 -14.56
N ASN G 63 -65.97 7.78 -14.42
CA ASN G 63 -64.88 7.59 -15.37
C ASN G 63 -65.18 6.76 -16.64
N THR G 64 -66.01 5.71 -16.56
CA THR G 64 -66.29 4.81 -17.67
C THR G 64 -67.25 5.40 -18.70
N GLY G 65 -66.88 5.32 -19.97
CA GLY G 65 -67.71 5.85 -21.05
C GLY G 65 -68.93 4.98 -21.28
N ILE G 66 -70.06 5.60 -21.60
CA ILE G 66 -71.29 4.89 -21.86
C ILE G 66 -71.71 5.11 -23.31
N ILE G 67 -71.67 4.03 -24.09
CA ILE G 67 -72.05 4.07 -25.50
C ILE G 67 -73.49 3.58 -25.60
N CYS G 68 -74.37 4.34 -26.26
CA CYS G 68 -75.78 3.99 -26.40
C CYS G 68 -76.14 3.84 -27.86
N THR G 69 -76.70 2.69 -28.23
CA THR G 69 -77.14 2.45 -29.59
C THR G 69 -78.44 3.22 -29.77
N ILE G 70 -78.47 4.16 -30.72
CA ILE G 70 -79.66 4.95 -30.94
C ILE G 70 -80.57 4.29 -31.97
N GLY G 71 -81.84 4.15 -31.61
CA GLY G 71 -82.85 3.55 -32.47
C GLY G 71 -84.20 4.24 -32.32
N PRO G 72 -85.29 3.56 -32.74
CA PRO G 72 -86.63 4.16 -32.65
C PRO G 72 -87.05 4.65 -31.27
N ALA G 73 -86.61 3.94 -30.21
CA ALA G 73 -86.97 4.31 -28.84
C ALA G 73 -86.19 5.47 -28.28
N SER G 74 -85.14 5.95 -28.99
CA SER G 74 -84.32 7.01 -28.43
C SER G 74 -83.85 8.05 -29.42
N ARG G 75 -84.34 8.09 -30.67
CA ARG G 75 -83.81 9.04 -31.65
C ARG G 75 -84.48 10.41 -31.67
N SER G 76 -85.54 10.64 -30.89
CA SER G 76 -86.18 11.96 -30.87
C SER G 76 -85.31 12.92 -30.09
N VAL G 77 -85.17 14.18 -30.56
CA VAL G 77 -84.37 15.23 -29.93
C VAL G 77 -84.62 15.34 -28.43
N GLU G 78 -85.89 15.29 -28.00
CA GLU G 78 -86.22 15.37 -26.59
C GLU G 78 -85.74 14.17 -25.77
N THR G 79 -85.76 12.96 -26.36
CA THR G 79 -85.29 11.77 -25.65
C THR G 79 -83.78 11.81 -25.53
N LEU G 80 -83.09 12.21 -26.60
CA LEU G 80 -81.64 12.34 -26.64
C LEU G 80 -81.14 13.35 -25.61
N LYS G 81 -81.88 14.45 -25.39
CA LYS G 81 -81.50 15.45 -24.38
C LYS G 81 -81.45 14.78 -23.00
N GLU G 82 -82.46 13.93 -22.70
CA GLU G 82 -82.56 13.21 -21.44
C GLU G 82 -81.49 12.13 -21.33
N MET G 83 -81.08 11.50 -22.44
CA MET G 83 -80.02 10.49 -22.47
C MET G 83 -78.67 11.14 -22.16
N ILE G 84 -78.45 12.36 -22.66
CA ILE G 84 -77.22 13.12 -22.39
C ILE G 84 -77.22 13.54 -20.93
N LYS G 85 -78.37 14.00 -20.41
CA LYS G 85 -78.54 14.36 -19.00
C LYS G 85 -78.32 13.15 -18.07
N SER G 86 -78.67 11.94 -18.55
CA SER G 86 -78.55 10.69 -17.81
C SER G 86 -77.14 10.11 -17.85
N GLY G 87 -76.35 10.44 -18.87
CA GLY G 87 -74.98 9.97 -18.93
C GLY G 87 -74.41 9.43 -20.23
N MET G 88 -75.16 9.49 -21.34
CA MET G 88 -74.67 9.00 -22.62
C MET G 88 -73.46 9.81 -23.06
N ASN G 89 -72.41 9.13 -23.49
CA ASN G 89 -71.20 9.80 -23.95
C ASN G 89 -71.01 9.60 -25.46
N VAL G 90 -71.48 8.45 -26.01
CA VAL G 90 -71.29 8.11 -27.42
C VAL G 90 -72.59 7.58 -27.98
N ALA G 91 -73.05 8.12 -29.12
CA ALA G 91 -74.25 7.64 -29.81
C ALA G 91 -73.74 6.68 -30.87
N ARG G 92 -74.12 5.41 -30.78
CA ARG G 92 -73.68 4.38 -31.73
C ARG G 92 -74.81 4.09 -32.71
N LEU G 93 -74.48 4.05 -34.00
CA LEU G 93 -75.46 3.76 -35.03
C LEU G 93 -75.18 2.41 -35.66
N ASN G 94 -76.10 1.46 -35.50
CA ASN G 94 -75.91 0.14 -36.09
C ASN G 94 -76.30 0.18 -37.56
N PHE G 95 -75.30 0.25 -38.44
CA PHE G 95 -75.54 0.27 -39.88
C PHE G 95 -75.93 -1.10 -40.46
N SER G 96 -76.11 -2.12 -39.61
CA SER G 96 -76.57 -3.43 -40.02
C SER G 96 -78.01 -3.38 -40.60
N HIS G 97 -78.76 -2.29 -40.27
CA HIS G 97 -80.11 -1.98 -40.75
C HIS G 97 -80.23 -0.44 -40.89
N GLY G 98 -81.22 0.02 -41.64
CA GLY G 98 -81.47 1.45 -41.82
C GLY G 98 -80.72 2.09 -42.96
N THR G 99 -81.40 2.95 -43.73
CA THR G 99 -80.80 3.67 -44.87
C THR G 99 -79.89 4.84 -44.42
N HIS G 100 -79.13 5.42 -45.36
CA HIS G 100 -78.28 6.58 -45.06
C HIS G 100 -79.13 7.80 -44.66
N GLU G 101 -80.32 7.95 -45.23
CA GLU G 101 -81.19 9.08 -44.90
C GLU G 101 -81.73 8.96 -43.47
N TYR G 102 -82.05 7.73 -43.03
CA TYR G 102 -82.52 7.44 -41.68
C TYR G 102 -81.41 7.75 -40.68
N HIS G 103 -80.19 7.22 -40.91
CA HIS G 103 -79.04 7.42 -40.03
C HIS G 103 -78.56 8.86 -39.96
N ALA G 104 -78.57 9.61 -41.09
CA ALA G 104 -78.17 11.01 -41.07
C ALA G 104 -79.15 11.84 -40.22
N GLU G 105 -80.45 11.48 -40.23
CA GLU G 105 -81.45 12.16 -39.40
C GLU G 105 -81.24 11.82 -37.90
N THR G 106 -80.74 10.62 -37.59
CA THR G 106 -80.39 10.28 -36.21
C THR G 106 -79.19 11.15 -35.78
N ILE G 107 -78.20 11.32 -36.66
CA ILE G 107 -77.02 12.13 -36.40
C ILE G 107 -77.39 13.60 -36.20
N LYS G 108 -78.35 14.12 -36.99
CA LYS G 108 -78.81 15.50 -36.87
C LYS G 108 -79.47 15.69 -35.52
N ASN G 109 -80.36 14.77 -35.13
CA ASN G 109 -81.03 14.81 -33.83
C ASN G 109 -80.04 14.69 -32.67
N VAL G 110 -78.98 13.89 -32.82
CA VAL G 110 -77.94 13.73 -31.80
C VAL G 110 -77.21 15.06 -31.65
N ARG G 111 -76.84 15.70 -32.76
CA ARG G 111 -76.16 16.98 -32.71
C ARG G 111 -77.08 18.10 -32.20
N THR G 112 -78.37 18.04 -32.51
CA THR G 112 -79.35 19.03 -32.06
C THR G 112 -79.50 18.98 -30.54
N ALA G 113 -79.71 17.78 -29.98
CA ALA G 113 -79.84 17.60 -28.53
C ALA G 113 -78.51 17.90 -27.82
N THR G 114 -77.38 17.49 -28.41
CA THR G 114 -76.07 17.77 -27.85
C THR G 114 -75.81 19.27 -27.78
N GLU G 115 -76.07 19.99 -28.88
CA GLU G 115 -75.80 21.42 -28.94
C GLU G 115 -76.81 22.28 -28.19
N SER G 116 -77.97 21.73 -27.76
CA SER G 116 -78.90 22.51 -26.93
C SER G 116 -78.24 22.96 -25.60
N PHE G 117 -77.17 22.24 -25.15
CA PHE G 117 -76.44 22.56 -23.94
C PHE G 117 -75.16 23.37 -24.18
N ALA G 118 -74.84 23.72 -25.45
CA ALA G 118 -73.61 24.44 -25.78
C ALA G 118 -73.52 25.86 -25.27
N SER G 119 -74.64 26.42 -24.81
CA SER G 119 -74.70 27.79 -24.31
C SER G 119 -73.77 28.00 -23.12
N ASP G 120 -73.62 26.97 -22.26
CA ASP G 120 -72.79 27.02 -21.06
C ASP G 120 -71.66 25.98 -21.13
N PRO G 121 -70.44 26.41 -21.47
CA PRO G 121 -69.33 25.45 -21.58
C PRO G 121 -68.90 24.80 -20.27
N ILE G 122 -69.26 25.39 -19.13
CA ILE G 122 -68.93 24.80 -17.83
C ILE G 122 -69.69 23.48 -17.65
N LEU G 123 -70.95 23.45 -18.06
CA LEU G 123 -71.78 22.26 -17.94
C LEU G 123 -71.84 21.37 -19.19
N TYR G 124 -71.61 21.95 -20.38
CA TYR G 124 -71.65 21.24 -21.67
C TYR G 124 -70.81 19.95 -21.70
N ARG G 125 -71.47 18.85 -22.03
CA ARG G 125 -70.81 17.56 -22.11
C ARG G 125 -70.74 17.18 -23.59
N PRO G 126 -69.53 17.07 -24.16
CA PRO G 126 -69.41 16.65 -25.56
C PRO G 126 -69.97 15.23 -25.75
N VAL G 127 -70.53 14.95 -26.93
CA VAL G 127 -71.12 13.64 -27.21
C VAL G 127 -70.55 13.13 -28.53
N ALA G 128 -69.92 11.94 -28.52
CA ALA G 128 -69.32 11.36 -29.72
C ALA G 128 -70.32 10.61 -30.59
N VAL G 129 -70.04 10.50 -31.91
CA VAL G 129 -70.87 9.75 -32.85
C VAL G 129 -70.05 8.56 -33.35
N ALA G 130 -70.57 7.33 -33.21
CA ALA G 130 -69.87 6.13 -33.65
C ALA G 130 -70.64 5.39 -34.76
N LEU G 131 -69.92 4.91 -35.78
CA LEU G 131 -70.55 4.16 -36.87
C LEU G 131 -70.22 2.68 -36.73
N ASP G 132 -71.21 1.81 -36.56
CA ASP G 132 -70.95 0.37 -36.44
C ASP G 132 -71.32 -0.33 -37.76
N THR G 133 -70.32 -0.86 -38.49
CA THR G 133 -70.57 -1.51 -39.77
C THR G 133 -71.25 -2.87 -39.66
N LYS G 134 -71.93 -3.29 -40.73
CA LYS G 134 -72.57 -4.59 -40.83
C LYS G 134 -71.48 -5.68 -40.94
N GLY G 135 -70.51 -5.45 -41.83
CA GLY G 135 -69.42 -6.37 -42.04
C GLY G 135 -69.74 -7.51 -42.99
N PRO G 136 -68.72 -8.32 -43.34
CA PRO G 136 -68.97 -9.46 -44.24
C PRO G 136 -69.93 -10.48 -43.62
N GLU G 137 -70.73 -11.15 -44.46
CA GLU G 137 -71.72 -12.08 -43.97
C GLU G 137 -71.83 -13.35 -44.78
N ILE G 138 -72.20 -14.44 -44.10
CA ILE G 138 -72.49 -15.70 -44.78
C ILE G 138 -73.97 -15.91 -44.59
N ARG G 139 -74.74 -16.02 -45.69
CA ARG G 139 -76.18 -16.16 -45.61
C ARG G 139 -76.71 -17.39 -46.35
N THR G 140 -77.76 -18.00 -45.77
CA THR G 140 -78.39 -19.16 -46.39
C THR G 140 -79.31 -18.71 -47.55
N GLU G 152 -87.10 -27.42 -40.85
CA GLU G 152 -87.00 -28.27 -39.67
C GLU G 152 -85.90 -29.33 -39.81
N LEU G 153 -84.96 -29.37 -38.85
CA LEU G 153 -83.86 -30.33 -38.82
C LEU G 153 -83.87 -31.15 -37.52
N LYS G 154 -83.32 -32.37 -37.58
CA LYS G 154 -83.29 -33.25 -36.42
C LYS G 154 -81.88 -33.79 -36.16
N LYS G 155 -81.54 -34.01 -34.88
CA LYS G 155 -80.23 -34.54 -34.45
C LYS G 155 -79.98 -35.94 -35.03
N GLY G 156 -79.24 -35.99 -36.13
CA GLY G 156 -78.91 -37.24 -36.79
C GLY G 156 -79.20 -37.26 -38.28
N ALA G 157 -79.90 -36.23 -38.79
CA ALA G 157 -80.25 -36.13 -40.21
C ALA G 157 -79.03 -35.92 -41.10
N THR G 158 -79.12 -36.35 -42.36
CA THR G 158 -78.01 -36.20 -43.29
C THR G 158 -78.23 -34.99 -44.20
N LEU G 159 -78.04 -33.77 -43.67
CA LEU G 159 -78.21 -32.53 -44.43
C LEU G 159 -77.04 -32.29 -45.39
N LYS G 160 -77.34 -31.76 -46.59
CA LYS G 160 -76.31 -31.47 -47.58
C LYS G 160 -76.23 -29.97 -47.87
N ILE G 161 -75.00 -29.44 -47.98
CA ILE G 161 -74.78 -28.03 -48.27
C ILE G 161 -74.33 -27.90 -49.72
N THR G 162 -75.17 -27.31 -50.55
CA THR G 162 -74.86 -27.13 -51.96
C THR G 162 -74.30 -25.73 -52.21
N LEU G 163 -73.33 -25.64 -53.12
CA LEU G 163 -72.75 -24.35 -53.49
C LEU G 163 -73.33 -23.83 -54.81
N ASP G 164 -73.81 -24.73 -55.70
CA ASP G 164 -74.40 -24.37 -57.00
C ASP G 164 -75.64 -23.50 -56.79
N ASN G 165 -75.69 -22.34 -57.48
CA ASN G 165 -76.77 -21.34 -57.39
C ASN G 165 -78.14 -21.80 -57.89
N ALA G 166 -78.30 -23.10 -58.18
CA ALA G 166 -79.58 -23.66 -58.62
C ALA G 166 -80.59 -23.66 -57.48
N TYR G 167 -80.14 -23.97 -56.26
CA TYR G 167 -81.02 -24.00 -55.09
C TYR G 167 -81.02 -22.68 -54.31
N MET G 168 -80.75 -21.55 -54.99
CA MET G 168 -80.71 -20.23 -54.34
C MET G 168 -82.09 -19.83 -53.79
N GLU G 169 -83.13 -19.87 -54.62
CA GLU G 169 -84.48 -19.52 -54.16
C GLU G 169 -85.36 -20.73 -53.79
N LYS G 170 -84.84 -21.95 -53.95
CA LYS G 170 -85.56 -23.18 -53.61
C LYS G 170 -85.04 -23.73 -52.27
N CYS G 171 -84.91 -22.83 -51.28
CA CYS G 171 -84.40 -23.16 -49.95
C CYS G 171 -85.34 -24.06 -49.14
N ASP G 172 -85.09 -25.37 -49.16
CA ASP G 172 -85.90 -26.32 -48.39
C ASP G 172 -85.08 -27.08 -47.33
N GLU G 173 -85.75 -27.74 -46.39
CA GLU G 173 -85.10 -28.48 -45.30
C GLU G 173 -84.56 -29.85 -45.73
N ASN G 174 -83.91 -29.91 -46.89
CA ASN G 174 -83.30 -31.13 -47.42
C ASN G 174 -81.89 -30.82 -47.94
N ILE G 175 -81.74 -29.66 -48.58
CA ILE G 175 -80.46 -29.16 -49.10
C ILE G 175 -80.37 -27.67 -48.77
N LEU G 176 -79.23 -27.24 -48.22
CA LEU G 176 -79.04 -25.84 -47.86
C LEU G 176 -78.06 -25.15 -48.80
N TRP G 177 -78.43 -23.96 -49.28
CA TRP G 177 -77.56 -23.20 -50.17
C TRP G 177 -76.93 -22.03 -49.40
N LEU G 178 -75.62 -21.80 -49.59
CA LEU G 178 -74.92 -20.69 -48.96
C LEU G 178 -74.32 -19.79 -50.02
N ASP G 179 -74.21 -18.48 -49.74
CA ASP G 179 -73.61 -17.55 -50.70
C ASP G 179 -72.09 -17.40 -50.54
N TYR G 180 -71.45 -18.26 -49.73
CA TYR G 180 -70.00 -18.21 -49.52
C TYR G 180 -69.34 -19.28 -50.39
N LYS G 181 -68.80 -18.88 -51.55
CA LYS G 181 -68.19 -19.76 -52.55
C LYS G 181 -66.97 -20.57 -52.08
N ASN G 182 -66.22 -20.09 -51.07
CA ASN G 182 -65.05 -20.84 -50.59
C ASN G 182 -65.34 -21.64 -49.32
N ILE G 183 -66.62 -22.03 -49.10
CA ILE G 183 -67.06 -22.79 -47.91
C ILE G 183 -66.37 -24.14 -47.76
N CYS G 184 -66.10 -24.83 -48.86
CA CYS G 184 -65.47 -26.14 -48.82
C CYS G 184 -63.95 -26.08 -48.62
N LYS G 185 -63.34 -24.96 -48.99
CA LYS G 185 -61.89 -24.81 -48.84
C LYS G 185 -61.53 -24.51 -47.39
N VAL G 186 -62.38 -23.74 -46.68
CA VAL G 186 -62.11 -23.36 -45.28
C VAL G 186 -62.64 -24.34 -44.24
N VAL G 187 -63.37 -25.39 -44.66
CA VAL G 187 -63.93 -26.35 -43.71
C VAL G 187 -63.28 -27.73 -43.80
N GLU G 188 -62.67 -28.18 -42.70
CA GLU G 188 -62.03 -29.50 -42.65
C GLU G 188 -63.07 -30.60 -42.30
N VAL G 189 -62.65 -31.89 -42.27
CA VAL G 189 -63.58 -32.97 -41.90
C VAL G 189 -63.74 -32.98 -40.37
N GLY G 190 -64.99 -32.86 -39.93
CA GLY G 190 -65.32 -32.78 -38.52
C GLY G 190 -65.63 -31.38 -38.03
N SER G 191 -65.59 -30.38 -38.94
CA SER G 191 -65.85 -28.97 -38.65
C SER G 191 -67.32 -28.71 -38.33
N LYS G 192 -67.59 -27.68 -37.54
CA LYS G 192 -68.95 -27.33 -37.18
C LYS G 192 -69.47 -26.15 -38.00
N ILE G 193 -70.75 -26.21 -38.40
CA ILE G 193 -71.39 -25.14 -39.16
C ILE G 193 -72.62 -24.71 -38.37
N TYR G 194 -72.62 -23.46 -37.89
CA TYR G 194 -73.74 -22.95 -37.08
C TYR G 194 -74.68 -22.13 -37.94
N VAL G 195 -75.98 -22.39 -37.85
CA VAL G 195 -76.97 -21.65 -38.65
C VAL G 195 -77.95 -20.86 -37.76
N ASP G 196 -78.27 -19.63 -38.18
CA ASP G 196 -79.16 -18.67 -37.51
C ASP G 196 -78.81 -18.45 -36.05
N ASP G 197 -77.75 -17.69 -35.80
CA ASP G 197 -77.28 -17.34 -34.46
C ASP G 197 -77.01 -18.55 -33.58
N GLY G 198 -76.45 -19.59 -34.17
CA GLY G 198 -76.10 -20.80 -33.44
C GLY G 198 -77.26 -21.59 -32.88
N LEU G 199 -78.45 -21.51 -33.51
CA LEU G 199 -79.62 -22.30 -33.11
C LEU G 199 -79.44 -23.74 -33.64
N ILE G 200 -78.92 -23.89 -34.87
CA ILE G 200 -78.67 -25.19 -35.45
C ILE G 200 -77.16 -25.44 -35.56
N SER G 201 -76.72 -26.63 -35.16
CA SER G 201 -75.32 -27.04 -35.19
C SER G 201 -75.17 -28.22 -36.19
N LEU G 202 -74.15 -28.20 -37.06
CA LEU G 202 -73.93 -29.27 -38.05
C LEU G 202 -72.49 -29.81 -37.96
N GLN G 203 -72.26 -31.03 -38.45
CA GLN G 203 -70.91 -31.63 -38.41
C GLN G 203 -70.50 -32.10 -39.80
N VAL G 204 -69.39 -31.56 -40.34
CA VAL G 204 -68.92 -31.93 -41.68
C VAL G 204 -68.41 -33.37 -41.74
N LYS G 205 -69.06 -34.20 -42.56
CA LYS G 205 -68.66 -35.60 -42.71
C LYS G 205 -68.00 -35.86 -44.07
N GLN G 206 -68.56 -35.26 -45.14
CA GLN G 206 -68.00 -35.44 -46.48
C GLN G 206 -67.74 -34.11 -47.18
N LYS G 207 -66.70 -34.07 -48.04
CA LYS G 207 -66.34 -32.86 -48.78
C LYS G 207 -65.81 -33.21 -50.17
N ASP G 210 -67.04 -28.37 -53.91
CA ASP G 210 -68.32 -27.98 -54.51
C ASP G 210 -69.54 -28.33 -53.64
N PHE G 211 -69.36 -29.15 -52.58
CA PHE G 211 -70.46 -29.56 -51.70
C PHE G 211 -69.98 -30.01 -50.31
N LEU G 212 -70.90 -30.11 -49.34
CA LEU G 212 -70.59 -30.57 -47.99
C LEU G 212 -71.67 -31.52 -47.47
N VAL G 213 -71.30 -32.78 -47.18
CA VAL G 213 -72.26 -33.75 -46.64
C VAL G 213 -72.14 -33.68 -45.12
N THR G 214 -73.10 -33.03 -44.44
CA THR G 214 -73.04 -32.87 -42.98
C THR G 214 -74.13 -33.64 -42.24
N GLU G 215 -73.92 -33.91 -40.94
CA GLU G 215 -74.90 -34.55 -40.07
C GLU G 215 -75.37 -33.51 -39.07
N VAL G 216 -76.69 -33.35 -38.90
CA VAL G 216 -77.24 -32.37 -37.98
C VAL G 216 -76.95 -32.72 -36.52
N GLU G 217 -76.10 -31.94 -35.85
CA GLU G 217 -75.77 -32.19 -34.44
C GLU G 217 -76.89 -31.69 -33.51
N ASN G 218 -77.16 -30.37 -33.49
CA ASN G 218 -78.24 -29.81 -32.66
C ASN G 218 -79.29 -29.22 -33.57
N GLY G 219 -80.45 -29.84 -33.63
CA GLY G 219 -81.53 -29.42 -34.51
C GLY G 219 -82.34 -28.23 -34.08
N GLY G 220 -83.33 -27.90 -34.90
CA GLY G 220 -84.24 -26.78 -34.68
C GLY G 220 -85.04 -26.46 -35.93
N SER G 221 -85.67 -25.28 -35.95
CA SER G 221 -86.45 -24.86 -37.12
C SER G 221 -85.56 -24.01 -38.06
N LEU G 222 -85.34 -24.48 -39.28
CA LEU G 222 -84.49 -23.76 -40.24
C LEU G 222 -85.29 -22.76 -41.07
N GLY G 223 -84.64 -21.68 -41.46
CA GLY G 223 -85.27 -20.66 -42.28
C GLY G 223 -84.42 -20.18 -43.44
N SER G 224 -84.92 -19.17 -44.16
CA SER G 224 -84.24 -18.56 -45.31
C SER G 224 -83.52 -17.27 -44.89
N LYS G 225 -82.52 -16.83 -45.69
CA LYS G 225 -81.74 -15.62 -45.47
C LYS G 225 -81.26 -15.48 -44.02
N LYS G 226 -80.73 -16.56 -43.45
CA LYS G 226 -80.23 -16.59 -42.08
C LYS G 226 -78.68 -16.59 -42.06
N GLY G 227 -78.11 -16.18 -40.93
CA GLY G 227 -76.67 -16.10 -40.77
C GLY G 227 -75.94 -17.41 -40.56
N VAL G 228 -74.72 -17.51 -41.07
CA VAL G 228 -73.91 -18.72 -40.95
C VAL G 228 -72.61 -18.36 -40.24
N ASN G 229 -72.21 -19.18 -39.26
CA ASN G 229 -70.99 -18.95 -38.52
C ASN G 229 -70.14 -20.23 -38.58
N LEU G 230 -68.85 -20.11 -38.91
CA LEU G 230 -67.97 -21.28 -39.01
C LEU G 230 -66.91 -21.27 -37.92
N PRO G 231 -67.23 -21.87 -36.74
CA PRO G 231 -66.28 -21.88 -35.64
C PRO G 231 -64.91 -22.48 -35.94
N GLY G 232 -63.87 -21.78 -35.51
CA GLY G 232 -62.48 -22.21 -35.68
C GLY G 232 -61.89 -22.08 -37.06
N ALA G 233 -62.66 -21.54 -38.02
CA ALA G 233 -62.17 -21.38 -39.38
C ALA G 233 -61.58 -20.00 -39.72
N ALA G 234 -60.61 -19.97 -40.65
CA ALA G 234 -60.03 -18.74 -41.13
C ALA G 234 -60.80 -18.42 -42.41
N VAL G 235 -61.81 -17.57 -42.30
CA VAL G 235 -62.66 -17.23 -43.42
C VAL G 235 -61.99 -16.16 -44.27
N ASP G 236 -62.01 -16.30 -45.61
CA ASP G 236 -61.34 -15.32 -46.47
C ASP G 236 -62.29 -14.25 -47.04
N LEU G 237 -63.43 -13.99 -46.36
CA LEU G 237 -64.38 -12.93 -46.74
C LEU G 237 -63.65 -11.58 -46.73
N PRO G 238 -64.04 -10.61 -47.58
CA PRO G 238 -63.37 -9.30 -47.55
C PRO G 238 -63.50 -8.62 -46.18
N ALA G 239 -62.48 -7.84 -45.79
CA ALA G 239 -62.47 -7.13 -44.53
C ALA G 239 -63.61 -6.12 -44.45
N VAL G 240 -63.87 -5.42 -45.57
CA VAL G 240 -64.94 -4.45 -45.70
C VAL G 240 -65.71 -4.76 -46.98
N SER G 241 -66.94 -5.31 -46.86
CA SER G 241 -67.83 -5.65 -47.98
C SER G 241 -68.25 -4.38 -48.78
N GLU G 242 -68.96 -4.54 -49.92
CA GLU G 242 -69.35 -3.39 -50.74
C GLU G 242 -70.26 -2.39 -50.01
N LYS G 243 -71.15 -2.86 -49.13
CA LYS G 243 -72.01 -1.96 -48.37
C LYS G 243 -71.16 -1.22 -47.32
N ASP G 244 -70.19 -1.92 -46.70
CA ASP G 244 -69.31 -1.29 -45.72
C ASP G 244 -68.52 -0.15 -46.32
N ILE G 245 -68.05 -0.27 -47.58
CA ILE G 245 -67.30 0.79 -48.21
C ILE G 245 -68.13 2.06 -48.32
N GLN G 246 -69.37 1.93 -48.78
CA GLN G 246 -70.29 3.06 -48.87
C GLN G 246 -70.66 3.63 -47.50
N ASP G 247 -70.92 2.75 -46.51
CA ASP G 247 -71.22 3.12 -45.13
C ASP G 247 -70.05 3.95 -44.53
N LEU G 248 -68.80 3.47 -44.72
CA LEU G 248 -67.60 4.15 -44.24
C LEU G 248 -67.41 5.49 -44.89
N LYS G 249 -67.60 5.57 -46.23
CA LYS G 249 -67.48 6.86 -46.94
C LYS G 249 -68.53 7.84 -46.39
N PHE G 250 -69.77 7.38 -46.21
CA PHE G 250 -70.86 8.16 -45.64
C PHE G 250 -70.49 8.68 -44.24
N GLY G 251 -69.87 7.83 -43.41
CA GLY G 251 -69.41 8.21 -42.08
C GLY G 251 -68.42 9.36 -42.12
N VAL G 252 -67.51 9.32 -43.09
CA VAL G 252 -66.51 10.38 -43.30
C VAL G 252 -67.22 11.69 -43.71
N GLU G 253 -68.25 11.59 -44.54
CA GLU G 253 -69.02 12.75 -44.96
C GLU G 253 -69.77 13.33 -43.75
N GLN G 254 -70.36 12.46 -42.91
CA GLN G 254 -71.09 12.86 -41.72
C GLN G 254 -70.21 13.27 -40.53
N ASP G 255 -68.87 13.24 -40.68
CA ASP G 255 -67.93 13.67 -39.65
C ASP G 255 -68.01 12.84 -38.33
N VAL G 256 -68.06 11.50 -38.45
CA VAL G 256 -68.13 10.63 -37.29
C VAL G 256 -66.80 10.62 -36.53
N ASP G 257 -66.85 10.32 -35.24
CA ASP G 257 -65.65 10.33 -34.42
C ASP G 257 -64.92 8.99 -34.46
N MET G 258 -65.66 7.89 -34.59
CA MET G 258 -65.05 6.58 -34.58
C MET G 258 -65.87 5.59 -35.38
N VAL G 259 -65.25 4.48 -35.75
CA VAL G 259 -65.89 3.42 -36.48
C VAL G 259 -65.68 2.12 -35.70
N PHE G 260 -66.73 1.32 -35.57
CA PHE G 260 -66.62 0.02 -34.93
C PHE G 260 -66.61 -0.97 -36.09
N ALA G 261 -65.41 -1.31 -36.59
CA ALA G 261 -65.23 -2.19 -37.74
C ALA G 261 -65.58 -3.62 -37.40
N SER G 262 -66.63 -4.15 -38.03
CA SER G 262 -67.09 -5.50 -37.75
C SER G 262 -66.21 -6.60 -38.33
N PHE G 263 -66.20 -7.75 -37.65
CA PHE G 263 -65.55 -9.00 -38.02
C PHE G 263 -64.04 -8.89 -38.32
N ILE G 264 -63.27 -8.21 -37.45
CA ILE G 264 -61.83 -8.06 -37.67
C ILE G 264 -61.05 -9.34 -37.32
N ARG G 265 -60.36 -9.93 -38.31
CA ARG G 265 -59.66 -11.20 -38.12
C ARG G 265 -58.15 -11.12 -38.19
N LYS G 266 -57.63 -10.15 -38.95
CA LYS G 266 -56.19 -9.99 -39.13
C LYS G 266 -55.84 -8.49 -39.12
N ALA G 267 -54.54 -8.15 -39.04
CA ALA G 267 -54.12 -6.75 -39.03
C ALA G 267 -54.48 -6.09 -40.35
N SER G 268 -54.27 -6.80 -41.47
CA SER G 268 -54.59 -6.31 -42.81
C SER G 268 -56.07 -5.95 -42.98
N ASP G 269 -56.95 -6.48 -42.12
CA ASP G 269 -58.38 -6.15 -42.13
C ASP G 269 -58.58 -4.72 -41.65
N VAL G 270 -57.81 -4.29 -40.63
CA VAL G 270 -57.81 -2.96 -40.04
C VAL G 270 -57.26 -1.98 -41.09
N HIS G 271 -56.16 -2.37 -41.75
CA HIS G 271 -55.54 -1.58 -42.81
C HIS G 271 -56.52 -1.36 -43.96
N GLU G 272 -57.39 -2.34 -44.24
CA GLU G 272 -58.38 -2.18 -45.29
C GLU G 272 -59.39 -1.09 -44.91
N VAL G 273 -59.87 -1.09 -43.65
CA VAL G 273 -60.81 -0.07 -43.16
C VAL G 273 -60.14 1.30 -43.23
N ARG G 274 -58.89 1.38 -42.74
CA ARG G 274 -58.09 2.59 -42.70
C ARG G 274 -57.92 3.20 -44.11
N LYS G 275 -57.73 2.33 -45.12
CA LYS G 275 -57.59 2.71 -46.54
C LYS G 275 -58.91 3.31 -47.08
N VAL G 276 -60.07 2.72 -46.73
CA VAL G 276 -61.37 3.23 -47.18
C VAL G 276 -61.65 4.62 -46.58
N LEU G 277 -61.36 4.80 -45.27
CA LEU G 277 -61.52 6.11 -44.63
C LEU G 277 -60.63 7.19 -45.25
N GLY G 278 -59.52 6.78 -45.86
CA GLY G 278 -58.56 7.63 -46.56
C GLY G 278 -57.97 8.78 -45.80
N GLU G 279 -57.56 9.81 -46.51
CA GLU G 279 -56.95 10.99 -45.92
C GLU G 279 -58.01 11.84 -45.23
N LYS G 280 -59.18 12.02 -45.87
CA LYS G 280 -60.27 12.78 -45.26
C LYS G 280 -60.76 12.24 -43.90
N GLY G 281 -60.52 10.97 -43.64
CA GLY G 281 -60.90 10.33 -42.39
C GLY G 281 -59.71 9.78 -41.63
N LYS G 282 -58.55 10.44 -41.73
CA LYS G 282 -57.34 9.99 -41.04
C LYS G 282 -57.40 10.15 -39.50
N ASN G 283 -58.28 11.02 -39.00
CA ASN G 283 -58.43 11.24 -37.56
C ASN G 283 -59.53 10.38 -36.93
N ILE G 284 -60.31 9.63 -37.72
CA ILE G 284 -61.38 8.79 -37.20
C ILE G 284 -60.78 7.57 -36.54
N LYS G 285 -61.08 7.33 -35.25
CA LYS G 285 -60.57 6.15 -34.55
C LYS G 285 -61.20 4.87 -35.08
N ILE G 286 -60.38 3.84 -35.25
CA ILE G 286 -60.86 2.55 -35.69
C ILE G 286 -60.81 1.57 -34.53
N ILE G 287 -62.01 1.17 -34.07
CA ILE G 287 -62.20 0.22 -33.00
C ILE G 287 -62.54 -1.09 -33.68
N SER G 288 -61.67 -2.10 -33.58
CA SER G 288 -61.93 -3.40 -34.20
C SER G 288 -62.73 -4.31 -33.29
N LYS G 289 -63.78 -4.91 -33.84
CA LYS G 289 -64.65 -5.81 -33.12
C LYS G 289 -64.11 -7.24 -33.22
N ILE G 290 -63.85 -7.89 -32.08
CA ILE G 290 -63.35 -9.27 -32.06
C ILE G 290 -64.55 -10.21 -31.89
N GLU G 291 -64.95 -10.85 -32.98
CA GLU G 291 -66.15 -11.66 -33.00
C GLU G 291 -65.95 -13.17 -33.22
N ASN G 292 -64.71 -13.63 -33.40
CA ASN G 292 -64.49 -15.05 -33.65
C ASN G 292 -63.12 -15.57 -33.23
N HIS G 293 -62.92 -16.92 -33.24
CA HIS G 293 -61.67 -17.58 -32.88
C HIS G 293 -60.44 -16.95 -33.52
N GLU G 294 -60.45 -16.73 -34.85
CA GLU G 294 -59.28 -16.12 -35.51
C GLU G 294 -58.95 -14.73 -34.97
N GLY G 295 -59.97 -13.92 -34.68
CA GLY G 295 -59.77 -12.60 -34.11
C GLY G 295 -59.12 -12.68 -32.74
N VAL G 296 -59.53 -13.67 -31.94
CA VAL G 296 -59.00 -13.92 -30.60
C VAL G 296 -57.54 -14.41 -30.69
N ARG G 297 -57.26 -15.29 -31.64
CA ARG G 297 -55.93 -15.83 -31.83
C ARG G 297 -54.95 -14.81 -32.42
N ARG G 298 -55.40 -14.00 -33.38
CA ARG G 298 -54.54 -12.97 -33.99
C ARG G 298 -54.73 -11.60 -33.32
N PHE G 299 -55.16 -11.60 -32.04
CA PHE G 299 -55.45 -10.38 -31.30
C PHE G 299 -54.26 -9.42 -31.19
N ASP G 300 -53.02 -9.95 -31.00
CA ASP G 300 -51.86 -9.06 -30.86
C ASP G 300 -51.61 -8.22 -32.11
N GLU G 301 -51.69 -8.82 -33.32
CA GLU G 301 -51.49 -8.02 -34.54
C GLU G 301 -52.66 -7.06 -34.78
N ILE G 302 -53.90 -7.43 -34.39
CA ILE G 302 -55.07 -6.57 -34.56
C ILE G 302 -55.00 -5.35 -33.65
N LEU G 303 -54.69 -5.58 -32.37
CA LEU G 303 -54.54 -4.52 -31.38
C LEU G 303 -53.46 -3.51 -31.82
N GLU G 304 -52.32 -4.00 -32.33
CA GLU G 304 -51.25 -3.12 -32.82
C GLU G 304 -51.76 -2.23 -33.98
N ALA G 305 -52.46 -2.82 -34.96
CA ALA G 305 -52.99 -2.07 -36.09
C ALA G 305 -54.18 -1.13 -35.75
N SER G 306 -54.95 -1.43 -34.71
CA SER G 306 -56.16 -0.67 -34.39
C SER G 306 -55.95 0.48 -33.41
N ASP G 307 -56.94 1.37 -33.29
CA ASP G 307 -56.93 2.41 -32.27
C ASP G 307 -57.52 1.89 -30.94
N GLY G 308 -58.39 0.89 -31.02
CA GLY G 308 -59.04 0.29 -29.87
C GLY G 308 -59.78 -0.99 -30.21
N ILE G 309 -60.31 -1.67 -29.20
CA ILE G 309 -60.98 -2.96 -29.39
C ILE G 309 -62.37 -2.97 -28.79
N MET G 310 -63.29 -3.69 -29.42
CA MET G 310 -64.58 -3.92 -28.84
C MET G 310 -64.72 -5.41 -28.64
N VAL G 311 -65.08 -5.83 -27.43
CA VAL G 311 -65.34 -7.23 -27.13
C VAL G 311 -66.81 -7.41 -27.46
N ALA G 312 -67.09 -7.83 -28.70
CA ALA G 312 -68.45 -8.00 -29.22
C ALA G 312 -68.96 -9.36 -28.78
N ARG G 313 -69.33 -9.48 -27.49
CA ARG G 313 -69.72 -10.73 -26.86
C ARG G 313 -70.86 -11.48 -27.52
N GLY G 314 -71.78 -10.77 -28.16
CA GLY G 314 -72.90 -11.41 -28.83
C GLY G 314 -72.47 -12.36 -29.91
N ASP G 315 -71.74 -11.84 -30.90
CA ASP G 315 -71.23 -12.63 -32.02
C ASP G 315 -70.14 -13.59 -31.58
N LEU G 316 -69.28 -13.15 -30.65
CA LEU G 316 -68.22 -13.97 -30.09
C LEU G 316 -68.82 -15.21 -29.40
N GLY G 317 -69.91 -15.02 -28.68
CA GLY G 317 -70.59 -16.10 -27.98
C GLY G 317 -71.22 -17.15 -28.87
N ILE G 318 -71.49 -16.79 -30.13
CA ILE G 318 -72.01 -17.74 -31.09
C ILE G 318 -70.82 -18.51 -31.68
N GLU G 319 -69.74 -17.81 -32.03
CA GLU G 319 -68.55 -18.45 -32.61
C GLU G 319 -67.81 -19.35 -31.63
N ILE G 320 -67.62 -18.91 -30.39
CA ILE G 320 -66.92 -19.70 -29.38
C ILE G 320 -67.93 -20.21 -28.33
N PRO G 321 -67.63 -21.28 -27.57
CA PRO G 321 -68.60 -21.72 -26.56
C PRO G 321 -68.91 -20.61 -25.57
N ALA G 322 -70.19 -20.39 -25.24
CA ALA G 322 -70.68 -19.35 -24.34
C ALA G 322 -69.93 -19.31 -23.01
N GLU G 323 -69.58 -20.49 -22.46
CA GLU G 323 -68.84 -20.61 -21.21
C GLU G 323 -67.39 -20.15 -21.30
N LYS G 324 -66.90 -19.77 -22.50
CA LYS G 324 -65.52 -19.30 -22.65
C LYS G 324 -65.41 -17.81 -22.94
N VAL G 325 -66.54 -17.10 -23.17
CA VAL G 325 -66.52 -15.67 -23.49
C VAL G 325 -65.82 -14.81 -22.41
N PHE G 326 -65.96 -15.16 -21.13
CA PHE G 326 -65.31 -14.40 -20.07
C PHE G 326 -63.78 -14.47 -20.16
N LEU G 327 -63.22 -15.60 -20.65
CA LEU G 327 -61.77 -15.75 -20.80
C LEU G 327 -61.29 -14.76 -21.85
N ALA G 328 -61.98 -14.69 -22.98
CA ALA G 328 -61.62 -13.79 -24.04
C ALA G 328 -61.85 -12.34 -23.66
N GLN G 329 -62.86 -12.04 -22.82
CA GLN G 329 -63.12 -10.67 -22.40
C GLN G 329 -61.98 -10.17 -21.53
N LYS G 330 -61.56 -10.96 -20.53
CA LYS G 330 -60.49 -10.60 -19.60
C LYS G 330 -59.12 -10.61 -20.30
N MET G 331 -58.93 -11.50 -21.29
CA MET G 331 -57.69 -11.50 -22.06
C MET G 331 -57.59 -10.20 -22.87
N MET G 332 -58.64 -9.82 -23.59
CA MET G 332 -58.61 -8.60 -24.41
C MET G 332 -58.59 -7.32 -23.58
N ILE G 333 -59.31 -7.27 -22.46
CA ILE G 333 -59.29 -6.10 -21.59
C ILE G 333 -57.87 -5.98 -20.97
N GLY G 334 -57.31 -7.11 -20.53
CA GLY G 334 -55.95 -7.12 -19.99
C GLY G 334 -54.92 -6.60 -20.98
N ARG G 335 -54.93 -7.15 -22.21
CA ARG G 335 -53.99 -6.75 -23.25
C ARG G 335 -54.14 -5.29 -23.70
N CYS G 336 -55.38 -4.77 -23.71
CA CYS G 336 -55.61 -3.38 -24.10
C CYS G 336 -55.12 -2.44 -23.03
N ASN G 337 -55.30 -2.79 -21.76
CA ASN G 337 -54.82 -1.98 -20.65
C ASN G 337 -53.28 -1.97 -20.67
N ARG G 338 -52.65 -3.14 -21.02
CA ARG G 338 -51.20 -3.30 -21.12
C ARG G 338 -50.69 -2.40 -22.27
N ALA G 339 -51.40 -2.38 -23.40
CA ALA G 339 -51.07 -1.57 -24.57
C ALA G 339 -51.49 -0.10 -24.48
N GLY G 340 -52.36 0.25 -23.55
CA GLY G 340 -52.88 1.60 -23.44
C GLY G 340 -53.90 1.97 -24.52
N LYS G 341 -54.63 0.97 -25.06
CA LYS G 341 -55.64 1.27 -26.09
C LYS G 341 -57.05 1.03 -25.56
N PRO G 342 -58.02 1.88 -25.98
CA PRO G 342 -59.40 1.73 -25.50
C PRO G 342 -59.99 0.34 -25.73
N VAL G 343 -60.78 -0.16 -24.77
CA VAL G 343 -61.46 -1.45 -24.89
C VAL G 343 -62.91 -1.24 -24.45
N ILE G 344 -63.85 -1.69 -25.26
CA ILE G 344 -65.28 -1.52 -24.99
C ILE G 344 -65.91 -2.88 -24.74
N CYS G 345 -66.72 -3.01 -23.68
CA CYS G 345 -67.41 -4.25 -23.39
C CYS G 345 -68.85 -4.06 -23.91
N ALA G 346 -69.32 -5.01 -24.74
CA ALA G 346 -70.64 -4.86 -25.35
C ALA G 346 -71.52 -6.11 -25.26
N THR G 347 -72.86 -5.93 -25.48
CA THR G 347 -73.91 -6.93 -25.62
C THR G 347 -74.48 -7.51 -24.31
N GLN G 348 -75.80 -7.31 -24.18
CA GLN G 348 -76.68 -7.83 -23.15
C GLN G 348 -76.28 -7.44 -21.76
N MET G 349 -75.64 -6.28 -21.59
CA MET G 349 -75.20 -5.87 -20.26
C MET G 349 -76.36 -5.67 -19.28
N LEU G 350 -77.49 -5.14 -19.78
CA LEU G 350 -78.73 -4.88 -19.03
C LEU G 350 -79.93 -5.34 -19.90
N GLU G 351 -79.80 -6.46 -20.63
CA GLU G 351 -80.78 -6.97 -21.60
C GLU G 351 -82.25 -6.99 -21.10
N SER G 352 -82.51 -7.44 -19.86
CA SER G 352 -83.86 -7.48 -19.28
C SER G 352 -84.50 -6.09 -19.14
N MET G 353 -83.69 -5.02 -19.18
CA MET G 353 -84.18 -3.66 -19.13
C MET G 353 -84.87 -3.20 -20.44
N ILE G 354 -84.92 -4.07 -21.45
CA ILE G 354 -85.68 -3.81 -22.67
C ILE G 354 -87.20 -3.86 -22.32
N LYS G 355 -87.61 -4.62 -21.29
CA LYS G 355 -89.00 -4.72 -20.86
C LYS G 355 -89.21 -4.38 -19.38
N LYS G 356 -88.16 -4.38 -18.55
CA LYS G 356 -88.32 -4.14 -17.11
C LYS G 356 -87.59 -2.87 -16.62
N PRO G 357 -88.14 -2.15 -15.61
CA PRO G 357 -87.48 -0.89 -15.18
C PRO G 357 -86.21 -1.09 -14.35
N ARG G 358 -86.02 -2.30 -13.79
CA ARG G 358 -84.86 -2.63 -12.97
C ARG G 358 -84.12 -3.79 -13.63
N PRO G 359 -82.79 -3.85 -13.46
CA PRO G 359 -82.03 -4.97 -14.05
C PRO G 359 -81.98 -6.19 -13.13
N THR G 360 -81.54 -7.34 -13.68
CA THR G 360 -81.35 -8.53 -12.87
C THR G 360 -80.01 -8.41 -12.09
N ARG G 361 -79.79 -9.28 -11.11
CA ARG G 361 -78.55 -9.30 -10.36
C ARG G 361 -77.37 -9.69 -11.24
N ALA G 362 -77.57 -10.54 -12.26
CA ALA G 362 -76.48 -10.90 -13.18
C ALA G 362 -76.02 -9.72 -14.02
N GLU G 363 -76.98 -8.90 -14.44
CA GLU G 363 -76.72 -7.69 -15.24
C GLU G 363 -75.99 -6.64 -14.41
N GLY G 364 -76.39 -6.48 -13.15
CA GLY G 364 -75.74 -5.58 -12.22
C GLY G 364 -74.30 -5.96 -11.94
N SER G 365 -74.03 -7.27 -11.87
CA SER G 365 -72.66 -7.73 -11.65
C SER G 365 -71.83 -7.71 -12.91
N ASP G 366 -72.45 -7.93 -14.07
CA ASP G 366 -71.77 -7.89 -15.37
C ASP G 366 -71.16 -6.49 -15.62
N VAL G 367 -71.95 -5.42 -15.38
CA VAL G 367 -71.47 -4.05 -15.57
C VAL G 367 -70.31 -3.75 -14.62
N ALA G 368 -70.47 -4.08 -13.34
CA ALA G 368 -69.45 -3.82 -12.35
C ALA G 368 -68.15 -4.58 -12.68
N ASN G 369 -68.28 -5.85 -13.08
CA ASN G 369 -67.12 -6.67 -13.36
C ASN G 369 -66.41 -6.23 -14.63
N ALA G 370 -67.12 -5.68 -15.65
CA ALA G 370 -66.41 -5.18 -16.84
C ALA G 370 -65.60 -3.95 -16.46
N VAL G 371 -66.14 -3.07 -15.59
CA VAL G 371 -65.42 -1.90 -15.10
C VAL G 371 -64.20 -2.34 -14.22
N LEU G 372 -64.40 -3.32 -13.33
CA LEU G 372 -63.33 -3.83 -12.49
C LEU G 372 -62.23 -4.48 -13.32
N ASP G 373 -62.59 -5.18 -14.41
CA ASP G 373 -61.65 -5.80 -15.34
C ASP G 373 -60.79 -4.76 -16.02
N GLY G 374 -61.36 -3.60 -16.35
CA GLY G 374 -60.63 -2.52 -16.98
C GLY G 374 -61.19 -2.04 -18.29
N ALA G 375 -62.47 -2.28 -18.56
CA ALA G 375 -63.10 -1.80 -19.78
C ALA G 375 -63.22 -0.28 -19.72
N ASP G 376 -62.76 0.41 -20.74
CA ASP G 376 -62.85 1.87 -20.81
C ASP G 376 -64.30 2.33 -20.99
N CYS G 377 -65.07 1.55 -21.77
CA CYS G 377 -66.43 1.83 -22.15
C CYS G 377 -67.29 0.63 -21.99
N ILE G 378 -68.54 0.89 -21.68
CA ILE G 378 -69.60 -0.10 -21.58
C ILE G 378 -70.68 0.31 -22.60
N MET G 379 -71.30 -0.66 -23.22
CA MET G 379 -72.29 -0.39 -24.25
C MET G 379 -73.72 -0.83 -23.89
N LEU G 380 -74.72 -0.18 -24.50
CA LEU G 380 -76.15 -0.53 -24.37
C LEU G 380 -76.63 -0.70 -25.81
N SER G 381 -77.17 -1.86 -26.17
CA SER G 381 -77.65 -2.09 -27.52
C SER G 381 -79.18 -1.90 -27.58
N GLY G 382 -79.95 -2.99 -27.52
CA GLY G 382 -81.41 -2.93 -27.56
C GLY G 382 -82.04 -2.24 -26.36
N GLU G 383 -81.30 -2.10 -25.27
CA GLU G 383 -81.82 -1.44 -24.07
C GLU G 383 -82.13 0.02 -24.37
N THR G 384 -81.29 0.67 -25.20
CA THR G 384 -81.51 2.07 -25.54
C THR G 384 -82.12 2.24 -26.91
N ALA G 385 -81.88 1.32 -27.85
CA ALA G 385 -82.41 1.46 -29.21
C ALA G 385 -83.89 1.13 -29.38
N LYS G 386 -84.39 0.08 -28.73
CA LYS G 386 -85.77 -0.35 -28.92
C LYS G 386 -86.52 -0.76 -27.65
N GLY G 387 -85.88 -0.65 -26.50
CA GLY G 387 -86.48 -1.04 -25.24
C GLY G 387 -87.48 -0.04 -24.72
N ASP G 388 -88.20 -0.43 -23.66
CA ASP G 388 -89.23 0.38 -23.03
C ASP G 388 -88.71 1.33 -21.95
N TYR G 389 -87.43 1.18 -21.53
CA TYR G 389 -86.84 1.99 -20.47
C TYR G 389 -85.42 2.45 -20.86
N PRO G 390 -85.24 3.21 -21.96
CA PRO G 390 -83.87 3.63 -22.33
C PRO G 390 -83.17 4.52 -21.31
N LEU G 391 -83.86 5.54 -20.77
CA LEU G 391 -83.23 6.45 -19.82
C LEU G 391 -82.81 5.72 -18.56
N GLU G 392 -83.64 4.78 -18.08
CA GLU G 392 -83.31 4.02 -16.87
C GLU G 392 -82.10 3.10 -17.09
N ALA G 393 -81.86 2.64 -18.33
CA ALA G 393 -80.72 1.78 -18.64
C ALA G 393 -79.42 2.57 -18.56
N VAL G 394 -79.43 3.79 -19.11
CA VAL G 394 -78.30 4.70 -19.08
C VAL G 394 -77.99 5.09 -17.63
N ARG G 395 -79.04 5.41 -16.86
CA ARG G 395 -78.92 5.80 -15.47
C ARG G 395 -78.35 4.68 -14.62
N MET G 396 -78.78 3.44 -14.90
CA MET G 396 -78.31 2.27 -14.17
C MET G 396 -76.84 2.03 -14.45
N GLN G 397 -76.42 2.12 -15.73
CA GLN G 397 -75.00 1.95 -16.07
C GLN G 397 -74.13 2.99 -15.39
N HIS G 398 -74.61 4.25 -15.35
CA HIS G 398 -73.92 5.34 -14.68
C HIS G 398 -73.73 5.00 -13.18
N LEU G 399 -74.81 4.62 -12.49
CA LEU G 399 -74.74 4.26 -11.07
C LEU G 399 -73.80 3.06 -10.75
N ILE G 400 -73.85 1.98 -11.53
CA ILE G 400 -73.00 0.82 -11.30
C ILE G 400 -71.53 1.14 -11.57
N ALA G 401 -71.24 1.81 -12.72
CA ALA G 401 -69.88 2.18 -13.06
C ALA G 401 -69.20 3.02 -11.98
N ARG G 402 -69.89 4.04 -11.47
CA ARG G 402 -69.40 4.94 -10.43
C ARG G 402 -69.00 4.17 -9.17
N GLU G 403 -69.77 3.14 -8.79
CA GLU G 403 -69.45 2.33 -7.62
C GLU G 403 -68.28 1.41 -7.92
N ALA G 404 -68.26 0.83 -9.14
CA ALA G 404 -67.21 -0.11 -9.52
C ALA G 404 -65.82 0.55 -9.63
N GLU G 405 -65.78 1.83 -10.06
CA GLU G 405 -64.52 2.57 -10.15
C GLU G 405 -63.88 2.81 -8.78
N ALA G 406 -64.70 2.98 -7.75
CA ALA G 406 -64.15 3.17 -6.40
C ALA G 406 -63.60 1.85 -5.90
N ALA G 407 -64.26 0.72 -6.22
CA ALA G 407 -63.91 -0.62 -5.79
C ALA G 407 -62.66 -1.22 -6.44
N ILE G 408 -62.06 -0.50 -7.40
CA ILE G 408 -60.87 -0.96 -8.09
C ILE G 408 -59.71 -0.98 -7.12
N TYR G 409 -58.90 -2.04 -7.18
CA TYR G 409 -57.72 -2.14 -6.32
C TYR G 409 -56.55 -1.39 -6.99
N HIS G 410 -56.57 -0.04 -6.90
CA HIS G 410 -55.57 0.83 -7.56
C HIS G 410 -54.14 0.57 -7.11
N LEU G 411 -53.94 0.15 -5.84
CA LEU G 411 -52.61 -0.10 -5.29
C LEU G 411 -51.81 -1.10 -6.12
N GLN G 412 -52.33 -2.33 -6.33
CA GLN G 412 -51.62 -3.33 -7.12
C GLN G 412 -51.77 -3.10 -8.65
N LEU G 413 -52.82 -2.41 -9.08
CA LEU G 413 -53.00 -2.09 -10.50
C LEU G 413 -51.89 -1.15 -10.98
N PHE G 414 -51.61 -0.09 -10.19
CA PHE G 414 -50.60 0.89 -10.58
C PHE G 414 -49.20 0.30 -10.55
N GLU G 415 -48.91 -0.57 -9.58
CA GLU G 415 -47.62 -1.28 -9.48
C GLU G 415 -47.37 -2.15 -10.68
N GLU G 416 -48.38 -2.92 -11.12
CA GLU G 416 -48.21 -3.81 -12.26
C GLU G 416 -48.11 -3.03 -13.56
N LEU G 417 -48.86 -1.92 -13.69
CA LEU G 417 -48.78 -1.08 -14.91
C LEU G 417 -47.38 -0.50 -15.03
N ARG G 418 -46.80 -0.06 -13.92
CA ARG G 418 -45.43 0.43 -13.89
C ARG G 418 -44.37 -0.64 -14.10
N ARG G 419 -44.50 -1.80 -13.46
CA ARG G 419 -43.54 -2.88 -13.63
C ARG G 419 -43.56 -3.39 -15.08
N LEU G 420 -44.75 -3.43 -15.70
CA LEU G 420 -44.88 -3.91 -17.07
C LEU G 420 -44.68 -2.82 -18.13
N ALA G 421 -44.43 -1.56 -17.71
CA ALA G 421 -44.21 -0.42 -18.59
C ALA G 421 -42.75 -0.39 -19.00
N PRO G 422 -42.51 -0.21 -20.31
CA PRO G 422 -41.12 -0.14 -20.77
C PRO G 422 -40.47 1.19 -20.41
N ILE G 423 -39.15 1.15 -20.13
CA ILE G 423 -38.40 2.36 -19.84
C ILE G 423 -38.22 3.04 -21.19
N THR G 424 -38.83 4.20 -21.38
CA THR G 424 -38.74 4.91 -22.65
C THR G 424 -38.20 6.31 -22.45
N SER G 425 -37.60 6.89 -23.48
CA SER G 425 -37.09 8.25 -23.42
C SER G 425 -38.17 9.31 -23.65
N ASP G 426 -39.45 8.93 -23.88
CA ASP G 426 -40.55 9.85 -24.11
C ASP G 426 -40.84 10.73 -22.89
N PRO G 427 -40.60 12.04 -23.02
CA PRO G 427 -40.82 12.95 -21.87
C PRO G 427 -42.26 13.08 -21.42
N THR G 428 -43.22 13.00 -22.36
CA THR G 428 -44.65 13.07 -22.02
C THR G 428 -45.09 11.84 -21.24
N GLU G 429 -44.50 10.66 -21.53
CA GLU G 429 -44.81 9.42 -20.83
C GLU G 429 -44.34 9.49 -19.39
N ALA G 430 -43.13 10.02 -19.18
CA ALA G 430 -42.58 10.19 -17.84
C ALA G 430 -43.39 11.24 -17.05
N THR G 431 -43.88 12.27 -17.74
CA THR G 431 -44.68 13.32 -17.12
C THR G 431 -46.03 12.74 -16.69
N ALA G 432 -46.64 11.93 -17.55
CA ALA G 432 -47.94 11.32 -17.30
C ALA G 432 -47.88 10.36 -16.10
N VAL G 433 -46.81 9.57 -16.02
CA VAL G 433 -46.65 8.62 -14.94
C VAL G 433 -46.32 9.33 -13.64
N GLY G 434 -45.54 10.41 -13.69
CA GLY G 434 -45.24 11.23 -12.53
C GLY G 434 -46.48 11.95 -12.02
N ALA G 435 -47.37 12.38 -12.94
CA ALA G 435 -48.67 12.98 -12.60
C ALA G 435 -49.60 11.98 -11.88
N VAL G 436 -49.63 10.71 -12.36
CA VAL G 436 -50.50 9.70 -11.78
C VAL G 436 -50.01 9.31 -10.39
N GLU G 437 -48.71 9.15 -10.23
CA GLU G 437 -48.11 8.87 -8.94
C GLU G 437 -48.42 10.01 -7.94
N ALA G 438 -48.21 11.28 -8.35
CA ALA G 438 -48.49 12.41 -7.48
C ALA G 438 -49.98 12.49 -7.13
N SER G 439 -50.88 12.08 -8.07
CA SER G 439 -52.30 12.14 -7.80
C SER G 439 -52.70 11.13 -6.71
N PHE G 440 -52.03 9.96 -6.64
CA PHE G 440 -52.32 9.02 -5.56
C PHE G 440 -51.75 9.57 -4.24
N LYS G 441 -50.52 10.07 -4.26
CA LYS G 441 -49.86 10.60 -3.07
C LYS G 441 -50.65 11.71 -2.37
N CYS G 442 -51.30 12.61 -3.11
CA CYS G 442 -52.06 13.70 -2.49
C CYS G 442 -53.59 13.51 -2.54
N CYS G 443 -54.06 12.36 -3.07
CA CYS G 443 -55.48 12.06 -3.27
C CYS G 443 -56.19 13.21 -3.99
N SER G 444 -55.56 13.70 -5.05
CA SER G 444 -56.02 14.86 -5.78
C SER G 444 -57.45 14.74 -6.35
N GLY G 445 -58.14 15.87 -6.45
CA GLY G 445 -59.50 15.94 -6.97
C GLY G 445 -59.61 15.78 -8.49
N ALA G 446 -58.46 15.92 -9.20
CA ALA G 446 -58.38 15.80 -10.65
C ALA G 446 -56.95 15.97 -11.15
N ILE G 447 -56.68 15.43 -12.36
CA ILE G 447 -55.50 15.65 -13.16
C ILE G 447 -56.03 16.46 -14.35
N ILE G 448 -55.69 17.74 -14.40
CA ILE G 448 -56.12 18.64 -15.45
C ILE G 448 -55.11 18.61 -16.59
N VAL G 449 -55.55 18.33 -17.82
CA VAL G 449 -54.61 18.24 -18.94
C VAL G 449 -54.98 19.16 -20.10
N LEU G 450 -54.10 20.11 -20.47
CA LEU G 450 -54.38 20.95 -21.64
C LEU G 450 -53.88 20.13 -22.83
N THR G 451 -54.78 19.80 -23.76
CA THR G 451 -54.42 18.94 -24.88
C THR G 451 -55.02 19.40 -26.20
N LYS G 452 -54.29 19.25 -27.32
CA LYS G 452 -54.78 19.66 -28.63
C LYS G 452 -55.37 18.45 -29.31
N SER G 453 -54.60 17.34 -29.38
CA SER G 453 -54.99 16.09 -30.03
C SER G 453 -55.57 15.03 -29.07
N GLY G 454 -55.37 15.21 -27.76
CA GLY G 454 -55.84 14.26 -26.77
C GLY G 454 -54.75 13.34 -26.23
N ARG G 455 -53.66 13.19 -26.99
CA ARG G 455 -52.55 12.30 -26.69
C ARG G 455 -52.08 12.32 -25.24
N SER G 456 -51.80 13.51 -24.70
CA SER G 456 -51.31 13.67 -23.33
C SER G 456 -52.33 13.26 -22.28
N ALA G 457 -53.65 13.41 -22.55
CA ALA G 457 -54.67 12.94 -21.62
C ALA G 457 -54.78 11.40 -21.71
N HIS G 458 -54.64 10.84 -22.92
CA HIS G 458 -54.63 9.39 -23.16
C HIS G 458 -53.46 8.74 -22.39
N GLN G 459 -52.30 9.38 -22.39
CA GLN G 459 -51.12 8.87 -21.69
C GLN G 459 -51.31 8.84 -20.18
N VAL G 460 -52.08 9.78 -19.63
CA VAL G 460 -52.39 9.80 -18.21
C VAL G 460 -53.36 8.65 -17.91
N ALA G 461 -54.43 8.54 -18.73
CA ALA G 461 -55.50 7.52 -18.62
C ALA G 461 -54.96 6.10 -18.65
N ARG G 462 -53.89 5.89 -19.38
CA ARG G 462 -53.20 4.62 -19.47
C ARG G 462 -52.76 4.08 -18.10
N TYR G 463 -52.52 4.99 -17.12
CA TYR G 463 -52.07 4.52 -15.82
C TYR G 463 -53.13 4.45 -14.76
N ARG G 464 -54.42 4.55 -15.18
CA ARG G 464 -55.61 4.38 -14.36
C ARG G 464 -55.60 5.11 -13.02
N PRO G 465 -55.44 6.44 -13.03
CA PRO G 465 -55.55 7.18 -11.76
C PRO G 465 -56.98 7.09 -11.21
N ARG G 466 -57.13 7.32 -9.90
CA ARG G 466 -58.44 7.32 -9.28
C ARG G 466 -59.15 8.67 -9.60
N ALA G 467 -58.38 9.77 -9.61
CA ALA G 467 -58.88 11.10 -9.88
C ALA G 467 -59.31 11.25 -11.33
N PRO G 468 -60.41 11.99 -11.56
CA PRO G 468 -60.83 12.22 -12.95
C PRO G 468 -59.80 13.06 -13.71
N ILE G 469 -59.71 12.84 -15.01
CA ILE G 469 -58.81 13.58 -15.86
C ILE G 469 -59.63 14.58 -16.64
N ILE G 470 -59.55 15.86 -16.28
CA ILE G 470 -60.25 16.90 -17.01
C ILE G 470 -59.39 17.38 -18.17
N ALA G 471 -59.71 16.95 -19.39
CA ALA G 471 -58.95 17.32 -20.57
C ALA G 471 -59.50 18.60 -21.19
N VAL G 472 -58.77 19.71 -21.05
CA VAL G 472 -59.20 20.98 -21.62
C VAL G 472 -58.65 21.06 -23.02
N THR G 473 -59.55 21.18 -24.01
CA THR G 473 -59.16 21.26 -25.41
C THR G 473 -60.00 22.28 -26.18
N ARG G 474 -59.47 22.78 -27.28
CA ARG G 474 -60.21 23.64 -28.18
C ARG G 474 -60.63 22.90 -29.48
N ASN G 475 -60.26 21.62 -29.61
CA ASN G 475 -60.55 20.77 -30.75
C ASN G 475 -61.80 19.97 -30.42
N PRO G 476 -62.91 20.25 -31.13
CA PRO G 476 -64.16 19.56 -30.83
C PRO G 476 -64.10 18.05 -31.04
N GLN G 477 -63.31 17.58 -32.02
CA GLN G 477 -63.17 16.14 -32.25
C GLN G 477 -62.36 15.46 -31.14
N THR G 478 -61.36 16.17 -30.59
CA THR G 478 -60.58 15.66 -29.46
C THR G 478 -61.51 15.47 -28.25
N ALA G 479 -62.36 16.46 -27.99
CA ALA G 479 -63.32 16.41 -26.91
C ALA G 479 -64.26 15.19 -27.07
N ARG G 480 -64.79 14.95 -28.28
CA ARG G 480 -65.68 13.82 -28.50
C ARG G 480 -64.98 12.47 -28.37
N GLN G 481 -63.82 12.30 -29.03
CA GLN G 481 -63.07 11.05 -28.98
C GLN G 481 -62.49 10.71 -27.60
N ALA G 482 -62.38 11.69 -26.69
CA ALA G 482 -61.84 11.44 -25.35
C ALA G 482 -62.66 10.41 -24.55
N HIS G 483 -63.96 10.27 -24.88
CA HIS G 483 -64.87 9.33 -24.23
C HIS G 483 -64.46 7.87 -24.35
N LEU G 484 -63.62 7.54 -25.34
CA LEU G 484 -63.09 6.19 -25.51
C LEU G 484 -62.10 5.82 -24.41
N TYR G 485 -61.49 6.81 -23.72
CA TYR G 485 -60.45 6.51 -22.73
C TYR G 485 -60.98 6.68 -21.32
N ARG G 486 -60.76 5.68 -20.48
CA ARG G 486 -61.27 5.69 -19.13
C ARG G 486 -60.78 6.88 -18.31
N GLY G 487 -61.72 7.57 -17.70
CA GLY G 487 -61.40 8.64 -16.78
C GLY G 487 -61.24 10.02 -17.36
N ILE G 488 -61.33 10.16 -18.69
CA ILE G 488 -61.21 11.48 -19.30
C ILE G 488 -62.57 12.16 -19.40
N PHE G 489 -62.68 13.38 -18.85
CA PHE G 489 -63.86 14.26 -18.89
C PHE G 489 -63.46 15.42 -19.79
N PRO G 490 -63.77 15.33 -21.08
CA PRO G 490 -63.36 16.39 -22.01
C PRO G 490 -64.17 17.66 -21.83
N VAL G 491 -63.49 18.80 -21.74
CA VAL G 491 -64.17 20.09 -21.64
C VAL G 491 -63.75 20.98 -22.80
N LEU G 492 -64.73 21.39 -23.62
CA LEU G 492 -64.43 22.18 -24.82
C LEU G 492 -64.40 23.67 -24.55
N CYS G 493 -63.19 24.25 -24.45
CA CYS G 493 -63.04 25.67 -24.18
C CYS G 493 -63.54 26.51 -25.34
N LYS G 494 -64.51 27.39 -25.08
CA LYS G 494 -65.07 28.23 -26.14
C LYS G 494 -64.51 29.66 -26.16
N ASP G 495 -63.51 29.96 -25.32
CA ASP G 495 -62.93 31.31 -25.27
C ASP G 495 -61.90 31.49 -26.37
N PRO G 496 -61.74 32.71 -26.91
CA PRO G 496 -60.70 32.92 -27.94
C PRO G 496 -59.32 32.90 -27.32
N VAL G 497 -58.33 32.51 -28.11
CA VAL G 497 -56.96 32.42 -27.65
C VAL G 497 -56.39 33.77 -27.23
N GLN G 498 -55.96 33.88 -25.98
CA GLN G 498 -55.35 35.09 -25.44
C GLN G 498 -53.97 35.30 -26.07
N GLU G 499 -53.59 36.56 -26.34
CA GLU G 499 -52.31 36.89 -26.96
C GLU G 499 -51.14 36.49 -26.08
N ALA G 500 -51.27 36.70 -24.76
CA ALA G 500 -50.21 36.31 -23.83
C ALA G 500 -50.40 34.81 -23.58
N TRP G 501 -49.36 34.00 -23.85
CA TRP G 501 -49.40 32.54 -23.69
C TRP G 501 -49.74 32.14 -22.27
N ALA G 502 -49.09 32.77 -21.27
CA ALA G 502 -49.32 32.48 -19.86
C ALA G 502 -50.77 32.73 -19.48
N GLU G 503 -51.40 33.76 -20.06
CA GLU G 503 -52.78 34.07 -19.77
C GLU G 503 -53.74 33.07 -20.45
N ASP G 504 -53.34 32.48 -21.58
CA ASP G 504 -54.16 31.51 -22.30
C ASP G 504 -54.14 30.15 -21.59
N VAL G 505 -52.99 29.79 -21.01
CA VAL G 505 -52.84 28.57 -20.23
C VAL G 505 -53.67 28.73 -18.96
N ASP G 506 -53.57 29.90 -18.29
CA ASP G 506 -54.32 30.15 -17.05
C ASP G 506 -55.82 30.28 -17.30
N LEU G 507 -56.23 30.69 -18.50
CA LEU G 507 -57.64 30.75 -18.85
C LEU G 507 -58.16 29.32 -18.96
N ARG G 508 -57.42 28.43 -19.66
CA ARG G 508 -57.78 27.04 -19.84
C ARG G 508 -57.74 26.27 -18.51
N VAL G 509 -56.78 26.60 -17.65
CA VAL G 509 -56.67 25.94 -16.35
C VAL G 509 -57.78 26.39 -15.42
N ASN G 510 -58.05 27.70 -15.41
CA ASN G 510 -59.15 28.22 -14.60
C ASN G 510 -60.49 27.74 -15.11
N PHE G 511 -60.62 27.46 -16.42
CA PHE G 511 -61.84 26.91 -16.99
C PHE G 511 -62.09 25.53 -16.39
N ALA G 512 -61.05 24.69 -16.31
CA ALA G 512 -61.12 23.36 -15.71
C ALA G 512 -61.52 23.42 -14.23
N MET G 513 -61.01 24.43 -13.51
CA MET G 513 -61.31 24.65 -12.10
C MET G 513 -62.80 24.93 -11.92
N ASN G 514 -63.37 25.75 -12.81
CA ASN G 514 -64.80 26.07 -12.73
C ASN G 514 -65.63 24.84 -13.02
N VAL G 515 -65.26 24.08 -14.06
CA VAL G 515 -65.95 22.82 -14.42
C VAL G 515 -66.00 21.85 -13.24
N GLY G 516 -64.85 21.62 -12.61
CA GLY G 516 -64.76 20.72 -11.47
C GLY G 516 -65.61 21.11 -10.28
N LYS G 517 -65.61 22.39 -9.91
CA LYS G 517 -66.45 22.87 -8.79
C LYS G 517 -67.92 22.69 -9.13
N ALA G 518 -68.33 23.11 -10.34
CA ALA G 518 -69.71 23.05 -10.82
C ALA G 518 -70.24 21.62 -10.93
N ARG G 519 -69.40 20.68 -11.37
CA ARG G 519 -69.83 19.28 -11.49
C ARG G 519 -69.70 18.48 -10.20
N GLY G 520 -69.18 19.08 -9.12
CA GLY G 520 -69.02 18.42 -7.84
C GLY G 520 -67.70 17.68 -7.66
N PHE G 521 -66.81 17.68 -8.69
CA PHE G 521 -65.55 16.93 -8.66
C PHE G 521 -64.64 17.33 -7.52
N PHE G 522 -64.59 18.63 -7.21
CA PHE G 522 -63.77 19.15 -6.14
C PHE G 522 -64.24 20.54 -5.71
N LYS G 523 -63.66 21.09 -4.63
CA LYS G 523 -63.99 22.42 -4.11
C LYS G 523 -62.69 23.24 -3.90
N LYS G 524 -62.82 24.54 -3.61
CA LYS G 524 -61.69 25.45 -3.38
C LYS G 524 -60.86 24.94 -2.21
N GLY G 525 -59.55 24.78 -2.41
CA GLY G 525 -58.65 24.26 -1.40
C GLY G 525 -58.19 22.84 -1.69
N ASP G 526 -58.98 22.06 -2.45
CA ASP G 526 -58.57 20.70 -2.80
C ASP G 526 -57.30 20.73 -3.68
N VAL G 527 -56.46 19.69 -3.64
CA VAL G 527 -55.25 19.68 -4.45
C VAL G 527 -55.49 19.05 -5.81
N VAL G 528 -55.06 19.72 -6.89
CA VAL G 528 -55.17 19.17 -8.25
C VAL G 528 -53.79 19.15 -8.91
N ILE G 529 -53.61 18.25 -9.87
CA ILE G 529 -52.39 18.11 -10.65
C ILE G 529 -52.71 18.73 -12.01
N VAL G 530 -51.87 19.62 -12.53
CA VAL G 530 -52.10 20.26 -13.81
C VAL G 530 -50.97 19.95 -14.80
N LEU G 531 -51.28 19.43 -16.00
CA LEU G 531 -50.29 19.14 -17.02
C LEU G 531 -50.31 20.14 -18.18
N THR G 532 -49.20 20.88 -18.36
CA THR G 532 -49.05 21.88 -19.43
C THR G 532 -47.67 21.70 -20.15
N GLY G 533 -47.43 22.51 -21.19
CA GLY G 533 -46.20 22.53 -21.97
C GLY G 533 -45.01 23.26 -21.38
N TRP G 534 -45.21 24.26 -20.50
CA TRP G 534 -44.11 25.00 -19.85
C TRP G 534 -43.68 26.28 -20.58
N ARG G 535 -43.28 26.22 -21.86
CA ARG G 535 -42.80 27.41 -22.55
C ARG G 535 -43.70 27.75 -23.72
N PRO G 536 -43.90 29.06 -23.97
CA PRO G 536 -44.71 29.47 -25.14
C PRO G 536 -44.17 28.85 -26.43
N GLY G 537 -45.06 28.21 -27.18
CA GLY G 537 -44.69 27.51 -28.39
C GLY G 537 -44.44 26.04 -28.13
N PHE G 540 -45.24 17.52 -26.38
CA PHE G 540 -44.47 18.52 -25.66
C PHE G 540 -45.01 18.82 -24.24
N THR G 541 -46.13 18.19 -23.82
CA THR G 541 -46.69 18.35 -22.46
C THR G 541 -45.67 17.76 -21.50
N ASN G 542 -44.85 18.59 -20.86
CA ASN G 542 -43.79 18.10 -20.00
C ASN G 542 -43.74 18.71 -18.64
N THR G 543 -44.80 19.38 -18.20
CA THR G 543 -44.81 20.05 -16.90
C THR G 543 -45.98 19.61 -16.09
N MET G 544 -45.75 19.27 -14.85
CA MET G 544 -46.77 18.90 -13.88
C MET G 544 -46.70 19.92 -12.75
N ARG G 545 -47.83 20.52 -12.37
CA ARG G 545 -47.87 21.41 -11.23
C ARG G 545 -48.89 20.91 -10.19
N VAL G 546 -48.51 20.87 -8.91
CA VAL G 546 -49.44 20.50 -7.86
C VAL G 546 -50.01 21.83 -7.28
N VAL G 547 -51.28 22.16 -7.59
CA VAL G 547 -51.89 23.41 -7.14
C VAL G 547 -53.23 23.21 -6.40
N PRO G 548 -53.55 24.12 -5.46
CA PRO G 548 -54.88 24.09 -4.84
C PRO G 548 -55.92 24.70 -5.79
N VAL G 549 -57.17 24.26 -5.67
CA VAL G 549 -58.26 24.83 -6.46
C VAL G 549 -58.54 26.22 -5.89
N PRO G 550 -58.45 27.27 -6.73
CA PRO G 550 -58.61 28.63 -6.23
C PRO G 550 -60.00 28.89 -5.69
N ALA H 30 -47.22 -28.85 -23.94
CA ALA H 30 -48.47 -29.55 -24.19
C ALA H 30 -49.31 -29.60 -22.91
N PHE H 31 -48.66 -29.83 -21.76
CA PHE H 31 -49.38 -29.88 -20.49
C PHE H 31 -49.73 -28.45 -20.04
N ILE H 32 -48.79 -27.50 -20.24
CA ILE H 32 -48.94 -26.08 -19.93
C ILE H 32 -50.04 -25.44 -20.82
N GLN H 33 -50.31 -26.03 -22.02
CA GLN H 33 -51.38 -25.56 -22.91
C GLN H 33 -52.78 -26.04 -22.50
N THR H 34 -52.93 -26.53 -21.24
CA THR H 34 -54.17 -27.01 -20.65
C THR H 34 -54.40 -26.35 -19.26
N GLN H 35 -55.67 -26.32 -18.82
CA GLN H 35 -56.12 -25.81 -17.53
C GLN H 35 -55.64 -24.39 -17.15
N GLN H 36 -55.37 -23.52 -18.14
CA GLN H 36 -54.85 -22.16 -17.95
C GLN H 36 -53.53 -22.15 -17.16
N LEU H 37 -52.68 -23.18 -17.36
CA LEU H 37 -51.41 -23.25 -16.66
C LEU H 37 -50.41 -22.19 -17.10
N HIS H 38 -50.52 -21.71 -18.35
CA HIS H 38 -49.62 -20.65 -18.82
C HIS H 38 -49.98 -19.36 -18.06
N ALA H 39 -51.29 -19.05 -17.96
CA ALA H 39 -51.81 -17.89 -17.22
C ALA H 39 -51.50 -18.03 -15.72
N ALA H 40 -51.49 -19.30 -15.21
CA ALA H 40 -51.18 -19.63 -13.83
C ALA H 40 -49.76 -19.28 -13.47
N MET H 41 -48.82 -19.37 -14.41
CA MET H 41 -47.41 -19.10 -14.12
C MET H 41 -47.05 -17.62 -14.08
N ALA H 42 -47.97 -16.72 -14.43
CA ALA H 42 -47.67 -15.31 -14.52
C ALA H 42 -47.30 -14.68 -13.17
N ASP H 43 -46.34 -13.77 -13.19
CA ASP H 43 -45.85 -13.03 -12.03
C ASP H 43 -46.76 -11.84 -11.63
N THR H 44 -47.70 -11.43 -12.51
CA THR H 44 -48.63 -10.34 -12.20
C THR H 44 -50.06 -10.75 -12.57
N PHE H 45 -51.05 -10.17 -11.87
CA PHE H 45 -52.44 -10.41 -12.19
C PHE H 45 -52.77 -9.84 -13.60
N LEU H 46 -52.19 -8.69 -13.97
CA LEU H 46 -52.41 -8.14 -15.31
C LEU H 46 -51.90 -9.13 -16.40
N GLU H 47 -50.68 -9.71 -16.21
CA GLU H 47 -50.14 -10.72 -17.12
C GLU H 47 -50.98 -12.00 -17.09
N HIS H 48 -51.56 -12.33 -15.93
CA HIS H 48 -52.40 -13.50 -15.75
C HIS H 48 -53.66 -13.34 -16.59
N MET H 49 -54.27 -12.14 -16.60
CA MET H 49 -55.46 -11.82 -17.40
C MET H 49 -55.12 -11.91 -18.91
N CYS H 50 -53.95 -11.31 -19.33
CA CYS H 50 -53.47 -11.32 -20.72
C CYS H 50 -53.22 -12.71 -21.27
N ARG H 51 -52.96 -13.69 -20.40
CA ARG H 51 -52.66 -15.06 -20.78
C ARG H 51 -53.87 -15.97 -20.77
N LEU H 52 -55.07 -15.48 -20.37
CA LEU H 52 -56.27 -16.32 -20.41
C LEU H 52 -56.56 -16.78 -21.86
N ASP H 53 -56.67 -18.10 -22.03
CA ASP H 53 -56.75 -18.73 -23.33
C ASP H 53 -58.03 -19.52 -23.54
N ILE H 54 -58.82 -19.16 -24.58
CA ILE H 54 -60.03 -19.92 -24.90
C ILE H 54 -59.67 -21.33 -25.46
N ASP H 55 -58.40 -21.56 -25.84
CA ASP H 55 -57.97 -22.86 -26.33
C ASP H 55 -57.24 -23.68 -25.30
N SER H 56 -57.35 -23.34 -24.02
CA SER H 56 -56.70 -24.08 -22.96
C SER H 56 -57.84 -24.81 -22.28
N PRO H 57 -58.02 -26.11 -22.58
CA PRO H 57 -59.19 -26.82 -22.06
C PRO H 57 -59.09 -27.15 -20.57
N PRO H 58 -60.22 -27.06 -19.85
CA PRO H 58 -60.17 -27.38 -18.42
C PRO H 58 -60.10 -28.87 -18.14
N ILE H 59 -59.82 -29.23 -16.87
CA ILE H 59 -59.82 -30.61 -16.41
C ILE H 59 -61.30 -31.06 -16.25
N THR H 60 -61.53 -32.38 -16.10
CA THR H 60 -62.90 -32.88 -15.95
C THR H 60 -63.56 -32.36 -14.66
N ALA H 61 -62.77 -32.25 -13.57
CA ALA H 61 -63.27 -31.83 -12.26
C ALA H 61 -63.92 -30.45 -12.20
N ARG H 62 -65.08 -30.37 -11.53
CA ARG H 62 -65.81 -29.14 -11.32
C ARG H 62 -66.02 -28.95 -9.81
N ASN H 63 -65.21 -28.06 -9.23
CA ASN H 63 -65.15 -27.76 -7.79
C ASN H 63 -66.35 -27.00 -7.18
N THR H 64 -66.93 -26.02 -7.87
CA THR H 64 -68.03 -25.22 -7.30
C THR H 64 -69.30 -26.04 -7.24
N GLY H 65 -69.95 -26.07 -6.07
CA GLY H 65 -71.18 -26.80 -5.89
C GLY H 65 -72.34 -26.08 -6.53
N ILE H 66 -73.30 -26.85 -7.05
CA ILE H 66 -74.49 -26.30 -7.68
C ILE H 66 -75.69 -26.65 -6.81
N ILE H 67 -76.41 -25.62 -6.35
CA ILE H 67 -77.60 -25.77 -5.54
C ILE H 67 -78.81 -25.45 -6.41
N CYS H 68 -79.74 -26.40 -6.59
CA CYS H 68 -80.95 -26.18 -7.40
C CYS H 68 -82.20 -26.15 -6.55
N THR H 69 -83.03 -25.13 -6.76
CA THR H 69 -84.30 -25.02 -6.05
C THR H 69 -85.27 -25.94 -6.73
N ILE H 70 -85.87 -26.86 -5.99
CA ILE H 70 -86.85 -27.80 -6.57
C ILE H 70 -88.23 -27.14 -6.62
N GLY H 71 -88.99 -27.48 -7.64
CA GLY H 71 -90.33 -26.92 -7.84
C GLY H 71 -91.11 -27.64 -8.90
N PRO H 72 -92.23 -27.07 -9.37
CA PRO H 72 -93.05 -27.76 -10.38
C PRO H 72 -92.29 -28.30 -11.60
N ALA H 73 -91.26 -27.59 -12.08
CA ALA H 73 -90.50 -28.02 -13.26
C ALA H 73 -89.42 -29.07 -12.98
N SER H 74 -89.12 -29.34 -11.71
CA SER H 74 -88.04 -30.26 -11.34
C SER H 74 -88.37 -31.29 -10.27
N ARG H 75 -89.61 -31.30 -9.78
CA ARG H 75 -90.12 -32.14 -8.71
C ARG H 75 -90.11 -33.64 -9.01
N SER H 76 -90.32 -34.04 -10.27
CA SER H 76 -90.37 -35.47 -10.62
C SER H 76 -89.06 -36.20 -10.39
N VAL H 77 -89.14 -37.49 -10.09
CA VAL H 77 -87.98 -38.36 -9.88
C VAL H 77 -87.22 -38.45 -11.20
N GLU H 78 -87.93 -38.58 -12.34
CA GLU H 78 -87.30 -38.63 -13.65
C GLU H 78 -86.45 -37.37 -13.92
N THR H 79 -86.99 -36.18 -13.60
CA THR H 79 -86.26 -34.94 -13.83
C THR H 79 -85.11 -34.81 -12.81
N LEU H 80 -85.33 -35.23 -11.55
CA LEU H 80 -84.31 -35.21 -10.48
C LEU H 80 -83.12 -36.11 -10.77
N LYS H 81 -83.33 -37.25 -11.45
CA LYS H 81 -82.22 -38.13 -11.84
C LYS H 81 -81.34 -37.39 -12.85
N GLU H 82 -81.98 -36.70 -13.83
CA GLU H 82 -81.30 -35.91 -14.85
C GLU H 82 -80.62 -34.67 -14.26
N MET H 83 -81.17 -34.09 -13.18
CA MET H 83 -80.57 -32.94 -12.50
C MET H 83 -79.24 -33.39 -11.89
N ILE H 84 -79.21 -34.59 -11.27
CA ILE H 84 -78.01 -35.16 -10.65
C ILE H 84 -76.97 -35.50 -11.71
N LYS H 85 -77.40 -36.04 -12.84
CA LYS H 85 -76.49 -36.37 -13.94
C LYS H 85 -75.87 -35.10 -14.53
N SER H 86 -76.66 -34.01 -14.59
CA SER H 86 -76.23 -32.72 -15.12
C SER H 86 -75.31 -31.93 -14.17
N GLY H 87 -75.31 -32.29 -12.88
CA GLY H 87 -74.43 -31.67 -11.91
C GLY H 87 -75.04 -31.11 -10.64
N MET H 88 -76.31 -31.40 -10.33
CA MET H 88 -76.90 -30.88 -9.09
C MET H 88 -76.27 -31.57 -7.89
N ASN H 89 -75.81 -30.80 -6.91
CA ASN H 89 -75.18 -31.31 -5.71
C ASN H 89 -76.07 -31.16 -4.47
N VAL H 90 -76.90 -30.10 -4.44
CA VAL H 90 -77.79 -29.77 -3.31
C VAL H 90 -79.17 -29.42 -3.85
N ALA H 91 -80.23 -29.97 -3.23
CA ALA H 91 -81.59 -29.65 -3.62
C ALA H 91 -82.16 -28.71 -2.55
N ARG H 92 -82.48 -27.48 -2.95
CA ARG H 92 -83.03 -26.46 -2.07
C ARG H 92 -84.57 -26.52 -2.08
N LEU H 93 -85.18 -26.62 -0.91
CA LEU H 93 -86.64 -26.64 -0.80
C LEU H 93 -87.04 -25.31 -0.19
N ASN H 94 -87.78 -24.51 -0.96
CA ASN H 94 -88.18 -23.19 -0.51
C ASN H 94 -89.47 -23.26 0.31
N PHE H 95 -89.38 -22.96 1.61
CA PHE H 95 -90.56 -23.02 2.47
C PHE H 95 -91.37 -21.73 2.51
N SER H 96 -91.19 -20.83 1.52
CA SER H 96 -92.01 -19.63 1.42
C SER H 96 -93.43 -19.97 0.92
N HIS H 97 -93.56 -21.12 0.22
CA HIS H 97 -94.76 -21.71 -0.37
C HIS H 97 -94.75 -23.22 -0.07
N GLY H 98 -95.93 -23.83 -0.09
CA GLY H 98 -96.05 -25.26 0.13
C GLY H 98 -96.19 -25.71 1.56
N THR H 99 -96.96 -26.76 1.76
CA THR H 99 -97.20 -27.35 3.07
C THR H 99 -96.10 -28.37 3.42
N HIS H 100 -96.08 -28.87 4.67
CA HIS H 100 -95.11 -29.87 5.07
C HIS H 100 -95.30 -31.16 4.28
N GLU H 101 -96.55 -31.52 3.99
CA GLU H 101 -96.89 -32.71 3.21
C GLU H 101 -96.31 -32.61 1.79
N TYR H 102 -96.31 -31.40 1.21
CA TYR H 102 -95.78 -31.14 -0.12
C TYR H 102 -94.24 -31.27 -0.13
N HIS H 103 -93.57 -30.70 0.88
CA HIS H 103 -92.12 -30.77 0.97
C HIS H 103 -91.59 -32.16 1.35
N ALA H 104 -92.34 -32.91 2.16
CA ALA H 104 -91.95 -34.28 2.52
C ALA H 104 -91.91 -35.17 1.25
N GLU H 105 -92.84 -34.91 0.31
CA GLU H 105 -92.89 -35.63 -0.97
C GLU H 105 -91.69 -35.23 -1.86
N THR H 106 -91.34 -33.94 -1.88
CA THR H 106 -90.20 -33.47 -2.67
C THR H 106 -88.91 -34.11 -2.13
N ILE H 107 -88.74 -34.13 -0.81
CA ILE H 107 -87.59 -34.74 -0.15
C ILE H 107 -87.52 -36.23 -0.48
N LYS H 108 -88.69 -36.90 -0.53
CA LYS H 108 -88.81 -38.31 -0.88
C LYS H 108 -88.33 -38.55 -2.32
N ASN H 109 -88.83 -37.76 -3.29
CA ASN H 109 -88.40 -37.87 -4.69
C ASN H 109 -86.89 -37.57 -4.86
N VAL H 110 -86.33 -36.62 -4.10
CA VAL H 110 -84.90 -36.30 -4.19
C VAL H 110 -84.09 -37.51 -3.72
N ARG H 111 -84.52 -38.16 -2.63
CA ARG H 111 -83.85 -39.34 -2.11
C ARG H 111 -84.05 -40.58 -3.00
N THR H 112 -85.18 -40.64 -3.72
CA THR H 112 -85.44 -41.76 -4.62
C THR H 112 -84.49 -41.62 -5.82
N ALA H 113 -84.42 -40.42 -6.41
CA ALA H 113 -83.53 -40.16 -7.55
C ALA H 113 -82.07 -40.35 -7.16
N THR H 114 -81.68 -39.92 -5.94
CA THR H 114 -80.31 -40.06 -5.44
C THR H 114 -79.93 -41.52 -5.25
N GLU H 115 -80.78 -42.28 -4.56
CA GLU H 115 -80.52 -43.70 -4.33
C GLU H 115 -80.67 -44.58 -5.59
N SER H 116 -81.22 -44.03 -6.70
CA SER H 116 -81.26 -44.78 -7.95
C SER H 116 -79.85 -45.01 -8.55
N PHE H 117 -78.80 -44.41 -7.96
CA PHE H 117 -77.40 -44.57 -8.36
C PHE H 117 -76.54 -45.28 -7.28
N ALA H 118 -77.12 -45.62 -6.11
CA ALA H 118 -76.40 -46.26 -5.01
C ALA H 118 -75.85 -47.64 -5.33
N SER H 119 -76.43 -48.32 -6.36
CA SER H 119 -76.02 -49.65 -6.82
C SER H 119 -74.51 -49.72 -7.12
N ASP H 120 -73.97 -48.72 -7.84
CA ASP H 120 -72.53 -48.67 -8.08
C ASP H 120 -71.92 -47.51 -7.31
N PRO H 121 -71.17 -47.81 -6.22
CA PRO H 121 -70.58 -46.73 -5.41
C PRO H 121 -69.53 -45.88 -6.10
N ILE H 122 -68.86 -46.42 -7.12
CA ILE H 122 -67.82 -45.66 -7.84
C ILE H 122 -68.43 -44.42 -8.53
N LEU H 123 -69.67 -44.54 -9.02
CA LEU H 123 -70.35 -43.45 -9.69
C LEU H 123 -71.39 -42.73 -8.84
N TYR H 124 -71.74 -43.27 -7.66
CA TYR H 124 -72.73 -42.66 -6.76
C TYR H 124 -72.30 -41.26 -6.34
N ARG H 125 -73.21 -40.31 -6.47
CA ARG H 125 -72.94 -38.93 -6.10
C ARG H 125 -73.86 -38.47 -4.98
N PRO H 126 -73.31 -38.24 -3.78
CA PRO H 126 -74.15 -37.77 -2.66
C PRO H 126 -74.88 -36.47 -2.99
N VAL H 127 -76.16 -36.36 -2.65
CA VAL H 127 -76.92 -35.16 -2.93
C VAL H 127 -77.47 -34.62 -1.62
N ALA H 128 -77.17 -33.36 -1.30
CA ALA H 128 -77.64 -32.77 -0.05
C ALA H 128 -79.06 -32.22 -0.14
N VAL H 129 -79.74 -32.11 0.99
CA VAL H 129 -81.09 -31.55 1.04
C VAL H 129 -81.03 -30.31 1.91
N ALA H 130 -81.51 -29.18 1.37
CA ALA H 130 -81.48 -27.92 2.10
C ALA H 130 -82.89 -27.36 2.30
N LEU H 131 -83.12 -26.77 3.48
CA LEU H 131 -84.41 -26.21 3.81
C LEU H 131 -84.26 -24.72 3.88
N ASP H 132 -84.91 -23.97 3.00
CA ASP H 132 -84.84 -22.52 3.00
C ASP H 132 -86.10 -22.01 3.71
N THR H 133 -85.94 -21.34 4.86
CA THR H 133 -87.08 -20.88 5.64
C THR H 133 -87.81 -19.73 5.00
N LYS H 134 -89.11 -19.58 5.30
CA LYS H 134 -89.89 -18.48 4.77
C LYS H 134 -89.36 -17.16 5.37
N GLY H 135 -89.14 -17.14 6.69
CA GLY H 135 -88.62 -15.98 7.41
C GLY H 135 -89.62 -14.84 7.50
N PRO H 136 -89.17 -13.67 8.01
CA PRO H 136 -90.09 -12.51 8.12
C PRO H 136 -90.36 -11.89 6.76
N GLU H 137 -91.31 -12.48 6.06
CA GLU H 137 -91.73 -12.16 4.71
C GLU H 137 -93.04 -11.40 4.74
N ILE H 138 -93.28 -10.59 3.72
CA ILE H 138 -94.54 -9.88 3.57
C ILE H 138 -95.12 -10.32 2.23
N ARG H 139 -96.33 -10.86 2.23
CA ARG H 139 -96.93 -11.33 0.98
C ARG H 139 -98.28 -10.71 0.73
N THR H 140 -98.63 -10.55 -0.53
CA THR H 140 -99.94 -10.04 -0.92
C THR H 140 -100.98 -11.19 -0.90
N GLY H 141 -102.27 -10.88 -1.10
CA GLY H 141 -103.32 -11.90 -1.13
C GLY H 141 -103.56 -12.48 -2.51
N LEU H 142 -104.76 -13.03 -2.74
CA LEU H 142 -105.09 -13.61 -4.04
C LEU H 142 -105.74 -12.56 -4.93
N ILE H 143 -105.35 -12.52 -6.20
CA ILE H 143 -105.96 -11.62 -7.18
C ILE H 143 -107.25 -12.34 -7.59
N LYS H 144 -108.40 -11.68 -7.36
CA LYS H 144 -109.72 -12.20 -7.72
C LYS H 144 -109.95 -13.65 -7.28
N GLY H 145 -109.52 -13.99 -6.07
CA GLY H 145 -109.68 -15.33 -5.51
C GLY H 145 -108.87 -16.42 -6.16
N SER H 146 -108.04 -16.08 -7.15
CA SER H 146 -107.25 -17.05 -7.89
C SER H 146 -105.76 -16.92 -7.61
N GLY H 147 -105.04 -18.04 -7.73
CA GLY H 147 -103.60 -18.08 -7.53
C GLY H 147 -102.82 -17.72 -8.79
N THR H 148 -103.42 -17.96 -9.97
CA THR H 148 -102.76 -17.64 -11.24
C THR H 148 -103.22 -16.30 -11.84
N ALA H 149 -104.32 -15.72 -11.34
CA ALA H 149 -104.83 -14.45 -11.85
C ALA H 149 -103.86 -13.28 -11.69
N GLU H 150 -103.89 -12.39 -12.69
CA GLU H 150 -103.05 -11.21 -12.72
C GLU H 150 -103.86 -9.98 -13.16
N VAL H 151 -103.45 -8.80 -12.71
CA VAL H 151 -104.10 -7.55 -13.14
C VAL H 151 -103.03 -6.56 -13.62
N GLU H 152 -103.42 -5.56 -14.41
CA GLU H 152 -102.50 -4.54 -14.90
C GLU H 152 -102.57 -3.28 -14.07
N LEU H 153 -101.44 -2.90 -13.47
CA LEU H 153 -101.34 -1.64 -12.75
C LEU H 153 -100.66 -0.65 -13.69
N LYS H 154 -101.23 0.55 -13.86
CA LYS H 154 -100.62 1.55 -14.73
C LYS H 154 -99.97 2.68 -13.94
N LYS H 155 -98.95 3.31 -14.53
CA LYS H 155 -98.20 4.43 -13.96
C LYS H 155 -99.14 5.58 -13.63
N GLY H 156 -99.08 6.09 -12.41
CA GLY H 156 -99.92 7.19 -11.96
C GLY H 156 -101.25 6.80 -11.35
N ALA H 157 -101.67 5.54 -11.52
CA ALA H 157 -102.95 5.09 -10.98
C ALA H 157 -102.93 4.96 -9.45
N THR H 158 -104.11 4.97 -8.83
CA THR H 158 -104.22 4.84 -7.37
C THR H 158 -104.33 3.36 -7.01
N LEU H 159 -103.74 2.97 -5.88
CA LEU H 159 -103.82 1.58 -5.41
C LEU H 159 -103.91 1.61 -3.89
N LYS H 160 -105.07 1.25 -3.36
CA LYS H 160 -105.25 1.22 -1.92
C LYS H 160 -104.76 -0.10 -1.35
N ILE H 161 -103.83 -0.04 -0.39
CA ILE H 161 -103.35 -1.23 0.28
C ILE H 161 -104.21 -1.40 1.53
N THR H 162 -104.83 -2.57 1.69
CA THR H 162 -105.68 -2.81 2.84
C THR H 162 -105.15 -3.92 3.73
N LEU H 163 -105.44 -3.81 5.02
CA LEU H 163 -105.14 -4.82 6.02
C LEU H 163 -106.41 -5.66 6.37
N ASP H 164 -107.62 -5.19 5.93
CA ASP H 164 -108.92 -5.83 6.16
C ASP H 164 -108.93 -7.21 5.53
N ASN H 165 -109.13 -8.25 6.36
CA ASN H 165 -109.15 -9.64 5.89
C ASN H 165 -110.27 -9.96 4.91
N ALA H 166 -111.26 -9.08 4.74
CA ALA H 166 -112.33 -9.30 3.77
C ALA H 166 -111.84 -9.15 2.29
N TYR H 167 -110.67 -8.55 2.08
CA TYR H 167 -110.08 -8.40 0.75
C TYR H 167 -108.85 -9.32 0.54
N MET H 168 -108.59 -10.25 1.49
CA MET H 168 -107.52 -11.23 1.53
C MET H 168 -107.45 -12.05 0.24
N GLU H 169 -108.61 -12.43 -0.29
CA GLU H 169 -108.68 -13.19 -1.53
C GLU H 169 -109.50 -12.42 -2.58
N LYS H 170 -109.56 -11.07 -2.49
CA LYS H 170 -110.31 -10.21 -3.40
C LYS H 170 -109.44 -9.06 -3.94
N CYS H 171 -108.12 -9.27 -4.06
CA CYS H 171 -107.21 -8.27 -4.56
C CYS H 171 -107.47 -8.01 -6.06
N ASP H 172 -107.25 -6.76 -6.53
CA ASP H 172 -107.42 -6.40 -7.93
C ASP H 172 -106.57 -5.14 -8.28
N GLU H 173 -106.92 -4.39 -9.33
CA GLU H 173 -106.19 -3.18 -9.72
C GLU H 173 -106.45 -1.98 -8.78
N ASN H 174 -107.53 -2.02 -7.99
CA ASN H 174 -107.89 -0.93 -7.09
C ASN H 174 -107.53 -1.23 -5.63
N ILE H 175 -107.64 -2.50 -5.21
CA ILE H 175 -107.39 -2.86 -3.82
C ILE H 175 -106.41 -4.01 -3.67
N LEU H 176 -105.35 -3.82 -2.87
CA LEU H 176 -104.34 -4.86 -2.66
C LEU H 176 -104.23 -5.19 -1.19
N TRP H 177 -104.33 -6.45 -0.83
CA TRP H 177 -104.19 -6.87 0.57
C TRP H 177 -102.78 -7.43 0.85
N LEU H 178 -102.31 -7.34 2.11
CA LEU H 178 -101.04 -7.91 2.56
C LEU H 178 -101.12 -8.35 4.03
N ASP H 179 -100.36 -9.38 4.40
CA ASP H 179 -100.40 -9.97 5.75
C ASP H 179 -99.58 -9.24 6.84
N TYR H 180 -98.81 -8.18 6.51
CA TYR H 180 -98.04 -7.47 7.52
C TYR H 180 -98.90 -6.42 8.22
N LYS H 181 -99.55 -6.82 9.32
CA LYS H 181 -100.47 -5.98 10.09
C LYS H 181 -99.86 -4.70 10.69
N ASN H 182 -98.53 -4.62 10.79
CA ASN H 182 -97.90 -3.42 11.34
C ASN H 182 -97.32 -2.51 10.25
N ILE H 183 -97.85 -2.58 9.01
CA ILE H 183 -97.34 -1.82 7.87
C ILE H 183 -97.54 -0.31 7.98
N CYS H 184 -98.69 0.12 8.52
CA CYS H 184 -98.99 1.56 8.62
C CYS H 184 -98.09 2.29 9.63
N LYS H 185 -97.61 1.58 10.65
CA LYS H 185 -96.73 2.14 11.68
C LYS H 185 -95.23 2.07 11.34
N VAL H 186 -94.87 1.63 10.12
CA VAL H 186 -93.46 1.55 9.73
C VAL H 186 -93.15 2.40 8.49
N VAL H 187 -94.16 2.74 7.67
CA VAL H 187 -93.97 3.56 6.48
C VAL H 187 -94.64 4.96 6.65
N GLU H 188 -94.35 5.91 5.74
CA GLU H 188 -94.91 7.27 5.79
C GLU H 188 -95.19 7.84 4.35
N VAL H 189 -95.70 9.09 4.23
CA VAL H 189 -95.95 9.68 2.91
C VAL H 189 -94.62 9.84 2.17
N GLY H 190 -94.53 9.24 1.01
CA GLY H 190 -93.30 9.23 0.23
C GLY H 190 -92.56 7.90 0.31
N SER H 191 -93.03 6.98 1.19
CA SER H 191 -92.40 5.67 1.32
C SER H 191 -92.67 4.86 0.07
N LYS H 192 -91.68 4.06 -0.33
CA LYS H 192 -91.83 3.24 -1.51
C LYS H 192 -91.94 1.78 -1.12
N ILE H 193 -92.97 1.14 -1.66
CA ILE H 193 -93.31 -0.26 -1.42
C ILE H 193 -93.03 -1.02 -2.71
N TYR H 194 -92.25 -2.10 -2.64
CA TYR H 194 -91.90 -2.88 -3.84
C TYR H 194 -92.64 -4.20 -3.86
N VAL H 195 -93.15 -4.61 -5.02
CA VAL H 195 -93.94 -5.83 -5.12
C VAL H 195 -93.42 -6.73 -6.23
N ASP H 196 -93.37 -8.05 -5.98
CA ASP H 196 -92.97 -9.07 -6.96
C ASP H 196 -91.53 -8.86 -7.46
N ASP H 197 -90.55 -9.21 -6.63
CA ASP H 197 -89.13 -9.05 -6.94
C ASP H 197 -88.75 -7.60 -7.26
N GLY H 198 -89.44 -6.65 -6.62
CA GLY H 198 -89.20 -5.22 -6.78
C GLY H 198 -89.53 -4.65 -8.14
N LEU H 199 -90.20 -5.43 -9.01
CA LEU H 199 -90.54 -4.97 -10.35
C LEU H 199 -91.63 -3.89 -10.26
N ILE H 200 -92.59 -4.04 -9.35
CA ILE H 200 -93.64 -3.03 -9.16
C ILE H 200 -93.26 -2.11 -8.01
N SER H 201 -93.39 -0.79 -8.19
CA SER H 201 -93.09 0.16 -7.13
C SER H 201 -94.28 1.08 -6.91
N LEU H 202 -94.65 1.29 -5.65
CA LEU H 202 -95.76 2.12 -5.24
C LEU H 202 -95.24 3.20 -4.29
N GLN H 203 -95.79 4.43 -4.35
CA GLN H 203 -95.38 5.49 -3.43
C GLN H 203 -96.57 5.90 -2.56
N VAL H 204 -96.40 5.83 -1.23
CA VAL H 204 -97.46 6.16 -0.27
C VAL H 204 -97.89 7.63 -0.32
N LYS H 205 -99.15 7.90 -0.67
CA LYS H 205 -99.65 9.25 -0.76
C LYS H 205 -100.46 9.64 0.46
N GLN H 206 -101.28 8.71 0.96
CA GLN H 206 -102.10 8.92 2.14
C GLN H 206 -101.92 7.74 3.10
N LYS H 207 -101.50 8.02 4.34
CA LYS H 207 -101.34 6.96 5.34
C LYS H 207 -102.60 6.97 6.21
N GLY H 208 -103.43 5.93 6.07
CA GLY H 208 -104.67 5.82 6.81
C GLY H 208 -104.59 4.97 8.05
N ALA H 209 -105.72 4.87 8.80
CA ALA H 209 -105.79 4.06 10.02
C ALA H 209 -105.57 2.55 9.74
N ASP H 210 -106.40 1.93 8.86
CA ASP H 210 -106.27 0.52 8.50
C ASP H 210 -105.85 0.33 7.02
N PHE H 211 -105.28 1.36 6.38
CA PHE H 211 -104.98 1.30 4.95
C PHE H 211 -103.86 2.26 4.50
N LEU H 212 -103.49 2.20 3.21
CA LEU H 212 -102.49 3.08 2.62
C LEU H 212 -102.90 3.41 1.18
N VAL H 213 -103.24 4.67 0.89
CA VAL H 213 -103.55 5.09 -0.47
C VAL H 213 -102.21 5.35 -1.16
N THR H 214 -101.86 4.54 -2.15
CA THR H 214 -100.57 4.66 -2.84
C THR H 214 -100.74 5.08 -4.31
N GLU H 215 -99.63 5.46 -4.98
CA GLU H 215 -99.64 5.80 -6.40
C GLU H 215 -98.68 4.84 -7.10
N VAL H 216 -99.17 4.15 -8.14
CA VAL H 216 -98.33 3.21 -8.87
C VAL H 216 -97.22 3.95 -9.60
N GLU H 217 -96.01 3.82 -9.11
CA GLU H 217 -94.85 4.46 -9.72
C GLU H 217 -94.40 3.63 -10.96
N ASN H 218 -94.10 2.35 -10.77
CA ASN H 218 -93.78 1.44 -11.88
C ASN H 218 -94.85 0.36 -11.85
N GLY H 219 -95.58 0.21 -12.96
CA GLY H 219 -96.64 -0.77 -13.04
C GLY H 219 -96.29 -2.10 -13.68
N GLY H 220 -97.28 -2.72 -14.30
CA GLY H 220 -97.14 -4.02 -14.94
C GLY H 220 -98.12 -5.03 -14.37
N SER H 221 -97.76 -6.30 -14.41
CA SER H 221 -98.61 -7.37 -13.92
C SER H 221 -98.50 -7.67 -12.44
N LEU H 222 -99.63 -7.54 -11.73
CA LEU H 222 -99.71 -7.89 -10.33
C LEU H 222 -100.40 -9.23 -10.19
N GLY H 223 -99.69 -10.20 -9.62
CA GLY H 223 -100.21 -11.54 -9.39
C GLY H 223 -100.51 -11.80 -7.92
N SER H 224 -100.91 -13.03 -7.61
CA SER H 224 -101.25 -13.39 -6.23
C SER H 224 -100.01 -13.76 -5.41
N LYS H 225 -100.10 -13.59 -4.09
CA LYS H 225 -99.06 -13.96 -3.11
C LYS H 225 -97.63 -13.58 -3.55
N LYS H 226 -97.42 -12.29 -3.72
CA LYS H 226 -96.13 -11.78 -4.14
C LYS H 226 -95.44 -11.15 -2.95
N GLY H 227 -94.12 -11.32 -2.89
CA GLY H 227 -93.32 -10.74 -1.84
C GLY H 227 -93.31 -9.23 -1.94
N VAL H 228 -93.26 -8.57 -0.77
CA VAL H 228 -93.25 -7.13 -0.61
C VAL H 228 -91.96 -6.73 0.12
N ASN H 229 -91.33 -5.65 -0.34
CA ASN H 229 -90.14 -5.13 0.32
C ASN H 229 -90.36 -3.69 0.70
N LEU H 230 -89.99 -3.32 1.96
CA LEU H 230 -90.11 -1.96 2.47
C LEU H 230 -88.69 -1.51 2.89
N PRO H 231 -87.85 -1.10 1.92
CA PRO H 231 -86.45 -0.74 2.26
C PRO H 231 -86.25 0.31 3.35
N GLY H 232 -87.09 1.33 3.37
CA GLY H 232 -86.97 2.37 4.38
C GLY H 232 -87.38 1.89 5.75
N ALA H 233 -88.58 1.28 5.81
CA ALA H 233 -89.28 0.79 6.98
C ALA H 233 -88.48 -0.10 7.93
N ALA H 234 -88.83 -0.03 9.23
CA ALA H 234 -88.26 -0.84 10.29
C ALA H 234 -89.24 -1.98 10.59
N VAL H 235 -89.23 -3.02 9.74
CA VAL H 235 -90.13 -4.16 9.87
C VAL H 235 -89.87 -4.95 11.17
N ASP H 236 -90.91 -5.12 11.99
CA ASP H 236 -90.78 -5.78 13.29
C ASP H 236 -91.21 -7.26 13.32
N LEU H 237 -91.25 -7.93 12.17
CA LEU H 237 -91.59 -9.35 12.10
C LEU H 237 -90.47 -10.15 12.81
N PRO H 238 -90.82 -11.22 13.53
CA PRO H 238 -89.78 -11.96 14.28
C PRO H 238 -88.83 -12.75 13.39
N ALA H 239 -87.62 -12.98 13.89
CA ALA H 239 -86.59 -13.75 13.20
C ALA H 239 -87.00 -15.20 13.02
N VAL H 240 -87.60 -15.79 14.06
CA VAL H 240 -88.05 -17.17 14.02
C VAL H 240 -89.50 -17.17 14.45
N SER H 241 -90.43 -17.05 13.49
CA SER H 241 -91.87 -17.08 13.75
C SER H 241 -92.32 -18.49 14.15
N GLU H 242 -93.61 -18.68 14.57
CA GLU H 242 -94.09 -20.01 14.91
C GLU H 242 -94.02 -20.92 13.69
N LYS H 243 -94.34 -20.38 12.48
CA LYS H 243 -94.25 -21.15 11.24
C LYS H 243 -92.81 -21.63 11.01
N ASP H 244 -91.82 -20.74 11.17
CA ASP H 244 -90.43 -21.13 11.03
C ASP H 244 -90.03 -22.16 12.08
N ILE H 245 -90.59 -22.10 13.30
CA ILE H 245 -90.31 -23.09 14.35
C ILE H 245 -90.83 -24.49 13.95
N GLN H 246 -92.03 -24.56 13.35
CA GLN H 246 -92.57 -25.83 12.90
C GLN H 246 -91.79 -26.37 11.69
N ASP H 247 -91.46 -25.49 10.72
CA ASP H 247 -90.66 -25.86 9.54
C ASP H 247 -89.27 -26.34 9.93
N LEU H 248 -88.63 -25.68 10.91
CA LEU H 248 -87.32 -26.07 11.38
C LEU H 248 -87.36 -27.44 12.06
N LYS H 249 -88.35 -27.67 12.96
CA LYS H 249 -88.54 -28.96 13.64
C LYS H 249 -88.86 -30.09 12.62
N PHE H 250 -89.56 -29.74 11.55
CA PHE H 250 -89.86 -30.65 10.45
C PHE H 250 -88.57 -31.01 9.68
N GLY H 251 -87.64 -30.07 9.54
CA GLY H 251 -86.37 -30.30 8.89
C GLY H 251 -85.49 -31.25 9.70
N VAL H 252 -85.53 -31.13 11.02
CA VAL H 252 -84.79 -32.02 11.90
C VAL H 252 -85.32 -33.46 11.73
N GLU H 253 -86.67 -33.58 11.74
CA GLU H 253 -87.38 -34.86 11.55
C GLU H 253 -87.10 -35.47 10.17
N GLN H 254 -87.02 -34.63 9.14
CA GLN H 254 -86.77 -35.10 7.79
C GLN H 254 -85.28 -35.24 7.45
N ASP H 255 -84.39 -35.26 8.46
CA ASP H 255 -82.95 -35.43 8.31
C ASP H 255 -82.30 -34.49 7.27
N VAL H 256 -82.68 -33.20 7.26
CA VAL H 256 -82.09 -32.24 6.31
C VAL H 256 -80.61 -32.00 6.64
N ASP H 257 -79.83 -31.70 5.61
CA ASP H 257 -78.39 -31.48 5.77
C ASP H 257 -78.04 -30.07 6.19
N MET H 258 -78.87 -29.10 5.84
CA MET H 258 -78.57 -27.71 6.10
C MET H 258 -79.82 -26.85 6.05
N VAL H 259 -79.75 -25.67 6.65
CA VAL H 259 -80.85 -24.73 6.69
C VAL H 259 -80.36 -23.42 6.12
N PHE H 260 -81.12 -22.83 5.20
CA PHE H 260 -80.80 -21.51 4.68
C PHE H 260 -81.75 -20.61 5.45
N ALA H 261 -81.24 -19.89 6.44
CA ALA H 261 -82.06 -19.06 7.32
C ALA H 261 -82.31 -17.70 6.71
N SER H 262 -83.56 -17.41 6.34
CA SER H 262 -83.89 -16.14 5.70
C SER H 262 -83.86 -14.91 6.60
N PHE H 263 -83.46 -13.78 6.01
CA PHE H 263 -83.43 -12.46 6.63
C PHE H 263 -82.70 -12.37 7.98
N ILE H 264 -81.58 -13.08 8.12
CA ILE H 264 -80.77 -13.02 9.34
C ILE H 264 -80.17 -11.62 9.48
N ARG H 265 -80.56 -10.90 10.55
CA ARG H 265 -80.13 -9.53 10.82
C ARG H 265 -79.03 -9.40 11.86
N LYS H 266 -78.82 -10.45 12.68
CA LYS H 266 -77.83 -10.41 13.77
C LYS H 266 -77.48 -11.81 14.30
N ALA H 267 -76.41 -11.93 15.08
CA ALA H 267 -76.00 -13.22 15.64
C ALA H 267 -77.10 -13.87 16.51
N SER H 268 -77.89 -13.07 17.27
CA SER H 268 -78.94 -13.64 18.11
C SER H 268 -80.01 -14.34 17.28
N ASP H 269 -80.21 -13.92 16.02
CA ASP H 269 -81.18 -14.57 15.12
C ASP H 269 -80.70 -15.98 14.83
N VAL H 270 -79.37 -16.14 14.57
CA VAL H 270 -78.70 -17.41 14.29
C VAL H 270 -78.81 -18.32 15.49
N HIS H 271 -78.59 -17.78 16.69
CA HIS H 271 -78.68 -18.52 17.94
C HIS H 271 -80.11 -19.04 18.18
N GLU H 272 -81.14 -18.33 17.70
CA GLU H 272 -82.53 -18.77 17.83
C GLU H 272 -82.76 -19.99 16.95
N VAL H 273 -82.28 -19.96 15.70
CA VAL H 273 -82.41 -21.11 14.78
C VAL H 273 -81.65 -22.31 15.36
N ARG H 274 -80.48 -22.06 15.95
CA ARG H 274 -79.60 -23.04 16.57
C ARG H 274 -80.33 -23.73 17.76
N LYS H 275 -81.16 -22.95 18.50
CA LYS H 275 -81.97 -23.39 19.64
C LYS H 275 -83.16 -24.24 19.19
N VAL H 276 -83.85 -23.81 18.12
CA VAL H 276 -84.99 -24.58 17.61
C VAL H 276 -84.51 -25.94 17.09
N LEU H 277 -83.37 -25.97 16.39
CA LEU H 277 -82.81 -27.23 15.90
C LEU H 277 -82.48 -28.17 17.07
N GLY H 278 -81.95 -27.59 18.16
CA GLY H 278 -81.65 -28.29 19.40
C GLY H 278 -80.54 -29.30 19.33
N GLU H 279 -80.54 -30.26 20.26
CA GLU H 279 -79.55 -31.33 20.32
C GLU H 279 -79.75 -32.31 19.16
N LYS H 280 -81.01 -32.61 18.84
CA LYS H 280 -81.34 -33.54 17.75
C LYS H 280 -80.90 -33.03 16.38
N GLY H 281 -80.84 -31.73 16.21
CA GLY H 281 -80.42 -31.14 14.95
C GLY H 281 -79.16 -30.31 15.11
N LYS H 282 -78.23 -30.79 15.93
CA LYS H 282 -77.02 -30.04 16.19
C LYS H 282 -75.97 -30.17 15.09
N ASN H 283 -76.08 -31.21 14.24
CA ASN H 283 -75.15 -31.40 13.13
C ASN H 283 -75.64 -30.75 11.83
N ILE H 284 -76.88 -30.23 11.80
CA ILE H 284 -77.41 -29.54 10.63
C ILE H 284 -76.71 -28.19 10.51
N LYS H 285 -76.17 -27.87 9.33
CA LYS H 285 -75.45 -26.61 9.12
C LYS H 285 -76.41 -25.43 8.89
N ILE H 286 -76.18 -24.29 9.58
CA ILE H 286 -77.00 -23.10 9.38
C ILE H 286 -76.24 -22.14 8.48
N ILE H 287 -76.82 -21.85 7.32
CA ILE H 287 -76.29 -20.93 6.34
C ILE H 287 -77.16 -19.70 6.47
N SER H 288 -76.61 -18.58 6.94
CA SER H 288 -77.40 -17.37 7.12
C SER H 288 -77.55 -16.59 5.83
N LYS H 289 -78.77 -16.22 5.51
CA LYS H 289 -79.04 -15.44 4.31
C LYS H 289 -78.96 -13.97 4.62
N ILE H 290 -78.02 -13.27 3.97
CA ILE H 290 -77.84 -11.84 4.18
C ILE H 290 -78.65 -11.19 3.11
N GLU H 291 -79.73 -10.54 3.48
CA GLU H 291 -80.63 -9.93 2.50
C GLU H 291 -81.12 -8.56 2.86
N ASN H 292 -80.46 -7.88 3.78
CA ASN H 292 -80.87 -6.53 4.16
C ASN H 292 -79.68 -5.71 4.62
N HIS H 293 -79.87 -4.39 4.75
CA HIS H 293 -78.84 -3.46 5.21
C HIS H 293 -78.23 -3.85 6.55
N GLU H 294 -79.08 -4.20 7.54
CA GLU H 294 -78.59 -4.55 8.88
C GLU H 294 -77.80 -5.85 8.86
N GLY H 295 -78.19 -6.80 8.03
CA GLY H 295 -77.47 -8.06 7.91
C GLY H 295 -76.06 -7.85 7.40
N VAL H 296 -75.90 -6.91 6.43
CA VAL H 296 -74.60 -6.55 5.85
C VAL H 296 -73.78 -5.80 6.91
N ARG H 297 -74.40 -4.86 7.62
CA ARG H 297 -73.72 -4.08 8.66
C ARG H 297 -73.27 -4.93 9.84
N ARG H 298 -74.09 -5.88 10.27
CA ARG H 298 -73.72 -6.78 11.36
C ARG H 298 -73.15 -8.11 10.85
N PHE H 299 -72.51 -8.10 9.67
CA PHE H 299 -71.99 -9.30 9.01
C PHE H 299 -71.02 -10.14 9.85
N ASP H 300 -70.04 -9.48 10.49
CA ASP H 300 -69.02 -10.22 11.24
C ASP H 300 -69.59 -11.05 12.37
N GLU H 301 -70.59 -10.54 13.11
CA GLU H 301 -71.16 -11.34 14.21
C GLU H 301 -72.03 -12.50 13.68
N ILE H 302 -72.72 -12.27 12.55
CA ILE H 302 -73.54 -13.28 11.90
C ILE H 302 -72.63 -14.41 11.41
N LEU H 303 -71.51 -14.07 10.76
CA LEU H 303 -70.56 -15.04 10.24
C LEU H 303 -69.95 -15.90 11.38
N GLU H 304 -69.58 -15.26 12.50
CA GLU H 304 -69.02 -15.99 13.64
C GLU H 304 -70.02 -17.00 14.19
N ALA H 305 -71.29 -16.61 14.24
CA ALA H 305 -72.33 -17.49 14.73
C ALA H 305 -72.83 -18.53 13.73
N SER H 306 -72.58 -18.35 12.42
CA SER H 306 -73.14 -19.26 11.40
C SER H 306 -72.16 -20.28 10.89
N ASP H 307 -72.67 -21.35 10.26
CA ASP H 307 -71.79 -22.33 9.64
C ASP H 307 -71.32 -21.88 8.23
N GLY H 308 -72.09 -20.99 7.61
CA GLY H 308 -71.81 -20.44 6.29
C GLY H 308 -72.72 -19.27 5.97
N ILE H 309 -72.55 -18.70 4.77
CA ILE H 309 -73.34 -17.53 4.37
C ILE H 309 -73.96 -17.69 2.98
N MET H 310 -75.15 -17.11 2.77
CA MET H 310 -75.73 -17.03 1.44
C MET H 310 -75.86 -15.55 1.08
N VAL H 311 -75.32 -15.15 -0.08
CA VAL H 311 -75.45 -13.79 -0.59
C VAL H 311 -76.78 -13.78 -1.32
N ALA H 312 -77.89 -13.51 -0.57
CA ALA H 312 -79.26 -13.50 -1.10
C ALA H 312 -79.54 -12.23 -1.90
N ARG H 313 -78.88 -12.10 -3.06
CA ARG H 313 -78.94 -10.94 -3.95
C ARG H 313 -80.33 -10.48 -4.36
N GLY H 314 -81.31 -11.39 -4.44
CA GLY H 314 -82.67 -11.03 -4.79
C GLY H 314 -83.26 -9.98 -3.86
N ASP H 315 -83.46 -10.33 -2.58
CA ASP H 315 -83.97 -9.38 -1.60
C ASP H 315 -82.95 -8.28 -1.32
N LEU H 316 -81.64 -8.62 -1.27
CA LEU H 316 -80.57 -7.67 -0.99
C LEU H 316 -80.55 -6.48 -1.96
N GLY H 317 -80.77 -6.75 -3.25
CA GLY H 317 -80.83 -5.75 -4.30
C GLY H 317 -82.11 -4.93 -4.34
N ILE H 318 -83.07 -5.23 -3.47
CA ILE H 318 -84.27 -4.44 -3.32
C ILE H 318 -84.11 -3.63 -2.03
N GLU H 319 -83.59 -4.22 -0.95
CA GLU H 319 -83.36 -3.52 0.32
C GLU H 319 -82.28 -2.44 0.18
N ILE H 320 -81.20 -2.72 -0.59
CA ILE H 320 -80.10 -1.76 -0.81
C ILE H 320 -80.03 -1.37 -2.32
N PRO H 321 -79.48 -0.20 -2.68
CA PRO H 321 -79.41 0.17 -4.11
C PRO H 321 -78.77 -0.92 -4.97
N ALA H 322 -79.43 -1.33 -6.07
CA ALA H 322 -78.98 -2.44 -6.91
C ALA H 322 -77.54 -2.34 -7.36
N GLU H 323 -77.02 -1.12 -7.49
CA GLU H 323 -75.64 -0.89 -7.88
C GLU H 323 -74.64 -1.20 -6.77
N LYS H 324 -75.07 -1.33 -5.52
CA LYS H 324 -74.18 -1.64 -4.41
C LYS H 324 -74.13 -3.15 -4.08
N VAL H 325 -74.97 -3.97 -4.70
CA VAL H 325 -74.99 -5.41 -4.44
C VAL H 325 -73.66 -6.09 -4.71
N PHE H 326 -72.94 -5.71 -5.78
CA PHE H 326 -71.66 -6.36 -6.09
C PHE H 326 -70.61 -6.13 -5.02
N LEU H 327 -70.70 -4.99 -4.29
CA LEU H 327 -69.80 -4.63 -3.19
C LEU H 327 -70.08 -5.57 -2.04
N ALA H 328 -71.36 -5.77 -1.68
CA ALA H 328 -71.76 -6.68 -0.62
C ALA H 328 -71.34 -8.12 -0.99
N GLN H 329 -71.48 -8.49 -2.28
CA GLN H 329 -71.12 -9.82 -2.72
C GLN H 329 -69.63 -10.09 -2.55
N LYS H 330 -68.77 -9.21 -3.03
CA LYS H 330 -67.32 -9.41 -2.91
C LYS H 330 -66.86 -9.31 -1.45
N MET H 331 -67.47 -8.43 -0.66
CA MET H 331 -67.15 -8.29 0.75
C MET H 331 -67.44 -9.61 1.49
N MET H 332 -68.64 -10.17 1.30
CA MET H 332 -69.07 -11.40 1.95
C MET H 332 -68.32 -12.61 1.47
N ILE H 333 -67.98 -12.66 0.17
CA ILE H 333 -67.18 -13.78 -0.34
C ILE H 333 -65.76 -13.72 0.25
N GLY H 334 -65.16 -12.55 0.24
CA GLY H 334 -63.85 -12.33 0.84
C GLY H 334 -63.80 -12.68 2.32
N ARG H 335 -64.77 -12.21 3.11
CA ARG H 335 -64.77 -12.49 4.55
C ARG H 335 -65.00 -13.95 4.88
N CYS H 336 -65.75 -14.67 4.05
CA CYS H 336 -65.98 -16.10 4.25
C CYS H 336 -64.75 -16.89 3.88
N ASN H 337 -64.02 -16.48 2.82
CA ASN H 337 -62.77 -17.13 2.39
C ASN H 337 -61.71 -16.95 3.51
N ARG H 338 -61.62 -15.74 4.07
CA ARG H 338 -60.71 -15.39 5.16
C ARG H 338 -61.10 -16.13 6.47
N ALA H 339 -62.41 -16.38 6.69
CA ALA H 339 -62.86 -17.13 7.87
C ALA H 339 -62.85 -18.63 7.69
N GLY H 340 -62.78 -19.12 6.44
CA GLY H 340 -62.79 -20.54 6.17
C GLY H 340 -64.18 -21.13 6.23
N LYS H 341 -65.21 -20.31 5.91
CA LYS H 341 -66.60 -20.77 5.93
C LYS H 341 -67.26 -20.75 4.56
N PRO H 342 -68.10 -21.75 4.26
CA PRO H 342 -68.81 -21.76 2.97
C PRO H 342 -69.59 -20.47 2.68
N VAL H 343 -69.65 -20.09 1.41
CA VAL H 343 -70.39 -18.93 0.97
C VAL H 343 -71.05 -19.27 -0.36
N ILE H 344 -72.35 -19.04 -0.44
CA ILE H 344 -73.14 -19.34 -1.62
C ILE H 344 -73.52 -18.05 -2.31
N CYS H 345 -73.38 -18.00 -3.64
CA CYS H 345 -73.85 -16.84 -4.38
C CYS H 345 -75.19 -17.24 -4.94
N ALA H 346 -76.23 -16.45 -4.66
CA ALA H 346 -77.57 -16.80 -5.12
C ALA H 346 -78.32 -15.71 -5.91
N THR H 347 -79.38 -16.13 -6.65
CA THR H 347 -80.45 -15.41 -7.34
C THR H 347 -80.10 -14.68 -8.66
N GLN H 348 -80.87 -15.05 -9.70
CA GLN H 348 -80.86 -14.51 -11.05
C GLN H 348 -79.54 -14.68 -11.76
N MET H 349 -78.82 -15.78 -11.46
CA MET H 349 -77.55 -16.04 -12.11
C MET H 349 -77.72 -16.33 -13.61
N LEU H 350 -78.81 -16.97 -13.99
CA LEU H 350 -79.15 -17.29 -15.39
C LEU H 350 -80.65 -17.07 -15.58
N GLU H 351 -81.21 -16.00 -14.97
CA GLU H 351 -82.65 -15.71 -14.97
C GLU H 351 -83.35 -15.85 -16.35
N SER H 352 -82.72 -15.43 -17.46
CA SER H 352 -83.34 -15.56 -18.79
C SER H 352 -83.57 -17.03 -19.20
N MET H 353 -82.82 -17.98 -18.61
CA MET H 353 -82.97 -19.40 -18.90
C MET H 353 -84.30 -20.03 -18.38
N ILE H 354 -85.15 -19.22 -17.72
CA ILE H 354 -86.49 -19.66 -17.35
C ILE H 354 -87.30 -19.86 -18.65
N LYS H 355 -87.13 -18.97 -19.65
CA LYS H 355 -87.84 -19.02 -20.94
C LYS H 355 -86.93 -19.30 -22.16
N LYS H 356 -85.59 -19.23 -22.02
CA LYS H 356 -84.70 -19.47 -23.16
C LYS H 356 -83.69 -20.61 -22.92
N PRO H 357 -83.36 -21.40 -23.95
CA PRO H 357 -82.42 -22.50 -23.76
C PRO H 357 -80.97 -22.09 -23.60
N ARG H 358 -80.65 -20.81 -23.83
CA ARG H 358 -79.28 -20.31 -23.71
C ARG H 358 -79.26 -19.02 -22.87
N PRO H 359 -78.22 -18.80 -22.05
CA PRO H 359 -78.19 -17.57 -21.22
C PRO H 359 -77.69 -16.34 -21.97
N THR H 360 -77.86 -15.16 -21.38
CA THR H 360 -77.35 -13.91 -21.93
C THR H 360 -75.84 -13.81 -21.59
N ARG H 361 -75.12 -12.87 -22.22
CA ARG H 361 -73.71 -12.69 -21.94
C ARG H 361 -73.48 -12.20 -20.49
N ALA H 362 -74.41 -11.41 -19.95
CA ALA H 362 -74.32 -10.95 -18.56
C ALA H 362 -74.42 -12.14 -17.59
N GLU H 363 -75.31 -13.08 -17.89
CA GLU H 363 -75.49 -14.26 -17.04
C GLU H 363 -74.27 -15.16 -17.06
N GLY H 364 -73.64 -15.31 -18.22
CA GLY H 364 -72.44 -16.12 -18.35
C GLY H 364 -71.25 -15.52 -17.61
N SER H 365 -71.19 -14.18 -17.58
CA SER H 365 -70.17 -13.40 -16.90
C SER H 365 -70.37 -13.46 -15.37
N ASP H 366 -71.63 -13.40 -14.93
CA ASP H 366 -72.01 -13.43 -13.53
C ASP H 366 -71.61 -14.73 -12.86
N VAL H 367 -71.84 -15.85 -13.53
CA VAL H 367 -71.50 -17.16 -12.97
C VAL H 367 -69.99 -17.30 -12.84
N ALA H 368 -69.26 -16.94 -13.90
CA ALA H 368 -67.81 -16.99 -13.90
C ALA H 368 -67.20 -16.09 -12.83
N ASN H 369 -67.72 -14.88 -12.69
CA ASN H 369 -67.22 -13.93 -11.71
C ASN H 369 -67.52 -14.31 -10.29
N ALA H 370 -68.61 -15.04 -10.02
CA ALA H 370 -68.92 -15.52 -8.67
C ALA H 370 -67.87 -16.57 -8.28
N VAL H 371 -67.51 -17.46 -9.22
CA VAL H 371 -66.49 -18.49 -9.00
C VAL H 371 -65.14 -17.81 -8.82
N LEU H 372 -64.80 -16.83 -9.67
CA LEU H 372 -63.54 -16.09 -9.54
C LEU H 372 -63.46 -15.35 -8.21
N ASP H 373 -64.56 -14.76 -7.73
CA ASP H 373 -64.57 -14.05 -6.45
C ASP H 373 -64.26 -15.01 -5.30
N GLY H 374 -64.62 -16.28 -5.42
CA GLY H 374 -64.35 -17.27 -4.38
C GLY H 374 -65.55 -17.99 -3.80
N ALA H 375 -66.74 -17.85 -4.42
CA ALA H 375 -67.94 -18.52 -3.91
C ALA H 375 -67.81 -20.05 -3.91
N ASP H 376 -68.14 -20.67 -2.79
CA ASP H 376 -68.07 -22.11 -2.66
C ASP H 376 -69.14 -22.82 -3.52
N CYS H 377 -70.36 -22.24 -3.51
CA CYS H 377 -71.50 -22.76 -4.24
C CYS H 377 -72.15 -21.65 -5.02
N ILE H 378 -72.78 -22.01 -6.14
CA ILE H 378 -73.60 -21.11 -6.95
C ILE H 378 -75.05 -21.67 -6.92
N MET H 379 -76.06 -20.80 -7.05
CA MET H 379 -77.45 -21.24 -6.92
C MET H 379 -78.35 -20.96 -8.11
N LEU H 380 -79.38 -21.78 -8.27
CA LEU H 380 -80.39 -21.60 -9.29
C LEU H 380 -81.74 -21.54 -8.57
N SER H 381 -82.55 -20.53 -8.86
CA SER H 381 -83.87 -20.39 -8.24
C SER H 381 -84.96 -20.76 -9.29
N GLY H 382 -85.53 -19.79 -10.00
CA GLY H 382 -86.58 -20.03 -10.98
C GLY H 382 -86.16 -20.85 -12.18
N GLU H 383 -84.85 -20.86 -12.50
CA GLU H 383 -84.33 -21.62 -13.64
C GLU H 383 -84.62 -23.12 -13.48
N THR H 384 -84.61 -23.62 -12.23
CA THR H 384 -84.90 -25.04 -12.00
C THR H 384 -86.23 -25.28 -11.31
N ALA H 385 -86.76 -24.30 -10.55
CA ALA H 385 -88.03 -24.49 -9.89
C ALA H 385 -89.23 -24.39 -10.84
N LYS H 386 -89.23 -23.48 -11.83
CA LYS H 386 -90.39 -23.37 -12.71
C LYS H 386 -90.09 -23.13 -14.19
N GLY H 387 -88.85 -22.91 -14.55
CA GLY H 387 -88.48 -22.63 -15.94
C GLY H 387 -88.61 -23.81 -16.88
N ASP H 388 -88.62 -23.54 -18.19
CA ASP H 388 -88.75 -24.53 -19.26
C ASP H 388 -87.48 -25.31 -19.57
N TYR H 389 -86.34 -24.84 -19.10
CA TYR H 389 -85.06 -25.50 -19.36
C TYR H 389 -84.27 -25.67 -18.04
N PRO H 390 -84.77 -26.49 -17.08
CA PRO H 390 -84.04 -26.63 -15.82
C PRO H 390 -82.70 -27.37 -15.97
N LEU H 391 -82.67 -28.41 -16.82
CA LEU H 391 -81.45 -29.18 -17.07
C LEU H 391 -80.41 -28.37 -17.81
N GLU H 392 -80.84 -27.61 -18.84
CA GLU H 392 -79.92 -26.76 -19.59
C GLU H 392 -79.23 -25.73 -18.67
N ALA H 393 -79.95 -25.26 -17.63
CA ALA H 393 -79.43 -24.30 -16.65
C ALA H 393 -78.37 -24.93 -15.75
N VAL H 394 -78.61 -26.17 -15.27
CA VAL H 394 -77.65 -26.90 -14.46
C VAL H 394 -76.38 -27.19 -15.27
N ARG H 395 -76.55 -27.54 -16.55
CA ARG H 395 -75.42 -27.83 -17.43
C ARG H 395 -74.60 -26.59 -17.75
N MET H 396 -75.28 -25.44 -17.91
CA MET H 396 -74.59 -24.19 -18.20
C MET H 396 -73.80 -23.75 -16.98
N GLN H 397 -74.36 -23.89 -15.77
CA GLN H 397 -73.61 -23.56 -14.55
C GLN H 397 -72.38 -24.45 -14.40
N HIS H 398 -72.52 -25.75 -14.72
CA HIS H 398 -71.44 -26.73 -14.67
C HIS H 398 -70.33 -26.36 -15.64
N LEU H 399 -70.67 -25.98 -16.87
CA LEU H 399 -69.67 -25.60 -17.87
C LEU H 399 -68.91 -24.33 -17.52
N ILE H 400 -69.63 -23.26 -17.11
CA ILE H 400 -69.01 -21.98 -16.77
C ILE H 400 -68.14 -22.09 -15.52
N ALA H 401 -68.63 -22.77 -14.44
CA ALA H 401 -67.83 -22.90 -13.23
C ALA H 401 -66.54 -23.65 -13.48
N ARG H 402 -66.57 -24.65 -14.36
CA ARG H 402 -65.36 -25.42 -14.68
C ARG H 402 -64.34 -24.55 -15.39
N GLU H 403 -64.79 -23.71 -16.33
CA GLU H 403 -63.89 -22.82 -17.04
C GLU H 403 -63.31 -21.76 -16.09
N ALA H 404 -64.14 -21.21 -15.19
CA ALA H 404 -63.71 -20.18 -14.23
C ALA H 404 -62.74 -20.67 -13.18
N GLU H 405 -62.82 -21.97 -12.82
CA GLU H 405 -61.94 -22.57 -11.82
C GLU H 405 -60.50 -22.66 -12.28
N ALA H 406 -60.29 -22.94 -13.57
CA ALA H 406 -58.93 -22.98 -14.11
C ALA H 406 -58.36 -21.56 -14.23
N ALA H 407 -59.23 -20.56 -14.44
CA ALA H 407 -58.84 -19.16 -14.61
C ALA H 407 -58.54 -18.44 -13.29
N ILE H 408 -58.74 -19.09 -12.13
CA ILE H 408 -58.41 -18.47 -10.85
C ILE H 408 -56.90 -18.27 -10.76
N TYR H 409 -56.45 -17.09 -10.30
CA TYR H 409 -55.04 -16.81 -10.12
C TYR H 409 -54.60 -17.42 -8.75
N HIS H 410 -54.36 -18.74 -8.72
CA HIS H 410 -53.96 -19.50 -7.51
C HIS H 410 -52.66 -19.05 -6.88
N LEU H 411 -51.72 -18.54 -7.67
CA LEU H 411 -50.43 -18.09 -7.18
C LEU H 411 -50.59 -17.03 -6.08
N GLN H 412 -51.39 -15.97 -6.34
CA GLN H 412 -51.59 -14.92 -5.36
C GLN H 412 -52.59 -15.33 -4.28
N LEU H 413 -53.62 -16.12 -4.67
CA LEU H 413 -54.63 -16.59 -3.74
C LEU H 413 -54.00 -17.42 -2.62
N PHE H 414 -53.16 -18.40 -2.98
CA PHE H 414 -52.53 -19.27 -2.00
C PHE H 414 -51.60 -18.49 -1.13
N GLU H 415 -50.88 -17.51 -1.69
CA GLU H 415 -49.97 -16.68 -0.92
C GLU H 415 -50.74 -15.88 0.14
N GLU H 416 -51.89 -15.32 -0.22
CA GLU H 416 -52.67 -14.52 0.72
C GLU H 416 -53.34 -15.36 1.79
N LEU H 417 -53.85 -16.54 1.44
CA LEU H 417 -54.47 -17.44 2.40
C LEU H 417 -53.43 -17.96 3.40
N ARG H 418 -52.18 -18.19 2.93
CA ARG H 418 -51.07 -18.64 3.75
C ARG H 418 -50.73 -17.63 4.84
N ARG H 419 -50.73 -16.33 4.48
CA ARG H 419 -50.33 -15.29 5.42
C ARG H 419 -51.35 -14.93 6.50
N LEU H 420 -52.62 -15.44 6.46
CA LEU H 420 -53.65 -15.10 7.47
C LEU H 420 -53.31 -15.61 8.87
N ALA H 421 -53.07 -16.93 9.02
CA ALA H 421 -52.64 -17.50 10.29
C ALA H 421 -51.33 -18.23 9.99
N PRO H 422 -50.21 -17.48 9.91
CA PRO H 422 -48.92 -18.13 9.56
C PRO H 422 -48.36 -19.11 10.60
N ILE H 423 -48.72 -18.98 11.89
CA ILE H 423 -48.22 -19.90 12.91
C ILE H 423 -49.37 -20.53 13.73
N THR H 424 -49.48 -21.87 13.71
CA THR H 424 -50.53 -22.59 14.42
C THR H 424 -49.96 -23.76 15.22
N SER H 425 -50.65 -24.17 16.28
CA SER H 425 -50.25 -25.33 17.07
C SER H 425 -50.81 -26.65 16.48
N ASP H 426 -51.93 -26.58 15.74
CA ASP H 426 -52.62 -27.73 15.16
C ASP H 426 -51.84 -28.48 14.09
N PRO H 427 -51.39 -29.71 14.40
CA PRO H 427 -50.68 -30.52 13.41
C PRO H 427 -51.46 -30.87 12.15
N THR H 428 -52.79 -30.91 12.26
CA THR H 428 -53.65 -31.23 11.12
C THR H 428 -53.73 -30.02 10.15
N GLU H 429 -53.57 -28.80 10.70
CA GLU H 429 -53.55 -27.58 9.93
C GLU H 429 -52.23 -27.47 9.12
N ALA H 430 -51.11 -27.90 9.72
CA ALA H 430 -49.83 -27.94 9.04
C ALA H 430 -49.88 -28.98 7.91
N THR H 431 -50.51 -30.15 8.17
CA THR H 431 -50.62 -31.24 7.21
C THR H 431 -51.48 -30.84 6.03
N ALA H 432 -52.58 -30.13 6.29
CA ALA H 432 -53.46 -29.68 5.21
C ALA H 432 -52.73 -28.69 4.29
N VAL H 433 -51.98 -27.75 4.88
CA VAL H 433 -51.26 -26.74 4.12
C VAL H 433 -50.09 -27.36 3.35
N GLY H 434 -49.45 -28.38 3.93
CA GLY H 434 -48.39 -29.13 3.26
C GLY H 434 -48.94 -29.90 2.07
N ALA H 435 -50.16 -30.44 2.19
CA ALA H 435 -50.81 -31.17 1.11
C ALA H 435 -51.23 -30.25 -0.03
N VAL H 436 -51.68 -29.03 0.30
CA VAL H 436 -52.05 -28.07 -0.74
C VAL H 436 -50.80 -27.60 -1.47
N GLU H 437 -49.73 -27.30 -0.74
CA GLU H 437 -48.45 -26.96 -1.33
C GLU H 437 -47.93 -28.10 -2.25
N ALA H 438 -47.91 -29.36 -1.74
CA ALA H 438 -47.46 -30.49 -2.55
C ALA H 438 -48.30 -30.65 -3.83
N SER H 439 -49.63 -30.40 -3.74
CA SER H 439 -50.50 -30.52 -4.89
C SER H 439 -50.19 -29.51 -6.01
N PHE H 440 -49.66 -28.34 -5.65
CA PHE H 440 -49.27 -27.35 -6.64
C PHE H 440 -47.92 -27.71 -7.28
N LYS H 441 -46.99 -28.23 -6.45
CA LYS H 441 -45.67 -28.64 -6.91
C LYS H 441 -45.71 -29.70 -8.02
N CYS H 442 -46.56 -30.73 -7.86
CA CYS H 442 -46.64 -31.79 -8.86
C CYS H 442 -47.91 -31.77 -9.72
N CYS H 443 -48.72 -30.69 -9.64
CA CYS H 443 -50.00 -30.56 -10.36
C CYS H 443 -50.83 -31.85 -10.26
N SER H 444 -51.05 -32.33 -9.03
CA SER H 444 -51.73 -33.59 -8.81
C SER H 444 -53.14 -33.62 -9.41
N GLY H 445 -53.57 -34.81 -9.83
CA GLY H 445 -54.90 -34.97 -10.39
C GLY H 445 -56.00 -34.90 -9.34
N ALA H 446 -55.63 -35.05 -8.05
CA ALA H 446 -56.53 -35.02 -6.91
C ALA H 446 -55.75 -34.99 -5.57
N ILE H 447 -56.44 -34.64 -4.46
CA ILE H 447 -55.96 -34.75 -3.08
C ILE H 447 -56.99 -35.66 -2.40
N ILE H 448 -56.62 -36.91 -2.17
CA ILE H 448 -57.48 -37.89 -1.55
C ILE H 448 -57.41 -37.73 -0.05
N VAL H 449 -58.54 -37.51 0.64
CA VAL H 449 -58.52 -37.33 2.09
C VAL H 449 -59.51 -38.30 2.75
N LEU H 450 -59.07 -39.11 3.73
CA LEU H 450 -60.02 -39.99 4.44
C LEU H 450 -60.51 -39.19 5.63
N THR H 451 -61.84 -39.09 5.81
CA THR H 451 -62.40 -38.27 6.87
C THR H 451 -63.67 -38.84 7.47
N LYS H 452 -63.87 -38.68 8.78
CA LYS H 452 -65.10 -39.12 9.42
C LYS H 452 -66.09 -37.94 9.44
N SER H 453 -65.73 -36.84 10.12
CA SER H 453 -66.58 -35.66 10.26
C SER H 453 -66.56 -34.73 9.06
N GLY H 454 -65.52 -34.82 8.26
CA GLY H 454 -65.33 -33.97 7.09
C GLY H 454 -64.35 -32.85 7.34
N ARG H 455 -63.96 -32.63 8.61
CA ARG H 455 -63.05 -31.56 9.00
C ARG H 455 -61.71 -31.58 8.26
N SER H 456 -61.14 -32.75 7.99
CA SER H 456 -59.86 -32.86 7.27
C SER H 456 -59.95 -32.36 5.84
N ALA H 457 -61.06 -32.64 5.17
CA ALA H 457 -61.29 -32.15 3.81
C ALA H 457 -61.62 -30.64 3.85
N HIS H 458 -62.31 -30.16 4.91
CA HIS H 458 -62.63 -28.74 5.02
C HIS H 458 -61.36 -27.93 5.20
N GLN H 459 -60.41 -28.46 6.00
CA GLN H 459 -59.13 -27.80 6.18
C GLN H 459 -58.38 -27.65 4.85
N VAL H 460 -58.37 -28.69 4.00
CA VAL H 460 -57.71 -28.63 2.69
C VAL H 460 -58.39 -27.63 1.76
N ALA H 461 -59.74 -27.66 1.69
CA ALA H 461 -60.53 -26.77 0.81
C ALA H 461 -60.38 -25.29 1.11
N ARG H 462 -60.09 -24.93 2.38
CA ARG H 462 -59.85 -23.58 2.85
C ARG H 462 -58.63 -22.92 2.14
N TYR H 463 -57.60 -23.72 1.78
CA TYR H 463 -56.45 -23.16 1.06
C TYR H 463 -56.65 -23.13 -0.46
N ARG H 464 -57.87 -23.43 -0.94
CA ARG H 464 -58.25 -23.37 -2.34
C ARG H 464 -57.25 -24.03 -3.29
N PRO H 465 -56.96 -25.33 -3.14
CA PRO H 465 -56.07 -25.98 -4.13
C PRO H 465 -56.74 -26.05 -5.51
N ARG H 466 -55.93 -26.23 -6.54
CA ARG H 466 -56.45 -26.37 -7.90
C ARG H 466 -57.04 -27.79 -8.04
N ALA H 467 -56.32 -28.80 -7.53
CA ALA H 467 -56.68 -30.22 -7.56
C ALA H 467 -57.98 -30.50 -6.83
N PRO H 468 -58.81 -31.40 -7.39
CA PRO H 468 -60.06 -31.75 -6.71
C PRO H 468 -59.77 -32.60 -5.46
N ILE H 469 -60.51 -32.36 -4.38
CA ILE H 469 -60.34 -33.10 -3.15
C ILE H 469 -61.30 -34.25 -3.16
N ILE H 470 -60.81 -35.49 -3.14
CA ILE H 470 -61.71 -36.64 -3.07
C ILE H 470 -61.79 -37.03 -1.60
N ALA H 471 -62.90 -36.69 -0.95
CA ALA H 471 -63.08 -37.03 0.47
C ALA H 471 -63.74 -38.38 0.63
N VAL H 472 -63.03 -39.36 1.18
CA VAL H 472 -63.59 -40.68 1.40
C VAL H 472 -64.13 -40.79 2.81
N THR H 473 -65.42 -41.07 2.92
CA THR H 473 -66.07 -41.17 4.22
C THR H 473 -67.08 -42.30 4.26
N ARG H 474 -67.39 -42.79 5.46
CA ARG H 474 -68.45 -43.78 5.62
C ARG H 474 -69.74 -43.11 6.13
N ASN H 475 -69.68 -41.85 6.60
CA ASN H 475 -70.79 -41.09 7.14
C ASN H 475 -71.58 -40.44 5.99
N PRO H 476 -72.87 -40.80 5.84
CA PRO H 476 -73.67 -40.21 4.76
C PRO H 476 -73.95 -38.71 4.92
N GLN H 477 -74.07 -38.22 6.16
CA GLN H 477 -74.34 -36.80 6.38
C GLN H 477 -73.11 -35.95 6.02
N THR H 478 -71.91 -36.46 6.35
CA THR H 478 -70.64 -35.84 6.02
C THR H 478 -70.50 -35.70 4.50
N ALA H 479 -70.86 -36.77 3.78
CA ALA H 479 -70.81 -36.80 2.32
C ALA H 479 -71.71 -35.72 1.71
N ARG H 480 -72.92 -35.54 2.22
CA ARG H 480 -73.84 -34.52 1.69
C ARG H 480 -73.43 -33.10 2.09
N GLN H 481 -73.01 -32.90 3.33
CA GLN H 481 -72.59 -31.60 3.82
C GLN H 481 -71.28 -31.09 3.20
N ALA H 482 -70.49 -31.99 2.58
CA ALA H 482 -69.22 -31.68 1.91
C ALA H 482 -69.38 -30.75 0.69
N HIS H 483 -70.56 -30.71 0.05
CA HIS H 483 -70.78 -29.87 -1.11
C HIS H 483 -70.75 -28.36 -0.80
N LEU H 484 -70.87 -27.99 0.48
CA LEU H 484 -70.77 -26.58 0.86
C LEU H 484 -69.37 -26.02 0.67
N TYR H 485 -68.32 -26.86 0.61
CA TYR H 485 -66.95 -26.38 0.47
C TYR H 485 -66.44 -26.67 -0.92
N ARG H 486 -65.91 -25.63 -1.58
CA ARG H 486 -65.34 -25.72 -2.93
C ARG H 486 -64.32 -26.85 -3.04
N GLY H 487 -64.44 -27.64 -4.09
CA GLY H 487 -63.47 -28.67 -4.42
C GLY H 487 -63.59 -30.01 -3.75
N ILE H 488 -64.54 -30.23 -2.82
CA ILE H 488 -64.68 -31.53 -2.17
C ILE H 488 -65.65 -32.38 -2.98
N PHE H 489 -65.17 -33.48 -3.58
CA PHE H 489 -65.98 -34.48 -4.30
C PHE H 489 -66.13 -35.64 -3.29
N PRO H 490 -67.19 -35.66 -2.45
CA PRO H 490 -67.28 -36.73 -1.44
C PRO H 490 -67.67 -38.08 -2.03
N VAL H 491 -67.04 -39.14 -1.53
CA VAL H 491 -67.35 -40.49 -1.97
C VAL H 491 -67.72 -41.33 -0.76
N LEU H 492 -68.89 -42.00 -0.83
CA LEU H 492 -69.38 -42.78 0.30
C LEU H 492 -68.92 -44.22 0.24
N CYS H 493 -68.10 -44.60 1.21
CA CYS H 493 -67.59 -45.95 1.34
C CYS H 493 -68.67 -46.84 2.00
N LYS H 494 -69.10 -47.88 1.28
CA LYS H 494 -70.14 -48.77 1.77
C LYS H 494 -69.62 -50.08 2.36
N ASP H 495 -68.34 -50.42 2.09
CA ASP H 495 -67.67 -51.62 2.59
C ASP H 495 -67.58 -51.63 4.12
N PRO H 496 -67.45 -52.81 4.74
CA PRO H 496 -67.34 -52.84 6.22
C PRO H 496 -65.94 -52.49 6.71
N VAL H 497 -65.83 -52.21 8.01
CA VAL H 497 -64.54 -51.88 8.61
C VAL H 497 -63.63 -53.10 8.68
N GLN H 498 -62.53 -53.09 7.91
CA GLN H 498 -61.55 -54.17 7.85
C GLN H 498 -60.82 -54.32 9.17
N GLU H 499 -60.54 -55.57 9.59
CA GLU H 499 -59.89 -55.90 10.86
C GLU H 499 -58.56 -55.18 11.07
N ALA H 500 -57.67 -55.21 10.08
CA ALA H 500 -56.39 -54.51 10.20
C ALA H 500 -56.62 -53.09 9.73
N TRP H 501 -56.23 -52.10 10.54
CA TRP H 501 -56.46 -50.72 10.20
C TRP H 501 -55.69 -50.23 8.96
N ALA H 502 -54.44 -50.72 8.73
CA ALA H 502 -53.72 -50.35 7.50
C ALA H 502 -54.46 -50.88 6.27
N GLU H 503 -55.03 -52.08 6.37
CA GLU H 503 -55.81 -52.66 5.27
C GLU H 503 -57.10 -51.88 5.03
N ASP H 504 -57.66 -51.25 6.09
CA ASP H 504 -58.87 -50.46 5.98
C ASP H 504 -58.59 -49.12 5.30
N VAL H 505 -57.44 -48.51 5.62
CA VAL H 505 -57.01 -47.27 5.02
C VAL H 505 -56.77 -47.48 3.53
N ASP H 506 -56.07 -48.55 3.18
CA ASP H 506 -55.77 -48.87 1.79
C ASP H 506 -57.01 -49.21 0.96
N LEU H 507 -58.06 -49.71 1.61
CA LEU H 507 -59.32 -50.02 0.95
C LEU H 507 -60.02 -48.70 0.56
N ARG H 508 -60.01 -47.71 1.47
CA ARG H 508 -60.63 -46.42 1.20
C ARG H 508 -59.81 -45.59 0.20
N VAL H 509 -58.47 -45.71 0.25
CA VAL H 509 -57.61 -45.02 -0.68
C VAL H 509 -57.80 -45.60 -2.08
N ASN H 510 -57.83 -46.94 -2.18
CA ASN H 510 -58.04 -47.61 -3.46
C ASN H 510 -59.40 -47.30 -4.05
N PHE H 511 -60.42 -47.09 -3.21
CA PHE H 511 -61.75 -46.71 -3.63
C PHE H 511 -61.67 -45.33 -4.33
N ALA H 512 -61.01 -44.34 -3.70
CA ALA H 512 -60.84 -43.01 -4.31
C ALA H 512 -60.09 -43.08 -5.63
N MET H 513 -59.08 -43.98 -5.71
CA MET H 513 -58.30 -44.22 -6.93
C MET H 513 -59.23 -44.68 -8.04
N ASN H 514 -60.17 -45.59 -7.73
CA ASN H 514 -61.12 -46.09 -8.70
C ASN H 514 -62.18 -45.06 -9.06
N VAL H 515 -62.52 -44.15 -8.14
CA VAL H 515 -63.47 -43.06 -8.38
C VAL H 515 -62.88 -42.03 -9.38
N GLY H 516 -61.69 -41.50 -9.09
CA GLY H 516 -61.07 -40.52 -9.95
C GLY H 516 -60.74 -41.07 -11.32
N LYS H 517 -60.31 -42.35 -11.35
CA LYS H 517 -59.99 -43.06 -12.58
C LYS H 517 -61.23 -43.18 -13.46
N ALA H 518 -62.36 -43.63 -12.90
CA ALA H 518 -63.62 -43.78 -13.64
C ALA H 518 -64.26 -42.45 -14.01
N ARG H 519 -64.11 -41.42 -13.17
CA ARG H 519 -64.70 -40.11 -13.45
C ARG H 519 -63.85 -39.21 -14.37
N GLY H 520 -62.66 -39.66 -14.75
CA GLY H 520 -61.79 -38.93 -15.64
C GLY H 520 -60.90 -37.89 -15.00
N PHE H 521 -60.79 -37.91 -13.66
CA PHE H 521 -59.94 -36.93 -12.96
C PHE H 521 -58.47 -37.23 -13.16
N PHE H 522 -58.11 -38.50 -13.20
CA PHE H 522 -56.73 -38.93 -13.39
C PHE H 522 -56.67 -40.36 -13.96
N LYS H 523 -55.50 -40.75 -14.48
CA LYS H 523 -55.26 -42.10 -15.01
C LYS H 523 -54.08 -42.77 -14.26
N LYS H 524 -53.78 -44.04 -14.59
CA LYS H 524 -52.67 -44.77 -13.98
C LYS H 524 -51.34 -44.03 -14.29
N GLY H 525 -50.42 -44.00 -13.33
CA GLY H 525 -49.13 -43.36 -13.53
C GLY H 525 -49.09 -41.93 -13.04
N ASP H 526 -50.25 -41.23 -13.09
CA ASP H 526 -50.36 -39.85 -12.62
C ASP H 526 -50.03 -39.80 -11.11
N VAL H 527 -49.62 -38.63 -10.61
CA VAL H 527 -49.27 -38.53 -9.20
C VAL H 527 -50.38 -37.81 -8.42
N VAL H 528 -50.77 -38.37 -7.27
CA VAL H 528 -51.81 -37.78 -6.41
C VAL H 528 -51.28 -37.59 -4.98
N ILE H 529 -51.99 -36.78 -4.18
CA ILE H 529 -51.66 -36.53 -2.78
C ILE H 529 -52.65 -37.32 -1.97
N VAL H 530 -52.21 -38.06 -0.96
CA VAL H 530 -53.09 -38.85 -0.11
C VAL H 530 -52.90 -38.44 1.36
N LEU H 531 -53.99 -38.06 2.02
CA LEU H 531 -53.99 -37.63 3.41
C LEU H 531 -54.75 -38.61 4.28
N THR H 532 -54.07 -39.20 5.25
CA THR H 532 -54.68 -40.14 6.19
C THR H 532 -54.22 -39.77 7.64
N GLY H 533 -54.74 -40.46 8.63
CA GLY H 533 -54.31 -40.29 10.01
C GLY H 533 -53.29 -41.32 10.41
N TRP H 534 -52.76 -41.22 11.63
CA TRP H 534 -51.81 -42.20 12.15
C TRP H 534 -52.52 -43.31 13.00
N ARG H 535 -53.81 -43.10 13.32
CA ARG H 535 -54.63 -44.02 14.12
C ARG H 535 -56.11 -43.88 13.70
N PRO H 536 -56.95 -44.89 13.99
CA PRO H 536 -58.38 -44.77 13.66
C PRO H 536 -59.06 -43.64 14.44
N GLY H 537 -60.10 -43.06 13.86
CA GLY H 537 -60.84 -41.97 14.47
C GLY H 537 -60.56 -40.63 13.82
N SER H 538 -61.48 -39.67 14.01
CA SER H 538 -61.31 -38.33 13.42
C SER H 538 -60.35 -37.48 14.24
N GLY H 539 -59.80 -36.43 13.63
CA GLY H 539 -58.89 -35.52 14.30
C GLY H 539 -57.44 -35.95 14.32
N PHE H 540 -57.09 -37.04 13.63
CA PHE H 540 -55.72 -37.52 13.59
C PHE H 540 -55.05 -37.44 12.24
N THR H 541 -55.62 -36.70 11.26
CA THR H 541 -55.00 -36.58 9.94
C THR H 541 -53.67 -35.86 10.01
N ASN H 542 -52.56 -36.60 9.89
CA ASN H 542 -51.22 -36.02 9.96
C ASN H 542 -50.25 -36.57 8.92
N THR H 543 -50.70 -37.45 8.05
CA THR H 543 -49.83 -38.14 7.11
C THR H 543 -50.20 -37.73 5.72
N MET H 544 -49.19 -37.38 4.93
CA MET H 544 -49.34 -36.96 3.56
C MET H 544 -48.41 -37.81 2.69
N ARG H 545 -48.96 -38.51 1.71
CA ARG H 545 -48.16 -39.30 0.80
C ARG H 545 -48.31 -38.84 -0.64
N VAL H 546 -47.20 -38.81 -1.37
CA VAL H 546 -47.24 -38.47 -2.77
C VAL H 546 -47.10 -39.80 -3.48
N VAL H 547 -48.22 -40.34 -3.94
CA VAL H 547 -48.27 -41.67 -4.54
C VAL H 547 -48.76 -41.66 -5.98
N PRO H 548 -48.22 -42.56 -6.82
CA PRO H 548 -48.74 -42.67 -8.19
C PRO H 548 -49.98 -43.55 -8.23
N VAL H 549 -50.91 -43.24 -9.13
CA VAL H 549 -52.17 -43.98 -9.29
C VAL H 549 -51.88 -45.40 -9.80
N PRO H 550 -52.39 -46.43 -9.10
CA PRO H 550 -52.08 -47.80 -9.49
C PRO H 550 -52.84 -48.34 -10.72
#